data_5JFM
#
_entry.id   5JFM
#
_cell.length_a   92.106
_cell.length_b   105.775
_cell.length_c   126.425
_cell.angle_alpha   89.52
_cell.angle_beta   71.00
_cell.angle_gamma   68.92
#
_symmetry.space_group_name_H-M   'P 1'
#
loop_
_entity.id
_entity.type
_entity.pdbx_description
1 polymer 'Aldehyde dehydrogenase'
2 non-polymer 'propionyl Coenzyme A'
3 non-polymer 'COENZYME A'
4 water water
#
_entity_poly.entity_id   1
_entity_poly.type   'polypeptide(L)'
_entity_poly.pdbx_seq_one_letter_code
;MAWSHPQFEKGHMNDANIADVVTKVLGEYGAPGAVSVAALTAKSPDGKSNSSADADVVARMVAKAIRDHAGTAQPSGNAA
TSSAAVSDGVFETMDAAVEAAALAQQQYLLCSMSDRARFVQGIRDVILNQDTLEKMSRMAVEETGMGNYEHKLIKNRLAG
EKTPGIEDLTTDAFSGDNGLTLVEYSPFGVIGAITPTTNPTETIVCNSIGMLAAGNSVVFSPHPRARQVSLLLVRLINQK
LAALGAPENLVVTVEKPSIENTNAMMAHPKVRMLVATGGPAIVKAVLSTGKKAIGAGAGNPPVVVDETANIEKAACDIVN
GCSFDNNLPCVAEKEIIAVAQIADYLIFNLKKNGAYEIKDPAVLQQLQDLVLTAKGGPQTKCVGKSAVWLLSQIGISVDA
SIKIILMEVPREHPFVQEELMMPILPLVRVETVDDAIDLAIEVEHDNRHTAIMHSTDVRKLTKMAKLIQTTIFVKNGPSY
AGLGAGGEGYSTFTIAGPTGEGLTSAKSFARRRKCVMVEALNIR
;
_entity_poly.pdbx_strand_id   A,B,C,D,E,F,G,H
#
loop_
_chem_comp.id
_chem_comp.type
_chem_comp.name
_chem_comp.formula
1VU non-polymer 'propionyl Coenzyme A' 'C24 H40 N7 O17 P3 S'
COA non-polymer 'COENZYME A' 'C21 H36 N7 O16 P3 S'
#
# COMPACT_ATOMS: atom_id res chain seq x y z
N VAL A 86 8.94 14.09 -8.97
CA VAL A 86 8.68 13.28 -10.15
C VAL A 86 7.26 13.53 -10.64
N SER A 87 7.08 13.46 -11.96
CA SER A 87 5.77 13.66 -12.57
C SER A 87 4.83 12.48 -12.28
N ASP A 88 3.58 12.78 -11.98
CA ASP A 88 2.58 11.75 -11.73
C ASP A 88 1.90 11.27 -13.02
N GLY A 89 2.24 11.87 -14.16
CA GLY A 89 1.71 11.45 -15.44
C GLY A 89 0.45 12.17 -15.90
N VAL A 90 -0.13 13.03 -15.07
CA VAL A 90 -1.35 13.74 -15.43
C VAL A 90 -0.99 15.18 -15.82
N PHE A 91 -1.54 15.64 -16.93
CA PHE A 91 -1.18 16.92 -17.51
C PHE A 91 -2.43 17.74 -17.75
N GLU A 92 -2.26 19.06 -17.72
CA GLU A 92 -3.40 19.96 -17.85
C GLU A 92 -3.92 20.03 -19.29
N THR A 93 -3.05 19.86 -20.29
CA THR A 93 -3.46 19.93 -21.68
C THR A 93 -3.01 18.67 -22.41
N MET A 94 -3.71 18.37 -23.51
CA MET A 94 -3.35 17.19 -24.31
C MET A 94 -1.99 17.39 -24.99
N ASP A 95 -1.75 18.59 -25.53
CA ASP A 95 -0.47 18.87 -26.17
C ASP A 95 0.70 18.70 -25.20
N ALA A 96 0.53 19.10 -23.95
CA ALA A 96 1.60 18.92 -22.98
C ALA A 96 1.86 17.46 -22.69
N ALA A 97 0.79 16.66 -22.58
CA ALA A 97 0.96 15.22 -22.31
C ALA A 97 1.65 14.51 -23.48
N VAL A 98 1.25 14.83 -24.72
CA VAL A 98 1.87 14.23 -25.90
C VAL A 98 3.34 14.57 -25.97
N GLU A 99 3.69 15.84 -25.72
CA GLU A 99 5.08 16.26 -25.78
C GLU A 99 5.92 15.56 -24.72
N ALA A 100 5.34 15.35 -23.54
CA ALA A 100 6.08 14.64 -22.50
C ALA A 100 6.19 13.15 -22.84
N ALA A 101 5.13 12.58 -23.43
CA ALA A 101 5.21 11.19 -23.87
C ALA A 101 6.25 11.02 -24.97
N ALA A 102 6.33 12.00 -25.89
CA ALA A 102 7.31 11.92 -26.97
C ALA A 102 8.73 11.97 -26.43
N LEU A 103 9.00 12.87 -25.47
CA LEU A 103 10.33 12.88 -24.86
C LEU A 103 10.58 11.58 -24.10
N ALA A 104 9.55 11.08 -23.42
CA ALA A 104 9.70 9.85 -22.64
C ALA A 104 10.02 8.66 -23.52
N GLN A 105 9.34 8.53 -24.66
CA GLN A 105 9.61 7.39 -25.52
C GLN A 105 11.01 7.47 -26.14
N GLN A 106 11.50 8.68 -26.47
CA GLN A 106 12.89 8.83 -26.90
C GLN A 106 13.85 8.31 -25.84
N GLN A 107 13.61 8.68 -24.58
CA GLN A 107 14.44 8.14 -23.51
C GLN A 107 14.25 6.65 -23.36
N TYR A 108 13.03 6.17 -23.60
CA TYR A 108 12.72 4.76 -23.47
C TYR A 108 13.55 3.89 -24.41
N LEU A 109 13.89 4.42 -25.59
CA LEU A 109 14.66 3.66 -26.55
C LEU A 109 16.06 3.35 -26.06
N LEU A 110 16.56 4.10 -25.08
CA LEU A 110 17.86 3.84 -24.50
C LEU A 110 17.80 2.83 -23.36
N CYS A 111 16.61 2.33 -23.03
CA CYS A 111 16.44 1.32 -22.00
C CYS A 111 16.62 -0.07 -22.57
N SER A 112 17.11 -0.98 -21.74
CA SER A 112 17.29 -2.37 -22.11
C SER A 112 15.96 -3.11 -22.16
N MET A 113 15.98 -4.34 -22.68
CA MET A 113 14.80 -5.19 -22.60
C MET A 113 14.53 -5.60 -21.16
N SER A 114 15.59 -5.74 -20.37
CA SER A 114 15.42 -6.04 -18.96
C SER A 114 14.64 -4.92 -18.25
N ASP A 115 14.90 -3.67 -18.62
CA ASP A 115 14.15 -2.57 -18.06
C ASP A 115 12.67 -2.66 -18.45
N ARG A 116 12.42 -3.02 -19.71
CA ARG A 116 11.04 -3.20 -20.16
C ARG A 116 10.33 -4.26 -19.35
N ALA A 117 10.99 -5.42 -19.17
CA ALA A 117 10.40 -6.51 -18.39
C ALA A 117 10.07 -6.03 -16.99
N ARG A 118 10.99 -5.28 -16.37
CA ARG A 118 10.76 -4.80 -15.02
C ARG A 118 9.59 -3.82 -14.98
N PHE A 119 9.54 -2.91 -15.95
CA PHE A 119 8.43 -1.97 -16.02
C PHE A 119 7.10 -2.70 -16.23
N VAL A 120 7.10 -3.68 -17.13
CA VAL A 120 5.91 -4.49 -17.36
C VAL A 120 5.49 -5.18 -16.08
N GLN A 121 6.44 -5.87 -15.42
CA GLN A 121 6.13 -6.51 -14.16
C GLN A 121 5.67 -5.50 -13.13
N GLY A 122 6.18 -4.27 -13.22
CA GLY A 122 5.74 -3.24 -12.29
C GLY A 122 4.28 -2.91 -12.46
N ILE A 123 3.81 -2.88 -13.71
CA ILE A 123 2.41 -2.56 -13.94
C ILE A 123 1.53 -3.72 -13.50
N ARG A 124 1.98 -4.96 -13.70
CA ARG A 124 1.20 -6.08 -13.18
C ARG A 124 1.06 -5.94 -11.67
N ASP A 125 2.15 -5.64 -10.98
CA ASP A 125 2.14 -5.59 -9.52
C ASP A 125 1.20 -4.51 -9.00
N VAL A 126 1.02 -3.43 -9.76
CA VAL A 126 0.12 -2.36 -9.34
C VAL A 126 -1.31 -2.87 -9.26
N ILE A 127 -1.80 -3.51 -10.33
CA ILE A 127 -3.20 -3.94 -10.36
C ILE A 127 -3.39 -5.27 -9.64
N LEU A 128 -2.36 -6.12 -9.58
CA LEU A 128 -2.51 -7.42 -8.93
C LEU A 128 -2.28 -7.36 -7.43
N ASN A 129 -1.93 -6.18 -6.90
CA ASN A 129 -1.92 -5.97 -5.46
C ASN A 129 -3.35 -5.97 -4.94
N GLN A 130 -3.59 -6.78 -3.91
CA GLN A 130 -4.97 -7.06 -3.48
C GLN A 130 -5.73 -5.79 -3.12
N ASP A 131 -5.11 -4.88 -2.36
CA ASP A 131 -5.80 -3.64 -1.98
C ASP A 131 -6.09 -2.76 -3.19
N THR A 132 -5.11 -2.61 -4.09
CA THR A 132 -5.34 -1.81 -5.29
C THR A 132 -6.35 -2.49 -6.21
N LEU A 133 -6.30 -3.82 -6.29
CA LEU A 133 -7.30 -4.55 -7.06
C LEU A 133 -8.70 -4.23 -6.58
N GLU A 134 -8.93 -4.34 -5.27
CA GLU A 134 -10.24 -4.08 -4.71
C GLU A 134 -10.59 -2.60 -4.75
N LYS A 135 -9.58 -1.73 -4.69
CA LYS A 135 -9.84 -0.29 -4.82
C LYS A 135 -10.31 0.06 -6.23
N MET A 136 -9.58 -0.43 -7.25
CA MET A 136 -9.94 -0.11 -8.64
C MET A 136 -11.29 -0.70 -9.02
N SER A 137 -11.55 -1.94 -8.61
CA SER A 137 -12.82 -2.58 -8.90
C SER A 137 -13.97 -1.85 -8.24
N ARG A 138 -13.85 -1.62 -6.92
CA ARG A 138 -14.87 -0.88 -6.20
C ARG A 138 -15.01 0.54 -6.72
N MET A 139 -13.89 1.21 -7.03
CA MET A 139 -13.98 2.61 -7.42
C MET A 139 -14.65 2.78 -8.77
N ALA A 140 -14.52 1.80 -9.67
CA ALA A 140 -15.12 1.93 -11.01
C ALA A 140 -16.63 1.78 -10.95
N VAL A 141 -17.11 0.83 -10.15
CA VAL A 141 -18.56 0.70 -9.97
C VAL A 141 -19.14 2.00 -9.43
N GLU A 142 -18.56 2.53 -8.36
CA GLU A 142 -19.17 3.64 -7.66
C GLU A 142 -19.18 4.92 -8.48
N GLU A 143 -18.18 5.11 -9.36
CA GLU A 143 -18.09 6.34 -10.14
C GLU A 143 -18.85 6.26 -11.46
N THR A 144 -18.93 5.07 -12.06
CA THR A 144 -19.67 4.89 -13.31
C THR A 144 -21.09 4.40 -13.08
N GLY A 145 -21.38 3.82 -11.92
CA GLY A 145 -22.66 3.18 -11.69
C GLY A 145 -22.92 1.96 -12.54
N MET A 146 -21.89 1.38 -13.14
CA MET A 146 -22.04 0.24 -14.04
C MET A 146 -21.18 -0.93 -13.56
N GLY A 147 -21.67 -2.14 -13.82
CA GLY A 147 -20.94 -3.34 -13.48
C GLY A 147 -21.10 -3.66 -12.01
N ASN A 148 -20.34 -4.66 -11.56
CA ASN A 148 -20.35 -5.01 -10.15
C ASN A 148 -18.93 -5.34 -9.70
N TYR A 149 -18.76 -5.29 -8.37
CA TYR A 149 -17.44 -5.22 -7.77
C TYR A 149 -16.64 -6.50 -7.97
N GLU A 150 -17.21 -7.67 -7.62
CA GLU A 150 -16.40 -8.90 -7.64
C GLU A 150 -16.07 -9.37 -9.06
N HIS A 151 -16.88 -8.99 -10.04
CA HIS A 151 -16.53 -9.34 -11.40
C HIS A 151 -15.42 -8.44 -11.94
N LYS A 152 -15.35 -7.19 -11.49
CA LYS A 152 -14.21 -6.37 -11.88
C LYS A 152 -12.91 -6.85 -11.23
N LEU A 153 -13.01 -7.45 -10.03
CA LEU A 153 -11.84 -8.11 -9.46
C LEU A 153 -11.26 -9.13 -10.43
N ILE A 154 -12.13 -9.91 -11.09
CA ILE A 154 -11.68 -10.98 -11.97
C ILE A 154 -11.14 -10.41 -13.28
N LYS A 155 -11.81 -9.41 -13.84
CA LYS A 155 -11.33 -8.77 -15.07
C LYS A 155 -10.02 -8.03 -14.83
N ASN A 156 -9.95 -7.23 -13.76
CA ASN A 156 -8.72 -6.49 -13.48
C ASN A 156 -7.56 -7.43 -13.25
N ARG A 157 -7.80 -8.54 -12.55
CA ARG A 157 -6.76 -9.52 -12.34
C ARG A 157 -6.42 -10.24 -13.64
N LEU A 158 -7.43 -10.50 -14.49
CA LEU A 158 -7.17 -11.09 -15.80
C LEU A 158 -6.25 -10.21 -16.63
N ALA A 159 -6.47 -8.89 -16.61
CA ALA A 159 -5.62 -8.00 -17.39
C ALA A 159 -4.18 -8.06 -16.90
N GLY A 160 -3.97 -7.94 -15.59
CA GLY A 160 -2.62 -7.97 -15.06
C GLY A 160 -1.93 -9.31 -15.17
N GLU A 161 -2.70 -10.41 -15.15
CA GLU A 161 -2.09 -11.73 -15.17
C GLU A 161 -1.82 -12.27 -16.58
N LYS A 162 -2.77 -12.15 -17.49
CA LYS A 162 -2.67 -12.83 -18.78
C LYS A 162 -2.48 -11.87 -19.95
N THR A 163 -2.11 -10.60 -19.68
CA THR A 163 -1.63 -9.74 -20.77
C THR A 163 -0.19 -10.11 -21.13
N PRO A 164 0.10 -10.36 -22.41
CA PRO A 164 1.48 -10.73 -22.79
C PRO A 164 2.45 -9.58 -22.55
N GLY A 165 3.62 -9.92 -22.03
CA GLY A 165 4.72 -8.99 -21.85
C GLY A 165 5.72 -9.04 -22.98
N ILE A 166 6.99 -8.79 -22.65
CA ILE A 166 7.99 -8.69 -23.71
C ILE A 166 8.17 -10.02 -24.44
N GLU A 167 7.76 -11.15 -23.83
CA GLU A 167 7.86 -12.44 -24.50
C GLU A 167 7.00 -12.49 -25.76
N ASP A 168 6.02 -11.59 -25.86
CA ASP A 168 5.22 -11.47 -27.07
C ASP A 168 6.05 -11.02 -28.26
N LEU A 169 7.19 -10.35 -28.03
CA LEU A 169 7.98 -9.77 -29.11
C LEU A 169 9.00 -10.80 -29.61
N THR A 170 8.47 -11.76 -30.37
CA THR A 170 9.32 -12.83 -30.84
C THR A 170 10.14 -12.39 -32.04
N THR A 171 11.10 -13.24 -32.42
CA THR A 171 11.99 -13.00 -33.54
C THR A 171 11.91 -14.16 -34.52
N ASP A 172 11.71 -13.86 -35.80
CA ASP A 172 11.84 -14.85 -36.86
C ASP A 172 13.22 -14.80 -37.49
N ALA A 173 13.74 -15.97 -37.85
CA ALA A 173 15.05 -16.07 -38.47
C ALA A 173 14.99 -17.04 -39.64
N PHE A 174 15.77 -16.74 -40.68
CA PHE A 174 15.90 -17.61 -41.84
C PHE A 174 17.35 -17.51 -42.29
N SER A 175 18.00 -18.65 -42.44
CA SER A 175 19.41 -18.69 -42.84
C SER A 175 19.58 -19.69 -43.97
N GLY A 176 20.29 -19.27 -45.00
CA GLY A 176 20.64 -20.14 -46.11
C GLY A 176 21.85 -19.58 -46.81
N ASP A 177 21.96 -19.87 -48.12
CA ASP A 177 23.15 -19.46 -48.87
C ASP A 177 23.31 -17.94 -48.90
N ASN A 178 22.20 -17.18 -48.76
CA ASN A 178 22.23 -15.73 -48.85
C ASN A 178 22.53 -15.03 -47.52
N GLY A 179 22.62 -15.77 -46.42
CA GLY A 179 22.99 -15.21 -45.14
C GLY A 179 21.90 -15.44 -44.11
N LEU A 180 21.72 -14.45 -43.25
CA LEU A 180 20.74 -14.51 -42.19
C LEU A 180 19.78 -13.35 -42.36
N THR A 181 18.50 -13.65 -42.23
CA THR A 181 17.45 -12.63 -42.17
C THR A 181 16.74 -12.76 -40.83
N LEU A 182 16.63 -11.64 -40.11
CA LEU A 182 15.91 -11.55 -38.85
C LEU A 182 14.75 -10.59 -39.02
N VAL A 183 13.63 -10.91 -38.38
CA VAL A 183 12.43 -10.07 -38.39
C VAL A 183 12.08 -9.76 -36.93
N GLU A 184 11.98 -8.47 -36.61
CA GLU A 184 11.80 -8.04 -35.22
C GLU A 184 10.58 -7.13 -35.11
N TYR A 185 10.08 -7.05 -33.88
CA TYR A 185 8.97 -6.17 -33.52
C TYR A 185 9.52 -4.96 -32.75
N SER A 186 9.47 -3.78 -33.36
CA SER A 186 10.07 -2.57 -32.84
C SER A 186 9.03 -1.49 -32.55
N PRO A 187 9.35 -0.50 -31.71
CA PRO A 187 8.33 0.46 -31.28
C PRO A 187 7.80 1.32 -32.42
N PHE A 188 6.56 1.79 -32.23
CA PHE A 188 5.97 2.78 -33.12
C PHE A 188 6.38 4.20 -32.72
N GLY A 189 6.43 4.49 -31.43
CA GLY A 189 6.62 5.84 -30.92
C GLY A 189 5.63 6.22 -29.83
N VAL A 190 4.87 7.28 -30.07
CA VAL A 190 3.81 7.71 -29.15
C VAL A 190 2.47 7.18 -29.64
N ILE A 191 1.77 6.44 -28.78
CA ILE A 191 0.46 5.87 -29.08
C ILE A 191 -0.59 6.62 -28.25
N GLY A 192 -1.57 7.21 -28.92
CA GLY A 192 -2.73 7.76 -28.22
C GLY A 192 -3.79 6.69 -28.09
N ALA A 193 -4.30 6.51 -26.86
CA ALA A 193 -5.19 5.39 -26.53
C ALA A 193 -6.45 5.92 -25.88
N ILE A 194 -7.60 5.61 -26.49
CA ILE A 194 -8.91 6.04 -25.98
C ILE A 194 -9.52 4.86 -25.22
N THR A 195 -9.91 5.10 -23.96
CA THR A 195 -10.37 4.01 -23.12
C THR A 195 -11.85 4.16 -22.77
N PRO A 196 -12.56 3.05 -22.55
CA PRO A 196 -14.01 3.13 -22.37
C PRO A 196 -14.41 3.19 -20.91
N THR A 197 -15.66 3.60 -20.70
CA THR A 197 -16.21 3.64 -19.36
C THR A 197 -16.69 2.29 -18.86
N THR A 198 -16.79 1.29 -19.73
CA THR A 198 -17.22 -0.04 -19.33
C THR A 198 -16.08 -0.85 -18.72
N ASN A 199 -14.87 -0.71 -19.24
CA ASN A 199 -13.69 -1.40 -18.70
C ASN A 199 -12.56 -0.39 -18.51
N PRO A 200 -12.77 0.64 -17.67
CA PRO A 200 -11.79 1.74 -17.59
C PRO A 200 -10.40 1.29 -17.17
N THR A 201 -10.29 0.44 -16.16
CA THR A 201 -8.97 0.07 -15.67
C THR A 201 -8.37 -1.14 -16.37
N GLU A 202 -9.19 -2.08 -16.82
CA GLU A 202 -8.64 -3.24 -17.52
C GLU A 202 -8.04 -2.83 -18.86
N THR A 203 -8.66 -1.85 -19.53
CA THR A 203 -8.10 -1.36 -20.78
C THR A 203 -6.76 -0.66 -20.55
N ILE A 204 -6.67 0.19 -19.54
CA ILE A 204 -5.43 0.90 -19.24
C ILE A 204 -4.32 -0.08 -18.88
N VAL A 205 -4.61 -1.03 -17.98
CA VAL A 205 -3.64 -2.05 -17.62
C VAL A 205 -3.21 -2.79 -18.87
N CYS A 206 -4.19 -3.19 -19.69
CA CYS A 206 -3.94 -3.98 -20.88
C CYS A 206 -3.12 -3.21 -21.91
N ASN A 207 -3.58 -2.00 -22.26
CA ASN A 207 -2.87 -1.16 -23.22
C ASN A 207 -1.47 -0.80 -22.71
N SER A 208 -1.36 -0.38 -21.44
CA SER A 208 -0.06 0.05 -20.89
C SER A 208 0.97 -1.05 -21.03
N ILE A 209 0.64 -2.26 -20.56
CA ILE A 209 1.60 -3.35 -20.55
C ILE A 209 2.03 -3.68 -21.97
N GLY A 210 1.06 -3.78 -22.89
CA GLY A 210 1.39 -4.13 -24.26
C GLY A 210 2.20 -3.04 -24.95
N MET A 211 1.80 -1.78 -24.77
CA MET A 211 2.48 -0.70 -25.48
C MET A 211 3.89 -0.46 -24.93
N LEU A 212 4.05 -0.52 -23.61
CA LEU A 212 5.36 -0.38 -23.02
C LEU A 212 6.27 -1.58 -23.32
N ALA A 213 5.71 -2.78 -23.46
CA ALA A 213 6.55 -3.92 -23.83
C ALA A 213 7.18 -3.70 -25.19
N ALA A 214 6.40 -3.22 -26.15
CA ALA A 214 6.87 -2.95 -27.51
C ALA A 214 7.75 -1.70 -27.61
N GLY A 215 8.03 -1.01 -26.51
CA GLY A 215 8.92 0.14 -26.55
C GLY A 215 8.26 1.48 -26.81
N ASN A 216 6.93 1.56 -26.70
CA ASN A 216 6.21 2.80 -26.91
C ASN A 216 5.98 3.51 -25.58
N SER A 217 5.59 4.77 -25.68
CA SER A 217 4.93 5.50 -24.62
C SER A 217 3.48 5.69 -25.03
N VAL A 218 2.59 5.93 -24.06
CA VAL A 218 1.15 5.97 -24.32
C VAL A 218 0.52 7.19 -23.68
N VAL A 219 -0.33 7.87 -24.45
CA VAL A 219 -1.18 8.96 -23.98
C VAL A 219 -2.60 8.46 -23.89
N PHE A 220 -3.19 8.52 -22.69
CA PHE A 220 -4.55 8.03 -22.47
C PHE A 220 -5.53 9.20 -22.48
N SER A 221 -6.60 9.04 -23.25
CA SER A 221 -7.77 9.92 -23.17
C SER A 221 -8.90 9.10 -22.55
N PRO A 222 -9.10 9.18 -21.24
CA PRO A 222 -10.12 8.34 -20.59
C PRO A 222 -11.54 8.85 -20.85
N HIS A 223 -12.49 7.98 -20.56
CA HIS A 223 -13.91 8.34 -20.64
C HIS A 223 -14.25 9.25 -19.46
N PRO A 224 -14.99 10.35 -19.69
CA PRO A 224 -15.25 11.27 -18.58
C PRO A 224 -16.07 10.66 -17.46
N ARG A 225 -16.87 9.64 -17.76
CA ARG A 225 -17.64 8.97 -16.71
C ARG A 225 -16.75 8.18 -15.77
N ALA A 226 -15.50 7.89 -16.16
CA ALA A 226 -14.60 7.10 -15.34
C ALA A 226 -13.28 7.84 -15.11
N ARG A 227 -13.32 9.17 -15.08
CA ARG A 227 -12.09 9.94 -15.19
C ARG A 227 -11.27 9.89 -13.91
N GLN A 228 -11.91 9.77 -12.74
CA GLN A 228 -11.15 9.72 -11.50
C GLN A 228 -10.54 8.34 -11.24
N VAL A 229 -11.19 7.27 -11.67
CA VAL A 229 -10.56 5.96 -11.50
C VAL A 229 -9.45 5.77 -12.52
N SER A 230 -9.61 6.34 -13.72
CA SER A 230 -8.56 6.26 -14.73
C SER A 230 -7.34 7.07 -14.30
N LEU A 231 -7.56 8.29 -13.80
CA LEU A 231 -6.44 9.13 -13.38
C LEU A 231 -5.69 8.52 -12.19
N LEU A 232 -6.42 7.91 -11.26
CA LEU A 232 -5.76 7.30 -10.12
C LEU A 232 -4.87 6.14 -10.56
N LEU A 233 -5.33 5.33 -11.52
CA LEU A 233 -4.51 4.25 -12.04
C LEU A 233 -3.26 4.79 -12.72
N VAL A 234 -3.41 5.83 -13.55
CA VAL A 234 -2.27 6.42 -14.22
C VAL A 234 -1.25 6.94 -13.19
N ARG A 235 -1.73 7.64 -12.15
CA ARG A 235 -0.82 8.14 -11.12
C ARG A 235 -0.10 7.00 -10.42
N LEU A 236 -0.83 5.95 -10.06
CA LEU A 236 -0.19 4.79 -9.42
C LEU A 236 0.85 4.17 -10.35
N ILE A 237 0.54 4.08 -11.64
CA ILE A 237 1.50 3.50 -12.57
C ILE A 237 2.77 4.36 -12.64
N ASN A 238 2.60 5.69 -12.72
CA ASN A 238 3.76 6.56 -12.80
C ASN A 238 4.62 6.49 -11.54
N GLN A 239 4.02 6.30 -10.36
CA GLN A 239 4.83 6.14 -9.15
C GLN A 239 5.62 4.85 -9.19
N LYS A 240 4.96 3.76 -9.58
CA LYS A 240 5.64 2.47 -9.65
C LYS A 240 6.77 2.50 -10.66
N LEU A 241 6.52 3.06 -11.85
CA LEU A 241 7.56 3.09 -12.87
C LEU A 241 8.71 3.99 -12.45
N ALA A 242 8.41 5.13 -11.82
CA ALA A 242 9.47 5.96 -11.28
C ALA A 242 10.31 5.20 -10.27
N ALA A 243 9.65 4.43 -9.39
CA ALA A 243 10.37 3.65 -8.40
C ALA A 243 11.29 2.62 -9.05
N LEU A 244 10.87 2.07 -10.19
CA LEU A 244 11.63 1.05 -10.90
C LEU A 244 12.68 1.63 -11.85
N GLY A 245 12.80 2.95 -11.93
CA GLY A 245 13.85 3.56 -12.71
C GLY A 245 13.46 3.94 -14.11
N ALA A 246 12.11 4.16 -14.38
CA ALA A 246 11.76 4.38 -15.77
C ALA A 246 11.89 5.85 -16.13
N PRO A 247 12.09 6.16 -17.41
CA PRO A 247 11.91 7.56 -17.85
C PRO A 247 10.54 8.04 -17.42
N GLU A 248 10.46 9.29 -17.01
CA GLU A 248 9.18 9.84 -16.59
C GLU A 248 8.23 9.92 -17.78
N ASN A 249 6.94 9.80 -17.50
CA ASN A 249 5.88 10.06 -18.49
C ASN A 249 5.83 8.99 -19.59
N LEU A 250 6.18 7.73 -19.28
CA LEU A 250 5.90 6.65 -20.23
C LEU A 250 4.40 6.45 -20.41
N VAL A 251 3.62 6.73 -19.36
CA VAL A 251 2.16 6.59 -19.35
C VAL A 251 1.58 7.90 -18.83
N VAL A 252 0.85 8.62 -19.68
CA VAL A 252 0.33 9.93 -19.34
C VAL A 252 -1.15 10.01 -19.70
N THR A 253 -1.84 10.96 -19.05
CA THR A 253 -3.21 11.31 -19.41
C THR A 253 -3.42 12.79 -19.14
N VAL A 254 -4.66 13.25 -19.35
CA VAL A 254 -5.01 14.65 -19.13
C VAL A 254 -5.88 14.76 -17.88
N GLU A 255 -5.86 15.95 -17.28
CA GLU A 255 -6.53 16.15 -16.01
C GLU A 255 -8.05 16.14 -16.18
N LYS A 256 -8.55 16.82 -17.22
CA LYS A 256 -9.98 16.92 -17.49
C LYS A 256 -10.25 16.23 -18.82
N PRO A 257 -10.46 14.92 -18.81
CA PRO A 257 -10.80 14.22 -20.05
C PRO A 257 -12.03 14.83 -20.72
N SER A 258 -11.97 14.91 -22.04
CA SER A 258 -13.07 15.44 -22.83
C SER A 258 -12.82 15.02 -24.27
N ILE A 259 -13.89 15.04 -25.08
CA ILE A 259 -13.70 14.74 -26.50
C ILE A 259 -12.93 15.86 -27.20
N GLU A 260 -12.84 17.04 -26.58
CA GLU A 260 -12.05 18.11 -27.18
C GLU A 260 -10.56 17.83 -27.03
N ASN A 261 -10.14 17.35 -25.85
CA ASN A 261 -8.80 16.83 -25.71
C ASN A 261 -8.60 15.58 -26.55
N THR A 262 -9.64 14.77 -26.71
CA THR A 262 -9.53 13.59 -27.55
C THR A 262 -9.28 13.96 -29.00
N ASN A 263 -9.97 14.99 -29.50
CA ASN A 263 -9.77 15.41 -30.88
C ASN A 263 -8.41 16.05 -31.07
N ALA A 264 -7.84 16.63 -30.01
CA ALA A 264 -6.49 17.16 -30.11
C ALA A 264 -5.47 16.05 -30.14
N MET A 265 -5.72 14.96 -29.40
CA MET A 265 -4.84 13.79 -29.45
C MET A 265 -4.83 13.17 -30.83
N MET A 266 -5.99 13.10 -31.49
CA MET A 266 -6.06 12.52 -32.84
C MET A 266 -5.40 13.39 -33.89
N ALA A 267 -5.28 14.70 -33.65
CA ALA A 267 -4.69 15.61 -34.61
C ALA A 267 -3.21 15.84 -34.39
N HIS A 268 -2.66 15.42 -33.26
CA HIS A 268 -1.32 15.85 -32.89
C HIS A 268 -0.26 15.17 -33.75
N PRO A 269 0.65 15.92 -34.37
CA PRO A 269 1.61 15.29 -35.29
C PRO A 269 2.51 14.26 -34.64
N LYS A 270 2.79 14.38 -33.34
CA LYS A 270 3.70 13.45 -32.70
C LYS A 270 3.04 12.16 -32.22
N VAL A 271 1.73 12.01 -32.43
CA VAL A 271 1.03 10.75 -32.15
C VAL A 271 1.13 9.88 -33.40
N ARG A 272 1.85 8.77 -33.30
CA ARG A 272 2.09 7.93 -34.46
C ARG A 272 1.07 6.81 -34.62
N MET A 273 0.29 6.51 -33.58
CA MET A 273 -0.68 5.43 -33.64
C MET A 273 -1.82 5.76 -32.71
N LEU A 274 -3.05 5.53 -33.18
CA LEU A 274 -4.25 5.71 -32.40
C LEU A 274 -4.86 4.36 -32.08
N VAL A 275 -5.25 4.16 -30.82
CA VAL A 275 -5.93 2.94 -30.39
C VAL A 275 -7.21 3.34 -29.68
N ALA A 276 -8.35 3.01 -30.27
CA ALA A 276 -9.67 3.37 -29.77
C ALA A 276 -10.42 2.12 -29.30
N THR A 277 -10.65 2.01 -28.00
CA THR A 277 -11.52 0.99 -27.42
C THR A 277 -12.81 1.73 -27.04
N GLY A 278 -13.82 1.62 -27.89
CA GLY A 278 -15.06 2.34 -27.68
C GLY A 278 -16.08 1.97 -28.74
N GLY A 279 -17.20 2.68 -28.74
CA GLY A 279 -18.28 2.44 -29.68
C GLY A 279 -17.90 2.78 -31.11
N PRO A 280 -18.79 2.46 -32.06
CA PRO A 280 -18.40 2.58 -33.48
C PRO A 280 -18.18 4.00 -33.96
N ALA A 281 -18.65 5.01 -33.20
CA ALA A 281 -18.44 6.38 -33.62
C ALA A 281 -17.00 6.81 -33.40
N ILE A 282 -16.46 6.55 -32.21
CA ILE A 282 -15.09 6.96 -31.93
C ILE A 282 -14.08 6.13 -32.73
N VAL A 283 -14.48 4.93 -33.16
CA VAL A 283 -13.59 4.10 -33.97
C VAL A 283 -13.52 4.65 -35.39
N LYS A 284 -14.67 5.03 -35.97
CA LYS A 284 -14.66 5.71 -37.26
C LYS A 284 -13.85 6.99 -37.19
N ALA A 285 -13.87 7.68 -36.04
CA ALA A 285 -13.13 8.92 -35.91
C ALA A 285 -11.62 8.68 -36.05
N VAL A 286 -11.08 7.69 -35.33
CA VAL A 286 -9.62 7.49 -35.35
C VAL A 286 -9.14 6.91 -36.67
N LEU A 287 -10.02 6.28 -37.46
CA LEU A 287 -9.75 5.85 -38.83
C LEU A 287 -9.92 6.97 -39.84
N SER A 288 -10.06 8.21 -39.39
CA SER A 288 -10.30 9.36 -40.26
C SER A 288 -9.30 10.47 -40.03
N THR A 289 -8.22 10.20 -39.30
CA THR A 289 -7.25 11.21 -38.91
C THR A 289 -5.97 11.16 -39.72
N GLY A 290 -5.89 10.34 -40.76
CA GLY A 290 -4.68 10.23 -41.55
C GLY A 290 -3.52 9.53 -40.87
N LYS A 291 -3.77 8.65 -39.89
CA LYS A 291 -2.69 7.94 -39.26
C LYS A 291 -3.16 6.54 -38.86
N LYS A 292 -2.18 5.67 -38.61
CA LYS A 292 -2.41 4.29 -38.23
C LYS A 292 -3.32 4.22 -37.01
N ALA A 293 -4.43 3.52 -37.14
CA ALA A 293 -5.41 3.43 -36.07
C ALA A 293 -5.84 1.98 -35.89
N ILE A 294 -5.97 1.57 -34.62
CA ILE A 294 -6.62 0.33 -34.25
C ILE A 294 -7.93 0.69 -33.55
N GLY A 295 -9.01 0.09 -33.97
CA GLY A 295 -10.31 0.38 -33.40
C GLY A 295 -11.05 -0.88 -33.01
N ALA A 296 -11.57 -0.87 -31.77
CA ALA A 296 -12.46 -1.95 -31.35
C ALA A 296 -13.71 -2.01 -32.22
N GLY A 297 -14.48 -3.07 -32.02
CA GLY A 297 -15.70 -3.27 -32.78
C GLY A 297 -16.89 -3.52 -31.87
N ALA A 298 -18.07 -3.30 -32.44
CA ALA A 298 -19.31 -3.57 -31.74
C ALA A 298 -19.76 -5.00 -32.03
N GLY A 299 -20.34 -5.64 -31.02
CA GLY A 299 -20.83 -6.99 -31.20
C GLY A 299 -22.16 -7.30 -30.53
N ASN A 300 -22.95 -8.18 -31.14
CA ASN A 300 -24.24 -8.63 -30.61
C ASN A 300 -24.17 -10.15 -30.45
N PRO A 301 -23.42 -10.64 -29.47
CA PRO A 301 -22.99 -12.07 -29.49
C PRO A 301 -24.13 -13.02 -29.21
N PRO A 302 -24.47 -13.89 -30.18
CA PRO A 302 -25.40 -14.98 -29.92
C PRO A 302 -24.71 -16.19 -29.32
N VAL A 303 -25.43 -16.95 -28.51
CA VAL A 303 -24.93 -18.23 -28.01
C VAL A 303 -25.92 -19.32 -28.43
N VAL A 304 -25.47 -20.24 -29.25
CA VAL A 304 -26.27 -21.36 -29.73
C VAL A 304 -26.11 -22.52 -28.75
N VAL A 305 -27.19 -23.27 -28.52
CA VAL A 305 -27.13 -24.52 -27.76
C VAL A 305 -27.88 -25.58 -28.57
N ASP A 306 -27.21 -26.69 -28.89
CA ASP A 306 -27.91 -27.76 -29.60
C ASP A 306 -28.13 -28.95 -28.67
N GLU A 307 -28.84 -29.95 -29.21
CA GLU A 307 -29.28 -31.11 -28.44
C GLU A 307 -28.11 -31.97 -27.92
N THR A 308 -26.91 -31.82 -28.50
CA THR A 308 -25.75 -32.60 -28.05
C THR A 308 -25.01 -31.95 -26.88
N ALA A 309 -25.40 -30.73 -26.50
CA ALA A 309 -24.68 -30.00 -25.47
C ALA A 309 -24.88 -30.61 -24.08
N ASN A 310 -23.94 -30.34 -23.20
CA ASN A 310 -24.17 -30.53 -21.78
C ASN A 310 -25.04 -29.35 -21.32
N ILE A 311 -26.34 -29.61 -21.14
CA ILE A 311 -27.28 -28.52 -20.85
C ILE A 311 -26.99 -27.91 -19.48
N GLU A 312 -26.71 -28.75 -18.48
CA GLU A 312 -26.44 -28.23 -17.13
C GLU A 312 -25.23 -27.30 -17.10
N LYS A 313 -24.15 -27.70 -17.77
CA LYS A 313 -22.99 -26.83 -17.84
C LYS A 313 -23.29 -25.59 -18.69
N ALA A 314 -23.95 -25.78 -19.83
CA ALA A 314 -24.27 -24.63 -20.68
C ALA A 314 -25.06 -23.57 -19.92
N ALA A 315 -26.06 -23.99 -19.14
CA ALA A 315 -26.85 -23.01 -18.38
C ALA A 315 -25.98 -22.30 -17.36
N CYS A 316 -25.07 -23.03 -16.71
CA CYS A 316 -24.17 -22.38 -15.77
C CYS A 316 -23.26 -21.39 -16.50
N ASP A 317 -22.67 -21.80 -17.63
CA ASP A 317 -21.78 -20.91 -18.36
C ASP A 317 -22.52 -19.70 -18.93
N ILE A 318 -23.78 -19.88 -19.35
CA ILE A 318 -24.49 -18.80 -20.01
C ILE A 318 -24.89 -17.72 -19.00
N VAL A 319 -25.39 -18.12 -17.83
CA VAL A 319 -25.65 -17.17 -16.77
C VAL A 319 -24.36 -16.43 -16.40
N ASN A 320 -23.31 -17.20 -16.10
CA ASN A 320 -22.03 -16.59 -15.74
C ASN A 320 -21.55 -15.62 -16.82
N GLY A 321 -21.61 -16.03 -18.09
CA GLY A 321 -21.13 -15.17 -19.16
C GLY A 321 -22.02 -13.97 -19.39
N CYS A 322 -23.34 -14.14 -19.25
CA CYS A 322 -24.24 -13.02 -19.51
C CYS A 322 -24.17 -12.00 -18.38
N SER A 323 -24.17 -12.45 -17.13
CA SER A 323 -24.17 -11.53 -16.00
C SER A 323 -22.78 -11.03 -15.62
N PHE A 324 -21.73 -11.48 -16.32
CA PHE A 324 -20.36 -11.06 -16.01
C PHE A 324 -20.23 -9.55 -16.13
N ASP A 325 -19.99 -8.88 -14.99
CA ASP A 325 -19.94 -7.43 -14.93
C ASP A 325 -21.21 -6.81 -15.53
N ASN A 326 -22.34 -7.49 -15.30
CA ASN A 326 -23.68 -7.06 -15.74
C ASN A 326 -23.71 -6.79 -17.24
N ASN A 327 -23.09 -7.69 -18.00
CA ASN A 327 -23.17 -7.68 -19.46
C ASN A 327 -22.46 -6.47 -20.08
N LEU A 328 -21.51 -5.87 -19.37
CA LEU A 328 -20.67 -4.80 -19.90
C LEU A 328 -19.69 -5.29 -20.97
N PRO A 329 -18.98 -6.40 -20.77
CA PRO A 329 -17.97 -6.80 -21.76
C PRO A 329 -18.60 -7.02 -23.13
N CYS A 330 -17.89 -6.57 -24.17
CA CYS A 330 -18.40 -6.72 -25.53
C CYS A 330 -18.35 -8.16 -26.05
N VAL A 331 -17.88 -9.12 -25.25
CA VAL A 331 -18.02 -10.53 -25.63
C VAL A 331 -19.18 -11.21 -24.92
N ALA A 332 -19.91 -10.50 -24.07
CA ALA A 332 -20.94 -11.15 -23.25
C ALA A 332 -22.15 -11.57 -24.07
N GLU A 333 -22.65 -12.76 -23.75
CA GLU A 333 -23.83 -13.33 -24.38
C GLU A 333 -25.02 -12.38 -24.34
N LYS A 334 -25.70 -12.21 -25.47
CA LYS A 334 -26.81 -11.27 -25.54
C LYS A 334 -28.10 -11.84 -26.11
N GLU A 335 -28.10 -13.07 -26.61
CA GLU A 335 -29.33 -13.79 -26.92
C GLU A 335 -29.01 -15.27 -27.02
N ILE A 336 -29.87 -16.09 -26.45
CA ILE A 336 -29.80 -17.54 -26.61
C ILE A 336 -30.58 -17.93 -27.85
N ILE A 337 -29.99 -18.80 -28.66
CA ILE A 337 -30.68 -19.44 -29.77
C ILE A 337 -30.61 -20.94 -29.49
N ALA A 338 -31.68 -21.49 -28.92
CA ALA A 338 -31.68 -22.86 -28.43
C ALA A 338 -32.46 -23.77 -29.39
N VAL A 339 -31.91 -24.96 -29.63
CA VAL A 339 -32.65 -25.97 -30.39
C VAL A 339 -33.82 -26.48 -29.55
N ALA A 340 -34.97 -26.64 -30.19
CA ALA A 340 -36.23 -26.90 -29.47
C ALA A 340 -36.13 -28.16 -28.59
N GLN A 341 -35.38 -29.16 -29.01
CA GLN A 341 -35.33 -30.41 -28.25
C GLN A 341 -34.91 -30.18 -26.81
N ILE A 342 -33.97 -29.26 -26.57
CA ILE A 342 -33.43 -29.04 -25.23
C ILE A 342 -33.85 -27.70 -24.64
N ALA A 343 -34.58 -26.86 -25.38
CA ALA A 343 -34.81 -25.49 -24.95
C ALA A 343 -35.42 -25.44 -23.55
N ASP A 344 -36.42 -26.29 -23.28
CA ASP A 344 -37.09 -26.24 -21.99
C ASP A 344 -36.15 -26.64 -20.87
N TYR A 345 -35.50 -27.80 -21.00
CA TYR A 345 -34.55 -28.22 -19.97
C TYR A 345 -33.43 -27.20 -19.81
N LEU A 346 -33.10 -26.46 -20.86
CA LEU A 346 -32.10 -25.40 -20.72
C LEU A 346 -32.64 -24.28 -19.86
N ILE A 347 -33.82 -23.77 -20.21
CA ILE A 347 -34.48 -22.73 -19.41
C ILE A 347 -34.59 -23.16 -17.96
N PHE A 348 -34.98 -24.43 -17.73
CA PHE A 348 -35.03 -24.96 -16.37
C PHE A 348 -33.71 -24.80 -15.64
N ASN A 349 -32.60 -25.19 -16.29
CA ASN A 349 -31.30 -25.14 -15.64
C ASN A 349 -30.78 -23.72 -15.54
N LEU A 350 -31.15 -22.86 -16.49
CA LEU A 350 -30.84 -21.44 -16.34
C LEU A 350 -31.47 -20.89 -15.07
N LYS A 351 -32.76 -21.17 -14.84
CA LYS A 351 -33.41 -20.70 -13.63
C LYS A 351 -32.69 -21.23 -12.39
N LYS A 352 -32.24 -22.49 -12.43
CA LYS A 352 -31.51 -23.02 -11.28
C LYS A 352 -30.23 -22.23 -11.00
N ASN A 353 -29.61 -21.64 -12.03
CA ASN A 353 -28.38 -20.88 -11.87
C ASN A 353 -28.63 -19.39 -11.68
N GLY A 354 -29.86 -18.99 -11.37
CA GLY A 354 -30.17 -17.60 -11.11
C GLY A 354 -30.77 -16.82 -12.25
N ALA A 355 -31.32 -17.48 -13.27
CA ALA A 355 -32.13 -16.77 -14.25
C ALA A 355 -33.53 -16.52 -13.69
N TYR A 356 -34.03 -15.30 -13.89
CA TYR A 356 -35.40 -14.95 -13.55
C TYR A 356 -36.20 -14.94 -14.84
N GLU A 357 -37.09 -15.93 -15.01
CA GLU A 357 -37.86 -16.08 -16.25
C GLU A 357 -39.11 -15.23 -16.20
N ILE A 358 -39.31 -14.43 -17.24
CA ILE A 358 -40.53 -13.63 -17.41
C ILE A 358 -41.38 -14.33 -18.45
N LYS A 359 -42.60 -14.72 -18.06
CA LYS A 359 -43.55 -15.31 -18.98
C LYS A 359 -44.75 -14.42 -19.23
N ASP A 360 -45.06 -13.50 -18.31
CA ASP A 360 -46.23 -12.63 -18.46
C ASP A 360 -45.91 -11.52 -19.45
N PRO A 361 -46.62 -11.42 -20.57
CA PRO A 361 -46.32 -10.35 -21.54
C PRO A 361 -46.54 -8.95 -20.99
N ALA A 362 -47.34 -8.80 -19.94
CA ALA A 362 -47.49 -7.49 -19.32
C ALA A 362 -46.23 -7.07 -18.56
N VAL A 363 -45.65 -7.99 -17.80
CA VAL A 363 -44.38 -7.70 -17.13
C VAL A 363 -43.28 -7.48 -18.17
N LEU A 364 -43.24 -8.33 -19.20
CA LEU A 364 -42.26 -8.12 -20.28
C LEU A 364 -42.40 -6.73 -20.89
N GLN A 365 -43.63 -6.24 -21.04
CA GLN A 365 -43.84 -4.94 -21.66
C GLN A 365 -43.23 -3.83 -20.81
N GLN A 366 -43.40 -3.90 -19.48
CA GLN A 366 -42.81 -2.89 -18.61
C GLN A 366 -41.30 -2.84 -18.80
N LEU A 367 -40.66 -4.01 -18.77
CA LEU A 367 -39.21 -4.09 -18.93
C LEU A 367 -38.75 -3.48 -20.24
N GLN A 368 -39.46 -3.75 -21.33
CA GLN A 368 -39.15 -3.11 -22.60
C GLN A 368 -39.19 -1.59 -22.48
N ASP A 369 -40.24 -1.06 -21.84
CA ASP A 369 -40.39 0.38 -21.70
C ASP A 369 -39.34 1.00 -20.78
N LEU A 370 -38.77 0.22 -19.87
CA LEU A 370 -37.73 0.75 -18.99
C LEU A 370 -36.35 0.79 -19.64
N VAL A 371 -35.97 -0.27 -20.36
CA VAL A 371 -34.59 -0.44 -20.80
C VAL A 371 -34.37 0.03 -22.24
N LEU A 372 -35.42 0.46 -22.92
CA LEU A 372 -35.31 0.96 -24.29
C LEU A 372 -35.87 2.37 -24.37
N THR A 373 -35.29 3.14 -25.29
CA THR A 373 -35.77 4.48 -25.61
C THR A 373 -36.96 4.37 -26.58
N ALA A 374 -37.40 5.52 -27.11
CA ALA A 374 -38.29 5.50 -28.27
C ALA A 374 -37.53 5.02 -29.52
N LYS A 375 -36.21 5.20 -29.55
CA LYS A 375 -35.40 4.63 -30.62
C LYS A 375 -35.68 3.15 -30.82
N GLY A 376 -35.70 2.37 -29.74
CA GLY A 376 -35.68 0.92 -29.85
C GLY A 376 -34.38 0.33 -29.38
N GLY A 377 -33.37 1.16 -29.10
CA GLY A 377 -32.07 0.73 -28.61
C GLY A 377 -31.89 0.92 -27.11
N PRO A 378 -30.68 0.64 -26.61
CA PRO A 378 -30.46 0.62 -25.16
C PRO A 378 -30.54 2.02 -24.55
N GLN A 379 -31.04 2.05 -23.32
CA GLN A 379 -31.13 3.28 -22.53
C GLN A 379 -29.97 3.33 -21.53
N THR A 380 -29.20 4.42 -21.58
CA THR A 380 -27.91 4.50 -20.88
C THR A 380 -28.05 4.26 -19.39
N LYS A 381 -29.17 4.64 -18.78
CA LYS A 381 -29.27 4.56 -17.33
C LYS A 381 -29.47 3.14 -16.83
N CYS A 382 -29.79 2.19 -17.72
CA CYS A 382 -29.91 0.78 -17.36
C CYS A 382 -28.70 -0.06 -17.79
N VAL A 383 -27.82 0.49 -18.65
CA VAL A 383 -26.60 -0.20 -19.04
C VAL A 383 -25.78 -0.54 -17.81
N GLY A 384 -25.26 -1.77 -17.77
CA GLY A 384 -24.41 -2.20 -16.69
C GLY A 384 -25.09 -2.43 -15.36
N LYS A 385 -26.41 -2.30 -15.28
CA LYS A 385 -27.12 -2.49 -14.02
C LYS A 385 -27.35 -3.98 -13.76
N SER A 386 -27.46 -4.32 -12.49
CA SER A 386 -27.72 -5.71 -12.12
C SER A 386 -29.17 -6.08 -12.43
N ALA A 387 -29.41 -7.39 -12.56
CA ALA A 387 -30.77 -7.88 -12.76
C ALA A 387 -31.66 -7.53 -11.58
N VAL A 388 -31.12 -7.65 -10.36
CA VAL A 388 -31.86 -7.26 -9.14
C VAL A 388 -32.34 -5.82 -9.27
N TRP A 389 -31.46 -4.92 -9.70
CA TRP A 389 -31.83 -3.53 -9.86
C TRP A 389 -32.90 -3.37 -10.93
N LEU A 390 -32.65 -3.92 -12.12
CA LEU A 390 -33.60 -3.76 -13.23
C LEU A 390 -34.99 -4.27 -12.85
N LEU A 391 -35.06 -5.38 -12.11
CA LEU A 391 -36.35 -5.92 -11.71
C LEU A 391 -37.04 -5.04 -10.67
N SER A 392 -36.27 -4.43 -9.77
CA SER A 392 -36.90 -3.54 -8.79
C SER A 392 -37.58 -2.36 -9.47
N GLN A 393 -37.02 -1.89 -10.59
CA GLN A 393 -37.60 -0.77 -11.32
C GLN A 393 -38.94 -1.11 -11.95
N ILE A 394 -39.27 -2.40 -12.10
CA ILE A 394 -40.60 -2.80 -12.53
C ILE A 394 -41.38 -3.45 -11.37
N GLY A 395 -40.98 -3.17 -10.14
CA GLY A 395 -41.76 -3.60 -8.98
C GLY A 395 -41.62 -5.04 -8.56
N ILE A 396 -40.57 -5.73 -9.00
CA ILE A 396 -40.31 -7.12 -8.61
C ILE A 396 -39.08 -7.14 -7.74
N SER A 397 -39.20 -7.74 -6.56
CA SER A 397 -38.13 -7.78 -5.59
C SER A 397 -37.63 -9.20 -5.46
N VAL A 398 -36.35 -9.41 -5.80
CA VAL A 398 -35.72 -10.70 -5.76
C VAL A 398 -34.36 -10.53 -5.08
N ASP A 399 -33.84 -11.64 -4.56
CA ASP A 399 -32.60 -11.59 -3.79
C ASP A 399 -31.39 -11.58 -4.72
N ALA A 400 -30.20 -11.66 -4.12
CA ALA A 400 -28.94 -11.55 -4.86
C ALA A 400 -28.62 -12.79 -5.69
N SER A 401 -29.33 -13.90 -5.48
CA SER A 401 -29.10 -15.12 -6.25
C SER A 401 -29.53 -14.98 -7.71
N ILE A 402 -30.38 -14.01 -8.02
CA ILE A 402 -30.82 -13.76 -9.40
C ILE A 402 -29.77 -12.92 -10.10
N LYS A 403 -29.22 -13.45 -11.20
CA LYS A 403 -28.13 -12.81 -11.92
C LYS A 403 -28.54 -12.27 -13.29
N ILE A 404 -29.55 -12.87 -13.94
CA ILE A 404 -30.00 -12.43 -15.26
C ILE A 404 -31.51 -12.55 -15.34
N ILE A 405 -32.09 -11.76 -16.25
CA ILE A 405 -33.51 -11.79 -16.58
C ILE A 405 -33.66 -12.46 -17.94
N LEU A 406 -34.47 -13.51 -18.00
CA LEU A 406 -34.59 -14.42 -19.13
C LEU A 406 -36.01 -14.41 -19.69
N MET A 407 -36.14 -14.39 -21.02
CA MET A 407 -37.46 -14.45 -21.63
C MET A 407 -37.38 -15.09 -23.00
N GLU A 408 -38.32 -16.00 -23.29
CA GLU A 408 -38.44 -16.58 -24.62
C GLU A 408 -39.29 -15.66 -25.49
N VAL A 409 -38.74 -15.25 -26.64
CA VAL A 409 -39.39 -14.26 -27.50
C VAL A 409 -39.14 -14.63 -28.96
N PRO A 410 -39.81 -14.00 -29.92
CA PRO A 410 -39.43 -14.18 -31.33
C PRO A 410 -38.09 -13.52 -31.63
N ARG A 411 -37.52 -13.93 -32.77
CA ARG A 411 -36.24 -13.38 -33.20
C ARG A 411 -36.31 -11.87 -33.50
N GLU A 412 -37.49 -11.34 -33.83
CA GLU A 412 -37.63 -9.93 -34.18
C GLU A 412 -37.68 -9.02 -32.95
N HIS A 413 -37.80 -9.59 -31.75
CA HIS A 413 -37.96 -8.80 -30.54
C HIS A 413 -36.84 -7.79 -30.40
N PRO A 414 -37.09 -6.62 -29.80
CA PRO A 414 -36.00 -5.64 -29.66
C PRO A 414 -34.82 -6.15 -28.86
N PHE A 415 -35.02 -7.06 -27.91
CA PHE A 415 -33.91 -7.51 -27.07
C PHE A 415 -32.93 -8.39 -27.84
N VAL A 416 -33.38 -9.08 -28.89
CA VAL A 416 -32.47 -9.87 -29.71
C VAL A 416 -31.73 -8.97 -30.71
N GLN A 417 -32.44 -8.06 -31.37
CA GLN A 417 -31.82 -7.26 -32.41
C GLN A 417 -30.82 -6.25 -31.83
N GLU A 418 -31.05 -5.78 -30.62
CA GLU A 418 -30.26 -4.71 -30.03
C GLU A 418 -29.16 -5.24 -29.13
N GLU A 419 -28.18 -4.39 -28.88
CA GLU A 419 -27.00 -4.72 -28.09
C GLU A 419 -27.16 -4.03 -26.74
N LEU A 420 -28.03 -4.62 -25.90
CA LEU A 420 -28.49 -3.94 -24.68
C LEU A 420 -27.36 -3.69 -23.70
N MET A 421 -26.35 -4.57 -23.65
CA MET A 421 -25.32 -4.52 -22.62
C MET A 421 -25.92 -4.56 -21.22
N MET A 422 -26.87 -5.46 -21.00
CA MET A 422 -27.55 -5.62 -19.72
C MET A 422 -27.79 -7.10 -19.47
N PRO A 423 -27.90 -7.51 -18.21
CA PRO A 423 -28.10 -8.93 -17.94
C PRO A 423 -29.54 -9.36 -18.23
N ILE A 424 -30.01 -8.97 -19.42
CA ILE A 424 -31.32 -9.32 -19.94
C ILE A 424 -31.08 -10.17 -21.16
N LEU A 425 -31.46 -11.46 -21.08
CA LEU A 425 -31.04 -12.45 -22.05
C LEU A 425 -32.24 -13.10 -22.73
N PRO A 426 -32.65 -12.61 -23.90
CA PRO A 426 -33.75 -13.25 -24.63
C PRO A 426 -33.33 -14.60 -25.17
N LEU A 427 -34.31 -15.50 -25.29
CA LEU A 427 -34.09 -16.82 -25.85
C LEU A 427 -35.01 -17.02 -27.04
N VAL A 428 -34.44 -17.40 -28.18
CA VAL A 428 -35.20 -17.74 -29.37
C VAL A 428 -35.15 -19.25 -29.57
N ARG A 429 -36.32 -19.86 -29.73
CA ARG A 429 -36.41 -21.32 -29.91
C ARG A 429 -36.45 -21.65 -31.40
N VAL A 430 -35.52 -22.50 -31.84
CA VAL A 430 -35.38 -22.89 -33.24
C VAL A 430 -35.49 -24.42 -33.35
N GLU A 431 -35.82 -24.87 -34.55
CA GLU A 431 -36.14 -26.29 -34.76
C GLU A 431 -34.88 -27.16 -34.73
N THR A 432 -33.81 -26.73 -35.41
CA THR A 432 -32.64 -27.57 -35.65
C THR A 432 -31.36 -26.77 -35.45
N VAL A 433 -30.25 -27.49 -35.28
CA VAL A 433 -28.96 -26.81 -35.11
C VAL A 433 -28.61 -25.99 -36.35
N ASP A 434 -28.90 -26.49 -37.55
CA ASP A 434 -28.63 -25.70 -38.75
C ASP A 434 -29.43 -24.39 -38.75
N ASP A 435 -30.68 -24.45 -38.26
CA ASP A 435 -31.47 -23.22 -38.09
C ASP A 435 -30.84 -22.31 -37.04
N ALA A 436 -30.34 -22.88 -35.95
CA ALA A 436 -29.66 -22.09 -34.92
C ALA A 436 -28.45 -21.34 -35.49
N ILE A 437 -27.64 -22.04 -36.29
CA ILE A 437 -26.46 -21.43 -36.89
C ILE A 437 -26.86 -20.29 -37.84
N ASP A 438 -27.83 -20.56 -38.73
CA ASP A 438 -28.30 -19.52 -39.65
C ASP A 438 -28.79 -18.28 -38.90
N LEU A 439 -29.64 -18.48 -37.88
CA LEU A 439 -30.11 -17.33 -37.12
C LEU A 439 -28.97 -16.62 -36.39
N ALA A 440 -28.04 -17.40 -35.81
CA ALA A 440 -26.91 -16.78 -35.11
C ALA A 440 -26.10 -15.89 -36.05
N ILE A 441 -25.84 -16.36 -37.27
CA ILE A 441 -25.14 -15.55 -38.25
C ILE A 441 -25.93 -14.29 -38.58
N GLU A 442 -27.23 -14.46 -38.82
CA GLU A 442 -28.08 -13.31 -39.17
C GLU A 442 -28.14 -12.31 -38.04
N VAL A 443 -28.39 -12.78 -36.83
CA VAL A 443 -28.53 -11.90 -35.68
C VAL A 443 -27.22 -11.23 -35.35
N GLU A 444 -26.11 -11.83 -35.74
CA GLU A 444 -24.81 -11.24 -35.45
C GLU A 444 -24.56 -9.98 -36.28
N HIS A 445 -25.44 -9.67 -37.24
CA HIS A 445 -25.42 -8.40 -37.98
C HIS A 445 -24.08 -8.16 -38.68
N ASP A 446 -23.35 -9.23 -39.00
CA ASP A 446 -22.08 -9.14 -39.72
C ASP A 446 -21.04 -8.33 -38.96
N ASN A 447 -21.24 -8.14 -37.65
CA ASN A 447 -20.20 -7.55 -36.82
C ASN A 447 -18.93 -8.39 -36.83
N ARG A 448 -19.07 -9.71 -37.03
CA ARG A 448 -17.95 -10.63 -37.04
C ARG A 448 -17.11 -10.47 -35.78
N HIS A 449 -17.79 -10.22 -34.67
CA HIS A 449 -17.10 -9.96 -33.41
C HIS A 449 -16.92 -11.22 -32.58
N THR A 450 -18.01 -11.67 -31.93
CA THR A 450 -17.98 -12.77 -30.97
C THR A 450 -19.23 -13.62 -31.13
N ALA A 451 -19.06 -14.94 -30.99
CA ALA A 451 -20.20 -15.84 -30.92
C ALA A 451 -19.81 -17.04 -30.08
N ILE A 452 -20.81 -17.68 -29.47
CA ILE A 452 -20.62 -18.80 -28.54
C ILE A 452 -21.47 -19.97 -29.01
N MET A 453 -21.01 -21.19 -28.73
CA MET A 453 -21.80 -22.37 -29.03
C MET A 453 -21.59 -23.43 -27.95
N HIS A 454 -22.68 -24.07 -27.55
CA HIS A 454 -22.63 -25.24 -26.70
C HIS A 454 -23.09 -26.45 -27.51
N SER A 455 -22.14 -27.32 -27.83
CA SER A 455 -22.35 -28.49 -28.66
C SER A 455 -21.13 -29.38 -28.53
N THR A 456 -21.34 -30.70 -28.53
CA THR A 456 -20.25 -31.66 -28.51
C THR A 456 -20.00 -32.28 -29.88
N ASP A 457 -20.82 -31.93 -30.87
CA ASP A 457 -20.70 -32.45 -32.23
C ASP A 457 -19.60 -31.66 -32.93
N VAL A 458 -18.47 -32.32 -33.19
CA VAL A 458 -17.33 -31.63 -33.78
C VAL A 458 -17.69 -31.04 -35.14
N ARG A 459 -18.59 -31.68 -35.88
CA ARG A 459 -19.00 -31.14 -37.18
C ARG A 459 -19.80 -29.85 -37.01
N LYS A 460 -20.69 -29.79 -36.01
CA LYS A 460 -21.52 -28.61 -35.84
C LYS A 460 -20.74 -27.45 -35.24
N LEU A 461 -19.83 -27.73 -34.29
CA LEU A 461 -18.90 -26.71 -33.81
C LEU A 461 -18.09 -26.13 -34.97
N THR A 462 -17.50 -27.00 -35.78
CA THR A 462 -16.75 -26.54 -36.94
C THR A 462 -17.61 -25.70 -37.88
N LYS A 463 -18.82 -26.17 -38.18
CA LYS A 463 -19.67 -25.47 -39.15
C LYS A 463 -20.04 -24.06 -38.67
N MET A 464 -20.45 -23.93 -37.41
CA MET A 464 -20.84 -22.59 -36.95
C MET A 464 -19.63 -21.68 -36.81
N ALA A 465 -18.53 -22.19 -36.28
CA ALA A 465 -17.33 -21.37 -36.19
C ALA A 465 -16.89 -20.88 -37.57
N LYS A 466 -16.81 -21.80 -38.54
CA LYS A 466 -16.31 -21.42 -39.86
C LYS A 466 -17.23 -20.41 -40.55
N LEU A 467 -18.54 -20.60 -40.44
CA LEU A 467 -19.47 -19.75 -41.17
C LEU A 467 -19.58 -18.34 -40.57
N ILE A 468 -19.70 -18.24 -39.24
CA ILE A 468 -19.97 -16.94 -38.62
C ILE A 468 -18.75 -16.02 -38.67
N GLN A 469 -17.55 -16.58 -38.71
CA GLN A 469 -16.32 -15.81 -38.99
C GLN A 469 -16.14 -14.66 -37.99
N THR A 470 -16.17 -14.99 -36.70
CA THR A 470 -16.05 -13.96 -35.68
C THR A 470 -14.63 -13.93 -35.13
N THR A 471 -14.25 -12.75 -34.62
CA THR A 471 -12.92 -12.56 -34.06
C THR A 471 -12.69 -13.51 -32.89
N ILE A 472 -13.73 -13.76 -32.12
CA ILE A 472 -13.68 -14.68 -30.99
C ILE A 472 -14.79 -15.69 -31.18
N PHE A 473 -14.49 -16.96 -30.88
CA PHE A 473 -15.51 -17.99 -30.91
C PHE A 473 -15.23 -18.92 -29.76
N VAL A 474 -16.23 -19.17 -28.93
CA VAL A 474 -16.09 -19.94 -27.71
C VAL A 474 -17.04 -21.13 -27.78
N LYS A 475 -16.49 -22.32 -27.55
CA LYS A 475 -17.24 -23.58 -27.65
C LYS A 475 -17.26 -24.20 -26.26
N ASN A 476 -18.46 -24.38 -25.71
CA ASN A 476 -18.70 -25.12 -24.47
C ASN A 476 -18.08 -24.41 -23.24
N GLY A 477 -18.19 -23.09 -23.21
CA GLY A 477 -17.80 -22.37 -22.03
C GLY A 477 -18.44 -21.00 -21.99
N PRO A 478 -18.25 -20.29 -20.88
CA PRO A 478 -18.73 -18.91 -20.81
C PRO A 478 -17.96 -18.06 -21.81
N SER A 479 -18.60 -16.97 -22.24
CA SER A 479 -18.00 -16.12 -23.27
C SER A 479 -16.63 -15.61 -22.86
N TYR A 480 -16.46 -15.29 -21.58
CA TYR A 480 -15.19 -14.72 -21.14
C TYR A 480 -14.04 -15.73 -21.20
N ALA A 481 -14.30 -17.00 -21.53
CA ALA A 481 -13.19 -17.90 -21.86
C ALA A 481 -12.49 -17.48 -23.14
N GLY A 482 -13.12 -16.66 -23.97
CA GLY A 482 -12.47 -16.10 -25.13
C GLY A 482 -11.39 -15.09 -24.81
N LEU A 483 -11.33 -14.62 -23.56
CA LEU A 483 -10.32 -13.66 -23.11
C LEU A 483 -9.37 -14.27 -22.09
N GLY A 484 -9.23 -15.59 -22.06
CA GLY A 484 -8.26 -16.22 -21.20
C GLY A 484 -8.73 -16.55 -19.81
N ALA A 485 -9.99 -16.27 -19.48
CA ALA A 485 -10.58 -16.66 -18.20
C ALA A 485 -11.35 -17.97 -18.41
N GLY A 486 -10.70 -19.09 -18.12
CA GLY A 486 -11.25 -20.40 -18.43
C GLY A 486 -11.05 -20.87 -19.86
N GLY A 487 -10.20 -20.20 -20.65
CA GLY A 487 -9.84 -20.66 -21.97
C GLY A 487 -8.36 -20.42 -22.22
N GLU A 488 -7.80 -21.17 -23.15
CA GLU A 488 -6.37 -21.06 -23.43
C GLU A 488 -6.09 -19.79 -24.23
N GLY A 489 -4.88 -19.28 -24.07
CA GLY A 489 -4.46 -18.07 -24.74
C GLY A 489 -4.27 -16.93 -23.76
N TYR A 490 -3.87 -15.80 -24.31
CA TYR A 490 -3.69 -14.60 -23.51
C TYR A 490 -4.99 -13.80 -23.46
N SER A 491 -4.99 -12.79 -22.60
CA SER A 491 -6.15 -11.92 -22.43
C SER A 491 -5.88 -10.56 -23.06
N THR A 492 -6.97 -9.87 -23.39
CA THR A 492 -6.92 -8.47 -23.78
C THR A 492 -8.26 -7.83 -23.47
N PHE A 493 -8.28 -6.50 -23.50
CA PHE A 493 -9.52 -5.75 -23.41
C PHE A 493 -9.65 -4.77 -24.56
N THR A 494 -8.76 -4.86 -25.54
CA THR A 494 -8.91 -4.15 -26.79
C THR A 494 -8.96 -5.22 -27.90
N ILE A 495 -10.17 -5.47 -28.39
CA ILE A 495 -10.44 -6.45 -29.42
C ILE A 495 -10.74 -5.68 -30.70
N ALA A 496 -9.90 -5.89 -31.71
CA ALA A 496 -10.00 -5.12 -32.93
C ALA A 496 -11.21 -5.56 -33.74
N GLY A 497 -11.93 -4.58 -34.29
CA GLY A 497 -13.05 -4.86 -35.13
C GLY A 497 -12.66 -4.74 -36.58
N PRO A 498 -12.80 -3.52 -37.12
CA PRO A 498 -12.54 -3.31 -38.55
C PRO A 498 -11.08 -3.39 -38.94
N THR A 499 -10.14 -3.35 -37.99
CA THR A 499 -8.73 -3.32 -38.33
C THR A 499 -8.05 -4.70 -38.29
N GLY A 500 -8.73 -5.74 -37.81
CA GLY A 500 -8.31 -7.10 -38.07
C GLY A 500 -7.29 -7.70 -37.13
N GLU A 501 -6.77 -6.96 -36.16
CA GLU A 501 -5.70 -7.52 -35.34
C GLU A 501 -6.16 -8.56 -34.33
N GLY A 502 -7.47 -8.75 -34.15
CA GLY A 502 -7.94 -9.73 -33.19
C GLY A 502 -7.72 -9.24 -31.77
N LEU A 503 -7.26 -10.13 -30.89
CA LEU A 503 -6.92 -9.77 -29.52
C LEU A 503 -5.56 -9.09 -29.54
N THR A 504 -5.56 -7.76 -29.43
CA THR A 504 -4.30 -7.01 -29.43
C THR A 504 -3.41 -7.43 -28.27
N SER A 505 -2.11 -7.27 -28.47
CA SER A 505 -1.07 -7.45 -27.46
C SER A 505 0.11 -6.58 -27.88
N ALA A 506 1.24 -6.72 -27.19
CA ALA A 506 2.43 -5.92 -27.52
C ALA A 506 2.73 -5.95 -29.02
N LYS A 507 2.74 -7.15 -29.59
CA LYS A 507 3.01 -7.32 -31.01
C LYS A 507 2.18 -6.36 -31.87
N SER A 508 0.91 -6.15 -31.50
CA SER A 508 0.01 -5.27 -32.25
C SER A 508 0.45 -3.81 -32.21
N PHE A 509 1.25 -3.43 -31.22
CA PHE A 509 1.72 -2.05 -31.08
C PHE A 509 3.17 -1.90 -31.51
N ALA A 510 3.63 -2.77 -32.40
CA ALA A 510 5.03 -2.76 -32.85
C ALA A 510 5.08 -2.79 -34.37
N ARG A 511 6.12 -2.18 -34.91
CA ARG A 511 6.39 -2.20 -36.34
C ARG A 511 7.26 -3.38 -36.66
N ARG A 512 6.92 -4.09 -37.73
CA ARG A 512 7.74 -5.23 -38.12
C ARG A 512 8.94 -4.75 -38.92
N ARG A 513 10.14 -5.15 -38.52
CA ARG A 513 11.37 -4.77 -39.19
C ARG A 513 12.09 -6.02 -39.69
N LYS A 514 12.78 -5.88 -40.81
CA LYS A 514 13.50 -6.98 -41.46
C LYS A 514 14.96 -6.58 -41.63
N CYS A 515 15.87 -7.44 -41.17
CA CYS A 515 17.29 -7.12 -41.10
C CYS A 515 18.04 -8.25 -41.78
N VAL A 516 18.75 -7.91 -42.86
CA VAL A 516 19.32 -8.91 -43.77
C VAL A 516 20.82 -8.84 -43.65
N MET A 517 21.44 -9.89 -43.11
CA MET A 517 22.90 -10.01 -43.08
C MET A 517 23.32 -10.85 -44.28
N VAL A 518 23.81 -10.19 -45.33
CA VAL A 518 24.01 -10.86 -46.60
C VAL A 518 25.29 -11.70 -46.57
N GLU A 519 25.14 -13.01 -46.84
CA GLU A 519 26.26 -13.96 -46.95
C GLU A 519 27.16 -13.97 -45.70
N ALA A 520 26.52 -14.05 -44.55
CA ALA A 520 27.19 -14.13 -43.27
C ALA A 520 26.14 -14.57 -42.25
N LEU A 521 26.64 -15.10 -41.13
CA LEU A 521 25.81 -15.62 -40.03
C LEU A 521 24.89 -16.75 -40.48
N ASN A 522 25.20 -17.45 -41.55
CA ASN A 522 24.49 -18.67 -41.92
C ASN A 522 25.38 -19.80 -41.39
N ILE A 523 25.15 -20.19 -40.15
CA ILE A 523 26.14 -21.04 -39.49
C ILE A 523 25.61 -22.46 -39.35
N ARG A 524 24.70 -22.87 -40.23
CA ARG A 524 24.12 -24.21 -40.14
C ARG A 524 25.15 -25.26 -40.54
N LYS B 43 43.52 2.22 -39.08
CA LYS B 43 42.40 1.82 -39.94
C LYS B 43 42.80 1.71 -41.41
N SER B 44 42.19 0.77 -42.12
CA SER B 44 42.64 0.41 -43.46
C SER B 44 42.07 1.36 -44.50
N PRO B 45 42.90 1.96 -45.34
CA PRO B 45 42.37 2.87 -46.38
C PRO B 45 41.76 2.17 -47.58
N ASP B 46 41.90 0.85 -47.71
CA ASP B 46 41.26 0.12 -48.80
C ASP B 46 40.33 -0.97 -48.28
N GLY B 47 39.78 -0.77 -47.08
CA GLY B 47 38.85 -1.73 -46.52
C GLY B 47 39.54 -3.02 -46.10
N LYS B 48 38.77 -4.11 -46.13
CA LYS B 48 39.25 -5.45 -45.79
C LYS B 48 38.79 -6.40 -46.89
N SER B 49 39.61 -6.60 -47.91
CA SER B 49 39.28 -7.54 -48.98
C SER B 49 39.12 -8.94 -48.41
N ASN B 50 38.62 -9.85 -49.24
CA ASN B 50 38.56 -11.25 -48.79
C ASN B 50 39.59 -12.10 -49.51
N SER B 51 40.86 -11.75 -49.25
CA SER B 51 42.00 -12.43 -49.84
C SER B 51 42.09 -13.89 -49.39
N SER B 52 41.56 -14.20 -48.20
CA SER B 52 41.57 -15.58 -47.68
C SER B 52 40.25 -16.32 -47.90
N ALA B 53 39.22 -15.65 -48.45
CA ALA B 53 38.01 -16.36 -48.86
C ALA B 53 38.25 -17.20 -50.11
N ASP B 54 39.21 -16.78 -50.94
CA ASP B 54 39.59 -17.58 -52.09
C ASP B 54 41.09 -17.79 -52.09
N ALA B 85 32.53 -45.33 -64.73
CA ALA B 85 33.52 -44.55 -63.98
C ALA B 85 32.86 -43.96 -62.73
N VAL B 86 31.67 -43.41 -62.91
CA VAL B 86 30.93 -42.84 -61.79
C VAL B 86 30.30 -43.96 -60.98
N SER B 87 30.37 -43.83 -59.66
CA SER B 87 29.87 -44.87 -58.77
C SER B 87 28.36 -45.02 -58.86
N ASP B 88 27.90 -46.26 -58.67
CA ASP B 88 26.47 -46.56 -58.63
C ASP B 88 25.96 -46.73 -57.19
N GLY B 89 26.81 -46.49 -56.18
CA GLY B 89 26.41 -46.56 -54.79
C GLY B 89 26.33 -47.95 -54.19
N VAL B 90 26.54 -49.01 -54.98
CA VAL B 90 26.45 -50.38 -54.50
C VAL B 90 27.86 -50.92 -54.34
N PHE B 91 28.15 -51.47 -53.17
CA PHE B 91 29.50 -51.89 -52.81
C PHE B 91 29.52 -53.37 -52.45
N GLU B 92 30.68 -53.99 -52.64
CA GLU B 92 30.84 -55.40 -52.32
C GLU B 92 30.97 -55.65 -50.82
N THR B 93 31.36 -54.64 -50.03
CA THR B 93 31.51 -54.80 -48.59
C THR B 93 30.87 -53.62 -47.87
N MET B 94 30.31 -53.90 -46.70
CA MET B 94 29.74 -52.82 -45.91
C MET B 94 30.78 -51.79 -45.52
N ASP B 95 32.01 -52.23 -45.22
CA ASP B 95 33.01 -51.27 -44.78
C ASP B 95 33.41 -50.32 -45.90
N ALA B 96 33.53 -50.83 -47.13
CA ALA B 96 33.76 -49.95 -48.28
C ALA B 96 32.56 -49.04 -48.53
N ALA B 97 31.34 -49.53 -48.29
CA ALA B 97 30.16 -48.68 -48.38
C ALA B 97 30.22 -47.56 -47.34
N VAL B 98 30.52 -47.91 -46.09
CA VAL B 98 30.58 -46.89 -45.03
C VAL B 98 31.68 -45.88 -45.33
N GLU B 99 32.86 -46.35 -45.75
CA GLU B 99 33.97 -45.44 -46.01
C GLU B 99 33.65 -44.48 -47.15
N ALA B 100 32.95 -44.99 -48.16
CA ALA B 100 32.57 -44.15 -49.30
C ALA B 100 31.53 -43.12 -48.88
N ALA B 101 30.62 -43.52 -47.98
CA ALA B 101 29.65 -42.57 -47.44
C ALA B 101 30.33 -41.53 -46.56
N ALA B 102 31.36 -41.93 -45.81
CA ALA B 102 32.08 -40.97 -44.98
C ALA B 102 32.75 -39.90 -45.83
N LEU B 103 33.46 -40.30 -46.89
CA LEU B 103 34.09 -39.33 -47.77
C LEU B 103 33.04 -38.44 -48.43
N ALA B 104 31.92 -39.04 -48.86
CA ALA B 104 30.84 -38.28 -49.48
C ALA B 104 30.29 -37.20 -48.56
N GLN B 105 30.02 -37.57 -47.30
CA GLN B 105 29.43 -36.59 -46.39
C GLN B 105 30.40 -35.45 -46.08
N GLN B 106 31.72 -35.71 -46.08
CA GLN B 106 32.67 -34.62 -45.93
C GLN B 106 32.64 -33.69 -47.13
N GLN B 107 32.56 -34.24 -48.35
CA GLN B 107 32.45 -33.39 -49.53
C GLN B 107 31.14 -32.63 -49.51
N TYR B 108 30.06 -33.28 -49.06
CA TYR B 108 28.75 -32.67 -48.94
C TYR B 108 28.76 -31.40 -48.07
N LEU B 109 29.57 -31.36 -47.01
CA LEU B 109 29.61 -30.16 -46.16
C LEU B 109 30.09 -28.92 -46.90
N LEU B 110 30.81 -29.10 -48.02
CA LEU B 110 31.18 -27.99 -48.90
C LEU B 110 30.07 -27.57 -49.85
N CYS B 111 28.99 -28.34 -49.94
CA CYS B 111 27.85 -27.99 -50.79
C CYS B 111 26.97 -26.95 -50.12
N SER B 112 26.30 -26.16 -50.95
CA SER B 112 25.41 -25.11 -50.47
C SER B 112 24.02 -25.68 -50.20
N MET B 113 23.19 -24.92 -49.49
CA MET B 113 21.80 -25.34 -49.31
C MET B 113 21.09 -25.49 -50.64
N SER B 114 21.46 -24.66 -51.63
CA SER B 114 20.91 -24.83 -52.97
C SER B 114 21.28 -26.18 -53.55
N ASP B 115 22.53 -26.63 -53.38
CA ASP B 115 22.92 -27.96 -53.82
C ASP B 115 22.07 -29.03 -53.15
N ARG B 116 21.90 -28.90 -51.83
CA ARG B 116 21.06 -29.86 -51.11
C ARG B 116 19.67 -29.90 -51.73
N ALA B 117 19.12 -28.72 -52.06
CA ALA B 117 17.74 -28.66 -52.55
C ALA B 117 17.62 -29.27 -53.93
N ARG B 118 18.61 -29.07 -54.80
CA ARG B 118 18.55 -29.73 -56.12
C ARG B 118 18.69 -31.24 -55.96
N PHE B 119 19.53 -31.69 -55.03
CA PHE B 119 19.69 -33.12 -54.81
C PHE B 119 18.41 -33.72 -54.24
N VAL B 120 17.79 -33.04 -53.29
CA VAL B 120 16.51 -33.48 -52.74
C VAL B 120 15.47 -33.55 -53.87
N GLN B 121 15.39 -32.51 -54.68
CA GLN B 121 14.44 -32.50 -55.78
C GLN B 121 14.73 -33.66 -56.74
N GLY B 122 16.01 -33.99 -56.92
CA GLY B 122 16.37 -35.08 -57.82
C GLY B 122 15.88 -36.42 -57.33
N ILE B 123 15.86 -36.62 -56.01
CA ILE B 123 15.30 -37.86 -55.47
C ILE B 123 13.80 -37.92 -55.73
N ARG B 124 13.11 -36.77 -55.59
CA ARG B 124 11.69 -36.76 -55.88
C ARG B 124 11.42 -37.14 -57.33
N ASP B 125 12.29 -36.71 -58.25
CA ASP B 125 12.04 -36.95 -59.67
C ASP B 125 12.21 -38.42 -60.02
N VAL B 126 13.18 -39.09 -59.42
CA VAL B 126 13.33 -40.53 -59.61
C VAL B 126 12.01 -41.25 -59.32
N ILE B 127 11.47 -41.04 -58.11
CA ILE B 127 10.34 -41.87 -57.71
C ILE B 127 9.03 -41.35 -58.27
N LEU B 128 8.94 -40.08 -58.64
CA LEU B 128 7.71 -39.58 -59.25
C LEU B 128 7.75 -39.65 -60.78
N ASN B 129 8.87 -40.05 -61.36
CA ASN B 129 8.90 -40.36 -62.78
C ASN B 129 7.99 -41.55 -63.07
N GLN B 130 7.01 -41.34 -63.95
CA GLN B 130 5.94 -42.32 -64.14
C GLN B 130 6.48 -43.72 -64.40
N ASP B 131 7.51 -43.84 -65.23
CA ASP B 131 8.11 -45.14 -65.48
C ASP B 131 8.65 -45.76 -64.19
N THR B 132 9.49 -45.01 -63.49
CA THR B 132 10.09 -45.55 -62.27
C THR B 132 9.04 -45.79 -61.21
N LEU B 133 8.05 -44.89 -61.12
CA LEU B 133 6.97 -45.05 -60.17
C LEU B 133 6.30 -46.41 -60.36
N GLU B 134 5.87 -46.71 -61.59
CA GLU B 134 5.28 -48.00 -61.89
C GLU B 134 6.27 -49.13 -61.65
N LYS B 135 7.52 -48.92 -62.06
CA LYS B 135 8.53 -49.97 -61.94
C LYS B 135 8.79 -50.34 -60.48
N MET B 136 9.05 -49.33 -59.64
CA MET B 136 9.29 -49.60 -58.22
C MET B 136 8.10 -50.28 -57.56
N SER B 137 6.88 -49.80 -57.87
CA SER B 137 5.69 -50.35 -57.23
C SER B 137 5.48 -51.80 -57.63
N ARG B 138 5.43 -52.07 -58.95
CA ARG B 138 5.23 -53.43 -59.44
C ARG B 138 6.35 -54.35 -58.97
N MET B 139 7.60 -53.88 -59.06
CA MET B 139 8.73 -54.74 -58.76
C MET B 139 8.73 -55.17 -57.30
N ALA B 140 8.33 -54.27 -56.39
CA ALA B 140 8.29 -54.62 -54.98
C ALA B 140 7.27 -55.72 -54.71
N VAL B 141 6.13 -55.69 -55.40
CA VAL B 141 5.13 -56.74 -55.22
C VAL B 141 5.62 -58.06 -55.80
N GLU B 142 6.23 -58.03 -56.99
CA GLU B 142 6.79 -59.24 -57.56
C GLU B 142 7.85 -59.82 -56.63
N GLU B 143 8.77 -58.98 -56.17
CA GLU B 143 9.90 -59.50 -55.41
C GLU B 143 9.47 -60.03 -54.04
N THR B 144 8.58 -59.34 -53.35
CA THR B 144 8.23 -59.71 -51.98
C THR B 144 7.01 -60.62 -51.87
N GLY B 145 6.10 -60.59 -52.84
CA GLY B 145 4.83 -61.28 -52.67
C GLY B 145 3.85 -60.59 -51.76
N MET B 146 4.18 -59.39 -51.28
CA MET B 146 3.36 -58.68 -50.31
C MET B 146 2.92 -57.35 -50.88
N GLY B 147 1.69 -56.96 -50.57
CA GLY B 147 1.18 -55.69 -51.02
C GLY B 147 0.54 -55.80 -52.38
N ASN B 148 0.11 -54.65 -52.89
CA ASN B 148 -0.48 -54.60 -54.22
C ASN B 148 0.02 -53.36 -54.95
N TYR B 149 0.03 -53.48 -56.27
CA TYR B 149 0.68 -52.50 -57.13
C TYR B 149 0.03 -51.13 -57.04
N GLU B 150 -1.30 -51.09 -56.97
CA GLU B 150 -1.99 -49.81 -57.05
C GLU B 150 -1.72 -48.96 -55.81
N HIS B 151 -1.64 -49.59 -54.64
CA HIS B 151 -1.44 -48.81 -53.42
C HIS B 151 0.02 -48.42 -53.24
N LYS B 152 0.95 -49.32 -53.60
CA LYS B 152 2.36 -48.93 -53.57
C LYS B 152 2.62 -47.79 -54.53
N LEU B 153 1.86 -47.74 -55.63
CA LEU B 153 1.88 -46.55 -56.46
C LEU B 153 1.60 -45.32 -55.61
N ILE B 154 0.51 -45.38 -54.83
CA ILE B 154 0.11 -44.26 -53.99
C ILE B 154 1.12 -44.00 -52.88
N LYS B 155 1.68 -45.07 -52.28
CA LYS B 155 2.61 -44.89 -51.17
C LYS B 155 3.97 -44.34 -51.61
N ASN B 156 4.51 -44.84 -52.73
CA ASN B 156 5.74 -44.27 -53.28
C ASN B 156 5.55 -42.79 -53.63
N ARG B 157 4.41 -42.45 -54.25
CA ARG B 157 4.15 -41.05 -54.59
C ARG B 157 3.97 -40.20 -53.34
N LEU B 158 3.39 -40.77 -52.29
CA LEU B 158 3.28 -40.05 -51.04
C LEU B 158 4.66 -39.73 -50.47
N ALA B 159 5.56 -40.73 -50.48
CA ALA B 159 6.93 -40.46 -50.02
C ALA B 159 7.61 -39.44 -50.92
N GLY B 160 7.33 -39.47 -52.22
CA GLY B 160 7.95 -38.52 -53.12
C GLY B 160 7.46 -37.09 -52.92
N GLU B 161 6.17 -36.90 -52.70
CA GLU B 161 5.65 -35.54 -52.68
C GLU B 161 5.61 -34.92 -51.29
N LYS B 162 5.25 -35.67 -50.25
CA LYS B 162 4.98 -35.05 -48.95
C LYS B 162 6.05 -35.34 -47.91
N THR B 163 7.25 -35.78 -48.32
CA THR B 163 8.39 -35.86 -47.42
C THR B 163 9.08 -34.50 -47.35
N PRO B 164 9.25 -33.91 -46.16
CA PRO B 164 9.82 -32.56 -46.07
C PRO B 164 11.23 -32.47 -46.61
N GLY B 165 11.56 -31.28 -47.13
CA GLY B 165 12.88 -31.02 -47.67
C GLY B 165 13.70 -30.16 -46.75
N ILE B 166 14.51 -29.28 -47.33
CA ILE B 166 15.35 -28.43 -46.50
C ILE B 166 14.52 -27.39 -45.77
N GLU B 167 13.28 -27.14 -46.20
CA GLU B 167 12.39 -26.26 -45.43
C GLU B 167 12.13 -26.81 -44.02
N ASP B 168 12.24 -28.13 -43.84
CA ASP B 168 12.13 -28.70 -42.50
C ASP B 168 13.21 -28.17 -41.54
N LEU B 169 14.29 -27.57 -42.04
CA LEU B 169 15.42 -27.18 -41.19
C LEU B 169 15.27 -25.72 -40.74
N THR B 170 14.35 -25.51 -39.81
CA THR B 170 14.04 -24.18 -39.33
C THR B 170 15.14 -23.64 -38.43
N THR B 171 15.09 -22.33 -38.20
CA THR B 171 16.07 -21.61 -37.39
C THR B 171 15.35 -20.90 -36.24
N ASP B 172 15.77 -21.16 -35.02
CA ASP B 172 15.23 -20.44 -33.86
C ASP B 172 16.13 -19.26 -33.51
N ALA B 173 15.51 -18.13 -33.22
CA ALA B 173 16.26 -16.93 -32.88
C ALA B 173 15.73 -16.33 -31.58
N PHE B 174 16.63 -15.84 -30.75
CA PHE B 174 16.26 -15.12 -29.54
C PHE B 174 17.21 -13.93 -29.40
N SER B 175 16.66 -12.73 -29.27
CA SER B 175 17.46 -11.52 -29.17
C SER B 175 17.00 -10.66 -27.99
N GLY B 176 17.96 -9.99 -27.38
CA GLY B 176 17.74 -9.16 -26.21
C GLY B 176 19.01 -8.51 -25.72
N ASP B 177 19.09 -8.23 -24.43
CA ASP B 177 20.22 -7.45 -23.93
C ASP B 177 21.56 -8.18 -24.15
N ASN B 178 21.55 -9.52 -24.15
CA ASN B 178 22.79 -10.27 -24.30
C ASN B 178 23.13 -10.58 -25.75
N GLY B 179 22.38 -10.03 -26.70
CA GLY B 179 22.71 -10.19 -28.10
C GLY B 179 21.72 -11.04 -28.85
N LEU B 180 22.24 -11.96 -29.67
CA LEU B 180 21.44 -12.86 -30.49
C LEU B 180 21.88 -14.29 -30.21
N THR B 181 20.91 -15.18 -30.00
CA THR B 181 21.16 -16.61 -30.02
C THR B 181 20.44 -17.23 -31.22
N LEU B 182 21.18 -17.99 -32.02
CA LEU B 182 20.60 -18.74 -33.13
C LEU B 182 20.69 -20.24 -32.83
N VAL B 183 19.67 -20.98 -33.23
CA VAL B 183 19.63 -22.44 -33.08
C VAL B 183 19.34 -23.05 -34.45
N GLU B 184 20.25 -23.88 -34.94
CA GLU B 184 20.17 -24.48 -36.28
C GLU B 184 20.22 -26.01 -36.21
N TYR B 185 19.76 -26.64 -37.29
CA TYR B 185 19.82 -28.08 -37.46
C TYR B 185 20.94 -28.43 -38.44
N SER B 186 21.98 -29.08 -37.95
CA SER B 186 23.20 -29.36 -38.70
C SER B 186 23.40 -30.86 -38.87
N PRO B 187 24.29 -31.27 -39.79
CA PRO B 187 24.38 -32.71 -40.11
C PRO B 187 24.99 -33.56 -39.00
N PHE B 188 24.51 -34.79 -38.91
CA PHE B 188 25.11 -35.81 -38.06
C PHE B 188 26.38 -36.39 -38.68
N GLY B 189 26.33 -36.73 -39.97
CA GLY B 189 27.44 -37.39 -40.62
C GLY B 189 26.98 -38.54 -41.49
N VAL B 190 27.49 -39.74 -41.20
CA VAL B 190 27.06 -40.95 -41.89
C VAL B 190 25.95 -41.56 -41.05
N ILE B 191 24.78 -41.72 -41.65
CA ILE B 191 23.65 -42.42 -41.05
C ILE B 191 23.56 -43.79 -41.69
N GLY B 192 23.42 -44.82 -40.89
CA GLY B 192 23.08 -46.14 -41.38
C GLY B 192 21.61 -46.39 -41.13
N ALA B 193 20.88 -46.75 -42.19
CA ALA B 193 19.43 -46.90 -42.13
C ALA B 193 19.07 -48.33 -42.49
N ILE B 194 18.24 -48.95 -41.65
CA ILE B 194 17.73 -50.29 -41.87
C ILE B 194 16.29 -50.17 -42.35
N THR B 195 16.02 -50.64 -43.53
CA THR B 195 14.70 -50.46 -44.13
C THR B 195 13.97 -51.79 -44.21
N PRO B 196 12.64 -51.79 -44.20
CA PRO B 196 11.89 -53.04 -44.09
C PRO B 196 11.52 -53.62 -45.44
N THR B 197 11.16 -54.90 -45.41
CA THR B 197 10.64 -55.55 -46.60
C THR B 197 9.20 -55.15 -46.89
N THR B 198 8.53 -54.55 -45.91
CA THR B 198 7.15 -54.13 -46.11
C THR B 198 7.06 -52.91 -47.04
N ASN B 199 7.85 -51.88 -46.76
CA ASN B 199 7.84 -50.66 -47.56
C ASN B 199 9.26 -50.35 -48.03
N PRO B 200 9.82 -51.20 -48.90
CA PRO B 200 11.24 -51.04 -49.23
C PRO B 200 11.54 -49.72 -49.92
N THR B 201 10.76 -49.33 -50.93
CA THR B 201 11.12 -48.15 -51.70
C THR B 201 10.66 -46.86 -51.01
N GLU B 202 9.49 -46.88 -50.36
CA GLU B 202 9.00 -45.68 -49.68
C GLU B 202 9.92 -45.27 -48.54
N THR B 203 10.38 -46.24 -47.75
CA THR B 203 11.33 -45.92 -46.68
C THR B 203 12.64 -45.39 -47.24
N ILE B 204 13.13 -45.93 -48.36
CA ILE B 204 14.40 -45.45 -48.93
C ILE B 204 14.24 -44.04 -49.50
N VAL B 205 13.12 -43.76 -50.18
CA VAL B 205 12.88 -42.41 -50.67
C VAL B 205 12.75 -41.45 -49.49
N CYS B 206 12.01 -41.87 -48.48
CA CYS B 206 11.70 -40.99 -47.37
C CYS B 206 12.95 -40.70 -46.53
N ASN B 207 13.70 -41.74 -46.17
CA ASN B 207 14.96 -41.52 -45.47
C ASN B 207 15.92 -40.67 -46.30
N SER B 208 16.05 -40.96 -47.61
CA SER B 208 17.09 -40.29 -48.39
C SER B 208 16.84 -38.80 -48.52
N ILE B 209 15.58 -38.41 -48.76
CA ILE B 209 15.26 -36.99 -48.82
C ILE B 209 15.56 -36.34 -47.48
N GLY B 210 15.02 -36.88 -46.39
CA GLY B 210 15.21 -36.26 -45.10
C GLY B 210 16.67 -36.23 -44.68
N MET B 211 17.39 -37.33 -44.91
CA MET B 211 18.76 -37.40 -44.44
C MET B 211 19.69 -36.52 -45.29
N LEU B 212 19.47 -36.47 -46.60
CA LEU B 212 20.32 -35.59 -47.40
C LEU B 212 19.94 -34.12 -47.25
N ALA B 213 18.67 -33.81 -46.97
CA ALA B 213 18.30 -32.42 -46.74
C ALA B 213 19.04 -31.86 -45.53
N ALA B 214 19.26 -32.71 -44.53
CA ALA B 214 19.97 -32.33 -43.32
C ALA B 214 21.48 -32.33 -43.51
N GLY B 215 21.96 -32.71 -44.70
CA GLY B 215 23.39 -32.67 -44.98
C GLY B 215 24.13 -33.90 -44.56
N ASN B 216 23.47 -35.06 -44.48
CA ASN B 216 24.10 -36.34 -44.19
C ASN B 216 24.29 -37.14 -45.47
N SER B 217 25.03 -38.23 -45.34
CA SER B 217 24.98 -39.35 -46.26
C SER B 217 24.34 -40.53 -45.53
N VAL B 218 23.77 -41.46 -46.30
CA VAL B 218 23.07 -42.60 -45.71
C VAL B 218 23.61 -43.88 -46.31
N VAL B 219 23.89 -44.86 -45.45
CA VAL B 219 24.16 -46.22 -45.85
C VAL B 219 22.93 -47.04 -45.58
N PHE B 220 22.45 -47.74 -46.59
CA PHE B 220 21.27 -48.57 -46.47
C PHE B 220 21.69 -50.03 -46.30
N SER B 221 21.08 -50.70 -45.32
CA SER B 221 21.05 -52.15 -45.20
C SER B 221 19.62 -52.60 -45.43
N PRO B 222 19.20 -52.86 -46.66
CA PRO B 222 17.82 -53.28 -46.90
C PRO B 222 17.62 -54.74 -46.55
N HIS B 223 16.36 -55.15 -46.55
CA HIS B 223 16.04 -56.54 -46.28
C HIS B 223 16.38 -57.39 -47.50
N PRO B 224 16.93 -58.58 -47.30
CA PRO B 224 17.23 -59.45 -48.45
C PRO B 224 16.00 -59.77 -49.30
N ARG B 225 14.82 -59.87 -48.69
CA ARG B 225 13.61 -60.14 -49.46
C ARG B 225 13.24 -59.03 -50.42
N ALA B 226 13.87 -57.85 -50.31
CA ALA B 226 13.64 -56.70 -51.16
C ALA B 226 14.95 -56.21 -51.78
N ARG B 227 15.93 -57.10 -51.90
CA ARG B 227 17.26 -56.74 -52.38
C ARG B 227 17.21 -56.06 -53.74
N GLN B 228 16.56 -56.71 -54.72
CA GLN B 228 16.62 -56.21 -56.09
C GLN B 228 16.00 -54.83 -56.21
N VAL B 229 14.80 -54.65 -55.64
CA VAL B 229 14.10 -53.37 -55.78
C VAL B 229 14.84 -52.27 -55.03
N SER B 230 15.50 -52.63 -53.92
CA SER B 230 16.25 -51.65 -53.14
C SER B 230 17.56 -51.29 -53.83
N LEU B 231 18.32 -52.29 -54.29
CA LEU B 231 19.54 -51.99 -55.03
C LEU B 231 19.23 -51.17 -56.28
N LEU B 232 18.14 -51.49 -56.97
CA LEU B 232 17.79 -50.71 -58.16
C LEU B 232 17.50 -49.27 -57.79
N LEU B 233 16.76 -49.06 -56.70
CA LEU B 233 16.43 -47.70 -56.27
C LEU B 233 17.67 -46.91 -55.92
N VAL B 234 18.56 -47.49 -55.11
CA VAL B 234 19.81 -46.80 -54.77
C VAL B 234 20.60 -46.47 -56.04
N ARG B 235 20.60 -47.39 -57.02
CA ARG B 235 21.32 -47.12 -58.25
C ARG B 235 20.67 -45.96 -59.01
N LEU B 236 19.33 -45.96 -59.13
CA LEU B 236 18.66 -44.87 -59.83
C LEU B 236 18.88 -43.54 -59.13
N ILE B 237 18.88 -43.53 -57.80
CA ILE B 237 19.20 -42.30 -57.06
C ILE B 237 20.63 -41.85 -57.40
N ASN B 238 21.59 -42.77 -57.38
CA ASN B 238 22.96 -42.42 -57.66
C ASN B 238 23.14 -41.90 -59.09
N GLN B 239 22.38 -42.42 -60.05
CA GLN B 239 22.48 -41.88 -61.41
C GLN B 239 21.98 -40.46 -61.47
N LYS B 240 20.84 -40.17 -60.84
CA LYS B 240 20.28 -38.83 -60.89
C LYS B 240 21.14 -37.83 -60.13
N LEU B 241 21.64 -38.22 -58.96
CA LEU B 241 22.50 -37.31 -58.20
C LEU B 241 23.80 -37.01 -58.96
N ALA B 242 24.29 -38.00 -59.72
CA ALA B 242 25.47 -37.77 -60.56
C ALA B 242 25.17 -36.71 -61.62
N ALA B 243 24.02 -36.81 -62.28
CA ALA B 243 23.67 -35.80 -63.28
C ALA B 243 23.57 -34.40 -62.68
N LEU B 244 23.30 -34.29 -61.37
CA LEU B 244 23.12 -33.01 -60.71
C LEU B 244 24.41 -32.46 -60.09
N GLY B 245 25.54 -33.13 -60.31
CA GLY B 245 26.78 -32.65 -59.74
C GLY B 245 26.98 -32.94 -58.27
N ALA B 246 26.28 -33.92 -57.72
CA ALA B 246 26.47 -34.26 -56.32
C ALA B 246 27.80 -34.98 -56.14
N PRO B 247 28.37 -34.92 -54.94
CA PRO B 247 29.46 -35.85 -54.62
C PRO B 247 28.93 -37.28 -54.73
N GLU B 248 29.78 -38.17 -55.24
CA GLU B 248 29.39 -39.56 -55.37
C GLU B 248 29.09 -40.15 -54.01
N ASN B 249 28.28 -41.21 -54.00
CA ASN B 249 28.08 -42.04 -52.82
C ASN B 249 27.38 -41.29 -51.68
N LEU B 250 26.54 -40.29 -51.98
CA LEU B 250 25.71 -39.71 -50.92
C LEU B 250 24.72 -40.74 -50.38
N VAL B 251 24.30 -41.68 -51.22
CA VAL B 251 23.41 -42.77 -50.85
C VAL B 251 24.03 -44.06 -51.36
N VAL B 252 24.29 -44.99 -50.44
CA VAL B 252 24.98 -46.22 -50.79
C VAL B 252 24.26 -47.41 -50.17
N THR B 253 24.57 -48.60 -50.70
CA THR B 253 24.17 -49.85 -50.07
C THR B 253 25.20 -50.93 -50.43
N VAL B 254 24.92 -52.17 -50.04
CA VAL B 254 25.81 -53.28 -50.34
C VAL B 254 25.20 -54.15 -51.42
N GLU B 255 26.07 -54.87 -52.13
CA GLU B 255 25.65 -55.71 -53.25
C GLU B 255 24.86 -56.92 -52.77
N LYS B 256 25.15 -57.41 -51.56
CA LYS B 256 24.50 -58.61 -51.02
C LYS B 256 24.02 -58.32 -49.60
N PRO B 257 22.85 -57.69 -49.46
CA PRO B 257 22.33 -57.39 -48.12
C PRO B 257 22.18 -58.67 -47.30
N SER B 258 22.35 -58.52 -46.00
CA SER B 258 22.28 -59.66 -45.08
C SER B 258 22.17 -59.13 -43.65
N ILE B 259 21.80 -60.02 -42.73
CA ILE B 259 21.88 -59.64 -41.33
C ILE B 259 23.34 -59.51 -40.91
N GLU B 260 24.25 -60.22 -41.55
CA GLU B 260 25.67 -60.04 -41.25
C GLU B 260 26.10 -58.63 -41.57
N ASN B 261 25.74 -58.13 -42.75
CA ASN B 261 26.16 -56.79 -43.15
C ASN B 261 25.50 -55.72 -42.29
N THR B 262 24.23 -55.91 -41.95
CA THR B 262 23.54 -54.98 -41.06
C THR B 262 24.26 -54.84 -39.73
N ASN B 263 24.64 -55.98 -39.12
CA ASN B 263 25.42 -55.93 -37.88
C ASN B 263 26.73 -55.18 -38.09
N ALA B 264 27.39 -55.40 -39.23
CA ALA B 264 28.64 -54.70 -39.51
C ALA B 264 28.41 -53.19 -39.59
N MET B 265 27.27 -52.78 -40.17
CA MET B 265 26.93 -51.37 -40.22
C MET B 265 26.70 -50.81 -38.82
N MET B 266 25.98 -51.56 -37.98
CA MET B 266 25.72 -51.09 -36.62
C MET B 266 27.01 -50.98 -35.81
N ALA B 267 28.03 -51.76 -36.16
CA ALA B 267 29.26 -51.80 -35.39
C ALA B 267 30.31 -50.85 -35.93
N HIS B 268 30.11 -50.29 -37.10
CA HIS B 268 31.20 -49.58 -37.75
C HIS B 268 31.42 -48.25 -37.05
N PRO B 269 32.65 -47.96 -36.61
CA PRO B 269 32.90 -46.72 -35.88
C PRO B 269 32.56 -45.44 -36.65
N LYS B 270 32.54 -45.46 -37.98
CA LYS B 270 32.30 -44.21 -38.70
C LYS B 270 30.82 -43.94 -38.98
N VAL B 271 29.91 -44.79 -38.51
CA VAL B 271 28.48 -44.53 -38.60
C VAL B 271 28.09 -43.75 -37.36
N ARG B 272 27.67 -42.49 -37.54
CA ARG B 272 27.35 -41.64 -36.42
C ARG B 272 25.96 -41.90 -35.85
N MET B 273 25.02 -42.36 -36.67
CA MET B 273 23.64 -42.52 -36.24
C MET B 273 23.02 -43.72 -36.96
N LEU B 274 22.09 -44.39 -36.28
CA LEU B 274 21.38 -45.54 -36.82
C LEU B 274 19.88 -45.24 -36.83
N VAL B 275 19.22 -45.56 -37.94
CA VAL B 275 17.78 -45.41 -38.09
C VAL B 275 17.23 -46.75 -38.53
N ALA B 276 16.40 -47.36 -37.70
CA ALA B 276 15.87 -48.69 -37.97
C ALA B 276 14.37 -48.61 -38.14
N THR B 277 13.88 -49.12 -39.27
CA THR B 277 12.45 -49.25 -39.53
C THR B 277 12.18 -50.74 -39.70
N GLY B 278 11.59 -51.35 -38.68
CA GLY B 278 11.35 -52.78 -38.71
C GLY B 278 10.67 -53.24 -37.45
N GLY B 279 10.84 -54.54 -37.15
CA GLY B 279 10.25 -55.13 -35.97
C GLY B 279 11.07 -54.85 -34.72
N PRO B 280 10.53 -55.24 -33.57
CA PRO B 280 11.17 -54.88 -32.29
C PRO B 280 12.56 -55.46 -32.15
N ALA B 281 12.84 -56.64 -32.72
CA ALA B 281 14.17 -57.21 -32.60
C ALA B 281 15.23 -56.26 -33.15
N ILE B 282 15.03 -55.76 -34.38
CA ILE B 282 16.05 -54.91 -34.98
C ILE B 282 16.05 -53.54 -34.31
N VAL B 283 14.92 -53.12 -33.73
CA VAL B 283 14.88 -51.84 -33.03
C VAL B 283 15.64 -51.93 -31.71
N LYS B 284 15.47 -53.04 -30.99
CA LYS B 284 16.26 -53.27 -29.79
C LYS B 284 17.75 -53.34 -30.11
N ALA B 285 18.10 -53.95 -31.25
CA ALA B 285 19.51 -54.11 -31.59
C ALA B 285 20.19 -52.77 -31.78
N VAL B 286 19.56 -51.86 -32.55
CA VAL B 286 20.22 -50.58 -32.84
C VAL B 286 20.35 -49.74 -31.58
N LEU B 287 19.40 -49.86 -30.64
CA LEU B 287 19.52 -49.23 -29.33
C LEU B 287 20.49 -49.96 -28.40
N SER B 288 21.22 -50.97 -28.91
CA SER B 288 22.24 -51.68 -28.13
C SER B 288 23.62 -51.54 -28.73
N THR B 289 23.85 -50.59 -29.61
CA THR B 289 25.10 -50.50 -30.36
C THR B 289 26.06 -49.49 -29.78
N GLY B 290 25.65 -48.73 -28.77
CA GLY B 290 26.49 -47.68 -28.24
C GLY B 290 26.48 -46.38 -29.02
N LYS B 291 25.56 -46.21 -29.96
CA LYS B 291 25.47 -44.93 -30.67
C LYS B 291 24.03 -44.45 -30.74
N LYS B 292 23.88 -43.24 -31.26
CA LYS B 292 22.56 -42.65 -31.43
C LYS B 292 21.74 -43.51 -32.38
N ALA B 293 20.53 -43.87 -31.95
CA ALA B 293 19.65 -44.65 -32.81
C ALA B 293 18.22 -44.11 -32.73
N ILE B 294 17.56 -44.06 -33.88
CA ILE B 294 16.12 -43.88 -33.96
C ILE B 294 15.48 -45.24 -34.24
N GLY B 295 14.52 -45.62 -33.41
CA GLY B 295 13.81 -46.88 -33.60
C GLY B 295 12.36 -46.68 -34.00
N ALA B 296 11.96 -47.21 -35.15
CA ALA B 296 10.60 -47.06 -35.66
C ALA B 296 9.81 -48.30 -35.32
N GLY B 297 8.96 -48.20 -34.29
CA GLY B 297 8.25 -49.33 -33.72
C GLY B 297 7.04 -49.77 -34.53
N ALA B 298 6.26 -50.65 -33.89
CA ALA B 298 5.10 -51.29 -34.51
C ALA B 298 3.96 -51.34 -33.50
N GLY B 299 2.83 -51.90 -33.90
CA GLY B 299 1.68 -51.95 -33.02
C GLY B 299 0.49 -52.57 -33.70
N ASN B 300 -0.62 -52.62 -32.94
CA ASN B 300 -1.87 -53.23 -33.37
C ASN B 300 -2.95 -52.15 -33.31
N PRO B 301 -3.05 -51.31 -34.35
CA PRO B 301 -3.96 -50.13 -34.28
C PRO B 301 -5.42 -50.53 -34.13
N PRO B 302 -6.05 -50.20 -33.01
CA PRO B 302 -7.49 -50.35 -32.90
C PRO B 302 -8.22 -49.18 -33.57
N VAL B 303 -9.39 -49.49 -34.12
CA VAL B 303 -10.31 -48.46 -34.61
C VAL B 303 -11.60 -48.57 -33.81
N VAL B 304 -11.92 -47.54 -33.05
CA VAL B 304 -13.07 -47.49 -32.18
C VAL B 304 -14.18 -46.73 -32.88
N VAL B 305 -15.38 -47.31 -32.90
CA VAL B 305 -16.56 -46.64 -33.44
C VAL B 305 -17.61 -46.57 -32.34
N ASP B 306 -18.13 -45.37 -32.08
CA ASP B 306 -19.19 -45.19 -31.09
C ASP B 306 -20.47 -44.73 -31.79
N GLU B 307 -21.52 -44.53 -30.99
CA GLU B 307 -22.85 -44.27 -31.54
C GLU B 307 -23.01 -42.87 -32.10
N THR B 308 -22.03 -41.98 -31.92
CA THR B 308 -22.05 -40.65 -32.50
C THR B 308 -21.37 -40.59 -33.85
N ALA B 309 -20.66 -41.65 -34.23
CA ALA B 309 -19.96 -41.64 -35.51
C ALA B 309 -20.94 -41.55 -36.66
N ASN B 310 -20.48 -40.99 -37.75
CA ASN B 310 -21.09 -41.17 -39.07
C ASN B 310 -20.69 -42.56 -39.57
N ILE B 311 -21.60 -43.51 -39.44
CA ILE B 311 -21.30 -44.92 -39.69
C ILE B 311 -21.10 -45.20 -41.18
N GLU B 312 -21.81 -44.49 -42.05
CA GLU B 312 -21.64 -44.75 -43.48
C GLU B 312 -20.23 -44.34 -43.93
N LYS B 313 -19.72 -43.25 -43.38
CA LYS B 313 -18.36 -42.84 -43.70
C LYS B 313 -17.35 -43.68 -42.92
N ALA B 314 -17.65 -44.02 -41.68
CA ALA B 314 -16.73 -44.84 -40.91
C ALA B 314 -16.44 -46.14 -41.64
N ALA B 315 -17.49 -46.84 -42.09
CA ALA B 315 -17.30 -48.12 -42.74
C ALA B 315 -16.43 -47.97 -43.98
N CYS B 316 -16.73 -46.99 -44.82
CA CYS B 316 -15.92 -46.73 -45.98
C CYS B 316 -14.46 -46.48 -45.59
N ASP B 317 -14.23 -45.56 -44.63
CA ASP B 317 -12.86 -45.25 -44.22
C ASP B 317 -12.17 -46.47 -43.63
N ILE B 318 -12.91 -47.33 -42.92
CA ILE B 318 -12.28 -48.47 -42.25
C ILE B 318 -11.86 -49.52 -43.28
N VAL B 319 -12.71 -49.79 -44.26
CA VAL B 319 -12.36 -50.70 -45.34
C VAL B 319 -11.13 -50.20 -46.08
N ASN B 320 -11.13 -48.91 -46.45
CA ASN B 320 -10.02 -48.33 -47.19
C ASN B 320 -8.71 -48.40 -46.40
N GLY B 321 -8.75 -48.04 -45.12
CA GLY B 321 -7.53 -48.03 -44.34
C GLY B 321 -6.99 -49.43 -44.09
N CYS B 322 -7.89 -50.37 -43.81
CA CYS B 322 -7.48 -51.73 -43.51
C CYS B 322 -6.88 -52.42 -44.73
N SER B 323 -7.48 -52.22 -45.90
CA SER B 323 -7.05 -52.89 -47.12
C SER B 323 -5.92 -52.16 -47.84
N PHE B 324 -5.46 -51.03 -47.31
CA PHE B 324 -4.40 -50.28 -47.96
C PHE B 324 -3.12 -51.10 -47.97
N ASP B 325 -2.59 -51.32 -49.18
CA ASP B 325 -1.40 -52.14 -49.38
C ASP B 325 -1.56 -53.50 -48.72
N ASN B 326 -2.81 -53.98 -48.69
CA ASN B 326 -3.16 -55.28 -48.10
C ASN B 326 -2.78 -55.36 -46.63
N ASN B 327 -3.00 -54.26 -45.90
CA ASN B 327 -2.81 -54.15 -44.45
C ASN B 327 -1.35 -54.21 -44.05
N LEU B 328 -0.43 -54.10 -45.02
CA LEU B 328 0.98 -53.89 -44.70
C LEU B 328 1.24 -52.65 -43.84
N PRO B 329 0.76 -51.45 -44.19
CA PRO B 329 1.35 -50.22 -43.65
C PRO B 329 1.34 -50.16 -42.12
N CYS B 330 2.27 -49.35 -41.62
CA CYS B 330 2.52 -49.24 -40.18
C CYS B 330 1.28 -48.81 -39.40
N VAL B 331 0.28 -48.23 -40.06
CA VAL B 331 -0.86 -47.62 -39.38
C VAL B 331 -2.17 -48.32 -39.70
N ALA B 332 -2.17 -49.34 -40.55
CA ALA B 332 -3.40 -49.89 -41.10
C ALA B 332 -4.25 -50.55 -40.00
N GLU B 333 -5.56 -50.29 -40.05
CA GLU B 333 -6.49 -50.78 -39.05
C GLU B 333 -6.42 -52.29 -38.91
N LYS B 334 -6.41 -52.78 -37.66
CA LYS B 334 -6.21 -54.20 -37.43
C LYS B 334 -7.26 -54.86 -36.53
N GLU B 335 -8.18 -54.10 -35.93
CA GLU B 335 -9.37 -54.65 -35.29
C GLU B 335 -10.35 -53.51 -35.03
N ILE B 336 -11.64 -53.79 -35.18
CA ILE B 336 -12.70 -52.83 -34.89
C ILE B 336 -13.22 -53.11 -33.50
N ILE B 337 -13.40 -52.05 -32.72
CA ILE B 337 -14.00 -52.13 -31.40
C ILE B 337 -15.25 -51.25 -31.47
N ALA B 338 -16.42 -51.88 -31.58
CA ALA B 338 -17.65 -51.21 -31.96
C ALA B 338 -18.62 -51.11 -30.78
N VAL B 339 -19.21 -49.93 -30.59
CA VAL B 339 -20.23 -49.77 -29.56
C VAL B 339 -21.49 -50.50 -30.00
N ALA B 340 -22.02 -51.33 -29.09
CA ALA B 340 -23.01 -52.34 -29.48
C ALA B 340 -24.19 -51.73 -30.23
N GLN B 341 -24.73 -50.61 -29.76
CA GLN B 341 -25.95 -50.08 -30.36
C GLN B 341 -25.80 -49.67 -31.81
N ILE B 342 -24.58 -49.54 -32.35
CA ILE B 342 -24.39 -49.27 -33.76
C ILE B 342 -23.63 -50.38 -34.47
N ALA B 343 -23.31 -51.48 -33.77
CA ALA B 343 -22.41 -52.50 -34.29
C ALA B 343 -22.94 -53.12 -35.58
N ASP B 344 -24.20 -53.58 -35.55
CA ASP B 344 -24.79 -54.22 -36.71
C ASP B 344 -25.01 -53.23 -37.84
N TYR B 345 -25.30 -51.97 -37.52
CA TYR B 345 -25.39 -50.99 -38.59
C TYR B 345 -24.03 -50.75 -39.22
N LEU B 346 -22.97 -50.81 -38.40
CA LEU B 346 -21.61 -50.73 -38.91
C LEU B 346 -21.29 -51.90 -39.84
N ILE B 347 -21.55 -53.15 -39.37
CA ILE B 347 -21.29 -54.34 -40.18
C ILE B 347 -22.05 -54.27 -41.49
N PHE B 348 -23.27 -53.74 -41.46
CA PHE B 348 -24.07 -53.65 -42.67
C PHE B 348 -23.39 -52.74 -43.69
N ASN B 349 -22.89 -51.58 -43.24
CA ASN B 349 -22.20 -50.66 -44.14
C ASN B 349 -20.82 -51.17 -44.53
N LEU B 350 -20.16 -51.95 -43.67
CA LEU B 350 -18.85 -52.51 -44.04
C LEU B 350 -18.99 -53.45 -45.23
N LYS B 351 -20.00 -54.32 -45.21
CA LYS B 351 -20.24 -55.22 -46.34
C LYS B 351 -20.61 -54.43 -47.59
N LYS B 352 -21.35 -53.33 -47.44
CA LYS B 352 -21.67 -52.49 -48.58
C LYS B 352 -20.42 -51.83 -49.19
N ASN B 353 -19.35 -51.70 -48.43
CA ASN B 353 -18.12 -51.06 -48.90
C ASN B 353 -17.02 -52.06 -49.23
N GLY B 354 -17.37 -53.33 -49.40
CA GLY B 354 -16.44 -54.33 -49.85
C GLY B 354 -15.88 -55.25 -48.78
N ALA B 355 -16.59 -55.44 -47.68
CA ALA B 355 -16.20 -56.43 -46.67
C ALA B 355 -16.93 -57.73 -46.91
N TYR B 356 -16.19 -58.83 -46.94
CA TYR B 356 -16.79 -60.15 -46.91
C TYR B 356 -16.91 -60.57 -45.45
N GLU B 357 -18.13 -60.71 -44.97
CA GLU B 357 -18.34 -61.16 -43.60
C GLU B 357 -18.39 -62.68 -43.55
N ILE B 358 -17.50 -63.25 -42.74
CA ILE B 358 -17.57 -64.65 -42.35
C ILE B 358 -18.40 -64.77 -41.07
N LYS B 359 -19.46 -65.57 -41.13
CA LYS B 359 -20.25 -65.87 -39.94
C LYS B 359 -20.21 -67.35 -39.56
N ASP B 360 -19.92 -68.24 -40.50
CA ASP B 360 -19.87 -69.68 -40.24
C ASP B 360 -18.63 -70.02 -39.43
N PRO B 361 -18.76 -70.61 -38.25
CA PRO B 361 -17.55 -70.95 -37.47
C PRO B 361 -16.65 -71.95 -38.16
N ALA B 362 -17.22 -72.83 -38.98
CA ALA B 362 -16.41 -73.78 -39.75
C ALA B 362 -15.45 -73.05 -40.68
N VAL B 363 -15.96 -72.12 -41.49
CA VAL B 363 -15.13 -71.39 -42.43
C VAL B 363 -14.16 -70.47 -41.70
N LEU B 364 -14.62 -69.81 -40.64
CA LEU B 364 -13.71 -69.02 -39.83
C LEU B 364 -12.54 -69.86 -39.34
N GLN B 365 -12.80 -71.12 -38.97
CA GLN B 365 -11.73 -71.99 -38.54
C GLN B 365 -10.80 -72.34 -39.70
N GLN B 366 -11.36 -72.52 -40.90
CA GLN B 366 -10.51 -72.80 -42.06
C GLN B 366 -9.52 -71.67 -42.29
N LEU B 367 -9.98 -70.41 -42.19
CA LEU B 367 -9.10 -69.27 -42.41
C LEU B 367 -8.04 -69.17 -41.33
N GLN B 368 -8.38 -69.50 -40.08
CA GLN B 368 -7.38 -69.54 -39.03
C GLN B 368 -6.31 -70.58 -39.33
N ASP B 369 -6.73 -71.76 -39.82
CA ASP B 369 -5.74 -72.76 -40.19
C ASP B 369 -4.78 -72.20 -41.22
N LEU B 370 -5.30 -71.40 -42.15
CA LEU B 370 -4.50 -70.93 -43.29
C LEU B 370 -3.58 -69.79 -42.90
N VAL B 371 -4.02 -68.89 -42.02
CA VAL B 371 -3.26 -67.66 -41.76
C VAL B 371 -2.51 -67.69 -40.45
N LEU B 372 -2.66 -68.76 -39.66
CA LEU B 372 -1.95 -68.89 -38.39
C LEU B 372 -1.02 -70.10 -38.43
N THR B 373 0.17 -69.93 -37.86
CA THR B 373 1.09 -71.05 -37.73
C THR B 373 0.75 -71.87 -36.49
N ALA B 374 1.40 -73.04 -36.38
CA ALA B 374 1.18 -73.88 -35.20
C ALA B 374 1.45 -73.14 -33.91
N LYS B 375 2.39 -72.19 -33.93
CA LYS B 375 2.71 -71.35 -32.77
C LYS B 375 1.77 -70.15 -32.61
N GLY B 376 0.64 -70.13 -33.31
CA GLY B 376 -0.29 -69.03 -33.14
C GLY B 376 0.13 -67.72 -33.77
N GLY B 377 1.21 -67.71 -34.53
CA GLY B 377 1.62 -66.52 -35.25
C GLY B 377 1.14 -66.52 -36.69
N PRO B 378 1.19 -65.34 -37.32
CA PRO B 378 0.74 -65.23 -38.71
C PRO B 378 1.67 -65.94 -39.68
N GLN B 379 1.07 -66.57 -40.68
CA GLN B 379 1.84 -67.19 -41.75
C GLN B 379 2.46 -66.11 -42.64
N THR B 380 3.78 -66.17 -42.84
CA THR B 380 4.41 -65.21 -43.75
C THR B 380 3.97 -65.44 -45.19
N LYS B 381 3.65 -66.69 -45.53
CA LYS B 381 3.00 -67.04 -46.79
C LYS B 381 1.77 -66.19 -47.08
N CYS B 382 1.09 -65.66 -46.05
CA CYS B 382 -0.15 -64.92 -46.21
C CYS B 382 -0.02 -63.43 -45.91
N VAL B 383 1.14 -62.96 -45.46
CA VAL B 383 1.30 -61.56 -45.08
C VAL B 383 1.18 -60.69 -46.33
N GLY B 384 0.25 -59.74 -46.27
CA GLY B 384 0.08 -58.80 -47.36
C GLY B 384 -0.61 -59.32 -48.59
N LYS B 385 -1.25 -60.48 -48.54
CA LYS B 385 -2.04 -60.90 -49.70
C LYS B 385 -3.43 -60.26 -49.64
N SER B 386 -4.06 -60.14 -50.81
CA SER B 386 -5.39 -59.56 -50.88
C SER B 386 -6.41 -60.44 -50.16
N ALA B 387 -7.59 -59.87 -49.91
CA ALA B 387 -8.70 -60.65 -49.38
C ALA B 387 -9.21 -61.65 -50.41
N VAL B 388 -9.26 -61.24 -51.68
CA VAL B 388 -9.58 -62.17 -52.77
C VAL B 388 -8.70 -63.41 -52.68
N TRP B 389 -7.39 -63.19 -52.59
CA TRP B 389 -6.46 -64.31 -52.57
C TRP B 389 -6.71 -65.20 -51.35
N LEU B 390 -6.80 -64.59 -50.16
CA LEU B 390 -6.95 -65.38 -48.95
C LEU B 390 -8.26 -66.16 -48.94
N LEU B 391 -9.33 -65.55 -49.45
CA LEU B 391 -10.58 -66.28 -49.58
C LEU B 391 -10.45 -67.42 -50.60
N SER B 392 -9.77 -67.17 -51.72
CA SER B 392 -9.58 -68.23 -52.71
C SER B 392 -8.86 -69.43 -52.10
N GLN B 393 -7.91 -69.18 -51.20
CA GLN B 393 -7.17 -70.28 -50.58
C GLN B 393 -8.02 -71.14 -49.65
N ILE B 394 -9.27 -70.77 -49.39
CA ILE B 394 -10.12 -71.63 -48.56
C ILE B 394 -11.39 -71.94 -49.33
N GLY B 395 -11.28 -71.93 -50.66
CA GLY B 395 -12.36 -72.40 -51.51
C GLY B 395 -13.49 -71.42 -51.67
N ILE B 396 -13.27 -70.15 -51.39
CA ILE B 396 -14.27 -69.10 -51.56
C ILE B 396 -13.82 -68.19 -52.70
N SER B 397 -14.62 -68.14 -53.74
CA SER B 397 -14.36 -67.30 -54.90
C SER B 397 -15.20 -66.03 -54.78
N VAL B 398 -14.54 -64.87 -54.86
CA VAL B 398 -15.20 -63.58 -54.80
C VAL B 398 -14.49 -62.64 -55.78
N ASP B 399 -15.20 -61.62 -56.23
CA ASP B 399 -14.65 -60.70 -57.22
C ASP B 399 -13.81 -59.62 -56.55
N ALA B 400 -13.39 -58.62 -57.31
CA ALA B 400 -12.42 -57.63 -56.84
C ALA B 400 -13.04 -56.54 -55.98
N SER B 401 -14.36 -56.53 -55.82
CA SER B 401 -14.97 -55.57 -54.91
C SER B 401 -14.74 -55.95 -53.45
N ILE B 402 -14.34 -57.20 -53.18
CA ILE B 402 -14.12 -57.62 -51.80
C ILE B 402 -12.70 -57.19 -51.41
N LYS B 403 -12.61 -56.30 -50.43
CA LYS B 403 -11.33 -55.71 -50.01
C LYS B 403 -10.83 -56.25 -48.68
N ILE B 404 -11.72 -56.63 -47.76
CA ILE B 404 -11.32 -57.13 -46.46
C ILE B 404 -12.16 -58.35 -46.11
N ILE B 405 -11.63 -59.17 -45.21
CA ILE B 405 -12.38 -60.25 -44.59
C ILE B 405 -12.79 -59.79 -43.20
N LEU B 406 -14.08 -59.84 -42.92
CA LEU B 406 -14.65 -59.28 -41.71
C LEU B 406 -15.34 -60.38 -40.92
N MET B 407 -15.17 -60.34 -39.60
CA MET B 407 -15.83 -61.32 -38.75
C MET B 407 -15.96 -60.71 -37.36
N GLU B 408 -17.05 -61.04 -36.69
CA GLU B 408 -17.26 -60.65 -35.30
C GLU B 408 -16.83 -61.78 -34.38
N VAL B 409 -15.90 -61.48 -33.48
CA VAL B 409 -15.28 -62.49 -32.62
C VAL B 409 -15.14 -61.93 -31.21
N PRO B 410 -14.87 -62.76 -30.20
CA PRO B 410 -14.54 -62.22 -28.87
C PRO B 410 -13.15 -61.59 -28.85
N ARG B 411 -12.95 -60.73 -27.84
CA ARG B 411 -11.76 -59.89 -27.75
C ARG B 411 -10.45 -60.68 -27.63
N GLU B 412 -10.52 -61.94 -27.21
CA GLU B 412 -9.32 -62.77 -27.09
C GLU B 412 -9.00 -63.54 -28.36
N HIS B 413 -9.83 -63.43 -29.39
CA HIS B 413 -9.59 -64.18 -30.61
C HIS B 413 -8.22 -63.85 -31.17
N PRO B 414 -7.50 -64.83 -31.74
CA PRO B 414 -6.13 -64.55 -32.20
C PRO B 414 -6.05 -63.43 -33.22
N PHE B 415 -7.07 -63.30 -34.08
CA PHE B 415 -7.05 -62.23 -35.06
C PHE B 415 -7.02 -60.86 -34.39
N VAL B 416 -7.63 -60.75 -33.21
CA VAL B 416 -7.58 -59.50 -32.46
C VAL B 416 -6.22 -59.30 -31.83
N GLN B 417 -5.68 -60.34 -31.18
CA GLN B 417 -4.49 -60.15 -30.37
C GLN B 417 -3.22 -60.06 -31.21
N GLU B 418 -3.06 -60.93 -32.21
CA GLU B 418 -1.89 -60.80 -33.07
C GLU B 418 -2.02 -59.55 -33.96
N GLU B 419 -0.96 -59.32 -34.73
CA GLU B 419 -0.94 -58.33 -35.80
C GLU B 419 -0.64 -59.10 -37.08
N LEU B 420 -1.69 -59.43 -37.85
CA LEU B 420 -1.53 -60.30 -39.00
C LEU B 420 -0.85 -59.59 -40.16
N MET B 421 -1.08 -58.27 -40.32
CA MET B 421 -0.72 -57.55 -41.55
C MET B 421 -1.38 -58.23 -42.75
N MET B 422 -2.68 -58.47 -42.63
CA MET B 422 -3.53 -59.05 -43.65
C MET B 422 -4.86 -58.31 -43.65
N PRO B 423 -5.48 -58.15 -44.82
CA PRO B 423 -6.80 -57.49 -44.86
C PRO B 423 -7.87 -58.33 -44.20
N ILE B 424 -7.65 -58.67 -42.93
CA ILE B 424 -8.56 -59.46 -42.12
C ILE B 424 -8.86 -58.63 -40.88
N LEU B 425 -10.13 -58.34 -40.67
CA LEU B 425 -10.54 -57.29 -39.73
C LEU B 425 -11.54 -57.82 -38.73
N PRO B 426 -11.09 -58.29 -37.58
CA PRO B 426 -12.03 -58.73 -36.56
C PRO B 426 -12.76 -57.53 -35.96
N LEU B 427 -14.02 -57.76 -35.57
CA LEU B 427 -14.82 -56.77 -34.88
C LEU B 427 -15.16 -57.33 -33.51
N VAL B 428 -14.93 -56.54 -32.47
CA VAL B 428 -15.33 -56.88 -31.12
C VAL B 428 -16.43 -55.93 -30.68
N ARG B 429 -17.53 -56.49 -30.19
CA ARG B 429 -18.67 -55.71 -29.73
C ARG B 429 -18.50 -55.43 -28.24
N VAL B 430 -18.57 -54.15 -27.86
CA VAL B 430 -18.58 -53.77 -26.46
C VAL B 430 -19.81 -52.89 -26.24
N GLU B 431 -20.09 -52.62 -24.96
CA GLU B 431 -21.37 -52.01 -24.56
C GLU B 431 -21.38 -50.50 -24.71
N THR B 432 -20.39 -49.81 -24.13
CA THR B 432 -20.33 -48.35 -24.11
C THR B 432 -19.09 -47.84 -24.82
N VAL B 433 -19.07 -46.53 -25.07
CA VAL B 433 -17.91 -45.90 -25.67
C VAL B 433 -16.72 -45.92 -24.70
N ASP B 434 -16.97 -45.88 -23.39
CA ASP B 434 -15.89 -45.97 -22.42
C ASP B 434 -15.29 -47.38 -22.36
N ASP B 435 -16.10 -48.41 -22.63
CA ASP B 435 -15.54 -49.76 -22.71
C ASP B 435 -14.71 -49.92 -23.98
N ALA B 436 -15.15 -49.28 -25.07
CA ALA B 436 -14.39 -49.33 -26.30
C ALA B 436 -13.02 -48.71 -26.12
N ILE B 437 -12.94 -47.61 -25.38
CA ILE B 437 -11.67 -46.92 -25.17
C ILE B 437 -10.74 -47.79 -24.31
N ASP B 438 -11.25 -48.29 -23.19
CA ASP B 438 -10.47 -49.21 -22.35
C ASP B 438 -9.98 -50.42 -23.14
N LEU B 439 -10.85 -51.03 -23.94
CA LEU B 439 -10.39 -52.20 -24.72
C LEU B 439 -9.34 -51.79 -25.74
N ALA B 440 -9.55 -50.64 -26.40
CA ALA B 440 -8.57 -50.17 -27.37
C ALA B 440 -7.21 -49.92 -26.71
N ILE B 441 -7.20 -49.41 -25.48
CA ILE B 441 -5.94 -49.21 -24.77
C ILE B 441 -5.29 -50.55 -24.48
N GLU B 442 -6.11 -51.55 -24.10
CA GLU B 442 -5.57 -52.88 -23.80
C GLU B 442 -5.04 -53.55 -25.07
N VAL B 443 -5.86 -53.63 -26.12
CA VAL B 443 -5.45 -54.36 -27.32
C VAL B 443 -4.30 -53.66 -28.03
N GLU B 444 -4.04 -52.40 -27.71
CA GLU B 444 -2.91 -51.73 -28.31
C GLU B 444 -1.60 -52.15 -27.66
N HIS B 445 -1.67 -52.99 -26.63
CA HIS B 445 -0.51 -53.66 -26.03
C HIS B 445 0.58 -52.68 -25.62
N ASP B 446 0.19 -51.45 -25.25
CA ASP B 446 1.14 -50.42 -24.81
C ASP B 446 2.22 -50.16 -25.86
N ASN B 447 1.92 -50.37 -27.14
CA ASN B 447 2.81 -49.88 -28.18
C ASN B 447 2.71 -48.37 -28.30
N ARG B 448 1.54 -47.81 -28.04
CA ARG B 448 1.23 -46.39 -28.28
C ARG B 448 1.85 -45.90 -29.58
N HIS B 449 1.59 -46.68 -30.63
CA HIS B 449 2.00 -46.34 -32.00
C HIS B 449 0.86 -45.60 -32.69
N THR B 450 -0.23 -46.31 -32.99
CA THR B 450 -1.34 -45.77 -33.75
C THR B 450 -2.66 -46.22 -33.12
N ALA B 451 -3.68 -45.36 -33.22
CA ALA B 451 -5.04 -45.74 -32.94
C ALA B 451 -5.98 -44.81 -33.71
N ILE B 452 -7.17 -45.31 -34.03
CA ILE B 452 -8.14 -44.58 -34.82
C ILE B 452 -9.45 -44.56 -34.03
N MET B 453 -10.23 -43.50 -34.20
CA MET B 453 -11.55 -43.39 -33.58
C MET B 453 -12.53 -42.73 -34.53
N HIS B 454 -13.71 -43.34 -34.70
CA HIS B 454 -14.80 -42.69 -35.40
C HIS B 454 -15.83 -42.26 -34.38
N SER B 455 -16.03 -40.95 -34.28
CA SER B 455 -16.87 -40.34 -33.27
C SER B 455 -16.96 -38.84 -33.56
N THR B 456 -18.14 -38.26 -33.29
CA THR B 456 -18.34 -36.82 -33.40
C THR B 456 -18.35 -36.14 -32.04
N ASP B 457 -18.27 -36.90 -30.95
CA ASP B 457 -18.31 -36.32 -29.61
C ASP B 457 -16.93 -35.81 -29.21
N VAL B 458 -16.80 -34.48 -29.13
CA VAL B 458 -15.51 -33.86 -28.84
C VAL B 458 -14.95 -34.27 -27.47
N ARG B 459 -15.81 -34.76 -26.58
CA ARG B 459 -15.31 -35.25 -25.29
C ARG B 459 -14.73 -36.67 -25.40
N LYS B 460 -15.34 -37.52 -26.24
CA LYS B 460 -14.86 -38.89 -26.34
C LYS B 460 -13.65 -38.98 -27.26
N LEU B 461 -13.62 -38.17 -28.32
CA LEU B 461 -12.40 -38.05 -29.11
C LEU B 461 -11.23 -37.60 -28.25
N THR B 462 -11.49 -36.63 -27.35
CA THR B 462 -10.44 -36.11 -26.48
C THR B 462 -10.02 -37.14 -25.43
N LYS B 463 -10.99 -37.82 -24.83
CA LYS B 463 -10.67 -38.81 -23.81
C LYS B 463 -9.85 -39.95 -24.38
N MET B 464 -10.24 -40.47 -25.54
CA MET B 464 -9.50 -41.59 -26.10
C MET B 464 -8.09 -41.17 -26.49
N ALA B 465 -7.97 -40.08 -27.26
CA ALA B 465 -6.65 -39.61 -27.69
C ALA B 465 -5.75 -39.33 -26.49
N LYS B 466 -6.30 -38.69 -25.47
CA LYS B 466 -5.49 -38.37 -24.30
C LYS B 466 -5.04 -39.64 -23.56
N LEU B 467 -5.94 -40.63 -23.41
CA LEU B 467 -5.60 -41.81 -22.61
C LEU B 467 -4.70 -42.79 -23.35
N ILE B 468 -4.95 -43.02 -24.65
CA ILE B 468 -4.19 -44.07 -25.34
C ILE B 468 -2.78 -43.61 -25.72
N GLN B 469 -2.56 -42.30 -25.82
CA GLN B 469 -1.21 -41.75 -25.90
C GLN B 469 -0.42 -42.30 -27.09
N THR B 470 -1.08 -42.47 -28.23
CA THR B 470 -0.38 -43.01 -29.40
C THR B 470 0.39 -41.91 -30.13
N THR B 471 1.46 -42.34 -30.81
CA THR B 471 2.22 -41.42 -31.66
C THR B 471 1.33 -40.81 -32.75
N ILE B 472 0.47 -41.63 -33.36
CA ILE B 472 -0.48 -41.17 -34.35
C ILE B 472 -1.88 -41.43 -33.85
N PHE B 473 -2.75 -40.42 -33.91
CA PHE B 473 -4.17 -40.60 -33.63
C PHE B 473 -4.98 -39.96 -34.75
N VAL B 474 -5.83 -40.76 -35.40
CA VAL B 474 -6.65 -40.34 -36.53
C VAL B 474 -8.11 -40.34 -36.11
N LYS B 475 -8.81 -39.23 -36.36
CA LYS B 475 -10.21 -39.10 -35.98
C LYS B 475 -11.07 -38.88 -37.22
N ASN B 476 -11.99 -39.83 -37.47
CA ASN B 476 -13.03 -39.74 -38.51
C ASN B 476 -12.44 -39.75 -39.91
N GLY B 477 -11.43 -40.58 -40.11
CA GLY B 477 -10.83 -40.80 -41.40
C GLY B 477 -10.11 -42.12 -41.44
N PRO B 478 -9.67 -42.54 -42.63
CA PRO B 478 -8.86 -43.75 -42.73
C PRO B 478 -7.54 -43.53 -42.01
N SER B 479 -6.98 -44.62 -41.48
CA SER B 479 -5.71 -44.54 -40.78
C SER B 479 -4.64 -43.82 -41.61
N TYR B 480 -4.58 -44.07 -42.92
CA TYR B 480 -3.52 -43.44 -43.70
C TYR B 480 -3.64 -41.92 -43.78
N ALA B 481 -4.67 -41.30 -43.19
CA ALA B 481 -4.67 -39.86 -43.03
C ALA B 481 -3.64 -39.39 -42.01
N GLY B 482 -3.12 -40.30 -41.18
CA GLY B 482 -2.07 -39.94 -40.26
C GLY B 482 -0.71 -39.85 -40.89
N LEU B 483 -0.60 -40.17 -42.17
CA LEU B 483 0.66 -40.08 -42.90
C LEU B 483 0.60 -39.05 -44.01
N GLY B 484 -0.39 -38.17 -44.00
CA GLY B 484 -0.48 -37.11 -44.98
C GLY B 484 -1.38 -37.38 -46.16
N ALA B 485 -2.05 -38.54 -46.19
CA ALA B 485 -2.92 -38.92 -47.29
C ALA B 485 -4.36 -38.73 -46.82
N GLY B 486 -4.90 -37.54 -47.05
CA GLY B 486 -6.21 -37.20 -46.52
C GLY B 486 -6.21 -36.61 -45.13
N GLY B 487 -5.03 -36.30 -44.57
CA GLY B 487 -4.95 -35.53 -43.34
C GLY B 487 -3.84 -34.51 -43.44
N GLU B 488 -3.93 -33.47 -42.61
CA GLU B 488 -2.95 -32.40 -42.69
C GLU B 488 -1.60 -32.89 -42.14
N GLY B 489 -0.53 -32.25 -42.59
CA GLY B 489 0.81 -32.61 -42.16
C GLY B 489 1.56 -33.41 -43.21
N TYR B 490 2.84 -33.59 -42.93
CA TYR B 490 3.75 -34.21 -43.89
C TYR B 490 3.71 -35.74 -43.77
N SER B 491 4.43 -36.41 -44.67
CA SER B 491 4.45 -37.86 -44.68
C SER B 491 5.79 -38.39 -44.20
N THR B 492 5.79 -39.66 -43.82
CA THR B 492 7.01 -40.38 -43.48
C THR B 492 6.70 -41.87 -43.48
N PHE B 493 7.74 -42.67 -43.53
CA PHE B 493 7.57 -44.11 -43.36
C PHE B 493 8.52 -44.64 -42.30
N THR B 494 9.08 -43.75 -41.50
CA THR B 494 9.81 -44.09 -40.29
C THR B 494 9.11 -43.35 -39.16
N ILE B 495 8.21 -44.06 -38.47
CA ILE B 495 7.43 -43.57 -37.35
C ILE B 495 8.09 -44.07 -36.08
N ALA B 496 8.71 -43.15 -35.33
CA ALA B 496 9.54 -43.55 -34.21
C ALA B 496 8.67 -44.12 -33.11
N GLY B 497 9.10 -45.24 -32.54
CA GLY B 497 8.36 -45.85 -31.46
C GLY B 497 9.03 -45.58 -30.13
N PRO B 498 10.03 -46.40 -29.80
CA PRO B 498 10.68 -46.28 -28.49
C PRO B 498 11.37 -44.94 -28.29
N THR B 499 11.88 -44.32 -29.35
CA THR B 499 12.77 -43.17 -29.19
C THR B 499 12.04 -41.84 -29.29
N GLY B 500 10.74 -41.85 -29.57
CA GLY B 500 9.88 -40.70 -29.36
C GLY B 500 10.00 -39.52 -30.31
N GLU B 501 10.65 -39.70 -31.47
CA GLU B 501 10.76 -38.60 -32.43
C GLU B 501 9.48 -38.33 -33.17
N GLY B 502 8.53 -39.25 -33.16
CA GLY B 502 7.27 -39.08 -33.88
C GLY B 502 7.39 -39.43 -35.36
N LEU B 503 6.79 -38.62 -36.21
CA LEU B 503 6.93 -38.79 -37.65
C LEU B 503 8.25 -38.17 -38.10
N THR B 504 9.25 -39.02 -38.33
CA THR B 504 10.60 -38.52 -38.65
C THR B 504 10.61 -37.71 -39.92
N SER B 505 11.52 -36.74 -39.96
CA SER B 505 11.75 -35.86 -41.09
C SER B 505 13.18 -35.36 -40.97
N ALA B 506 13.57 -34.47 -41.91
CA ALA B 506 14.93 -33.94 -41.92
C ALA B 506 15.42 -33.54 -40.52
N LYS B 507 14.57 -32.82 -39.77
CA LYS B 507 14.90 -32.42 -38.40
C LYS B 507 15.37 -33.58 -37.55
N SER B 508 14.73 -34.76 -37.71
CA SER B 508 15.09 -35.90 -36.89
C SER B 508 16.52 -36.38 -37.15
N PHE B 509 17.11 -36.00 -38.28
CA PHE B 509 18.42 -36.50 -38.66
C PHE B 509 19.48 -35.41 -38.57
N ALA B 510 19.29 -34.47 -37.64
CA ALA B 510 20.17 -33.34 -37.48
C ALA B 510 20.61 -33.23 -36.03
N ARG B 511 21.78 -32.63 -35.83
CA ARG B 511 22.24 -32.18 -34.51
C ARG B 511 21.79 -30.75 -34.28
N ARG B 512 21.28 -30.46 -33.10
N ARG B 512 21.27 -30.47 -33.09
CA ARG B 512 20.83 -29.10 -32.77
CA ARG B 512 20.87 -29.14 -32.71
C ARG B 512 22.02 -28.30 -32.24
C ARG B 512 22.10 -28.34 -32.28
N ARG B 513 22.35 -27.20 -32.92
CA ARG B 513 23.50 -26.36 -32.58
C ARG B 513 23.05 -24.96 -32.18
N LYS B 514 23.78 -24.37 -31.22
CA LYS B 514 23.44 -23.09 -30.61
C LYS B 514 24.62 -22.14 -30.78
N CYS B 515 24.36 -21.00 -31.42
CA CYS B 515 25.38 -20.01 -31.72
C CYS B 515 24.98 -18.71 -31.03
N VAL B 516 25.84 -18.23 -30.14
CA VAL B 516 25.50 -17.13 -29.24
C VAL B 516 26.37 -15.93 -29.61
N MET B 517 25.74 -14.90 -30.17
CA MET B 517 26.41 -13.63 -30.46
C MET B 517 26.17 -12.72 -29.26
N VAL B 518 27.19 -12.58 -28.41
CA VAL B 518 27.08 -11.86 -27.14
C VAL B 518 27.08 -10.36 -27.43
N GLU B 519 25.97 -9.69 -27.07
CA GLU B 519 25.88 -8.23 -27.10
C GLU B 519 26.11 -7.65 -28.50
N ALA B 520 25.70 -8.37 -29.53
CA ALA B 520 25.61 -7.82 -30.88
C ALA B 520 24.43 -8.47 -31.59
N LEU B 521 24.00 -7.83 -32.68
CA LEU B 521 22.90 -8.33 -33.50
C LEU B 521 21.58 -8.43 -32.73
N ASN B 522 21.41 -7.64 -31.67
CA ASN B 522 20.11 -7.40 -31.07
C ASN B 522 19.62 -6.07 -31.61
N ILE B 523 19.02 -6.12 -32.80
CA ILE B 523 18.80 -4.91 -33.58
C ILE B 523 17.37 -4.40 -33.38
N ARG B 524 16.65 -5.01 -32.45
CA ARG B 524 15.26 -4.65 -32.19
C ARG B 524 15.12 -3.21 -31.73
N VAL C 86 -17.68 -14.71 -70.42
CA VAL C 86 -17.38 -14.44 -69.01
C VAL C 86 -16.79 -13.05 -68.83
N SER C 87 -17.02 -12.45 -67.66
CA SER C 87 -16.45 -11.15 -67.37
C SER C 87 -14.93 -11.18 -67.44
N ASP C 88 -14.34 -10.06 -67.86
CA ASP C 88 -12.89 -9.98 -68.03
C ASP C 88 -12.21 -9.19 -66.92
N GLY C 89 -12.97 -8.68 -65.94
CA GLY C 89 -12.43 -7.97 -64.79
C GLY C 89 -12.48 -6.45 -64.89
N VAL C 90 -12.55 -5.89 -66.08
CA VAL C 90 -12.57 -4.44 -66.25
C VAL C 90 -14.02 -3.97 -66.35
N PHE C 91 -14.42 -3.09 -65.44
CA PHE C 91 -15.76 -2.54 -65.41
C PHE C 91 -15.71 -1.07 -65.78
N GLU C 92 -16.87 -0.55 -66.23
CA GLU C 92 -16.92 0.83 -66.69
C GLU C 92 -16.92 1.82 -65.52
N THR C 93 -17.57 1.48 -64.41
CA THR C 93 -17.63 2.33 -63.23
C THR C 93 -16.99 1.61 -62.04
N MET C 94 -16.47 2.41 -61.11
CA MET C 94 -15.92 1.84 -59.88
C MET C 94 -16.99 1.15 -59.05
N ASP C 95 -18.21 1.68 -59.08
CA ASP C 95 -19.30 1.04 -58.36
C ASP C 95 -19.57 -0.35 -58.90
N ALA C 96 -19.57 -0.51 -60.23
CA ALA C 96 -19.81 -1.83 -60.79
C ALA C 96 -18.68 -2.79 -60.43
N ALA C 97 -17.44 -2.30 -60.42
CA ALA C 97 -16.32 -3.18 -60.07
C ALA C 97 -16.40 -3.62 -58.61
N VAL C 98 -16.70 -2.69 -57.69
CA VAL C 98 -16.76 -3.05 -56.28
C VAL C 98 -17.85 -4.10 -56.04
N GLU C 99 -19.08 -3.82 -56.47
CA GLU C 99 -20.18 -4.74 -56.19
C GLU C 99 -19.93 -6.11 -56.81
N ALA C 100 -19.37 -6.16 -58.02
CA ALA C 100 -19.01 -7.45 -58.60
C ALA C 100 -17.94 -8.14 -57.77
N ALA C 101 -16.98 -7.36 -57.24
CA ALA C 101 -15.97 -7.93 -56.34
C ALA C 101 -16.59 -8.39 -55.03
N ALA C 102 -17.63 -7.70 -54.56
CA ALA C 102 -18.33 -8.14 -53.35
C ALA C 102 -19.03 -9.47 -53.60
N LEU C 103 -19.74 -9.59 -54.72
CA LEU C 103 -20.37 -10.87 -55.09
C LEU C 103 -19.33 -11.97 -55.19
N ALA C 104 -18.23 -11.69 -55.91
CA ALA C 104 -17.16 -12.67 -56.06
C ALA C 104 -16.62 -13.12 -54.72
N GLN C 105 -16.30 -12.17 -53.83
CA GLN C 105 -15.69 -12.57 -52.56
C GLN C 105 -16.62 -13.44 -51.74
N GLN C 106 -17.94 -13.22 -51.86
CA GLN C 106 -18.88 -14.08 -51.13
C GLN C 106 -18.92 -15.48 -51.74
N GLN C 107 -18.89 -15.58 -53.06
CA GLN C 107 -18.75 -16.90 -53.67
C GLN C 107 -17.42 -17.52 -53.27
N TYR C 108 -16.34 -16.74 -53.36
CA TYR C 108 -15.01 -17.23 -53.00
C TYR C 108 -14.99 -17.88 -51.63
N LEU C 109 -15.78 -17.34 -50.69
CA LEU C 109 -15.80 -17.85 -49.33
C LEU C 109 -16.11 -19.34 -49.29
N LEU C 110 -16.87 -19.85 -50.27
CA LEU C 110 -17.23 -21.25 -50.34
C LEU C 110 -16.14 -22.14 -50.95
N CYS C 111 -15.08 -21.57 -51.52
CA CYS C 111 -14.07 -22.40 -52.15
C CYS C 111 -13.15 -23.05 -51.12
N SER C 112 -12.48 -24.12 -51.54
CA SER C 112 -11.53 -24.79 -50.68
C SER C 112 -10.18 -24.05 -50.67
N MET C 113 -9.30 -24.48 -49.76
CA MET C 113 -7.93 -23.98 -49.78
C MET C 113 -7.20 -24.50 -51.00
N SER C 114 -7.59 -25.68 -51.48
CA SER C 114 -7.06 -26.20 -52.73
C SER C 114 -7.38 -25.25 -53.88
N ASP C 115 -8.61 -24.74 -53.91
CA ASP C 115 -9.01 -23.81 -54.97
C ASP C 115 -8.18 -22.53 -54.91
N ARG C 116 -7.94 -22.01 -53.71
CA ARG C 116 -7.07 -20.85 -53.55
C ARG C 116 -5.68 -21.14 -54.07
N ALA C 117 -5.09 -22.26 -53.63
CA ALA C 117 -3.76 -22.63 -54.07
C ALA C 117 -3.69 -22.77 -55.58
N ARG C 118 -4.78 -23.20 -56.21
CA ARG C 118 -4.80 -23.30 -57.66
C ARG C 118 -4.88 -21.93 -58.31
N PHE C 119 -5.68 -21.03 -57.75
CA PHE C 119 -5.78 -19.68 -58.28
C PHE C 119 -4.48 -18.92 -58.09
N VAL C 120 -3.88 -19.02 -56.90
CA VAL C 120 -2.56 -18.41 -56.68
C VAL C 120 -1.59 -18.90 -57.74
N GLN C 121 -1.63 -20.20 -58.05
CA GLN C 121 -0.75 -20.73 -59.07
C GLN C 121 -1.12 -20.22 -60.46
N GLY C 122 -2.40 -19.90 -60.68
CA GLY C 122 -2.78 -19.30 -61.94
C GLY C 122 -2.10 -17.96 -62.16
N ILE C 123 -2.11 -17.11 -61.12
CA ILE C 123 -1.52 -15.78 -61.23
C ILE C 123 -0.03 -15.88 -61.46
N ARG C 124 0.66 -16.76 -60.73
CA ARG C 124 2.08 -16.97 -60.98
C ARG C 124 2.32 -17.36 -62.43
N ASP C 125 1.49 -18.27 -62.96
CA ASP C 125 1.71 -18.75 -64.32
C ASP C 125 1.49 -17.65 -65.34
N VAL C 126 0.52 -16.76 -65.10
CA VAL C 126 0.29 -15.64 -66.00
C VAL C 126 1.55 -14.79 -66.13
N ILE C 127 2.15 -14.41 -64.99
CA ILE C 127 3.29 -13.48 -65.04
C ILE C 127 4.59 -14.20 -65.42
N LEU C 128 4.72 -15.50 -65.12
CA LEU C 128 5.96 -16.22 -65.42
C LEU C 128 5.97 -16.79 -66.83
N ASN C 129 4.83 -16.88 -67.50
CA ASN C 129 4.85 -17.19 -68.93
C ASN C 129 5.74 -16.19 -69.65
N GLN C 130 6.72 -16.72 -70.39
CA GLN C 130 7.79 -15.86 -70.90
C GLN C 130 7.26 -14.74 -71.76
N ASP C 131 6.29 -15.02 -72.61
CA ASP C 131 5.78 -14.00 -73.52
C ASP C 131 5.09 -12.88 -72.76
N THR C 132 4.24 -13.23 -71.79
CA THR C 132 3.61 -12.21 -70.97
C THR C 132 4.65 -11.47 -70.14
N LEU C 133 5.65 -12.20 -69.63
CA LEU C 133 6.69 -11.58 -68.82
C LEU C 133 7.40 -10.48 -69.59
N GLU C 134 7.74 -10.73 -70.85
CA GLU C 134 8.39 -9.72 -71.66
C GLU C 134 7.40 -8.67 -72.13
N LYS C 135 6.15 -9.07 -72.36
CA LYS C 135 5.15 -8.10 -72.78
C LYS C 135 4.84 -7.11 -71.66
N MET C 136 4.77 -7.59 -70.42
CA MET C 136 4.48 -6.71 -69.29
C MET C 136 5.65 -5.76 -69.00
N SER C 137 6.88 -6.23 -69.19
CA SER C 137 8.04 -5.38 -68.96
C SER C 137 8.25 -4.35 -70.07
N ARG C 138 8.03 -4.74 -71.33
CA ARG C 138 8.07 -3.77 -72.43
C ARG C 138 7.01 -2.70 -72.26
N MET C 139 5.76 -3.12 -72.10
CA MET C 139 4.67 -2.15 -72.04
C MET C 139 4.86 -1.16 -70.90
N ALA C 140 5.37 -1.65 -69.76
CA ALA C 140 5.48 -0.78 -68.59
C ALA C 140 6.45 0.36 -68.85
N VAL C 141 7.63 0.06 -69.39
CA VAL C 141 8.59 1.11 -69.71
C VAL C 141 8.05 2.02 -70.80
N GLU C 142 7.51 1.42 -71.88
CA GLU C 142 6.99 2.20 -72.99
C GLU C 142 5.90 3.16 -72.54
N GLU C 143 5.04 2.73 -71.62
CA GLU C 143 3.88 3.50 -71.22
C GLU C 143 4.19 4.51 -70.11
N THR C 144 5.11 4.21 -69.19
CA THR C 144 5.47 5.16 -68.15
C THR C 144 6.74 5.95 -68.46
N GLY C 145 7.60 5.45 -69.35
CA GLY C 145 8.89 6.05 -69.58
C GLY C 145 9.90 5.82 -68.48
N MET C 146 9.55 5.02 -67.48
CA MET C 146 10.36 4.86 -66.27
C MET C 146 10.84 3.43 -66.17
N GLY C 147 12.07 3.27 -65.68
CA GLY C 147 12.65 1.96 -65.53
C GLY C 147 13.19 1.43 -66.83
N ASN C 148 13.65 0.18 -66.80
CA ASN C 148 14.20 -0.45 -67.99
C ASN C 148 13.69 -1.88 -68.09
N TYR C 149 13.71 -2.39 -69.33
CA TYR C 149 13.07 -3.66 -69.68
C TYR C 149 13.73 -4.85 -68.98
N GLU C 150 15.05 -4.93 -69.06
CA GLU C 150 15.76 -6.08 -68.49
C GLU C 150 15.50 -6.21 -66.99
N HIS C 151 15.37 -5.10 -66.29
CA HIS C 151 15.19 -5.16 -64.85
C HIS C 151 13.75 -5.40 -64.44
N LYS C 152 12.79 -4.87 -65.21
CA LYS C 152 11.41 -5.24 -64.98
C LYS C 152 11.18 -6.72 -65.25
N LEU C 153 11.94 -7.31 -66.17
CA LEU C 153 11.92 -8.74 -66.37
C LEU C 153 12.22 -9.49 -65.07
N ILE C 154 13.18 -8.98 -64.29
CA ILE C 154 13.58 -9.62 -63.04
C ILE C 154 12.58 -9.31 -61.93
N LYS C 155 12.03 -8.09 -61.88
CA LYS C 155 11.12 -7.74 -60.80
C LYS C 155 9.78 -8.47 -60.93
N ASN C 156 9.26 -8.58 -62.16
CA ASN C 156 8.02 -9.32 -62.36
C ASN C 156 8.18 -10.78 -62.00
N ARG C 157 9.31 -11.39 -62.40
CA ARG C 157 9.56 -12.78 -62.03
C ARG C 157 9.70 -12.93 -60.52
N LEU C 158 10.28 -11.92 -59.88
CA LEU C 158 10.39 -11.92 -58.42
C LEU C 158 9.02 -11.85 -57.77
N ALA C 159 8.10 -11.07 -58.33
CA ALA C 159 6.74 -11.01 -57.81
C ALA C 159 6.02 -12.34 -57.99
N GLY C 160 6.23 -13.01 -59.13
CA GLY C 160 5.53 -14.27 -59.37
C GLY C 160 6.09 -15.46 -58.62
N GLU C 161 7.41 -15.49 -58.40
CA GLU C 161 8.04 -16.65 -57.80
C GLU C 161 8.15 -16.57 -56.27
N LYS C 162 8.35 -15.38 -55.70
CA LYS C 162 8.71 -15.30 -54.28
C LYS C 162 7.67 -14.57 -53.44
N THR C 163 6.47 -14.27 -53.99
CA THR C 163 5.38 -13.76 -53.18
C THR C 163 4.72 -14.91 -52.43
N PRO C 164 4.58 -14.84 -51.11
CA PRO C 164 4.00 -15.95 -50.36
C PRO C 164 2.60 -16.31 -50.84
N GLY C 165 2.26 -17.59 -50.72
CA GLY C 165 0.94 -18.08 -51.04
C GLY C 165 0.18 -18.50 -49.80
N ILE C 166 -0.70 -19.51 -49.92
CA ILE C 166 -1.52 -19.90 -48.77
C ILE C 166 -0.70 -20.49 -47.62
N GLU C 167 0.55 -20.90 -47.87
CA GLU C 167 1.37 -21.36 -46.75
C GLU C 167 1.67 -20.23 -45.77
N ASP C 168 1.52 -18.99 -46.22
CA ASP C 168 1.65 -17.85 -45.33
C ASP C 168 0.57 -17.83 -44.24
N LEU C 169 -0.56 -18.49 -44.48
CA LEU C 169 -1.69 -18.48 -43.55
C LEU C 169 -1.50 -19.60 -42.52
N THR C 170 -0.61 -19.35 -41.56
CA THR C 170 -0.29 -20.31 -40.53
C THR C 170 -1.33 -20.30 -39.42
N THR C 171 -1.23 -21.29 -38.53
CA THR C 171 -2.16 -21.50 -37.44
C THR C 171 -1.40 -21.60 -36.12
N ASP C 172 -1.85 -20.85 -35.13
CA ASP C 172 -1.34 -20.92 -33.76
C ASP C 172 -2.22 -21.84 -32.92
N ALA C 173 -1.59 -22.60 -32.03
CA ALA C 173 -2.34 -23.47 -31.14
C ALA C 173 -1.76 -23.40 -29.73
N PHE C 174 -2.64 -23.34 -28.74
CA PHE C 174 -2.29 -23.49 -27.34
C PHE C 174 -3.22 -24.53 -26.73
N SER C 175 -2.66 -25.47 -25.97
CA SER C 175 -3.48 -26.48 -25.30
C SER C 175 -3.05 -26.63 -23.85
N GLY C 176 -4.02 -26.88 -23.00
CA GLY C 176 -3.77 -27.12 -21.59
C GLY C 176 -5.05 -27.44 -20.85
N ASP C 177 -5.08 -27.11 -19.56
CA ASP C 177 -6.20 -27.53 -18.72
C ASP C 177 -7.53 -26.98 -19.22
N ASN C 178 -7.52 -25.83 -19.89
CA ASN C 178 -8.74 -25.19 -20.36
C ASN C 178 -9.14 -25.61 -21.77
N GLY C 179 -8.42 -26.56 -22.39
CA GLY C 179 -8.83 -27.04 -23.70
C GLY C 179 -7.88 -26.67 -24.80
N LEU C 180 -8.43 -26.21 -25.92
CA LEU C 180 -7.65 -25.86 -27.09
C LEU C 180 -8.05 -24.49 -27.57
N THR C 181 -7.07 -23.68 -27.92
CA THR C 181 -7.31 -22.42 -28.61
C THR C 181 -6.56 -22.41 -29.93
N LEU C 182 -7.26 -22.08 -31.01
CA LEU C 182 -6.67 -21.94 -32.34
C LEU C 182 -6.78 -20.50 -32.82
N VAL C 183 -5.77 -20.04 -33.53
CA VAL C 183 -5.73 -18.69 -34.07
C VAL C 183 -5.49 -18.78 -35.57
N GLU C 184 -6.43 -18.30 -36.37
CA GLU C 184 -6.37 -18.40 -37.81
C GLU C 184 -6.36 -17.02 -38.46
N TYR C 185 -5.93 -17.00 -39.72
CA TYR C 185 -5.96 -15.81 -40.57
C TYR C 185 -7.11 -15.94 -41.56
N SER C 186 -8.17 -15.17 -41.36
CA SER C 186 -9.38 -15.33 -42.14
C SER C 186 -9.58 -14.14 -43.08
N PRO C 187 -10.43 -14.27 -44.12
CA PRO C 187 -10.57 -13.20 -45.10
C PRO C 187 -11.10 -11.91 -44.51
N PHE C 188 -10.79 -10.81 -45.20
CA PHE C 188 -11.31 -9.48 -44.87
C PHE C 188 -12.56 -9.14 -45.66
N GLY C 189 -12.61 -9.52 -46.94
CA GLY C 189 -13.71 -9.16 -47.80
C GLY C 189 -13.23 -8.59 -49.11
N VAL C 190 -13.70 -7.39 -49.45
CA VAL C 190 -13.28 -6.68 -50.65
C VAL C 190 -12.18 -5.72 -50.24
N ILE C 191 -11.03 -5.79 -50.93
CA ILE C 191 -9.89 -4.94 -50.65
C ILE C 191 -9.70 -3.99 -51.82
N GLY C 192 -9.60 -2.69 -51.53
CA GLY C 192 -9.28 -1.71 -52.55
C GLY C 192 -7.78 -1.46 -52.60
N ALA C 193 -7.14 -1.67 -53.74
CA ALA C 193 -5.69 -1.56 -53.81
C ALA C 193 -5.29 -0.50 -54.82
N ILE C 194 -4.45 0.43 -54.39
CA ILE C 194 -3.96 1.52 -55.24
C ILE C 194 -2.53 1.19 -55.64
N THR C 195 -2.24 1.24 -56.95
CA THR C 195 -0.97 0.76 -57.48
C THR C 195 -0.15 1.89 -58.09
N PRO C 196 1.18 1.80 -58.04
CA PRO C 196 2.02 2.91 -58.47
C PRO C 196 2.44 2.79 -59.93
N THR C 197 2.74 3.95 -60.51
CA THR C 197 3.21 3.97 -61.88
C THR C 197 4.64 3.47 -62.00
N THR C 198 5.39 3.45 -60.88
CA THR C 198 6.76 2.95 -60.86
C THR C 198 6.82 1.42 -60.89
N ASN C 199 5.77 0.73 -60.43
CA ASN C 199 5.79 -0.74 -60.32
C ASN C 199 4.39 -1.31 -60.57
N PRO C 200 3.80 -0.99 -61.74
CA PRO C 200 2.39 -1.32 -61.95
C PRO C 200 2.12 -2.83 -61.96
N THR C 201 2.87 -3.61 -62.75
CA THR C 201 2.56 -5.04 -62.86
C THR C 201 3.03 -5.81 -61.63
N GLU C 202 4.19 -5.47 -61.08
CA GLU C 202 4.69 -6.17 -59.89
C GLU C 202 3.78 -5.94 -58.70
N THR C 203 3.26 -4.72 -58.52
CA THR C 203 2.35 -4.49 -57.41
C THR C 203 1.04 -5.26 -57.59
N ILE C 204 0.52 -5.31 -58.82
CA ILE C 204 -0.74 -6.03 -59.05
C ILE C 204 -0.54 -7.53 -58.87
N VAL C 205 0.59 -8.05 -59.35
CA VAL C 205 0.85 -9.49 -59.21
C VAL C 205 0.98 -9.86 -57.74
N CYS C 206 1.69 -9.04 -56.97
CA CYS C 206 1.97 -9.38 -55.59
C CYS C 206 0.81 -9.04 -54.66
N ASN C 207 0.09 -7.93 -54.92
CA ASN C 207 -1.17 -7.69 -54.21
C ASN C 207 -2.16 -8.82 -54.46
N SER C 208 -2.40 -9.16 -55.73
CA SER C 208 -3.36 -10.20 -56.11
C SER C 208 -3.08 -11.53 -55.41
N ILE C 209 -1.85 -12.03 -55.55
CA ILE C 209 -1.50 -13.33 -54.97
C ILE C 209 -1.86 -13.36 -53.49
N GLY C 210 -1.37 -12.37 -52.74
CA GLY C 210 -1.52 -12.43 -51.29
C GLY C 210 -2.94 -12.18 -50.85
N MET C 211 -3.66 -11.28 -51.53
CA MET C 211 -5.03 -10.97 -51.14
C MET C 211 -5.96 -12.13 -51.44
N LEU C 212 -5.74 -12.80 -52.58
CA LEU C 212 -6.53 -13.98 -52.93
C LEU C 212 -6.11 -15.21 -52.13
N ALA C 213 -4.84 -15.34 -51.80
CA ALA C 213 -4.44 -16.44 -50.95
C ALA C 213 -5.15 -16.37 -49.60
N ALA C 214 -5.34 -15.16 -49.09
CA ALA C 214 -6.03 -14.94 -47.82
C ALA C 214 -7.55 -14.99 -47.96
N GLY C 215 -8.06 -15.27 -49.16
CA GLY C 215 -9.49 -15.41 -49.37
C GLY C 215 -10.25 -14.13 -49.66
N ASN C 216 -9.59 -13.07 -50.11
CA ASN C 216 -10.28 -11.83 -50.46
C ASN C 216 -10.46 -11.71 -51.96
N SER C 217 -11.24 -10.73 -52.36
CA SER C 217 -11.25 -10.19 -53.71
C SER C 217 -10.61 -8.82 -53.67
N VAL C 218 -10.08 -8.39 -54.81
CA VAL C 218 -9.35 -7.14 -54.87
C VAL C 218 -9.93 -6.27 -55.98
N VAL C 219 -10.20 -5.01 -55.65
CA VAL C 219 -10.48 -3.97 -56.63
C VAL C 219 -9.22 -3.14 -56.79
N PHE C 220 -8.64 -3.15 -57.98
CA PHE C 220 -7.47 -2.33 -58.27
C PHE C 220 -7.88 -0.99 -58.86
N SER C 221 -7.20 0.07 -58.41
CA SER C 221 -7.35 1.41 -58.96
C SER C 221 -5.97 1.82 -59.44
N PRO C 222 -5.59 1.44 -60.65
CA PRO C 222 -4.23 1.68 -61.12
C PRO C 222 -3.97 3.15 -61.42
N HIS C 223 -2.73 3.45 -61.63
CA HIS C 223 -2.36 4.81 -62.00
C HIS C 223 -2.62 5.04 -63.49
N PRO C 224 -3.14 6.21 -63.86
CA PRO C 224 -3.39 6.48 -65.30
C PRO C 224 -2.15 6.34 -66.19
N ARG C 225 -0.97 6.72 -65.71
CA ARG C 225 0.25 6.59 -66.51
C ARG C 225 0.56 5.14 -66.88
N ALA C 226 -0.08 4.17 -66.23
CA ALA C 226 0.15 2.76 -66.52
C ALA C 226 -1.17 2.03 -66.78
N ARG C 227 -2.14 2.73 -67.36
CA ARG C 227 -3.46 2.15 -67.58
C ARG C 227 -3.42 0.93 -68.50
N GLN C 228 -2.80 1.06 -69.68
CA GLN C 228 -2.89 -0.03 -70.66
C GLN C 228 -2.25 -1.31 -70.16
N VAL C 229 -1.10 -1.21 -69.48
CA VAL C 229 -0.42 -2.43 -69.03
C VAL C 229 -1.16 -3.05 -67.85
N SER C 230 -1.73 -2.21 -66.98
CA SER C 230 -2.45 -2.71 -65.83
C SER C 230 -3.68 -3.50 -66.26
N LEU C 231 -4.48 -2.95 -67.17
CA LEU C 231 -5.71 -3.60 -67.57
C LEU C 231 -5.44 -4.91 -68.30
N LEU C 232 -4.43 -4.91 -69.17
CA LEU C 232 -4.05 -6.15 -69.85
C LEU C 232 -3.74 -7.24 -68.83
N LEU C 233 -2.94 -6.89 -67.82
CA LEU C 233 -2.59 -7.86 -66.80
C LEU C 233 -3.83 -8.32 -66.04
N VAL C 234 -4.77 -7.42 -65.76
CA VAL C 234 -6.00 -7.83 -65.07
C VAL C 234 -6.81 -8.77 -65.95
N ARG C 235 -6.98 -8.42 -67.23
CA ARG C 235 -7.74 -9.27 -68.15
C ARG C 235 -7.07 -10.64 -68.29
N LEU C 236 -5.74 -10.67 -68.33
CA LEU C 236 -5.03 -11.95 -68.40
C LEU C 236 -5.25 -12.78 -67.14
N ILE C 237 -5.24 -12.13 -65.97
CA ILE C 237 -5.51 -12.83 -64.71
C ILE C 237 -6.93 -13.41 -64.71
N ASN C 238 -7.92 -12.59 -65.09
CA ASN C 238 -9.31 -13.06 -65.09
C ASN C 238 -9.51 -14.21 -66.07
N GLN C 239 -8.84 -14.15 -67.21
CA GLN C 239 -8.94 -15.23 -68.19
C GLN C 239 -8.39 -16.54 -67.62
N LYS C 240 -7.20 -16.49 -67.02
CA LYS C 240 -6.61 -17.71 -66.48
C LYS C 240 -7.44 -18.25 -65.33
N LEU C 241 -8.01 -17.35 -64.51
CA LEU C 241 -8.84 -17.78 -63.39
C LEU C 241 -10.17 -18.36 -63.86
N ALA C 242 -10.74 -17.79 -64.94
CA ALA C 242 -11.90 -18.43 -65.56
C ALA C 242 -11.56 -19.86 -65.97
N ALA C 243 -10.42 -20.04 -66.62
CA ALA C 243 -10.00 -21.40 -66.99
C ALA C 243 -9.86 -22.31 -65.79
N LEU C 244 -9.63 -21.75 -64.59
CA LEU C 244 -9.47 -22.53 -63.38
C LEU C 244 -10.77 -22.71 -62.60
N GLY C 245 -11.88 -22.14 -63.09
CA GLY C 245 -13.15 -22.26 -62.39
C GLY C 245 -13.35 -21.35 -61.21
N ALA C 246 -12.69 -20.20 -61.19
CA ALA C 246 -12.87 -19.29 -60.07
C ALA C 246 -14.16 -18.52 -60.19
N PRO C 247 -14.72 -18.06 -59.06
CA PRO C 247 -15.78 -17.05 -59.13
C PRO C 247 -15.34 -15.88 -59.98
N GLU C 248 -16.21 -15.45 -60.89
CA GLU C 248 -15.89 -14.32 -61.77
C GLU C 248 -15.55 -13.11 -60.93
N ASN C 249 -14.61 -12.31 -61.42
CA ASN C 249 -14.28 -11.01 -60.83
C ASN C 249 -13.67 -11.13 -59.42
N LEU C 250 -12.75 -12.08 -59.22
CA LEU C 250 -11.93 -12.04 -58.01
C LEU C 250 -10.94 -10.88 -58.06
N VAL C 251 -10.51 -10.49 -59.27
CA VAL C 251 -9.57 -9.39 -59.48
C VAL C 251 -10.16 -8.45 -60.50
N VAL C 252 -10.44 -7.21 -60.11
CA VAL C 252 -11.18 -6.29 -60.96
C VAL C 252 -10.51 -4.92 -60.97
N THR C 253 -10.85 -4.14 -62.00
CA THR C 253 -10.42 -2.75 -62.08
C THR C 253 -11.43 -1.98 -62.93
N VAL C 254 -11.07 -0.78 -63.33
CA VAL C 254 -11.95 0.10 -64.09
C VAL C 254 -11.31 0.41 -65.45
N GLU C 255 -12.15 0.84 -66.38
CA GLU C 255 -11.70 1.03 -67.76
C GLU C 255 -10.76 2.22 -67.88
N LYS C 256 -11.14 3.36 -67.28
CA LYS C 256 -10.33 4.56 -67.31
C LYS C 256 -10.01 4.93 -65.87
N PRO C 257 -8.87 4.47 -65.34
CA PRO C 257 -8.49 4.81 -63.97
C PRO C 257 -8.19 6.29 -63.81
N SER C 258 -8.58 6.84 -62.68
CA SER C 258 -8.45 8.27 -62.42
C SER C 258 -8.42 8.47 -60.92
N ILE C 259 -8.16 9.71 -60.51
CA ILE C 259 -8.19 10.00 -59.09
C ILE C 259 -9.62 9.95 -58.54
N GLU C 260 -10.63 10.22 -59.38
CA GLU C 260 -12.01 10.20 -58.90
C GLU C 260 -12.54 8.77 -58.77
N ASN C 261 -12.09 7.86 -59.64
CA ASN C 261 -12.39 6.46 -59.42
C ASN C 261 -11.76 5.99 -58.12
N THR C 262 -10.49 6.37 -57.89
CA THR C 262 -9.81 6.03 -56.65
C THR C 262 -10.57 6.56 -55.44
N ASN C 263 -11.00 7.82 -55.49
CA ASN C 263 -11.77 8.38 -54.38
C ASN C 263 -13.11 7.67 -54.21
N ALA C 264 -13.73 7.26 -55.32
CA ALA C 264 -14.96 6.49 -55.23
C ALA C 264 -14.73 5.16 -54.54
N MET C 265 -13.60 4.51 -54.84
CA MET C 265 -13.25 3.25 -54.19
C MET C 265 -12.97 3.45 -52.72
N MET C 266 -12.35 4.57 -52.35
CA MET C 266 -12.11 4.84 -50.94
C MET C 266 -13.40 5.09 -50.17
N ALA C 267 -14.41 5.65 -50.82
CA ALA C 267 -15.64 5.97 -50.13
C ALA C 267 -16.63 4.81 -50.07
N HIS C 268 -16.50 3.84 -50.97
CA HIS C 268 -17.51 2.81 -51.14
C HIS C 268 -17.64 1.96 -49.88
N PRO C 269 -18.84 1.82 -49.31
CA PRO C 269 -19.00 1.09 -48.05
C PRO C 269 -18.65 -0.39 -48.12
N LYS C 270 -18.68 -0.98 -49.31
CA LYS C 270 -18.36 -2.40 -49.46
C LYS C 270 -16.87 -2.66 -49.62
N VAL C 271 -16.03 -1.66 -49.43
CA VAL C 271 -14.57 -1.85 -49.41
C VAL C 271 -14.15 -1.95 -47.96
N ARG C 272 -13.69 -3.13 -47.54
CA ARG C 272 -13.41 -3.34 -46.13
C ARG C 272 -12.01 -2.87 -45.74
N MET C 273 -11.06 -2.91 -46.68
CA MET C 273 -9.68 -2.50 -46.42
C MET C 273 -9.10 -1.80 -47.63
N LEU C 274 -8.28 -0.78 -47.38
CA LEU C 274 -7.51 -0.11 -48.40
C LEU C 274 -6.04 -0.45 -48.28
N VAL C 275 -5.37 -0.62 -49.41
CA VAL C 275 -3.92 -0.81 -49.50
C VAL C 275 -3.41 0.16 -50.55
N ALA C 276 -2.51 1.05 -50.16
CA ALA C 276 -1.98 2.08 -51.03
C ALA C 276 -0.48 1.92 -51.13
N THR C 277 -0.01 1.67 -52.33
CA THR C 277 1.41 1.71 -52.65
C THR C 277 1.60 2.98 -53.48
N GLY C 278 2.07 4.03 -52.83
CA GLY C 278 2.27 5.30 -53.52
C GLY C 278 2.92 6.35 -52.65
N GLY C 279 2.80 7.60 -53.08
CA GLY C 279 3.42 8.71 -52.39
C GLY C 279 2.75 9.08 -51.08
N PRO C 280 3.38 9.98 -50.32
CA PRO C 280 2.82 10.38 -49.01
C PRO C 280 1.40 10.92 -49.05
N ALA C 281 0.99 11.58 -50.14
CA ALA C 281 -0.38 12.09 -50.20
C ALA C 281 -1.40 10.96 -50.27
N ILE C 282 -1.21 10.03 -51.22
CA ILE C 282 -2.18 8.95 -51.37
C ILE C 282 -2.23 8.07 -50.13
N VAL C 283 -1.16 8.02 -49.35
CA VAL C 283 -1.20 7.23 -48.12
C VAL C 283 -1.97 7.97 -47.03
N LYS C 284 -1.90 9.29 -47.00
CA LYS C 284 -2.70 10.03 -46.04
C LYS C 284 -4.18 9.96 -46.40
N ALA C 285 -4.49 9.99 -47.70
CA ALA C 285 -5.88 9.86 -48.14
C ALA C 285 -6.50 8.57 -47.65
N VAL C 286 -5.81 7.44 -47.85
CA VAL C 286 -6.41 6.16 -47.46
C VAL C 286 -6.52 6.05 -45.94
N LEU C 287 -5.64 6.71 -45.19
CA LEU C 287 -5.74 6.70 -43.74
C LEU C 287 -6.75 7.73 -43.21
N SER C 288 -7.52 8.36 -44.08
CA SER C 288 -8.48 9.38 -43.68
C SER C 288 -9.89 9.04 -44.16
N THR C 289 -10.18 7.76 -44.35
CA THR C 289 -11.44 7.31 -44.94
C THR C 289 -12.35 6.57 -43.98
N GLY C 290 -11.95 6.36 -42.73
CA GLY C 290 -12.76 5.59 -41.83
C GLY C 290 -12.65 4.08 -41.99
N LYS C 291 -11.78 3.59 -42.87
CA LYS C 291 -11.54 2.17 -43.06
C LYS C 291 -10.14 1.80 -42.62
N LYS C 292 -9.92 0.50 -42.42
CA LYS C 292 -8.55 0.03 -42.26
C LYS C 292 -7.79 0.27 -43.54
N ALA C 293 -6.56 0.77 -43.40
CA ALA C 293 -5.71 1.05 -44.54
C ALA C 293 -4.29 0.59 -44.24
N ILE C 294 -3.64 -0.01 -45.23
CA ILE C 294 -2.21 -0.29 -45.21
C ILE C 294 -1.54 0.70 -46.15
N GLY C 295 -0.57 1.45 -45.63
CA GLY C 295 0.08 2.47 -46.44
C GLY C 295 1.56 2.23 -46.63
N ALA C 296 2.01 2.12 -47.89
CA ALA C 296 3.42 1.89 -48.22
C ALA C 296 4.09 3.23 -48.55
N GLY C 297 4.74 3.82 -47.55
CA GLY C 297 5.28 5.16 -47.68
C GLY C 297 6.60 5.29 -48.43
N ALA C 298 7.26 6.40 -48.16
CA ALA C 298 8.42 6.87 -48.88
C ALA C 298 9.71 6.58 -48.10
N GLY C 299 10.84 6.75 -48.78
CA GLY C 299 12.12 6.55 -48.15
C GLY C 299 13.17 7.47 -48.73
N ASN C 300 14.34 7.43 -48.12
CA ASN C 300 15.51 8.14 -48.63
C ASN C 300 16.72 7.29 -48.28
N PRO C 301 16.83 6.08 -48.82
CA PRO C 301 17.71 5.06 -48.21
C PRO C 301 19.18 5.43 -48.31
N PRO C 302 19.83 5.70 -47.17
CA PRO C 302 21.27 5.94 -47.18
C PRO C 302 22.03 4.63 -47.11
N VAL C 303 23.23 4.64 -47.66
CA VAL C 303 24.12 3.48 -47.54
C VAL C 303 25.42 3.95 -46.91
N VAL C 304 25.71 3.40 -45.72
CA VAL C 304 26.93 3.69 -44.98
C VAL C 304 28.00 2.69 -45.36
N VAL C 305 29.21 3.18 -45.63
CA VAL C 305 30.39 2.35 -45.91
C VAL C 305 31.49 2.78 -44.95
N ASP C 306 31.90 1.88 -44.05
CA ASP C 306 32.96 2.21 -43.11
C ASP C 306 34.27 1.53 -43.52
N GLU C 307 35.29 1.69 -42.68
CA GLU C 307 36.62 1.26 -43.08
C GLU C 307 36.80 -0.26 -42.99
N THR C 308 35.92 -0.98 -42.31
CA THR C 308 36.04 -2.43 -42.22
C THR C 308 35.30 -3.17 -43.33
N ALA C 309 34.73 -2.45 -44.30
CA ALA C 309 33.97 -3.11 -45.34
C ALA C 309 34.87 -3.70 -46.41
N ASN C 310 34.41 -4.77 -47.04
CA ASN C 310 34.93 -5.17 -48.34
C ASN C 310 34.50 -4.10 -49.34
N ILE C 311 35.43 -3.20 -49.65
CA ILE C 311 35.11 -2.05 -50.49
C ILE C 311 34.86 -2.47 -51.94
N GLU C 312 35.64 -3.41 -52.46
CA GLU C 312 35.42 -3.87 -53.84
C GLU C 312 34.00 -4.40 -54.00
N LYS C 313 33.58 -5.28 -53.09
CA LYS C 313 32.23 -5.83 -53.16
C LYS C 313 31.17 -4.76 -52.90
N ALA C 314 31.44 -3.86 -51.95
CA ALA C 314 30.47 -2.80 -51.66
C ALA C 314 30.25 -1.91 -52.89
N ALA C 315 31.32 -1.58 -53.63
CA ALA C 315 31.13 -0.75 -54.82
C ALA C 315 30.25 -1.46 -55.85
N CYS C 316 30.48 -2.76 -56.05
CA CYS C 316 29.67 -3.51 -57.00
C CYS C 316 28.22 -3.57 -56.53
N ASP C 317 28.00 -3.82 -55.23
CA ASP C 317 26.63 -3.86 -54.72
C ASP C 317 25.94 -2.50 -54.81
N ILE C 318 26.67 -1.40 -54.57
CA ILE C 318 26.01 -0.09 -54.52
C ILE C 318 25.57 0.36 -55.92
N VAL C 319 26.41 0.11 -56.93
CA VAL C 319 26.03 0.40 -58.31
C VAL C 319 24.85 -0.48 -58.73
N ASN C 320 24.96 -1.78 -58.49
CA ASN C 320 23.90 -2.72 -58.89
C ASN C 320 22.57 -2.37 -58.24
N GLY C 321 22.59 -2.06 -56.94
CA GLY C 321 21.37 -1.72 -56.26
C GLY C 321 20.83 -0.37 -56.69
N CYS C 322 21.71 0.63 -56.78
CA CYS C 322 21.25 1.98 -57.08
C CYS C 322 20.63 2.05 -58.47
N SER C 323 21.24 1.37 -59.44
CA SER C 323 20.80 1.45 -60.83
C SER C 323 19.69 0.45 -61.16
N PHE C 324 19.34 -0.41 -60.21
CA PHE C 324 18.38 -1.48 -60.50
C PHE C 324 17.01 -0.90 -60.83
N ASP C 325 16.49 -1.24 -62.00
CA ASP C 325 15.32 -0.62 -62.61
C ASP C 325 15.40 0.91 -62.51
N ASN C 326 16.60 1.44 -62.75
CA ASN C 326 16.83 2.88 -62.87
C ASN C 326 16.49 3.62 -61.57
N ASN C 327 16.75 2.98 -60.43
CA ASN C 327 16.55 3.55 -59.10
C ASN C 327 15.07 3.71 -58.76
N LEU C 328 14.20 2.98 -59.45
CA LEU C 328 12.77 3.00 -59.22
C LEU C 328 12.36 2.32 -57.91
N PRO C 329 12.93 1.16 -57.54
CA PRO C 329 12.44 0.47 -56.32
C PRO C 329 12.56 1.35 -55.09
N CYS C 330 11.64 1.12 -54.15
CA CYS C 330 11.59 1.94 -52.94
C CYS C 330 12.79 1.70 -52.04
N VAL C 331 13.47 0.56 -52.19
CA VAL C 331 14.64 0.28 -51.36
C VAL C 331 15.93 0.80 -51.95
N ALA C 332 15.93 1.26 -53.20
CA ALA C 332 17.17 1.54 -53.93
C ALA C 332 18.02 2.62 -53.26
N GLU C 333 19.35 2.38 -53.25
CA GLU C 333 20.31 3.32 -52.67
C GLU C 333 20.17 4.71 -53.27
N LYS C 334 20.08 5.72 -52.42
CA LYS C 334 19.91 7.09 -52.90
C LYS C 334 20.98 8.09 -52.42
N GLU C 335 21.78 7.75 -51.41
CA GLU C 335 22.92 8.58 -51.09
C GLU C 335 23.91 7.77 -50.27
N ILE C 336 25.20 7.96 -50.55
CA ILE C 336 26.26 7.28 -49.82
C ILE C 336 26.75 8.19 -48.71
N ILE C 337 27.04 7.59 -47.56
CA ILE C 337 27.69 8.23 -46.44
C ILE C 337 28.91 7.39 -46.09
N ALA C 338 30.09 7.90 -46.39
CA ALA C 338 31.31 7.12 -46.36
C ALA C 338 32.30 7.70 -45.35
N VAL C 339 32.88 6.83 -44.54
CA VAL C 339 33.97 7.22 -43.65
C VAL C 339 35.16 7.70 -44.47
N ALA C 340 35.76 8.80 -44.03
CA ALA C 340 36.69 9.56 -44.88
C ALA C 340 37.88 8.72 -45.36
N GLN C 341 38.29 7.72 -44.60
CA GLN C 341 39.53 7.02 -44.88
C GLN C 341 39.40 6.01 -46.03
N ILE C 342 38.19 5.55 -46.33
CA ILE C 342 37.99 4.66 -47.47
C ILE C 342 37.25 5.35 -48.60
N ALA C 343 36.91 6.64 -48.45
CA ALA C 343 36.01 7.26 -49.41
C ALA C 343 36.61 7.27 -50.81
N ASP C 344 37.90 7.62 -50.92
CA ASP C 344 38.51 7.72 -52.25
C ASP C 344 38.59 6.36 -52.92
N TYR C 345 39.08 5.35 -52.19
CA TYR C 345 39.16 4.01 -52.75
C TYR C 345 37.78 3.49 -53.14
N LEU C 346 36.74 3.83 -52.37
CA LEU C 346 35.39 3.43 -52.71
C LEU C 346 34.96 4.05 -54.03
N ILE C 347 35.18 5.35 -54.21
CA ILE C 347 34.83 6.02 -55.46
C ILE C 347 35.51 5.34 -56.64
N PHE C 348 36.83 5.12 -56.55
CA PHE C 348 37.56 4.43 -57.61
C PHE C 348 36.88 3.12 -57.97
N ASN C 349 36.45 2.35 -56.96
CA ASN C 349 35.82 1.08 -57.26
C ASN C 349 34.40 1.28 -57.80
N LEU C 350 33.68 2.29 -57.30
CA LEU C 350 32.39 2.62 -57.89
C LEU C 350 32.53 2.96 -59.36
N LYS C 351 33.52 3.80 -59.70
CA LYS C 351 33.78 4.08 -61.12
C LYS C 351 34.14 2.80 -61.86
N LYS C 352 34.91 1.93 -61.23
CA LYS C 352 35.29 0.67 -61.86
C LYS C 352 34.07 -0.16 -62.23
N ASN C 353 33.00 -0.11 -61.44
CA ASN C 353 31.77 -0.86 -61.69
C ASN C 353 30.73 -0.06 -62.44
N GLY C 354 31.10 1.08 -63.02
CA GLY C 354 30.22 1.77 -63.95
C GLY C 354 29.56 3.01 -63.43
N ALA C 355 30.13 3.66 -62.43
CA ALA C 355 29.65 4.96 -61.97
C ALA C 355 30.40 6.04 -62.73
N TYR C 356 29.66 6.92 -63.40
CA TYR C 356 30.25 8.11 -63.97
C TYR C 356 30.41 9.16 -62.88
N GLU C 357 31.65 9.56 -62.61
CA GLU C 357 31.90 10.57 -61.58
C GLU C 357 31.95 11.95 -62.21
N ILE C 358 31.10 12.85 -61.74
CA ILE C 358 31.19 14.26 -62.10
C ILE C 358 32.12 14.94 -61.09
N LYS C 359 33.24 15.48 -61.59
CA LYS C 359 34.09 16.33 -60.77
C LYS C 359 33.84 17.81 -61.04
N ASP C 360 33.74 18.19 -62.31
CA ASP C 360 33.48 19.56 -62.71
C ASP C 360 32.23 20.08 -62.00
N PRO C 361 32.34 21.12 -61.15
CA PRO C 361 31.13 21.68 -60.51
C PRO C 361 30.14 22.27 -61.49
N ALA C 362 30.59 22.71 -62.67
CA ALA C 362 29.65 23.27 -63.63
C ALA C 362 28.72 22.20 -64.16
N VAL C 363 29.27 21.05 -64.54
CA VAL C 363 28.47 19.92 -65.00
C VAL C 363 27.50 19.47 -63.90
N LEU C 364 27.97 19.44 -62.66
CA LEU C 364 27.10 19.10 -61.55
C LEU C 364 25.92 20.05 -61.46
N GLN C 365 26.17 21.35 -61.66
CA GLN C 365 25.06 22.31 -61.66
C GLN C 365 24.13 22.06 -62.84
N GLN C 366 24.69 21.68 -64.00
CA GLN C 366 23.85 21.29 -65.13
C GLN C 366 22.90 20.18 -64.73
N LEU C 367 23.43 19.14 -64.09
CA LEU C 367 22.59 18.01 -63.67
C LEU C 367 21.51 18.46 -62.68
N GLN C 368 21.86 19.33 -61.73
CA GLN C 368 20.88 19.83 -60.77
C GLN C 368 19.73 20.54 -61.47
N ASP C 369 20.06 21.39 -62.44
CA ASP C 369 19.01 22.14 -63.10
C ASP C 369 18.20 21.26 -64.03
N LEU C 370 18.78 20.13 -64.47
CA LEU C 370 18.01 19.20 -65.30
C LEU C 370 16.98 18.45 -64.46
N VAL C 371 17.38 17.94 -63.30
CA VAL C 371 16.58 16.94 -62.60
C VAL C 371 15.78 17.51 -61.43
N LEU C 372 15.88 18.81 -61.16
CA LEU C 372 15.14 19.43 -60.05
C LEU C 372 14.27 20.58 -60.55
N THR C 373 13.05 20.65 -60.02
CA THR C 373 12.10 21.69 -60.38
C THR C 373 12.45 23.00 -59.65
N ALA C 374 11.62 24.02 -59.88
CA ALA C 374 11.85 25.32 -59.23
C ALA C 374 11.78 25.21 -57.72
N LYS C 375 10.86 24.39 -57.21
CA LYS C 375 10.74 24.20 -55.76
C LYS C 375 11.78 23.25 -55.20
N GLY C 376 12.73 22.77 -56.01
CA GLY C 376 13.74 21.87 -55.54
C GLY C 376 13.34 20.41 -55.52
N GLY C 377 12.15 20.07 -55.99
CA GLY C 377 11.72 18.69 -56.04
C GLY C 377 12.19 17.99 -57.28
N PRO C 378 12.12 16.65 -57.28
CA PRO C 378 12.55 15.89 -58.45
C PRO C 378 11.67 16.13 -59.66
N GLN C 379 12.31 16.27 -60.83
CA GLN C 379 11.58 16.39 -62.09
C GLN C 379 11.00 15.04 -62.48
N THR C 380 9.70 15.01 -62.78
CA THR C 380 9.06 13.76 -63.18
C THR C 380 9.66 13.21 -64.47
N LYS C 381 10.01 14.09 -65.40
CA LYS C 381 10.56 13.64 -66.68
C LYS C 381 11.88 12.90 -66.54
N CYS C 382 12.53 12.99 -65.38
CA CYS C 382 13.81 12.30 -65.17
C CYS C 382 13.68 11.08 -64.30
N VAL C 383 12.59 10.94 -63.56
CA VAL C 383 12.38 9.80 -62.69
C VAL C 383 12.46 8.51 -63.51
N GLY C 384 13.30 7.58 -63.07
CA GLY C 384 13.37 6.29 -63.72
C GLY C 384 14.11 6.26 -65.03
N LYS C 385 14.78 7.34 -65.39
CA LYS C 385 15.60 7.38 -66.58
C LYS C 385 16.99 6.82 -66.28
N SER C 386 17.61 6.21 -67.30
CA SER C 386 18.94 5.65 -67.12
C SER C 386 19.99 6.75 -66.93
N ALA C 387 21.13 6.35 -66.36
CA ALA C 387 22.27 7.28 -66.28
C ALA C 387 22.71 7.73 -67.66
N VAL C 388 22.66 6.82 -68.65
CA VAL C 388 23.04 7.16 -70.01
C VAL C 388 22.14 8.28 -70.55
N TRP C 389 20.84 8.13 -70.33
CA TRP C 389 19.89 9.14 -70.78
C TRP C 389 20.14 10.47 -70.07
N LEU C 390 20.24 10.45 -68.73
CA LEU C 390 20.44 11.68 -67.96
C LEU C 390 21.72 12.40 -68.38
N LEU C 391 22.83 11.67 -68.48
CA LEU C 391 24.08 12.30 -68.89
C LEU C 391 23.95 12.86 -70.31
N SER C 392 23.26 12.14 -71.19
CA SER C 392 23.06 12.63 -72.55
C SER C 392 22.33 13.97 -72.54
N GLN C 393 21.39 14.16 -71.61
CA GLN C 393 20.65 15.41 -71.56
C GLN C 393 21.51 16.61 -71.15
N ILE C 394 22.66 16.39 -70.52
CA ILE C 394 23.57 17.48 -70.19
C ILE C 394 24.81 17.44 -71.08
N GLY C 395 24.72 16.78 -72.24
CA GLY C 395 25.75 16.87 -73.25
C GLY C 395 26.92 15.91 -73.09
N ILE C 396 26.80 14.89 -72.25
CA ILE C 396 27.83 13.88 -72.05
C ILE C 396 27.35 12.58 -72.69
N SER C 397 28.16 12.02 -73.55
CA SER C 397 27.83 10.80 -74.29
C SER C 397 28.63 9.65 -73.70
N VAL C 398 27.93 8.60 -73.27
CA VAL C 398 28.56 7.43 -72.66
C VAL C 398 27.86 6.18 -73.15
N ASP C 399 28.51 5.04 -72.96
CA ASP C 399 27.94 3.78 -73.41
C ASP C 399 27.22 3.08 -72.26
N ALA C 400 26.59 1.94 -72.59
CA ALA C 400 25.71 1.20 -71.67
C ALA C 400 26.42 0.64 -70.45
N SER C 401 27.76 0.73 -70.35
CA SER C 401 28.45 0.31 -69.13
C SER C 401 28.25 1.29 -67.98
N ILE C 402 27.92 2.55 -68.26
CA ILE C 402 27.68 3.52 -67.20
C ILE C 402 26.29 3.28 -66.61
N LYS C 403 26.26 2.98 -65.31
CA LYS C 403 25.01 2.60 -64.66
C LYS C 403 24.47 3.65 -63.70
N ILE C 404 25.34 4.45 -63.07
CA ILE C 404 24.88 5.52 -62.19
C ILE C 404 25.73 6.76 -62.40
N ILE C 405 25.22 7.88 -61.91
CA ILE C 405 25.96 9.13 -61.85
C ILE C 405 26.36 9.38 -60.39
N LEU C 406 27.65 9.61 -60.18
CA LEU C 406 28.25 9.71 -58.86
C LEU C 406 28.87 11.10 -58.65
N MET C 407 28.72 11.65 -57.44
CA MET C 407 29.28 12.96 -57.14
C MET C 407 29.44 13.13 -55.63
N GLU C 408 30.57 13.72 -55.22
CA GLU C 408 30.78 14.05 -53.82
C GLU C 408 30.30 15.47 -53.56
N VAL C 409 29.53 15.65 -52.49
CA VAL C 409 28.76 16.87 -52.22
C VAL C 409 28.61 17.03 -50.72
N PRO C 410 28.19 18.18 -50.22
CA PRO C 410 27.87 18.29 -48.78
C PRO C 410 26.53 17.65 -48.45
N ARG C 411 26.32 17.43 -47.15
CA ARG C 411 25.08 16.80 -46.69
C ARG C 411 23.83 17.61 -47.00
N GLU C 412 23.96 18.92 -47.19
CA GLU C 412 22.80 19.76 -47.47
C GLU C 412 22.41 19.74 -48.93
N HIS C 413 23.18 19.07 -49.78
CA HIS C 413 22.93 19.13 -51.21
C HIS C 413 21.55 18.58 -51.53
N PRO C 414 20.82 19.18 -52.48
CA PRO C 414 19.51 18.64 -52.87
C PRO C 414 19.49 17.14 -53.15
N PHE C 415 20.50 16.56 -53.81
CA PHE C 415 20.43 15.12 -54.12
C PHE C 415 20.46 14.28 -52.85
N VAL C 416 21.10 14.78 -51.79
CA VAL C 416 21.03 14.09 -50.51
C VAL C 416 19.64 14.22 -49.91
N GLN C 417 19.13 15.45 -49.83
CA GLN C 417 17.92 15.70 -49.07
C GLN C 417 16.67 15.20 -49.77
N GLU C 418 16.65 15.25 -51.11
CA GLU C 418 15.48 14.84 -51.87
C GLU C 418 15.54 13.35 -52.20
N GLU C 419 14.37 12.76 -52.41
CA GLU C 419 14.22 11.41 -52.94
C GLU C 419 14.06 11.53 -54.44
N LEU C 420 15.09 11.18 -55.19
CA LEU C 420 15.10 11.47 -56.63
C LEU C 420 14.49 10.36 -57.47
N MET C 421 14.68 9.10 -57.09
CA MET C 421 14.27 7.96 -57.91
C MET C 421 14.90 8.04 -59.31
N MET C 422 16.17 8.41 -59.35
CA MET C 422 16.99 8.39 -60.54
C MET C 422 18.34 7.78 -60.16
N PRO C 423 19.05 7.20 -61.13
CA PRO C 423 20.31 6.54 -60.79
C PRO C 423 21.41 7.58 -60.60
N ILE C 424 21.13 8.50 -59.69
CA ILE C 424 22.02 9.59 -59.33
C ILE C 424 22.32 9.40 -57.85
N LEU C 425 23.59 9.30 -57.51
CA LEU C 425 24.00 8.82 -56.20
C LEU C 425 25.04 9.75 -55.59
N PRO C 426 24.61 10.73 -54.80
CA PRO C 426 25.59 11.60 -54.13
C PRO C 426 26.35 10.84 -53.07
N LEU C 427 27.59 11.28 -52.84
CA LEU C 427 28.43 10.75 -51.78
C LEU C 427 28.74 11.87 -50.82
N VAL C 428 28.56 11.62 -49.52
CA VAL C 428 28.92 12.55 -48.46
C VAL C 428 30.02 11.89 -47.63
N ARG C 429 31.13 12.60 -47.45
CA ARG C 429 32.27 12.09 -46.71
C ARG C 429 32.18 12.55 -45.26
N VAL C 430 32.33 11.59 -44.34
CA VAL C 430 32.29 11.89 -42.91
C VAL C 430 33.51 11.29 -42.24
N GLU C 431 33.76 11.74 -41.01
CA GLU C 431 35.04 11.48 -40.36
C GLU C 431 35.08 10.06 -39.80
N THR C 432 34.04 9.64 -39.09
CA THR C 432 34.02 8.34 -38.42
C THR C 432 32.74 7.59 -38.77
N VAL C 433 32.74 6.29 -38.47
CA VAL C 433 31.54 5.48 -38.70
C VAL C 433 30.37 5.96 -37.82
N ASP C 434 30.67 6.46 -36.61
CA ASP C 434 29.60 7.00 -35.77
C ASP C 434 29.01 8.27 -36.38
N ASP C 435 29.84 9.12 -36.97
CA ASP C 435 29.31 10.25 -37.72
C ASP C 435 28.44 9.77 -38.89
N ALA C 436 28.87 8.71 -39.57
CA ALA C 436 28.12 8.20 -40.71
C ALA C 436 26.74 7.71 -40.28
N ILE C 437 26.69 6.95 -39.18
CA ILE C 437 25.41 6.47 -38.65
C ILE C 437 24.49 7.64 -38.31
N ASP C 438 25.02 8.66 -37.62
CA ASP C 438 24.23 9.86 -37.30
C ASP C 438 23.67 10.54 -38.55
N LEU C 439 24.52 10.76 -39.55
CA LEU C 439 24.05 11.42 -40.76
C LEU C 439 23.02 10.55 -41.49
N ALA C 440 23.24 9.22 -41.49
CA ALA C 440 22.29 8.31 -42.13
C ALA C 440 20.91 8.39 -41.50
N ILE C 441 20.86 8.42 -40.16
CA ILE C 441 19.59 8.58 -39.45
C ILE C 441 18.96 9.91 -39.81
N GLU C 442 19.77 10.97 -39.87
CA GLU C 442 19.24 12.30 -40.13
C GLU C 442 18.74 12.42 -41.57
N VAL C 443 19.55 11.99 -42.54
CA VAL C 443 19.11 12.18 -43.92
C VAL C 443 17.93 11.26 -44.24
N GLU C 444 17.77 10.17 -43.48
CA GLU C 444 16.66 9.27 -43.78
C GLU C 444 15.32 9.91 -43.42
N HIS C 445 15.34 11.01 -42.66
CA HIS C 445 14.18 11.87 -42.40
C HIS C 445 13.07 11.17 -41.64
N ASP C 446 13.40 10.17 -40.82
CA ASP C 446 12.44 9.47 -39.98
C ASP C 446 11.35 8.78 -40.80
N ASN C 447 11.61 8.54 -42.10
CA ASN C 447 10.73 7.63 -42.84
C ASN C 447 10.78 6.23 -42.26
N ARG C 448 11.91 5.85 -41.67
CA ARG C 448 12.11 4.51 -41.12
C ARG C 448 11.75 3.45 -42.16
N HIS C 449 12.20 3.69 -43.39
CA HIS C 449 11.91 2.80 -44.51
C HIS C 449 13.05 1.80 -44.78
N THR C 450 14.09 2.21 -45.51
CA THR C 450 15.19 1.31 -45.83
C THR C 450 16.52 1.97 -45.51
N ALA C 451 17.46 1.20 -44.97
CA ALA C 451 18.84 1.66 -44.86
C ALA C 451 19.77 0.49 -45.21
N ILE C 452 20.99 0.83 -45.60
CA ILE C 452 21.96 -0.17 -46.03
C ILE C 452 23.30 0.17 -45.38
N MET C 453 24.03 -0.87 -44.96
CA MET C 453 25.36 -0.66 -44.40
C MET C 453 26.34 -1.68 -44.93
N HIS C 454 27.53 -1.20 -45.32
CA HIS C 454 28.66 -2.06 -45.69
C HIS C 454 29.73 -1.94 -44.61
N SER C 455 29.96 -3.04 -43.90
CA SER C 455 30.80 -3.09 -42.72
C SER C 455 30.91 -4.55 -42.31
N THR C 456 32.13 -4.98 -41.98
CA THR C 456 32.29 -6.31 -41.38
C THR C 456 32.33 -6.26 -39.86
N ASP C 457 32.17 -5.08 -39.28
CA ASP C 457 32.27 -4.89 -37.83
C ASP C 457 30.89 -5.11 -37.21
N VAL C 458 30.74 -6.24 -36.51
CA VAL C 458 29.44 -6.68 -36.01
C VAL C 458 28.82 -5.65 -35.06
N ARG C 459 29.65 -4.86 -34.36
CA ARG C 459 29.12 -3.85 -33.43
C ARG C 459 28.58 -2.63 -34.15
N LYS C 460 29.20 -2.22 -35.25
CA LYS C 460 28.70 -1.07 -35.98
C LYS C 460 27.47 -1.43 -36.80
N LEU C 461 27.46 -2.63 -37.39
CA LEU C 461 26.26 -3.13 -38.04
C LEU C 461 25.09 -3.17 -37.06
N THR C 462 25.32 -3.71 -35.87
CA THR C 462 24.29 -3.77 -34.84
C THR C 462 23.82 -2.37 -34.46
N LYS C 463 24.76 -1.46 -34.19
CA LYS C 463 24.40 -0.12 -33.75
C LYS C 463 23.59 0.62 -34.80
N MET C 464 23.99 0.54 -36.07
CA MET C 464 23.27 1.31 -37.09
C MET C 464 21.89 0.74 -37.34
N ALA C 465 21.80 -0.58 -37.48
CA ALA C 465 20.50 -1.21 -37.66
C ALA C 465 19.57 -0.85 -36.51
N LYS C 466 20.10 -0.93 -35.30
CA LYS C 466 19.25 -0.77 -34.14
C LYS C 466 18.85 0.68 -33.96
N LEU C 467 19.75 1.61 -34.26
CA LEU C 467 19.44 3.02 -34.09
C LEU C 467 18.51 3.52 -35.18
N ILE C 468 18.70 3.08 -36.42
CA ILE C 468 17.98 3.71 -37.51
C ILE C 468 16.55 3.19 -37.65
N GLN C 469 16.24 2.02 -37.07
CA GLN C 469 14.86 1.55 -36.88
C GLN C 469 14.08 1.44 -38.20
N THR C 470 14.71 0.89 -39.23
CA THR C 470 14.08 0.91 -40.55
C THR C 470 13.27 -0.36 -40.79
N THR C 471 12.27 -0.24 -41.66
CA THR C 471 11.50 -1.42 -42.04
C THR C 471 12.38 -2.47 -42.71
N ILE C 472 13.40 -2.05 -43.44
CA ILE C 472 14.36 -2.95 -44.07
C ILE C 472 15.75 -2.43 -43.77
N PHE C 473 16.65 -3.33 -43.37
CA PHE C 473 18.05 -3.00 -43.22
C PHE C 473 18.88 -4.09 -43.90
N VAL C 474 19.77 -3.70 -44.83
CA VAL C 474 20.59 -4.64 -45.59
C VAL C 474 22.05 -4.42 -45.24
N LYS C 475 22.73 -5.50 -44.85
CA LYS C 475 24.14 -5.47 -44.50
C LYS C 475 24.95 -6.16 -45.59
N ASN C 476 25.85 -5.40 -46.22
CA ASN C 476 26.87 -5.95 -47.12
C ASN C 476 26.21 -6.63 -48.33
N GLY C 477 25.30 -5.91 -48.96
CA GLY C 477 24.55 -6.42 -50.06
C GLY C 477 23.88 -5.30 -50.80
N PRO C 478 23.41 -5.55 -52.03
CA PRO C 478 22.60 -4.56 -52.72
C PRO C 478 21.31 -4.34 -51.96
N SER C 479 20.68 -3.19 -52.19
CA SER C 479 19.43 -2.89 -51.48
C SER C 479 18.37 -3.94 -51.75
N TYR C 480 18.34 -4.51 -52.95
CA TYR C 480 17.29 -5.46 -53.29
C TYR C 480 17.48 -6.83 -52.65
N ALA C 481 18.56 -7.05 -51.89
CA ALA C 481 18.63 -8.25 -51.08
C ALA C 481 17.62 -8.20 -49.93
N GLY C 482 17.05 -7.03 -49.64
CA GLY C 482 15.96 -6.88 -48.71
C GLY C 482 14.60 -7.23 -49.28
N LEU C 483 14.54 -7.51 -50.58
CA LEU C 483 13.30 -7.92 -51.23
C LEU C 483 13.31 -9.39 -51.63
N GLY C 484 14.25 -10.16 -51.11
CA GLY C 484 14.33 -11.56 -51.46
C GLY C 484 15.18 -11.88 -52.67
N ALA C 485 15.97 -10.93 -53.17
CA ALA C 485 16.83 -11.13 -54.33
C ALA C 485 18.28 -11.05 -53.87
N GLY C 486 18.78 -12.16 -53.33
CA GLY C 486 20.11 -12.19 -52.75
C GLY C 486 20.12 -12.10 -51.25
N GLY C 487 18.95 -11.94 -50.62
CA GLY C 487 18.82 -12.10 -49.18
C GLY C 487 17.79 -13.17 -48.88
N GLU C 488 17.82 -13.70 -47.67
CA GLU C 488 16.80 -14.66 -47.27
C GLU C 488 15.47 -13.96 -47.00
N GLY C 489 14.38 -14.62 -47.39
CA GLY C 489 13.03 -14.12 -47.19
C GLY C 489 12.23 -14.09 -48.47
N TYR C 490 10.99 -13.62 -48.35
CA TYR C 490 10.09 -13.51 -49.49
C TYR C 490 10.11 -12.09 -50.02
N SER C 491 9.46 -11.90 -51.17
CA SER C 491 9.41 -10.60 -51.83
C SER C 491 8.05 -9.95 -51.64
N THR C 492 8.07 -8.62 -51.70
CA THR C 492 6.84 -7.86 -51.79
C THR C 492 7.14 -6.59 -52.56
N PHE C 493 6.08 -5.94 -53.01
CA PHE C 493 6.19 -4.61 -53.59
C PHE C 493 5.29 -3.63 -52.86
N THR C 494 4.72 -4.03 -51.73
CA THR C 494 3.99 -3.14 -50.85
C THR C 494 4.65 -3.22 -49.49
N ILE C 495 5.53 -2.26 -49.20
CA ILE C 495 6.32 -2.22 -47.98
C ILE C 495 5.74 -1.12 -47.10
N ALA C 496 5.12 -1.51 -45.97
CA ALA C 496 4.33 -0.59 -45.16
C ALA C 496 5.24 0.10 -44.14
N GLY C 497 5.43 1.40 -44.31
CA GLY C 497 6.13 2.21 -43.34
C GLY C 497 5.22 2.68 -42.21
N PRO C 498 4.35 3.64 -42.52
CA PRO C 498 3.48 4.21 -41.47
C PRO C 498 2.55 3.20 -40.81
N THR C 499 2.06 2.18 -41.52
CA THR C 499 1.10 1.31 -40.86
C THR C 499 1.76 0.11 -40.19
N GLY C 500 3.06 -0.11 -40.37
CA GLY C 500 3.79 -1.01 -39.48
C GLY C 500 3.78 -2.48 -39.86
N GLU C 501 3.19 -2.86 -40.99
CA GLU C 501 3.13 -4.27 -41.36
C GLU C 501 4.45 -4.81 -41.90
N GLY C 502 5.37 -3.96 -42.29
CA GLY C 502 6.63 -4.44 -42.87
C GLY C 502 6.43 -4.84 -44.32
N LEU C 503 6.93 -6.01 -44.67
CA LEU C 503 6.78 -6.52 -46.04
C LEU C 503 5.46 -7.29 -46.13
N THR C 504 4.46 -6.68 -46.77
CA THR C 504 3.12 -7.28 -46.77
C THR C 504 3.11 -8.62 -47.49
N SER C 505 2.17 -9.46 -47.09
CA SER C 505 1.94 -10.78 -47.67
C SER C 505 0.53 -11.21 -47.26
N ALA C 506 0.17 -12.46 -47.56
CA ALA C 506 -1.20 -12.91 -47.34
C ALA C 506 -1.67 -12.62 -45.91
N LYS C 507 -0.77 -12.80 -44.93
CA LYS C 507 -1.12 -12.51 -43.52
C LYS C 507 -1.60 -11.07 -43.35
N SER C 508 -0.90 -10.11 -43.96
CA SER C 508 -1.27 -8.71 -43.87
C SER C 508 -2.69 -8.42 -44.38
N PHE C 509 -3.28 -9.30 -45.19
CA PHE C 509 -4.59 -9.07 -45.78
C PHE C 509 -5.64 -10.00 -45.20
N ALA C 510 -5.46 -10.40 -43.93
CA ALA C 510 -6.38 -11.31 -43.27
C ALA C 510 -6.70 -10.76 -41.87
N ARG C 511 -7.91 -11.04 -41.42
CA ARG C 511 -8.28 -10.78 -40.03
C ARG C 511 -7.85 -11.97 -39.19
N ARG C 512 -7.50 -11.71 -37.93
N ARG C 512 -7.53 -11.70 -37.93
CA ARG C 512 -7.10 -12.77 -37.01
CA ARG C 512 -7.11 -12.74 -37.00
C ARG C 512 -8.29 -13.16 -36.14
C ARG C 512 -8.31 -13.16 -36.15
N ARG C 513 -8.52 -14.47 -36.05
CA ARG C 513 -9.68 -15.03 -35.36
C ARG C 513 -9.23 -16.08 -34.36
N LYS C 514 -9.85 -16.05 -33.18
CA LYS C 514 -9.51 -16.93 -32.07
C LYS C 514 -10.69 -17.87 -31.84
N CYS C 515 -10.40 -19.16 -31.73
CA CYS C 515 -11.42 -20.20 -31.58
C CYS C 515 -11.05 -21.03 -30.36
N VAL C 516 -11.89 -20.98 -29.33
CA VAL C 516 -11.59 -21.52 -28.01
C VAL C 516 -12.48 -22.73 -27.79
N MET C 517 -11.87 -23.91 -27.74
CA MET C 517 -12.58 -25.16 -27.43
C MET C 517 -12.35 -25.43 -25.96
N VAL C 518 -13.34 -25.09 -25.14
CA VAL C 518 -13.19 -25.11 -23.70
C VAL C 518 -13.15 -26.55 -23.19
N GLU C 519 -12.09 -26.88 -22.46
CA GLU C 519 -11.97 -28.16 -21.76
C GLU C 519 -12.14 -29.35 -22.70
N ALA C 520 -11.59 -29.24 -23.91
CA ALA C 520 -11.59 -30.36 -24.86
C ALA C 520 -10.46 -30.17 -25.86
N LEU C 521 -10.09 -31.28 -26.50
CA LEU C 521 -9.00 -31.30 -27.49
C LEU C 521 -7.68 -30.85 -26.90
N ASN C 522 -7.50 -31.11 -25.61
CA ASN C 522 -6.21 -30.95 -24.97
C ASN C 522 -5.65 -32.36 -24.80
N ILE C 523 -5.04 -32.86 -25.89
CA ILE C 523 -4.74 -34.29 -25.96
C ILE C 523 -3.30 -34.60 -25.54
N ARG C 524 -2.53 -33.60 -25.13
CA ARG C 524 -1.20 -33.86 -24.57
C ARG C 524 -1.34 -34.80 -23.37
N VAL D 86 4.93 -40.97 4.69
CA VAL D 86 5.27 -40.30 3.44
C VAL D 86 6.74 -40.59 3.09
N SER D 87 7.00 -40.82 1.80
CA SER D 87 8.33 -41.14 1.34
C SER D 87 9.18 -39.88 1.23
N ASP D 88 10.48 -40.01 1.50
CA ASP D 88 11.41 -38.90 1.32
C ASP D 88 12.15 -38.98 -0.01
N GLY D 89 11.89 -40.00 -0.82
CA GLY D 89 12.47 -40.11 -2.14
C GLY D 89 13.70 -40.99 -2.21
N VAL D 90 14.27 -41.37 -1.06
CA VAL D 90 15.48 -42.18 -0.99
C VAL D 90 15.07 -43.62 -0.71
N PHE D 91 15.62 -44.57 -1.49
CA PHE D 91 15.25 -45.98 -1.40
C PHE D 91 16.50 -46.84 -1.25
N GLU D 92 16.34 -47.98 -0.58
CA GLU D 92 17.47 -48.83 -0.27
C GLU D 92 18.04 -49.48 -1.53
N THR D 93 17.17 -49.94 -2.42
CA THR D 93 17.57 -50.61 -3.66
C THR D 93 17.09 -49.83 -4.87
N MET D 94 17.87 -49.90 -5.94
CA MET D 94 17.45 -49.28 -7.20
C MET D 94 16.08 -49.78 -7.65
N ASP D 95 15.82 -51.10 -7.52
CA ASP D 95 14.54 -51.63 -7.99
C ASP D 95 13.36 -51.01 -7.23
N ALA D 96 13.53 -50.75 -5.93
CA ALA D 96 12.42 -50.16 -5.19
C ALA D 96 12.17 -48.74 -5.66
N ALA D 97 13.24 -47.99 -5.95
CA ALA D 97 13.10 -46.61 -6.41
C ALA D 97 12.46 -46.56 -7.79
N VAL D 98 12.85 -47.47 -8.69
CA VAL D 98 12.20 -47.54 -10.00
C VAL D 98 10.74 -47.96 -9.86
N GLU D 99 10.47 -48.97 -9.02
CA GLU D 99 9.09 -49.40 -8.84
C GLU D 99 8.23 -48.31 -8.22
N ALA D 100 8.79 -47.56 -7.28
CA ALA D 100 8.06 -46.44 -6.70
C ALA D 100 7.83 -45.35 -7.75
N ALA D 101 8.87 -45.03 -8.54
CA ALA D 101 8.72 -43.99 -9.56
C ALA D 101 7.78 -44.43 -10.68
N ALA D 102 7.66 -45.74 -10.93
CA ALA D 102 6.66 -46.19 -11.90
C ALA D 102 5.25 -45.89 -11.41
N LEU D 103 4.96 -46.19 -10.13
CA LEU D 103 3.63 -45.90 -9.61
C LEU D 103 3.37 -44.38 -9.58
N ALA D 104 4.38 -43.61 -9.20
CA ALA D 104 4.23 -42.16 -9.15
C ALA D 104 3.84 -41.59 -10.51
N GLN D 105 4.48 -42.06 -11.58
CA GLN D 105 4.27 -41.44 -12.87
C GLN D 105 2.90 -41.81 -13.44
N GLN D 106 2.41 -43.03 -13.19
CA GLN D 106 1.02 -43.36 -13.51
C GLN D 106 0.07 -42.39 -12.83
N GLN D 107 0.32 -42.11 -11.54
CA GLN D 107 -0.49 -41.13 -10.83
C GLN D 107 -0.32 -39.74 -11.41
N TYR D 108 0.89 -39.41 -11.86
CA TYR D 108 1.16 -38.08 -12.42
C TYR D 108 0.32 -37.83 -13.67
N LEU D 109 0.07 -38.88 -14.46
CA LEU D 109 -0.72 -38.75 -15.69
C LEU D 109 -2.09 -38.13 -15.44
N LEU D 110 -2.67 -38.36 -14.27
CA LEU D 110 -3.97 -37.81 -13.95
C LEU D 110 -3.88 -36.42 -13.33
N CYS D 111 -2.68 -35.93 -13.04
CA CYS D 111 -2.53 -34.54 -12.64
C CYS D 111 -2.69 -33.61 -13.84
N SER D 112 -2.96 -32.35 -13.54
CA SER D 112 -3.18 -31.33 -14.56
C SER D 112 -1.88 -30.61 -14.91
N MET D 113 -1.91 -29.90 -16.04
CA MET D 113 -0.81 -29.02 -16.38
C MET D 113 -0.61 -27.97 -15.29
N SER D 114 -1.70 -27.52 -14.67
CA SER D 114 -1.56 -26.57 -13.56
C SER D 114 -0.84 -27.19 -12.37
N ASP D 115 -1.02 -28.50 -12.14
CA ASP D 115 -0.26 -29.20 -11.10
C ASP D 115 1.23 -29.23 -11.43
N ARG D 116 1.56 -29.64 -12.67
CA ARG D 116 2.95 -29.67 -13.10
C ARG D 116 3.61 -28.33 -12.86
N ALA D 117 2.90 -27.24 -13.19
CA ALA D 117 3.49 -25.92 -13.02
C ALA D 117 3.73 -25.63 -11.54
N ARG D 118 2.83 -26.08 -10.67
CA ARG D 118 3.06 -25.89 -9.24
C ARG D 118 4.24 -26.72 -8.76
N PHE D 119 4.43 -27.91 -9.33
CA PHE D 119 5.54 -28.76 -8.92
C PHE D 119 6.87 -28.26 -9.50
N VAL D 120 6.84 -27.67 -10.70
CA VAL D 120 8.03 -27.08 -11.26
C VAL D 120 8.44 -25.85 -10.46
N GLN D 121 7.47 -24.98 -10.15
CA GLN D 121 7.76 -23.81 -9.33
C GLN D 121 8.24 -24.20 -7.95
N GLY D 122 7.75 -25.33 -7.42
CA GLY D 122 8.22 -25.81 -6.14
C GLY D 122 9.70 -26.14 -6.13
N ILE D 123 10.18 -26.84 -7.16
CA ILE D 123 11.60 -27.15 -7.27
C ILE D 123 12.43 -25.87 -7.39
N ARG D 124 11.95 -24.89 -8.15
CA ARG D 124 12.65 -23.61 -8.21
C ARG D 124 12.71 -22.97 -6.82
N ASP D 125 11.61 -23.05 -6.07
CA ASP D 125 11.56 -22.46 -4.73
C ASP D 125 12.55 -23.13 -3.78
N VAL D 126 12.80 -24.43 -3.95
CA VAL D 126 13.75 -25.14 -3.09
C VAL D 126 15.17 -24.61 -3.30
N ILE D 127 15.63 -24.60 -4.54
CA ILE D 127 17.02 -24.27 -4.81
C ILE D 127 17.25 -22.76 -4.72
N LEU D 128 16.22 -21.95 -4.97
CA LEU D 128 16.40 -20.50 -4.95
C LEU D 128 16.26 -19.92 -3.55
N ASN D 129 15.73 -20.69 -2.61
CA ASN D 129 15.76 -20.32 -1.21
C ASN D 129 17.19 -20.06 -0.76
N GLN D 130 17.44 -18.86 -0.22
CA GLN D 130 18.81 -18.42 -0.01
C GLN D 130 19.58 -19.34 0.94
N ASP D 131 18.89 -19.90 1.93
CA ASP D 131 19.56 -20.81 2.86
C ASP D 131 19.95 -22.11 2.16
N THR D 132 19.01 -22.70 1.42
CA THR D 132 19.29 -23.94 0.69
C THR D 132 20.33 -23.73 -0.38
N LEU D 133 20.24 -22.60 -1.09
CA LEU D 133 21.20 -22.28 -2.13
C LEU D 133 22.62 -22.27 -1.58
N GLU D 134 22.84 -21.54 -0.48
CA GLU D 134 24.17 -21.46 0.13
C GLU D 134 24.63 -22.82 0.66
N LYS D 135 23.72 -23.59 1.24
CA LYS D 135 24.11 -24.90 1.78
C LYS D 135 24.44 -25.87 0.66
N MET D 136 23.66 -25.84 -0.42
CA MET D 136 23.87 -26.74 -1.55
C MET D 136 25.18 -26.45 -2.25
N SER D 137 25.60 -25.18 -2.27
CA SER D 137 26.79 -24.80 -3.03
C SER D 137 28.08 -25.05 -2.26
N ARG D 138 28.07 -24.95 -0.93
CA ARG D 138 29.29 -25.25 -0.19
C ARG D 138 29.38 -26.72 0.22
N MET D 139 28.26 -27.38 0.48
CA MET D 139 28.32 -28.82 0.75
C MET D 139 28.81 -29.60 -0.47
N ALA D 140 28.51 -29.10 -1.67
CA ALA D 140 29.07 -29.71 -2.88
C ALA D 140 30.57 -29.53 -2.93
N VAL D 141 31.04 -28.30 -2.70
CA VAL D 141 32.48 -28.05 -2.66
C VAL D 141 33.15 -28.92 -1.60
N GLU D 142 32.55 -28.99 -0.40
CA GLU D 142 33.15 -29.74 0.69
C GLU D 142 33.16 -31.25 0.44
N GLU D 143 32.14 -31.79 -0.23
CA GLU D 143 32.08 -33.22 -0.43
C GLU D 143 32.87 -33.70 -1.65
N THR D 144 32.93 -32.91 -2.71
CA THR D 144 33.65 -33.31 -3.90
C THR D 144 35.08 -32.79 -3.93
N GLY D 145 35.36 -31.71 -3.22
CA GLY D 145 36.64 -31.06 -3.38
C GLY D 145 36.84 -30.35 -4.70
N MET D 146 35.77 -30.13 -5.46
CA MET D 146 35.85 -29.52 -6.78
C MET D 146 35.02 -28.23 -6.82
N GLY D 147 35.49 -27.26 -7.61
CA GLY D 147 34.79 -25.99 -7.76
C GLY D 147 34.96 -25.07 -6.57
N ASN D 148 34.18 -23.98 -6.59
CA ASN D 148 34.22 -23.01 -5.51
C ASN D 148 32.81 -22.57 -5.14
N TYR D 149 32.70 -22.04 -3.92
CA TYR D 149 31.41 -21.72 -3.33
C TYR D 149 30.67 -20.64 -4.12
N GLU D 150 31.35 -19.52 -4.39
CA GLU D 150 30.67 -18.38 -5.00
C GLU D 150 30.08 -18.74 -6.35
N HIS D 151 30.81 -19.53 -7.14
CA HIS D 151 30.33 -19.80 -8.49
C HIS D 151 29.21 -20.83 -8.51
N LYS D 152 29.19 -21.77 -7.56
CA LYS D 152 28.09 -22.70 -7.51
C LYS D 152 26.79 -22.02 -7.10
N LEU D 153 26.90 -20.91 -6.35
CA LEU D 153 25.74 -20.07 -6.08
C LEU D 153 25.14 -19.55 -7.40
N ILE D 154 25.99 -19.01 -8.26
CA ILE D 154 25.57 -18.56 -9.59
C ILE D 154 24.97 -19.72 -10.39
N LYS D 155 25.61 -20.89 -10.35
CA LYS D 155 25.19 -22.01 -11.20
C LYS D 155 23.88 -22.64 -10.71
N ASN D 156 23.75 -22.85 -9.39
CA ASN D 156 22.48 -23.35 -8.88
C ASN D 156 21.36 -22.36 -9.15
N ARG D 157 21.66 -21.06 -9.06
CA ARG D 157 20.71 -20.01 -9.43
C ARG D 157 20.32 -20.12 -10.90
N LEU D 158 21.29 -20.39 -11.77
CA LEU D 158 20.99 -20.53 -13.18
C LEU D 158 20.09 -21.74 -13.44
N ALA D 159 20.38 -22.86 -12.77
CA ALA D 159 19.54 -24.04 -12.93
C ALA D 159 18.10 -23.76 -12.48
N GLY D 160 17.95 -23.10 -11.33
CA GLY D 160 16.61 -22.86 -10.81
C GLY D 160 15.84 -21.79 -11.55
N GLU D 161 16.53 -20.76 -12.07
CA GLU D 161 15.83 -19.66 -12.73
C GLU D 161 15.64 -19.85 -14.22
N LYS D 162 16.64 -20.38 -14.94
CA LYS D 162 16.59 -20.36 -16.41
C LYS D 162 16.27 -21.70 -17.04
N THR D 163 15.97 -22.74 -16.25
CA THR D 163 15.54 -24.01 -16.83
C THR D 163 14.10 -23.89 -17.30
N PRO D 164 13.78 -24.22 -18.55
CA PRO D 164 12.41 -24.07 -19.04
C PRO D 164 11.45 -24.97 -18.29
N GLY D 165 10.24 -24.48 -18.11
CA GLY D 165 9.15 -25.21 -17.48
C GLY D 165 8.13 -25.70 -18.49
N ILE D 166 6.88 -25.88 -18.04
CA ILE D 166 5.86 -26.44 -18.91
C ILE D 166 5.59 -25.56 -20.10
N GLU D 167 6.00 -24.29 -20.05
CA GLU D 167 5.85 -23.45 -21.24
C GLU D 167 6.71 -23.97 -22.39
N ASP D 168 7.72 -24.80 -22.09
CA ASP D 168 8.55 -25.39 -23.14
C ASP D 168 7.77 -26.32 -24.06
N LEU D 169 6.64 -26.87 -23.62
CA LEU D 169 5.92 -27.89 -24.38
C LEU D 169 4.92 -27.20 -25.29
N THR D 170 5.42 -26.72 -26.42
CA THR D 170 4.56 -26.02 -27.35
C THR D 170 3.73 -27.01 -28.17
N THR D 171 2.82 -26.45 -28.97
CA THR D 171 1.87 -27.19 -29.78
C THR D 171 1.92 -26.67 -31.22
N ASP D 172 2.13 -27.58 -32.17
CA ASP D 172 2.01 -27.27 -33.59
C ASP D 172 0.61 -27.59 -34.09
N ALA D 173 0.06 -26.70 -34.92
CA ALA D 173 -1.21 -26.94 -35.59
C ALA D 173 -1.10 -26.68 -37.09
N PHE D 174 -1.89 -27.44 -37.86
CA PHE D 174 -1.99 -27.25 -39.30
C PHE D 174 -3.44 -27.53 -39.70
N SER D 175 -4.07 -26.57 -40.37
CA SER D 175 -5.48 -26.66 -40.74
C SER D 175 -5.63 -26.39 -42.23
N GLY D 176 -6.65 -27.01 -42.81
CA GLY D 176 -6.83 -26.97 -44.25
C GLY D 176 -8.01 -27.81 -44.66
N ASP D 177 -8.04 -28.19 -45.94
CA ASP D 177 -9.19 -28.91 -46.47
C ASP D 177 -9.38 -30.25 -45.77
N ASN D 178 -8.31 -30.85 -45.27
CA ASN D 178 -8.41 -32.14 -44.59
C ASN D 178 -8.56 -32.01 -43.09
N GLY D 179 -8.78 -30.80 -42.58
CA GLY D 179 -9.13 -30.67 -41.18
C GLY D 179 -8.04 -30.05 -40.35
N LEU D 180 -7.76 -30.65 -39.19
CA LEU D 180 -6.80 -30.11 -38.25
C LEU D 180 -5.83 -31.21 -37.85
N THR D 181 -4.56 -30.86 -37.79
CA THR D 181 -3.53 -31.75 -37.23
C THR D 181 -2.84 -31.02 -36.09
N LEU D 182 -2.83 -31.63 -34.91
CA LEU D 182 -2.13 -31.11 -33.75
C LEU D 182 -0.95 -32.03 -33.45
N VAL D 183 0.15 -31.44 -33.01
CA VAL D 183 1.32 -32.17 -32.56
C VAL D 183 1.61 -31.71 -31.14
N GLU D 184 1.89 -32.66 -30.26
CA GLU D 184 2.04 -32.34 -28.85
C GLU D 184 3.25 -33.09 -28.31
N TYR D 185 3.74 -32.58 -27.17
CA TYR D 185 4.87 -33.16 -26.43
C TYR D 185 4.32 -33.86 -25.20
N SER D 186 4.44 -35.19 -25.16
CA SER D 186 3.77 -36.01 -24.17
C SER D 186 4.76 -36.81 -23.34
N PRO D 187 4.36 -37.26 -22.14
CA PRO D 187 5.32 -37.92 -21.24
C PRO D 187 5.90 -39.19 -21.85
N PHE D 188 7.14 -39.48 -21.47
CA PHE D 188 7.76 -40.77 -21.76
C PHE D 188 7.40 -41.80 -20.70
N GLY D 189 7.44 -41.40 -19.43
CA GLY D 189 7.31 -42.32 -18.33
C GLY D 189 8.37 -42.08 -17.28
N VAL D 190 9.03 -43.14 -16.85
CA VAL D 190 10.09 -43.05 -15.85
C VAL D 190 11.40 -42.83 -16.58
N ILE D 191 12.13 -41.81 -16.17
CA ILE D 191 13.41 -41.48 -16.77
C ILE D 191 14.48 -41.74 -15.73
N GLY D 192 15.46 -42.55 -16.09
CA GLY D 192 16.62 -42.75 -15.23
C GLY D 192 17.69 -41.76 -15.59
N ALA D 193 18.09 -40.91 -14.65
CA ALA D 193 19.05 -39.86 -14.91
C ALA D 193 20.31 -40.12 -14.11
N ILE D 194 21.47 -39.97 -14.75
CA ILE D 194 22.77 -40.15 -14.14
C ILE D 194 23.45 -38.79 -14.03
N THR D 195 23.75 -38.37 -12.80
CA THR D 195 24.27 -37.04 -12.57
C THR D 195 25.77 -37.06 -12.25
N PRO D 196 26.50 -36.02 -12.63
CA PRO D 196 27.96 -36.02 -12.47
C PRO D 196 28.40 -35.45 -11.13
N THR D 197 29.69 -35.58 -10.86
CA THR D 197 30.24 -34.98 -9.64
C THR D 197 30.65 -33.54 -9.82
N THR D 198 30.82 -33.07 -11.06
CA THR D 198 31.19 -31.67 -11.30
C THR D 198 30.02 -30.73 -11.03
N ASN D 199 28.82 -31.10 -11.49
CA ASN D 199 27.62 -30.27 -11.32
C ASN D 199 26.49 -31.09 -10.72
N PRO D 200 26.67 -31.64 -9.54
CA PRO D 200 25.67 -32.57 -9.01
C PRO D 200 24.32 -31.92 -8.75
N THR D 201 24.30 -30.81 -8.05
CA THR D 201 23.01 -30.27 -7.63
C THR D 201 22.29 -29.56 -8.77
N GLU D 202 23.03 -28.83 -9.62
CA GLU D 202 22.40 -28.13 -10.72
C GLU D 202 21.78 -29.13 -11.70
N THR D 203 22.47 -30.24 -11.95
CA THR D 203 21.95 -31.25 -12.85
C THR D 203 20.64 -31.83 -12.31
N ILE D 204 20.56 -32.05 -11.00
CA ILE D 204 19.33 -32.59 -10.39
C ILE D 204 18.19 -31.58 -10.52
N VAL D 205 18.48 -30.29 -10.31
CA VAL D 205 17.47 -29.25 -10.47
C VAL D 205 17.04 -29.15 -11.93
N CYS D 206 18.01 -29.15 -12.84
CA CYS D 206 17.72 -28.98 -14.26
C CYS D 206 16.97 -30.20 -14.82
N ASN D 207 17.42 -31.41 -14.51
CA ASN D 207 16.74 -32.62 -14.99
C ASN D 207 15.32 -32.71 -14.47
N SER D 208 15.13 -32.57 -13.16
CA SER D 208 13.81 -32.82 -12.58
C SER D 208 12.79 -31.77 -13.02
N ILE D 209 13.21 -30.51 -13.12
CA ILE D 209 12.30 -29.48 -13.65
C ILE D 209 11.81 -29.85 -15.05
N GLY D 210 12.75 -30.13 -15.97
CA GLY D 210 12.35 -30.44 -17.32
C GLY D 210 11.58 -31.75 -17.43
N MET D 211 12.03 -32.76 -16.68
CA MET D 211 11.37 -34.06 -16.76
C MET D 211 9.98 -34.02 -16.14
N LEU D 212 9.80 -33.27 -15.05
CA LEU D 212 8.48 -33.19 -14.45
C LEU D 212 7.55 -32.28 -15.24
N ALA D 213 8.09 -31.25 -15.91
CA ALA D 213 7.24 -30.41 -16.74
C ALA D 213 6.61 -31.24 -17.85
N ALA D 214 7.39 -32.13 -18.46
CA ALA D 214 6.95 -33.03 -19.53
C ALA D 214 6.08 -34.18 -19.02
N GLY D 215 5.87 -34.30 -17.71
CA GLY D 215 5.01 -35.33 -17.20
C GLY D 215 5.71 -36.63 -16.84
N ASN D 216 6.99 -36.59 -16.56
CA ASN D 216 7.71 -37.79 -16.17
C ASN D 216 7.96 -37.79 -14.67
N SER D 217 8.34 -38.96 -14.16
CA SER D 217 9.05 -39.08 -12.90
C SER D 217 10.51 -39.40 -13.23
N VAL D 218 11.40 -39.20 -12.26
CA VAL D 218 12.83 -39.33 -12.50
C VAL D 218 13.45 -40.12 -11.36
N VAL D 219 14.17 -41.18 -11.71
CA VAL D 219 15.05 -41.88 -10.80
C VAL D 219 16.45 -41.35 -11.04
N PHE D 220 17.02 -40.69 -10.04
CA PHE D 220 18.40 -40.25 -10.13
C PHE D 220 19.31 -41.34 -9.61
N SER D 221 20.46 -41.48 -10.24
CA SER D 221 21.53 -42.36 -9.79
C SER D 221 22.77 -41.50 -9.67
N PRO D 222 22.98 -40.86 -8.52
CA PRO D 222 23.99 -39.80 -8.42
C PRO D 222 25.41 -40.35 -8.30
N HIS D 223 26.36 -39.45 -8.55
CA HIS D 223 27.76 -39.80 -8.42
C HIS D 223 28.10 -40.11 -6.97
N PRO D 224 28.90 -41.14 -6.71
CA PRO D 224 29.17 -41.53 -5.31
C PRO D 224 29.83 -40.45 -4.47
N ARG D 225 30.71 -39.62 -5.05
CA ARG D 225 31.43 -38.62 -4.25
C ARG D 225 30.60 -37.39 -3.94
N ALA D 226 29.46 -37.21 -4.62
CA ALA D 226 28.49 -36.19 -4.26
C ALA D 226 27.20 -36.85 -3.75
N ARG D 227 27.37 -37.96 -3.03
CA ARG D 227 26.22 -38.70 -2.51
C ARG D 227 25.39 -37.86 -1.54
N GLN D 228 26.05 -37.22 -0.56
CA GLN D 228 25.29 -36.62 0.54
C GLN D 228 24.58 -35.35 0.12
N VAL D 229 25.19 -34.54 -0.76
CA VAL D 229 24.49 -33.35 -1.22
C VAL D 229 23.35 -33.71 -2.18
N SER D 230 23.48 -34.83 -2.91
CA SER D 230 22.43 -35.21 -3.84
C SER D 230 21.21 -35.75 -3.10
N LEU D 231 21.44 -36.62 -2.12
CA LEU D 231 20.31 -37.17 -1.37
C LEU D 231 19.60 -36.08 -0.57
N LEU D 232 20.35 -35.07 -0.09
CA LEU D 232 19.71 -33.98 0.61
C LEU D 232 18.79 -33.20 -0.33
N LEU D 233 19.28 -32.90 -1.52
CA LEU D 233 18.45 -32.20 -2.51
C LEU D 233 17.20 -33.01 -2.84
N VAL D 234 17.35 -34.32 -3.10
CA VAL D 234 16.19 -35.15 -3.39
C VAL D 234 15.19 -35.13 -2.24
N ARG D 235 15.69 -35.12 -1.00
CA ARG D 235 14.77 -35.11 0.14
C ARG D 235 14.06 -33.77 0.26
N LEU D 236 14.79 -32.67 0.10
CA LEU D 236 14.15 -31.36 0.10
C LEU D 236 13.12 -31.25 -1.01
N ILE D 237 13.43 -31.79 -2.18
CA ILE D 237 12.47 -31.75 -3.29
C ILE D 237 11.21 -32.55 -2.93
N ASN D 238 11.41 -33.74 -2.36
CA ASN D 238 10.25 -34.57 -2.01
C ASN D 238 9.43 -33.96 -0.90
N GLN D 239 10.05 -33.13 -0.05
CA GLN D 239 9.31 -32.46 1.00
C GLN D 239 8.44 -31.34 0.42
N LYS D 240 9.01 -30.53 -0.46
CA LYS D 240 8.27 -29.45 -1.10
C LYS D 240 7.11 -29.97 -1.91
N LEU D 241 7.35 -31.00 -2.75
CA LEU D 241 6.27 -31.57 -3.54
C LEU D 241 5.19 -32.17 -2.65
N ALA D 242 5.60 -32.86 -1.57
CA ALA D 242 4.62 -33.37 -0.62
C ALA D 242 3.74 -32.23 -0.10
N ALA D 243 4.36 -31.08 0.18
CA ALA D 243 3.59 -29.91 0.62
C ALA D 243 2.67 -29.37 -0.46
N LEU D 244 2.98 -29.63 -1.73
CA LEU D 244 2.17 -29.15 -2.84
C LEU D 244 1.11 -30.17 -3.28
N GLY D 245 0.96 -31.27 -2.55
CA GLY D 245 -0.04 -32.26 -2.90
C GLY D 245 0.32 -33.10 -4.10
N ALA D 246 1.60 -33.22 -4.42
CA ALA D 246 2.05 -34.04 -5.52
C ALA D 246 1.96 -35.51 -5.16
N PRO D 247 1.91 -36.39 -6.18
CA PRO D 247 2.06 -37.82 -5.90
C PRO D 247 3.44 -38.10 -5.32
N GLU D 248 3.49 -39.06 -4.41
CA GLU D 248 4.76 -39.41 -3.79
C GLU D 248 5.71 -39.97 -4.85
N ASN D 249 7.00 -39.74 -4.63
CA ASN D 249 8.07 -40.39 -5.40
C ASN D 249 8.12 -39.91 -6.85
N LEU D 250 7.81 -38.63 -7.09
CA LEU D 250 8.04 -38.07 -8.41
C LEU D 250 9.51 -37.96 -8.72
N VAL D 251 10.35 -37.73 -7.70
CA VAL D 251 11.79 -37.63 -7.81
C VAL D 251 12.38 -38.56 -6.76
N VAL D 252 13.14 -39.57 -7.20
CA VAL D 252 13.65 -40.60 -6.30
C VAL D 252 15.11 -40.87 -6.60
N THR D 253 15.77 -41.52 -5.64
CA THR D 253 17.16 -41.93 -5.77
C THR D 253 17.42 -43.04 -4.74
N VAL D 254 18.66 -43.51 -4.69
CA VAL D 254 19.01 -44.64 -3.82
C VAL D 254 19.87 -44.17 -2.66
N GLU D 255 19.81 -44.95 -1.56
CA GLU D 255 20.46 -44.56 -0.31
C GLU D 255 21.98 -44.62 -0.44
N LYS D 256 22.50 -45.67 -1.06
CA LYS D 256 23.95 -45.75 -1.29
C LYS D 256 24.22 -45.75 -2.79
N PRO D 257 24.53 -44.59 -3.36
CA PRO D 257 24.92 -44.53 -4.78
C PRO D 257 26.12 -45.41 -5.07
N SER D 258 25.97 -46.27 -6.07
CA SER D 258 27.07 -47.11 -6.54
C SER D 258 26.87 -47.30 -8.03
N ILE D 259 27.97 -47.58 -8.74
CA ILE D 259 27.83 -47.85 -10.17
C ILE D 259 27.07 -49.15 -10.42
N GLU D 260 26.97 -50.06 -9.44
CA GLU D 260 26.16 -51.24 -9.66
C GLU D 260 24.67 -50.94 -9.50
N ASN D 261 24.33 -49.94 -8.68
CA ASN D 261 22.98 -49.39 -8.70
C ASN D 261 22.67 -48.77 -10.05
N THR D 262 23.63 -48.02 -10.60
CA THR D 262 23.50 -47.53 -11.96
C THR D 262 23.19 -48.68 -12.92
N ASN D 263 24.01 -49.73 -12.90
CA ASN D 263 23.80 -50.87 -13.79
C ASN D 263 22.43 -51.49 -13.59
N ALA D 264 21.87 -51.40 -12.37
CA ALA D 264 20.49 -51.85 -12.18
C ALA D 264 19.51 -50.92 -12.88
N MET D 265 19.75 -49.60 -12.79
CA MET D 265 18.85 -48.64 -13.42
C MET D 265 18.81 -48.80 -14.94
N MET D 266 19.97 -49.03 -15.56
CA MET D 266 20.00 -49.16 -17.01
C MET D 266 19.29 -50.42 -17.46
N ALA D 267 19.26 -51.45 -16.62
CA ALA D 267 18.67 -52.72 -17.00
C ALA D 267 17.19 -52.82 -16.63
N HIS D 268 16.72 -52.00 -15.70
CA HIS D 268 15.33 -52.12 -15.26
C HIS D 268 14.39 -51.86 -16.43
N PRO D 269 13.41 -52.74 -16.67
CA PRO D 269 12.55 -52.58 -17.85
C PRO D 269 11.57 -51.43 -17.75
N LYS D 270 11.29 -50.91 -16.54
CA LYS D 270 10.31 -49.84 -16.44
C LYS D 270 10.93 -48.46 -16.67
N VAL D 271 12.25 -48.39 -16.86
CA VAL D 271 12.93 -47.14 -17.20
C VAL D 271 12.79 -46.93 -18.71
N ARG D 272 11.87 -46.05 -19.11
CA ARG D 272 11.59 -45.84 -20.53
C ARG D 272 12.65 -45.00 -21.24
N MET D 273 13.53 -44.32 -20.49
CA MET D 273 14.54 -43.44 -21.06
C MET D 273 15.66 -43.24 -20.05
N LEU D 274 16.90 -43.30 -20.53
CA LEU D 274 18.08 -43.00 -19.75
C LEU D 274 18.68 -41.67 -20.19
N VAL D 275 19.15 -40.88 -19.21
CA VAL D 275 19.84 -39.63 -19.48
C VAL D 275 21.12 -39.63 -18.66
N ALA D 276 22.26 -39.72 -19.33
CA ALA D 276 23.55 -39.75 -18.66
C ALA D 276 24.24 -38.41 -18.87
N THR D 277 24.45 -37.69 -17.78
CA THR D 277 25.31 -36.51 -17.79
C THR D 277 26.64 -36.95 -17.18
N GLY D 278 27.61 -37.29 -18.01
CA GLY D 278 28.89 -37.75 -17.50
C GLY D 278 29.91 -37.95 -18.59
N GLY D 279 30.90 -38.81 -18.30
CA GLY D 279 32.00 -39.02 -19.22
C GLY D 279 31.66 -39.98 -20.33
N PRO D 280 32.62 -40.14 -21.25
CA PRO D 280 32.36 -40.96 -22.46
C PRO D 280 32.06 -42.43 -22.16
N ALA D 281 32.58 -42.99 -21.08
CA ALA D 281 32.26 -44.39 -20.77
C ALA D 281 30.79 -44.53 -20.38
N ILE D 282 30.32 -43.69 -19.46
CA ILE D 282 28.95 -43.83 -18.99
C ILE D 282 27.97 -43.51 -20.11
N VAL D 283 28.36 -42.64 -21.05
CA VAL D 283 27.48 -42.29 -22.16
C VAL D 283 27.36 -43.45 -23.14
N LYS D 284 28.50 -44.07 -23.49
CA LYS D 284 28.45 -45.27 -24.32
C LYS D 284 27.64 -46.38 -23.65
N ALA D 285 27.69 -46.46 -22.32
CA ALA D 285 26.95 -47.51 -21.62
C ALA D 285 25.45 -47.32 -21.78
N VAL D 286 24.92 -46.12 -21.47
CA VAL D 286 23.47 -45.92 -21.57
C VAL D 286 22.97 -46.07 -23.00
N LEU D 287 23.87 -45.91 -23.99
CA LEU D 287 23.55 -46.15 -25.40
C LEU D 287 23.69 -47.61 -25.79
N SER D 288 23.99 -48.51 -24.85
CA SER D 288 24.14 -49.92 -25.15
C SER D 288 23.17 -50.77 -24.33
N THR D 289 22.00 -50.22 -24.02
CA THR D 289 21.07 -50.88 -23.11
C THR D 289 19.78 -51.29 -23.79
N GLY D 290 19.65 -51.10 -25.09
CA GLY D 290 18.38 -51.40 -25.73
C GLY D 290 17.27 -50.42 -25.46
N LYS D 291 17.57 -49.24 -24.90
CA LYS D 291 16.57 -48.23 -24.61
C LYS D 291 16.90 -46.90 -25.26
N LYS D 292 15.96 -45.97 -25.17
CA LYS D 292 16.18 -44.58 -25.57
C LYS D 292 17.13 -43.91 -24.59
N ALA D 293 18.19 -43.29 -25.11
CA ALA D 293 19.16 -42.67 -24.24
C ALA D 293 19.58 -41.30 -24.79
N ILE D 294 19.75 -40.35 -23.88
CA ILE D 294 20.41 -39.08 -24.17
C ILE D 294 21.76 -39.11 -23.46
N GLY D 295 22.81 -38.68 -24.17
CA GLY D 295 24.14 -38.67 -23.58
C GLY D 295 24.90 -37.36 -23.65
N ALA D 296 25.53 -36.97 -22.55
CA ALA D 296 26.33 -35.75 -22.51
C ALA D 296 27.55 -35.89 -23.43
N GLY D 297 28.24 -34.77 -23.64
CA GLY D 297 29.36 -34.72 -24.55
C GLY D 297 30.65 -34.30 -23.85
N ALA D 298 31.76 -34.80 -24.36
CA ALA D 298 33.08 -34.33 -23.98
C ALA D 298 33.61 -33.38 -25.05
N GLY D 299 34.35 -32.37 -24.62
CA GLY D 299 34.94 -31.44 -25.56
C GLY D 299 36.24 -30.90 -25.02
N ASN D 300 37.04 -30.33 -25.91
CA ASN D 300 38.28 -29.64 -25.57
C ASN D 300 38.15 -28.21 -26.11
N PRO D 301 37.45 -27.33 -25.39
CA PRO D 301 36.90 -26.11 -26.03
C PRO D 301 37.97 -25.07 -26.29
N PRO D 302 38.26 -24.77 -27.55
CA PRO D 302 39.21 -23.69 -27.86
C PRO D 302 38.52 -22.33 -27.86
N VAL D 303 39.33 -21.30 -27.64
CA VAL D 303 38.89 -19.91 -27.73
C VAL D 303 39.90 -19.18 -28.63
N VAL D 304 39.45 -18.81 -29.84
CA VAL D 304 40.26 -18.07 -30.79
C VAL D 304 40.08 -16.58 -30.52
N VAL D 305 41.18 -15.84 -30.61
CA VAL D 305 41.19 -14.38 -30.53
C VAL D 305 41.98 -13.85 -31.72
N ASP D 306 41.33 -13.03 -32.55
CA ASP D 306 42.00 -12.48 -33.71
C ASP D 306 42.25 -10.98 -33.53
N GLU D 307 42.90 -10.39 -34.52
CA GLU D 307 43.37 -9.02 -34.40
C GLU D 307 42.23 -7.99 -34.43
N THR D 308 40.99 -8.42 -34.67
CA THR D 308 39.83 -7.52 -34.71
C THR D 308 39.07 -7.47 -33.39
N ALA D 309 39.48 -8.24 -32.40
CA ALA D 309 38.71 -8.36 -31.18
C ALA D 309 38.97 -7.19 -30.24
N ASN D 310 37.99 -6.92 -29.38
CA ASN D 310 38.16 -6.07 -28.20
C ASN D 310 38.99 -6.88 -27.18
N ILE D 311 40.29 -6.61 -27.13
CA ILE D 311 41.20 -7.45 -26.37
C ILE D 311 40.99 -7.27 -24.87
N GLU D 312 40.70 -6.04 -24.44
CA GLU D 312 40.39 -5.81 -23.03
C GLU D 312 39.21 -6.67 -22.60
N LYS D 313 38.12 -6.64 -23.38
CA LYS D 313 36.95 -7.44 -23.02
C LYS D 313 37.22 -8.93 -23.20
N ALA D 314 37.92 -9.30 -24.27
CA ALA D 314 38.23 -10.70 -24.49
C ALA D 314 38.98 -11.29 -23.29
N ALA D 315 40.06 -10.63 -22.86
CA ALA D 315 40.84 -11.14 -21.74
C ALA D 315 39.99 -11.23 -20.47
N CYS D 316 39.14 -10.23 -20.25
CA CYS D 316 38.26 -10.30 -19.08
C CYS D 316 37.28 -11.46 -19.21
N ASP D 317 36.71 -11.66 -20.41
CA ASP D 317 35.79 -12.78 -20.57
C ASP D 317 36.52 -14.12 -20.46
N ILE D 318 37.73 -14.20 -21.03
CA ILE D 318 38.43 -15.48 -21.05
C ILE D 318 38.82 -15.93 -19.65
N VAL D 319 39.32 -15.00 -18.82
CA VAL D 319 39.64 -15.34 -17.44
C VAL D 319 38.38 -15.74 -16.69
N ASN D 320 37.30 -14.96 -16.83
CA ASN D 320 36.08 -15.27 -16.10
C ASN D 320 35.50 -16.60 -16.55
N GLY D 321 35.54 -16.86 -17.85
CA GLY D 321 35.00 -18.10 -18.35
C GLY D 321 35.83 -19.31 -17.95
N CYS D 322 37.16 -19.19 -18.07
CA CYS D 322 38.03 -20.32 -17.75
C CYS D 322 37.95 -20.69 -16.27
N SER D 323 38.02 -19.69 -15.39
CA SER D 323 37.99 -19.90 -13.94
C SER D 323 36.60 -20.10 -13.38
N PHE D 324 35.56 -20.12 -14.21
CA PHE D 324 34.21 -20.29 -13.71
C PHE D 324 34.08 -21.67 -13.07
N ASP D 325 33.77 -21.69 -11.76
CA ASP D 325 33.74 -22.94 -11.00
C ASP D 325 35.03 -23.75 -11.20
N ASN D 326 36.15 -23.05 -11.35
CA ASN D 326 37.48 -23.66 -11.52
C ASN D 326 37.52 -24.62 -12.71
N ASN D 327 36.96 -24.17 -13.83
CA ASN D 327 37.04 -24.86 -15.12
C ASN D 327 36.29 -26.18 -15.10
N LEU D 328 35.32 -26.32 -14.23
CA LEU D 328 34.53 -27.53 -14.07
C LEU D 328 33.46 -27.68 -15.15
N PRO D 329 32.71 -26.62 -15.53
CA PRO D 329 31.70 -26.79 -16.58
C PRO D 329 32.31 -27.24 -17.90
N CYS D 330 31.59 -28.12 -18.59
CA CYS D 330 32.11 -28.68 -19.84
C CYS D 330 32.08 -27.70 -21.01
N VAL D 331 31.76 -26.42 -20.79
CA VAL D 331 31.92 -25.40 -21.82
C VAL D 331 33.13 -24.50 -21.59
N ALA D 332 33.81 -24.63 -20.45
CA ALA D 332 34.82 -23.65 -20.07
C ALA D 332 35.99 -23.60 -21.07
N GLU D 333 36.53 -22.40 -21.26
CA GLU D 333 37.71 -22.21 -22.10
C GLU D 333 38.85 -23.06 -21.59
N LYS D 334 39.58 -23.70 -22.50
CA LYS D 334 40.65 -24.58 -22.05
C LYS D 334 41.93 -24.52 -22.85
N GLU D 335 41.97 -23.79 -23.96
CA GLU D 335 43.23 -23.36 -24.56
C GLU D 335 42.94 -22.13 -25.41
N ILE D 336 43.85 -21.16 -25.37
CA ILE D 336 43.73 -19.95 -26.19
C ILE D 336 44.54 -20.16 -27.46
N ILE D 337 43.94 -19.83 -28.59
CA ILE D 337 44.62 -19.84 -29.88
C ILE D 337 44.56 -18.41 -30.38
N ALA D 338 45.67 -17.69 -30.23
CA ALA D 338 45.69 -16.25 -30.44
C ALA D 338 46.46 -15.92 -31.71
N VAL D 339 45.98 -14.91 -32.44
CA VAL D 339 46.70 -14.39 -33.59
C VAL D 339 47.88 -13.56 -33.09
N ALA D 340 49.06 -13.82 -33.65
CA ALA D 340 50.31 -13.30 -33.09
C ALA D 340 50.30 -11.78 -32.94
N GLN D 341 49.67 -11.09 -33.90
CA GLN D 341 49.69 -9.63 -33.91
C GLN D 341 49.09 -9.00 -32.65
N ILE D 342 48.23 -9.72 -31.91
CA ILE D 342 47.63 -9.19 -30.69
C ILE D 342 47.94 -10.06 -29.48
N ALA D 343 48.76 -11.10 -29.64
CA ALA D 343 48.99 -12.06 -28.57
C ALA D 343 49.58 -11.40 -27.33
N ASP D 344 50.60 -10.55 -27.51
CA ASP D 344 51.26 -9.97 -26.35
C ASP D 344 50.34 -8.97 -25.66
N TYR D 345 49.57 -8.20 -26.43
CA TYR D 345 48.60 -7.31 -25.80
C TYR D 345 47.52 -8.09 -25.05
N LEU D 346 47.14 -9.27 -25.56
CA LEU D 346 46.16 -10.09 -24.85
C LEU D 346 46.73 -10.61 -23.54
N ILE D 347 47.94 -11.16 -23.58
CA ILE D 347 48.60 -11.65 -22.36
C ILE D 347 48.68 -10.53 -21.34
N PHE D 348 48.97 -9.31 -21.79
CA PHE D 348 49.00 -8.19 -20.86
C PHE D 348 47.65 -8.00 -20.17
N ASN D 349 46.57 -7.99 -20.95
CA ASN D 349 45.25 -7.84 -20.36
C ASN D 349 44.82 -9.10 -19.63
N LEU D 350 45.32 -10.27 -20.05
CA LEU D 350 45.08 -11.48 -19.27
C LEU D 350 45.65 -11.33 -17.87
N LYS D 351 46.90 -10.87 -17.77
CA LYS D 351 47.56 -10.71 -16.48
C LYS D 351 46.82 -9.70 -15.61
N LYS D 352 46.34 -8.61 -16.21
CA LYS D 352 45.62 -7.61 -15.43
C LYS D 352 44.30 -8.16 -14.88
N ASN D 353 43.71 -9.15 -15.55
CA ASN D 353 42.43 -9.69 -15.14
C ASN D 353 42.55 -10.93 -14.26
N GLY D 354 43.75 -11.29 -13.81
CA GLY D 354 43.88 -12.38 -12.87
C GLY D 354 44.66 -13.59 -13.34
N ALA D 355 45.33 -13.48 -14.49
CA ALA D 355 46.13 -14.57 -15.03
C ALA D 355 47.56 -14.48 -14.49
N TYR D 356 48.00 -15.53 -13.81
CA TYR D 356 49.40 -15.67 -13.41
C TYR D 356 50.14 -16.39 -14.52
N GLU D 357 51.02 -15.67 -15.20
CA GLU D 357 51.76 -16.21 -16.33
C GLU D 357 53.00 -16.93 -15.85
N ILE D 358 53.15 -18.18 -16.26
CA ILE D 358 54.40 -18.94 -16.11
C ILE D 358 55.23 -18.71 -17.36
N LYS D 359 56.47 -18.24 -17.17
CA LYS D 359 57.44 -18.16 -18.26
C LYS D 359 58.63 -19.10 -18.10
N ASP D 360 59.05 -19.38 -16.87
CA ASP D 360 60.22 -20.23 -16.60
C ASP D 360 59.90 -21.68 -16.96
N PRO D 361 60.65 -22.31 -17.87
CA PRO D 361 60.32 -23.69 -18.28
C PRO D 361 60.43 -24.71 -17.17
N ALA D 362 61.26 -24.46 -16.16
CA ALA D 362 61.37 -25.38 -15.04
C ALA D 362 60.11 -25.35 -14.18
N VAL D 363 59.62 -24.14 -13.87
CA VAL D 363 58.38 -24.00 -13.13
C VAL D 363 57.23 -24.63 -13.91
N LEU D 364 57.27 -24.50 -15.25
CA LEU D 364 56.19 -25.05 -16.07
C LEU D 364 56.16 -26.57 -15.99
N GLN D 365 57.33 -27.21 -16.00
CA GLN D 365 57.38 -28.66 -15.92
C GLN D 365 56.92 -29.17 -14.55
N GLN D 366 57.16 -28.41 -13.48
CA GLN D 366 56.60 -28.76 -12.18
C GLN D 366 55.09 -28.86 -12.26
N LEU D 367 54.45 -27.91 -12.94
CA LEU D 367 53.00 -27.91 -13.03
C LEU D 367 52.49 -29.14 -13.75
N GLN D 368 53.17 -29.57 -14.81
CA GLN D 368 52.73 -30.74 -15.56
C GLN D 368 52.78 -32.00 -14.70
N ASP D 369 53.86 -32.17 -13.93
CA ASP D 369 53.98 -33.38 -13.11
C ASP D 369 52.90 -33.40 -12.04
N LEU D 370 52.51 -32.23 -11.54
CA LEU D 370 51.47 -32.15 -10.52
C LEU D 370 50.09 -32.47 -11.10
N VAL D 371 49.76 -31.89 -12.26
CA VAL D 371 48.41 -32.01 -12.83
C VAL D 371 48.24 -33.18 -13.79
N LEU D 372 49.34 -33.77 -14.27
CA LEU D 372 49.26 -34.89 -15.21
C LEU D 372 49.84 -36.14 -14.58
N THR D 373 49.40 -37.27 -15.09
CA THR D 373 50.05 -38.56 -14.89
C THR D 373 50.98 -38.83 -16.06
N ALA D 374 51.73 -39.93 -16.00
CA ALA D 374 52.60 -40.28 -17.13
C ALA D 374 51.81 -40.83 -18.32
N LYS D 375 50.57 -41.26 -18.10
CA LYS D 375 49.69 -41.59 -19.20
C LYS D 375 49.43 -40.37 -20.09
N GLY D 376 49.59 -39.16 -19.53
CA GLY D 376 49.14 -37.94 -20.15
C GLY D 376 47.82 -37.42 -19.59
N GLY D 377 47.07 -38.23 -18.87
CA GLY D 377 45.75 -37.88 -18.43
C GLY D 377 45.75 -36.86 -17.30
N PRO D 378 44.60 -36.24 -17.06
CA PRO D 378 44.51 -35.26 -15.97
C PRO D 378 44.48 -35.95 -14.62
N GLN D 379 45.13 -35.30 -13.65
CA GLN D 379 45.17 -35.80 -12.28
C GLN D 379 43.87 -35.44 -11.58
N THR D 380 43.07 -36.46 -11.23
CA THR D 380 41.78 -36.24 -10.57
C THR D 380 41.97 -35.49 -9.26
N LYS D 381 43.14 -35.63 -8.63
CA LYS D 381 43.44 -34.89 -7.42
C LYS D 381 43.42 -33.38 -7.64
N CYS D 382 43.69 -32.93 -8.87
CA CYS D 382 43.75 -31.50 -9.19
C CYS D 382 42.52 -30.99 -9.93
N VAL D 383 41.62 -31.87 -10.37
CA VAL D 383 40.45 -31.43 -11.11
C VAL D 383 39.57 -30.56 -10.22
N GLY D 384 39.10 -29.45 -10.77
CA GLY D 384 38.21 -28.57 -10.03
C GLY D 384 38.87 -27.70 -8.98
N LYS D 385 40.19 -27.73 -8.90
CA LYS D 385 40.92 -26.94 -7.91
C LYS D 385 41.12 -25.51 -8.40
N SER D 386 41.40 -24.62 -7.46
CA SER D 386 41.60 -23.22 -7.80
C SER D 386 43.04 -22.99 -8.26
N ALA D 387 43.25 -21.87 -8.95
CA ALA D 387 44.59 -21.51 -9.39
C ALA D 387 45.52 -21.29 -8.21
N VAL D 388 45.00 -20.64 -7.15
CA VAL D 388 45.77 -20.44 -5.92
C VAL D 388 46.18 -21.78 -5.33
N TRP D 389 45.26 -22.76 -5.34
CA TRP D 389 45.57 -24.08 -4.80
C TRP D 389 46.61 -24.81 -5.65
N LEU D 390 46.48 -24.75 -6.98
CA LEU D 390 47.43 -25.44 -7.86
C LEU D 390 48.83 -24.86 -7.72
N LEU D 391 48.95 -23.54 -7.73
CA LEU D 391 50.27 -22.92 -7.57
C LEU D 391 50.84 -23.21 -6.19
N SER D 392 49.98 -23.38 -5.19
CA SER D 392 50.46 -23.67 -3.84
C SER D 392 51.20 -25.01 -3.78
N GLN D 393 50.76 -25.99 -4.57
CA GLN D 393 51.38 -27.32 -4.55
C GLN D 393 52.79 -27.30 -5.12
N ILE D 394 53.09 -26.37 -6.01
CA ILE D 394 54.43 -26.22 -6.55
C ILE D 394 55.19 -25.09 -5.85
N GLY D 395 54.73 -24.69 -4.66
CA GLY D 395 55.48 -23.78 -3.81
C GLY D 395 55.35 -22.31 -4.14
N ILE D 396 54.37 -21.91 -4.93
CA ILE D 396 54.20 -20.51 -5.32
C ILE D 396 52.98 -19.95 -4.60
N SER D 397 53.15 -18.81 -3.94
CA SER D 397 52.12 -18.22 -3.12
C SER D 397 51.61 -16.96 -3.81
N VAL D 398 50.32 -16.97 -4.17
CA VAL D 398 49.64 -15.83 -4.78
C VAL D 398 48.38 -15.55 -3.98
N ASP D 399 47.77 -14.41 -4.27
CA ASP D 399 46.56 -13.99 -3.59
C ASP D 399 45.32 -14.33 -4.41
N ALA D 400 44.14 -14.14 -3.80
CA ALA D 400 42.88 -14.55 -4.40
C ALA D 400 42.53 -13.80 -5.67
N SER D 401 43.29 -12.76 -6.03
CA SER D 401 43.10 -12.10 -7.31
C SER D 401 43.57 -12.94 -8.48
N ILE D 402 44.32 -14.02 -8.23
CA ILE D 402 44.79 -14.89 -9.29
C ILE D 402 43.71 -15.92 -9.58
N LYS D 403 43.23 -15.96 -10.82
CA LYS D 403 42.11 -16.80 -11.19
C LYS D 403 42.48 -17.98 -12.07
N ILE D 404 43.50 -17.86 -12.93
CA ILE D 404 43.95 -18.94 -13.80
C ILE D 404 45.47 -18.91 -13.88
N ILE D 405 46.03 -19.91 -14.57
CA ILE D 405 47.46 -20.04 -14.79
C ILE D 405 47.69 -20.08 -16.29
N LEU D 406 48.47 -19.13 -16.80
CA LEU D 406 48.63 -18.93 -18.24
C LEU D 406 50.06 -19.25 -18.67
N MET D 407 50.20 -19.93 -19.81
CA MET D 407 51.52 -20.20 -20.35
C MET D 407 51.42 -20.30 -21.87
N GLU D 408 52.39 -19.70 -22.57
CA GLU D 408 52.47 -19.80 -24.02
C GLU D 408 53.27 -21.05 -24.37
N VAL D 409 52.65 -21.95 -25.12
CA VAL D 409 53.24 -23.26 -25.42
C VAL D 409 53.01 -23.58 -26.89
N PRO D 410 53.77 -24.54 -27.43
CA PRO D 410 53.45 -25.05 -28.77
C PRO D 410 52.15 -25.84 -28.75
N ARG D 411 51.62 -26.11 -29.95
CA ARG D 411 50.30 -26.71 -30.05
C ARG D 411 50.27 -28.16 -29.55
N GLU D 412 51.43 -28.81 -29.46
CA GLU D 412 51.48 -30.22 -29.09
C GLU D 412 51.58 -30.42 -27.58
N HIS D 413 51.56 -29.34 -26.80
CA HIS D 413 51.76 -29.44 -25.37
C HIS D 413 50.64 -30.25 -24.71
N PRO D 414 50.95 -30.98 -23.65
CA PRO D 414 49.90 -31.76 -22.95
C PRO D 414 48.73 -30.92 -22.49
N PHE D 415 48.93 -29.65 -22.12
CA PHE D 415 47.81 -28.82 -21.66
C PHE D 415 46.89 -28.45 -22.81
N VAL D 416 47.43 -28.30 -24.02
CA VAL D 416 46.59 -28.12 -25.20
C VAL D 416 45.83 -29.40 -25.50
N GLN D 417 46.56 -30.50 -25.69
CA GLN D 417 45.94 -31.74 -26.19
C GLN D 417 45.02 -32.36 -25.15
N GLU D 418 45.40 -32.31 -23.88
CA GLU D 418 44.54 -32.88 -22.87
C GLU D 418 43.46 -31.88 -22.46
N GLU D 419 42.55 -32.38 -21.62
CA GLU D 419 41.29 -31.77 -21.24
C GLU D 419 41.33 -31.68 -19.72
N LEU D 420 41.96 -30.64 -19.19
CA LEU D 420 42.37 -30.65 -17.79
C LEU D 420 41.22 -30.43 -16.81
N MET D 421 40.22 -29.64 -17.18
CA MET D 421 39.17 -29.22 -16.24
C MET D 421 39.80 -28.57 -15.01
N MET D 422 40.73 -27.66 -15.26
CA MET D 422 41.48 -26.90 -14.28
C MET D 422 41.66 -25.48 -14.80
N PRO D 423 41.78 -24.49 -13.91
CA PRO D 423 42.02 -23.11 -14.36
C PRO D 423 43.43 -22.92 -14.91
N ILE D 424 43.86 -23.83 -15.77
CA ILE D 424 45.14 -23.74 -16.46
C ILE D 424 44.86 -23.49 -17.93
N LEU D 425 45.48 -22.45 -18.47
CA LEU D 425 45.15 -21.96 -19.81
C LEU D 425 46.39 -21.83 -20.69
N PRO D 426 46.71 -22.88 -21.44
CA PRO D 426 47.75 -22.74 -22.45
C PRO D 426 47.32 -21.82 -23.58
N LEU D 427 48.29 -21.18 -24.19
CA LEU D 427 48.05 -20.23 -25.28
C LEU D 427 48.94 -20.64 -26.45
N VAL D 428 48.36 -20.74 -27.63
CA VAL D 428 49.11 -21.05 -28.84
C VAL D 428 49.10 -19.81 -29.74
N ARG D 429 50.26 -19.49 -30.29
CA ARG D 429 50.43 -18.32 -31.15
C ARG D 429 50.42 -18.76 -32.60
N VAL D 430 49.58 -18.11 -33.42
CA VAL D 430 49.51 -18.42 -34.85
C VAL D 430 49.51 -17.10 -35.64
N GLU D 431 49.89 -17.20 -36.91
CA GLU D 431 50.03 -16.01 -37.75
C GLU D 431 48.69 -15.39 -38.07
N THR D 432 47.77 -16.14 -38.68
CA THR D 432 46.56 -15.60 -39.26
C THR D 432 45.31 -16.17 -38.59
N VAL D 433 44.22 -15.41 -38.64
CA VAL D 433 42.96 -15.86 -38.06
C VAL D 433 42.52 -17.18 -38.68
N ASP D 434 42.79 -17.37 -39.99
CA ASP D 434 42.45 -18.64 -40.64
C ASP D 434 43.26 -19.79 -40.08
N ASP D 435 44.54 -19.56 -39.76
CA ASP D 435 45.32 -20.58 -39.05
C ASP D 435 44.75 -20.84 -37.66
N ALA D 436 44.42 -19.76 -36.94
CA ALA D 436 43.72 -19.93 -35.67
C ALA D 436 42.49 -20.80 -35.83
N ILE D 437 41.70 -20.58 -36.88
CA ILE D 437 40.48 -21.36 -37.07
C ILE D 437 40.81 -22.83 -37.33
N ASP D 438 41.74 -23.09 -38.28
CA ASP D 438 42.15 -24.46 -38.56
C ASP D 438 42.70 -25.16 -37.31
N LEU D 439 43.51 -24.45 -36.51
CA LEU D 439 44.03 -25.04 -35.29
C LEU D 439 42.91 -25.30 -34.28
N ALA D 440 42.00 -24.35 -34.11
CA ALA D 440 40.84 -24.57 -33.27
C ALA D 440 40.11 -25.85 -33.67
N ILE D 441 39.86 -26.03 -34.97
CA ILE D 441 39.17 -27.23 -35.45
C ILE D 441 39.97 -28.46 -35.12
N GLU D 442 41.27 -28.42 -35.40
CA GLU D 442 42.13 -29.57 -35.16
C GLU D 442 42.14 -29.96 -33.68
N VAL D 443 42.30 -28.97 -32.80
CA VAL D 443 42.50 -29.24 -31.38
C VAL D 443 41.19 -29.63 -30.68
N GLU D 444 40.04 -29.26 -31.26
CA GLU D 444 38.74 -29.67 -30.72
C GLU D 444 38.50 -31.18 -30.81
N HIS D 445 39.30 -31.91 -31.61
CA HIS D 445 39.28 -33.38 -31.64
C HIS D 445 37.96 -33.95 -32.13
N ASP D 446 37.28 -33.23 -33.03
CA ASP D 446 36.01 -33.69 -33.60
C ASP D 446 35.00 -34.06 -32.51
N ASN D 447 35.15 -33.42 -31.34
CA ASN D 447 34.12 -33.53 -30.31
C ASN D 447 32.86 -32.76 -30.71
N ARG D 448 33.03 -31.64 -31.42
CA ARG D 448 31.92 -30.81 -31.85
C ARG D 448 31.06 -30.38 -30.66
N HIS D 449 31.71 -30.01 -29.56
CA HIS D 449 31.00 -29.70 -28.33
C HIS D 449 30.86 -28.20 -28.11
N THR D 450 31.96 -27.53 -27.72
CA THR D 450 31.95 -26.10 -27.41
C THR D 450 33.19 -25.43 -27.98
N ALA D 451 32.99 -24.27 -28.61
CA ALA D 451 34.08 -23.47 -29.11
C ALA D 451 33.70 -21.99 -28.94
N ILE D 452 34.70 -21.15 -28.74
CA ILE D 452 34.52 -19.72 -28.49
C ILE D 452 35.42 -18.95 -29.45
N MET D 453 34.98 -17.75 -29.84
CA MET D 453 35.77 -16.87 -30.69
C MET D 453 35.57 -15.42 -30.27
N HIS D 454 36.66 -14.69 -30.14
CA HIS D 454 36.63 -13.24 -29.95
C HIS D 454 37.13 -12.59 -31.23
N SER D 455 36.22 -11.90 -31.92
CA SER D 455 36.43 -11.31 -33.22
C SER D 455 35.23 -10.41 -33.50
N THR D 456 35.46 -9.25 -34.13
CA THR D 456 34.38 -8.37 -34.56
C THR D 456 34.07 -8.51 -36.05
N ASP D 457 34.82 -9.34 -36.76
CA ASP D 457 34.63 -9.59 -38.18
C ASP D 457 33.50 -10.61 -38.39
N VAL D 458 32.40 -10.17 -39.00
CA VAL D 458 31.25 -11.06 -39.17
C VAL D 458 31.59 -12.21 -40.11
N ARG D 459 32.54 -12.01 -41.04
CA ARG D 459 32.94 -13.10 -41.92
C ARG D 459 33.74 -14.15 -41.17
N LYS D 460 34.63 -13.73 -40.28
CA LYS D 460 35.45 -14.70 -39.57
C LYS D 460 34.66 -15.40 -38.48
N LEU D 461 33.73 -14.70 -37.82
CA LEU D 461 32.84 -15.35 -36.87
C LEU D 461 31.98 -16.40 -37.57
N THR D 462 31.50 -16.09 -38.77
CA THR D 462 30.70 -17.06 -39.52
C THR D 462 31.55 -18.27 -39.90
N LYS D 463 32.74 -18.03 -40.45
CA LYS D 463 33.58 -19.12 -40.93
C LYS D 463 33.90 -20.10 -39.80
N MET D 464 34.35 -19.58 -38.66
CA MET D 464 34.72 -20.49 -37.58
C MET D 464 33.50 -21.23 -37.05
N ALA D 465 32.37 -20.52 -36.91
CA ALA D 465 31.18 -21.17 -36.37
C ALA D 465 30.69 -22.26 -37.32
N LYS D 466 30.60 -21.93 -38.62
CA LYS D 466 30.10 -22.89 -39.58
C LYS D 466 31.01 -24.11 -39.71
N LEU D 467 32.34 -23.90 -39.72
CA LEU D 467 33.25 -25.02 -39.97
C LEU D 467 33.44 -25.94 -38.76
N ILE D 468 33.42 -25.40 -37.54
CA ILE D 468 33.73 -26.23 -36.38
C ILE D 468 32.52 -26.99 -35.85
N GLN D 469 31.29 -26.57 -36.20
CA GLN D 469 30.11 -27.40 -36.04
C GLN D 469 29.91 -27.87 -34.60
N THR D 470 30.15 -26.97 -33.64
CA THR D 470 30.02 -27.32 -32.24
C THR D 470 28.58 -27.13 -31.74
N THR D 471 28.19 -27.96 -30.77
CA THR D 471 26.87 -27.85 -30.16
C THR D 471 26.66 -26.46 -29.55
N ILE D 472 27.71 -25.86 -29.01
CA ILE D 472 27.66 -24.50 -28.49
C ILE D 472 28.79 -23.72 -29.15
N PHE D 473 28.49 -22.49 -29.54
CA PHE D 473 29.48 -21.58 -30.07
C PHE D 473 29.20 -20.21 -29.48
N VAL D 474 30.18 -19.64 -28.79
CA VAL D 474 30.05 -18.33 -28.16
C VAL D 474 30.97 -17.36 -28.88
N LYS D 475 30.46 -16.17 -29.19
CA LYS D 475 31.21 -15.12 -29.87
C LYS D 475 31.26 -13.91 -28.95
N ASN D 476 32.47 -13.46 -28.63
CA ASN D 476 32.68 -12.19 -27.91
C ASN D 476 32.09 -12.22 -26.51
N GLY D 477 32.15 -13.36 -25.85
CA GLY D 477 31.69 -13.45 -24.48
C GLY D 477 32.32 -14.64 -23.80
N PRO D 478 32.16 -14.73 -22.47
CA PRO D 478 32.64 -15.91 -21.74
C PRO D 478 31.88 -17.17 -22.13
N SER D 479 32.54 -18.31 -21.94
CA SER D 479 31.92 -19.60 -22.27
C SER D 479 30.53 -19.74 -21.65
N TYR D 480 30.35 -19.37 -20.38
CA TYR D 480 29.06 -19.62 -19.74
C TYR D 480 27.92 -18.79 -20.32
N ALA D 481 28.22 -17.81 -21.18
CA ALA D 481 27.16 -17.15 -21.94
C ALA D 481 26.43 -18.13 -22.87
N GLY D 482 27.05 -19.26 -23.20
CA GLY D 482 26.36 -20.29 -23.97
C GLY D 482 25.33 -21.07 -23.17
N LEU D 483 25.33 -20.93 -21.86
CA LEU D 483 24.35 -21.58 -21.00
C LEU D 483 23.29 -20.61 -20.50
N GLY D 484 23.19 -19.43 -21.12
CA GLY D 484 22.20 -18.46 -20.70
C GLY D 484 22.64 -17.53 -19.58
N ALA D 485 23.92 -17.54 -19.22
CA ALA D 485 24.49 -16.64 -18.22
C ALA D 485 25.21 -15.54 -18.98
N GLY D 486 24.49 -14.48 -19.32
CA GLY D 486 25.05 -13.47 -20.20
C GLY D 486 24.92 -13.75 -21.68
N GLY D 487 24.23 -14.83 -22.06
CA GLY D 487 23.83 -15.02 -23.45
C GLY D 487 22.34 -15.33 -23.50
N GLU D 488 21.74 -14.99 -24.64
CA GLU D 488 20.31 -15.23 -24.82
C GLU D 488 20.01 -16.73 -24.89
N GLY D 489 18.79 -17.09 -24.49
CA GLY D 489 18.33 -18.47 -24.48
C GLY D 489 18.21 -19.01 -23.08
N TYR D 490 17.78 -20.27 -23.00
CA TYR D 490 17.57 -20.90 -21.71
C TYR D 490 18.86 -21.59 -21.26
N SER D 491 18.85 -22.07 -20.02
CA SER D 491 19.98 -22.77 -19.44
C SER D 491 19.69 -24.26 -19.37
N THR D 492 20.75 -25.05 -19.46
CA THR D 492 20.71 -26.47 -19.13
C THR D 492 22.05 -26.84 -18.51
N PHE D 493 22.09 -28.03 -17.92
CA PHE D 493 23.34 -28.64 -17.49
C PHE D 493 23.52 -30.04 -18.06
N THR D 494 22.64 -30.44 -18.98
CA THR D 494 22.77 -31.67 -19.74
C THR D 494 22.80 -31.24 -21.20
N ILE D 495 24.03 -31.05 -21.69
CA ILE D 495 24.29 -30.68 -23.07
C ILE D 495 24.59 -31.98 -23.80
N ALA D 496 23.69 -32.37 -24.70
CA ALA D 496 23.88 -33.63 -25.40
C ALA D 496 25.11 -33.57 -26.27
N GLY D 497 25.81 -34.70 -26.39
CA GLY D 497 26.94 -34.80 -27.26
C GLY D 497 26.60 -35.63 -28.47
N PRO D 498 26.70 -36.95 -28.31
CA PRO D 498 26.49 -37.83 -29.47
C PRO D 498 25.03 -37.99 -29.86
N THR D 499 24.08 -37.72 -28.97
CA THR D 499 22.70 -38.01 -29.33
C THR D 499 21.98 -36.83 -29.99
N GLY D 500 22.59 -35.66 -30.04
CA GLY D 500 22.13 -34.61 -30.93
C GLY D 500 21.11 -33.63 -30.39
N GLU D 501 20.60 -33.82 -29.18
CA GLU D 501 19.50 -32.96 -28.72
C GLU D 501 19.95 -31.55 -28.35
N GLY D 502 21.24 -31.25 -28.37
CA GLY D 502 21.66 -29.92 -27.98
C GLY D 502 21.43 -29.70 -26.49
N LEU D 503 21.04 -28.47 -26.13
CA LEU D 503 20.77 -28.10 -24.75
C LEU D 503 19.44 -28.69 -24.33
N THR D 504 19.46 -29.74 -23.50
CA THR D 504 18.20 -30.42 -23.18
C THR D 504 17.28 -29.50 -22.41
N SER D 505 15.98 -29.73 -22.57
CA SER D 505 14.92 -29.09 -21.81
C SER D 505 13.73 -30.04 -21.77
N ALA D 506 12.55 -29.54 -21.37
CA ALA D 506 11.39 -30.41 -21.23
C ALA D 506 11.04 -31.14 -22.53
N LYS D 507 11.10 -30.43 -23.67
CA LYS D 507 10.89 -31.07 -24.97
C LYS D 507 11.68 -32.36 -25.12
N SER D 508 12.94 -32.35 -24.67
CA SER D 508 13.83 -33.49 -24.89
C SER D 508 13.38 -34.73 -24.12
N PHE D 509 12.52 -34.57 -23.13
CA PHE D 509 12.05 -35.69 -22.31
C PHE D 509 10.58 -35.98 -22.60
N ALA D 510 10.15 -35.68 -23.82
CA ALA D 510 8.76 -35.89 -24.23
C ALA D 510 8.72 -36.65 -25.54
N ARG D 511 7.63 -37.39 -25.75
CA ARG D 511 7.33 -38.03 -27.02
C ARG D 511 6.48 -37.11 -27.88
N ARG D 512 6.78 -37.06 -29.18
N ARG D 512 6.76 -37.07 -29.18
CA ARG D 512 5.99 -36.28 -30.12
CA ARG D 512 5.99 -36.25 -30.11
C ARG D 512 4.80 -37.11 -30.56
C ARG D 512 4.80 -37.06 -30.61
N ARG D 513 3.60 -36.62 -30.26
CA ARG D 513 2.37 -37.26 -30.70
C ARG D 513 1.65 -36.33 -31.66
N LYS D 514 0.99 -36.94 -32.64
CA LYS D 514 0.30 -36.23 -33.72
C LYS D 514 -1.16 -36.64 -33.68
N CYS D 515 -2.06 -35.66 -33.56
CA CYS D 515 -3.50 -35.92 -33.50
C CYS D 515 -4.14 -35.32 -34.75
N VAL D 516 -4.85 -36.14 -35.52
CA VAL D 516 -5.36 -35.74 -36.83
C VAL D 516 -6.90 -35.78 -36.80
N MET D 517 -7.51 -34.60 -36.80
CA MET D 517 -8.96 -34.46 -36.90
C MET D 517 -9.33 -34.28 -38.37
N VAL D 518 -9.89 -35.33 -38.98
CA VAL D 518 -10.10 -35.33 -40.42
C VAL D 518 -11.36 -34.54 -40.74
N GLU D 519 -11.22 -33.52 -41.61
CA GLU D 519 -12.34 -32.77 -42.17
C GLU D 519 -13.20 -32.13 -41.07
N ALA D 520 -12.55 -31.66 -40.01
CA ALA D 520 -13.23 -30.91 -38.96
C ALA D 520 -12.20 -30.02 -38.27
N LEU D 521 -12.73 -29.01 -37.56
CA LEU D 521 -11.93 -28.02 -36.83
C LEU D 521 -10.94 -27.29 -37.72
N ASN D 522 -11.23 -27.26 -39.03
CA ASN D 522 -10.56 -26.36 -39.94
C ASN D 522 -11.47 -25.13 -40.05
N ILE D 523 -11.34 -24.23 -39.07
CA ILE D 523 -12.30 -23.15 -38.92
C ILE D 523 -11.83 -21.85 -39.56
N ARG D 524 -10.77 -21.89 -40.35
CA ARG D 524 -10.28 -20.69 -41.02
C ARG D 524 -11.33 -20.14 -41.97
N VAL E 86 33.47 27.52 46.42
CA VAL E 86 32.27 26.71 46.25
C VAL E 86 32.60 25.36 45.65
N SER E 87 31.92 24.34 46.13
CA SER E 87 32.02 23.02 45.54
C SER E 87 31.67 23.09 44.05
N ASP E 88 32.25 22.17 43.27
CA ASP E 88 31.89 22.03 41.87
C ASP E 88 31.00 20.82 41.63
N GLY E 89 30.54 20.17 42.70
CA GLY E 89 29.61 19.08 42.59
C GLY E 89 30.23 17.71 42.49
N VAL E 90 31.52 17.60 42.18
CA VAL E 90 32.15 16.30 41.96
C VAL E 90 32.87 15.87 43.22
N PHE E 91 32.48 14.72 43.76
CA PHE E 91 33.06 14.15 44.96
C PHE E 91 33.81 12.88 44.58
N GLU E 92 34.67 12.42 45.48
CA GLU E 92 35.47 11.25 45.15
C GLU E 92 34.84 9.96 45.64
N THR E 93 34.04 10.01 46.69
CA THR E 93 33.30 8.84 47.13
C THR E 93 31.80 9.06 46.92
N MET E 94 31.10 7.97 46.62
CA MET E 94 29.65 8.06 46.48
C MET E 94 29.01 8.49 47.80
N ASP E 95 29.54 8.01 48.93
CA ASP E 95 28.96 8.36 50.21
C ASP E 95 29.08 9.85 50.50
N ALA E 96 30.18 10.48 50.08
CA ALA E 96 30.27 11.93 50.31
C ALA E 96 29.31 12.67 49.40
N ALA E 97 29.13 12.17 48.19
CA ALA E 97 28.19 12.79 47.26
C ALA E 97 26.78 12.75 47.82
N VAL E 98 26.36 11.59 48.32
CA VAL E 98 25.02 11.47 48.88
C VAL E 98 24.87 12.38 50.09
N GLU E 99 25.85 12.36 50.98
CA GLU E 99 25.72 13.17 52.19
C GLU E 99 25.68 14.64 51.85
N ALA E 100 26.55 15.09 50.94
CA ALA E 100 26.49 16.49 50.51
C ALA E 100 25.18 16.82 49.82
N ALA E 101 24.58 15.84 49.12
CA ALA E 101 23.28 16.05 48.49
C ALA E 101 22.13 16.01 49.49
N ALA E 102 22.21 15.15 50.52
CA ALA E 102 21.23 15.20 51.60
C ALA E 102 21.21 16.57 52.26
N LEU E 103 22.38 17.05 52.70
CA LEU E 103 22.46 18.35 53.35
C LEU E 103 21.96 19.47 52.44
N ALA E 104 22.27 19.38 51.15
CA ALA E 104 21.85 20.44 50.22
C ALA E 104 20.36 20.45 50.03
N GLN E 105 19.73 19.27 49.98
CA GLN E 105 18.28 19.23 49.79
C GLN E 105 17.58 19.80 51.00
N GLN E 106 18.12 19.54 52.20
CA GLN E 106 17.57 20.14 53.42
C GLN E 106 17.57 21.65 53.32
N GLN E 107 18.71 22.24 52.94
CA GLN E 107 18.74 23.68 52.76
C GLN E 107 17.81 24.10 51.63
N TYR E 108 17.68 23.26 50.59
CA TYR E 108 16.84 23.58 49.45
C TYR E 108 15.38 23.70 49.87
N LEU E 109 14.97 22.94 50.89
CA LEU E 109 13.62 23.02 51.43
C LEU E 109 13.25 24.42 51.91
N LEU E 110 14.25 25.26 52.25
CA LEU E 110 13.99 26.63 52.69
C LEU E 110 14.09 27.67 51.58
N CYS E 111 14.51 27.29 50.37
CA CYS E 111 14.43 28.21 49.24
C CYS E 111 12.99 28.30 48.74
N SER E 112 12.69 29.39 48.04
CA SER E 112 11.36 29.66 47.53
C SER E 112 11.17 29.04 46.14
N MET E 113 9.92 29.02 45.68
CA MET E 113 9.66 28.57 44.32
C MET E 113 10.31 29.50 43.32
N SER E 114 10.43 30.77 43.68
CA SER E 114 11.13 31.71 42.83
C SER E 114 12.60 31.31 42.70
N ASP E 115 13.20 30.84 43.81
CA ASP E 115 14.58 30.36 43.75
C ASP E 115 14.68 29.13 42.87
N ARG E 116 13.69 28.24 42.95
CA ARG E 116 13.68 27.06 42.09
C ARG E 116 13.62 27.47 40.63
N ALA E 117 12.77 28.44 40.31
CA ALA E 117 12.68 28.91 38.93
C ALA E 117 14.01 29.47 38.45
N ARG E 118 14.70 30.25 39.28
CA ARG E 118 16.00 30.80 38.87
C ARG E 118 16.98 29.67 38.59
N PHE E 119 16.99 28.63 39.43
CA PHE E 119 17.94 27.54 39.24
C PHE E 119 17.61 26.75 37.98
N VAL E 120 16.32 26.44 37.78
CA VAL E 120 15.89 25.74 36.56
C VAL E 120 16.31 26.53 35.33
N GLN E 121 15.98 27.81 35.30
CA GLN E 121 16.38 28.67 34.19
C GLN E 121 17.90 28.70 34.07
N GLY E 122 18.61 28.70 35.21
CA GLY E 122 20.05 28.61 35.17
C GLY E 122 20.53 27.40 34.37
N ILE E 123 19.96 26.23 34.67
CA ILE E 123 20.39 24.99 34.01
C ILE E 123 20.06 25.04 32.53
N ARG E 124 18.90 25.60 32.18
CA ARG E 124 18.61 25.82 30.77
C ARG E 124 19.70 26.68 30.13
N ASP E 125 20.07 27.77 30.82
CA ASP E 125 21.06 28.69 30.30
C ASP E 125 22.40 28.00 30.04
N VAL E 126 22.73 26.98 30.85
CA VAL E 126 24.02 26.33 30.71
C VAL E 126 24.11 25.60 29.38
N ILE E 127 23.08 24.83 29.04
CA ILE E 127 23.12 24.01 27.84
C ILE E 127 22.65 24.79 26.62
N LEU E 128 21.81 25.82 26.82
CA LEU E 128 21.30 26.59 25.68
C LEU E 128 22.30 27.60 25.17
N ASN E 129 23.37 27.89 25.91
CA ASN E 129 24.42 28.76 25.38
C ASN E 129 25.07 28.10 24.18
N GLN E 130 25.14 28.83 23.06
CA GLN E 130 25.48 28.22 21.78
C GLN E 130 26.83 27.53 21.84
N ASP E 131 27.83 28.22 22.39
CA ASP E 131 29.17 27.64 22.50
C ASP E 131 29.15 26.38 23.34
N THR E 132 28.51 26.45 24.51
CA THR E 132 28.40 25.27 25.37
C THR E 132 27.59 24.16 24.71
N LEU E 133 26.54 24.53 24.00
CA LEU E 133 25.81 23.57 23.20
C LEU E 133 26.75 22.83 22.24
N GLU E 134 27.46 23.58 21.39
CA GLU E 134 28.40 22.96 20.44
C GLU E 134 29.46 22.13 21.16
N LYS E 135 29.86 22.55 22.36
CA LYS E 135 30.95 21.88 23.07
C LYS E 135 30.50 20.53 23.63
N MET E 136 29.33 20.52 24.28
CA MET E 136 28.81 19.26 24.84
C MET E 136 28.50 18.26 23.73
N SER E 137 27.91 18.74 22.62
CA SER E 137 27.65 17.86 21.49
C SER E 137 28.94 17.26 20.95
N ARG E 138 29.90 18.11 20.56
CA ARG E 138 31.17 17.61 20.02
C ARG E 138 31.89 16.72 21.01
N MET E 139 31.84 17.07 22.29
CA MET E 139 32.59 16.32 23.30
C MET E 139 32.00 14.94 23.51
N ALA E 140 30.67 14.82 23.42
CA ALA E 140 30.04 13.51 23.60
C ALA E 140 30.38 12.56 22.45
N VAL E 141 30.43 13.07 21.23
CA VAL E 141 30.76 12.23 20.08
C VAL E 141 32.18 11.69 20.22
N GLU E 142 33.15 12.57 20.49
CA GLU E 142 34.55 12.15 20.50
C GLU E 142 34.85 11.23 21.67
N GLU E 143 34.22 11.44 22.82
CA GLU E 143 34.53 10.61 23.98
C GLU E 143 33.94 9.22 23.87
N THR E 144 32.66 9.11 23.44
CA THR E 144 31.99 7.81 23.37
C THR E 144 32.20 7.09 22.04
N GLY E 145 32.59 7.80 20.98
CA GLY E 145 32.67 7.20 19.66
C GLY E 145 31.34 6.97 18.97
N MET E 146 30.23 7.44 19.54
CA MET E 146 28.90 7.20 19.01
C MET E 146 28.20 8.53 18.73
N GLY E 147 27.17 8.46 17.91
CA GLY E 147 26.36 9.64 17.62
C GLY E 147 27.04 10.54 16.59
N ASN E 148 26.37 11.67 16.30
CA ASN E 148 26.97 12.68 15.45
C ASN E 148 26.68 14.07 16.01
N TYR E 149 27.64 14.96 15.78
CA TYR E 149 27.66 16.27 16.40
C TYR E 149 26.39 17.07 16.12
N GLU E 150 25.91 17.04 14.87
CA GLU E 150 24.81 17.94 14.51
C GLU E 150 23.49 17.56 15.18
N HIS E 151 23.31 16.29 15.54
CA HIS E 151 22.03 15.88 16.10
C HIS E 151 22.02 15.93 17.61
N LYS E 152 23.19 15.76 18.23
CA LYS E 152 23.31 16.12 19.64
C LYS E 152 23.09 17.61 19.83
N LEU E 153 23.49 18.42 18.86
CA LEU E 153 23.18 19.85 18.88
C LEU E 153 21.68 20.07 19.04
N ILE E 154 20.87 19.21 18.40
CA ILE E 154 19.42 19.37 18.41
C ILE E 154 18.81 18.75 19.67
N LYS E 155 19.32 17.59 20.07
CA LYS E 155 18.81 16.94 21.27
C LYS E 155 19.14 17.75 22.52
N ASN E 156 20.36 18.28 22.62
CA ASN E 156 20.71 19.07 23.81
C ASN E 156 19.84 20.31 23.90
N ARG E 157 19.59 20.98 22.77
CA ARG E 157 18.71 22.13 22.77
C ARG E 157 17.28 21.72 23.11
N LEU E 158 16.87 20.52 22.70
CA LEU E 158 15.55 20.02 23.04
C LEU E 158 15.41 19.83 24.55
N ALA E 159 16.42 19.23 25.21
CA ALA E 159 16.32 19.07 26.66
C ALA E 159 16.30 20.43 27.35
N GLY E 160 17.14 21.36 26.90
CA GLY E 160 17.17 22.67 27.53
C GLY E 160 15.88 23.45 27.34
N GLU E 161 15.27 23.36 26.15
CA GLU E 161 14.11 24.19 25.85
C GLU E 161 12.79 23.58 26.31
N LYS E 162 12.60 22.27 26.22
CA LYS E 162 11.28 21.70 26.41
C LYS E 162 11.15 20.76 27.61
N THR E 163 12.18 20.67 28.46
CA THR E 163 11.97 20.02 29.76
C THR E 163 11.12 20.94 30.64
N PRO E 164 10.04 20.44 31.24
CA PRO E 164 9.21 21.30 32.10
C PRO E 164 9.95 21.75 33.36
N GLY E 165 9.69 22.99 33.78
CA GLY E 165 10.15 23.53 35.06
C GLY E 165 9.10 23.42 36.16
N ILE E 166 9.09 24.41 37.06
CA ILE E 166 8.18 24.39 38.20
C ILE E 166 6.72 24.49 37.78
N GLU E 167 6.44 24.92 36.54
CA GLU E 167 5.06 24.96 36.07
C GLU E 167 4.46 23.56 35.94
N ASP E 168 5.26 22.51 36.00
CA ASP E 168 4.70 21.18 35.91
C ASP E 168 4.06 20.76 37.22
N LEU E 169 4.39 21.45 38.31
CA LEU E 169 3.92 21.13 39.65
C LEU E 169 2.59 21.86 39.92
N THR E 170 1.57 21.40 39.22
CA THR E 170 0.24 21.97 39.32
C THR E 170 -0.43 21.60 40.64
N THR E 171 -1.48 22.33 40.97
CA THR E 171 -2.25 22.11 42.19
C THR E 171 -3.69 21.78 41.83
N ASP E 172 -4.23 20.73 42.46
CA ASP E 172 -5.64 20.37 42.33
C ASP E 172 -6.42 20.82 43.57
N ALA E 173 -7.59 21.39 43.33
CA ALA E 173 -8.43 21.88 44.41
C ALA E 173 -9.82 21.30 44.26
N PHE E 174 -10.42 20.96 45.40
CA PHE E 174 -11.81 20.54 45.47
C PHE E 174 -12.42 21.24 46.68
N SER E 175 -13.47 22.03 46.45
CA SER E 175 -14.17 22.72 47.53
C SER E 175 -15.65 22.38 47.48
N GLY E 176 -16.25 22.34 48.66
CA GLY E 176 -17.65 22.00 48.84
C GLY E 176 -18.10 22.10 50.29
N ASP E 177 -19.13 21.32 50.64
CA ASP E 177 -19.70 21.42 51.98
C ASP E 177 -18.72 21.03 53.06
N ASN E 178 -17.70 20.22 52.74
CA ASN E 178 -16.72 19.77 53.72
C ASN E 178 -15.45 20.60 53.72
N GLY E 179 -15.43 21.70 52.99
CA GLY E 179 -14.29 22.60 53.04
C GLY E 179 -13.45 22.55 51.78
N LEU E 180 -12.14 22.55 51.96
CA LEU E 180 -11.21 22.63 50.86
C LEU E 180 -10.22 21.49 50.93
N THR E 181 -9.99 20.84 49.80
CA THR E 181 -8.92 19.86 49.67
C THR E 181 -7.96 20.35 48.59
N LEU E 182 -6.69 20.43 48.94
CA LEU E 182 -5.62 20.75 48.02
C LEU E 182 -4.74 19.53 47.84
N VAL E 183 -4.22 19.36 46.62
CA VAL E 183 -3.31 18.26 46.29
C VAL E 183 -2.09 18.86 45.61
N GLU E 184 -0.91 18.57 46.15
CA GLU E 184 0.34 19.18 45.72
C GLU E 184 1.36 18.11 45.36
N TYR E 185 2.42 18.55 44.70
CA TYR E 185 3.58 17.72 44.38
C TYR E 185 4.77 18.20 45.21
N SER E 186 5.20 17.40 46.16
CA SER E 186 6.27 17.80 47.07
C SER E 186 7.54 17.00 46.80
N PRO E 187 8.70 17.44 47.31
CA PRO E 187 9.96 16.72 47.02
C PRO E 187 10.01 15.34 47.64
N PHE E 188 10.79 14.46 47.00
CA PHE E 188 11.18 13.18 47.57
C PHE E 188 12.33 13.33 48.57
N GLY E 189 13.36 14.07 48.17
CA GLY E 189 14.59 14.17 48.92
C GLY E 189 15.78 14.04 47.98
N VAL E 190 16.66 13.09 48.25
CA VAL E 190 17.83 12.85 47.42
C VAL E 190 17.49 11.78 46.39
N ILE E 191 17.68 12.11 45.12
CA ILE E 191 17.38 11.22 44.00
C ILE E 191 18.69 10.72 43.42
N GLY E 192 18.84 9.39 43.33
CA GLY E 192 19.95 8.79 42.61
C GLY E 192 19.63 8.56 41.14
N ALA E 193 20.36 9.24 40.25
CA ALA E 193 20.07 9.26 38.82
C ALA E 193 21.18 8.57 38.04
N ILE E 194 20.83 7.51 37.34
CA ILE E 194 21.75 6.76 36.49
C ILE E 194 21.52 7.21 35.05
N THR E 195 22.58 7.70 34.41
CA THR E 195 22.48 8.31 33.08
C THR E 195 23.19 7.46 32.03
N PRO E 196 22.79 7.56 30.77
CA PRO E 196 23.34 6.63 29.77
C PRO E 196 24.50 7.21 28.97
N THR E 197 25.16 6.36 28.20
CA THR E 197 26.22 6.83 27.32
C THR E 197 25.71 7.21 25.94
N THR E 198 24.44 6.96 25.63
CA THR E 198 23.84 7.36 24.36
C THR E 198 23.34 8.80 24.38
N ASN E 199 22.71 9.24 25.46
CA ASN E 199 22.29 10.63 25.63
C ASN E 199 22.76 11.17 26.98
N PRO E 200 24.09 11.23 27.21
CA PRO E 200 24.59 11.59 28.55
C PRO E 200 24.23 12.99 28.98
N THR E 201 24.46 13.98 28.12
CA THR E 201 24.25 15.37 28.53
C THR E 201 22.77 15.72 28.58
N GLU E 202 21.97 15.14 27.67
CA GLU E 202 20.53 15.40 27.63
C GLU E 202 19.82 14.82 28.84
N THR E 203 20.17 13.59 29.23
CA THR E 203 19.58 13.01 30.44
C THR E 203 19.94 13.84 31.67
N ILE E 204 21.20 14.28 31.76
CA ILE E 204 21.59 15.10 32.90
C ILE E 204 20.79 16.39 32.92
N VAL E 205 20.72 17.08 31.77
CA VAL E 205 19.96 18.33 31.73
C VAL E 205 18.49 18.05 32.06
N CYS E 206 17.95 16.99 31.47
CA CYS E 206 16.53 16.65 31.65
C CYS E 206 16.22 16.27 33.10
N ASN E 207 17.05 15.40 33.68
CA ASN E 207 16.83 15.02 35.08
C ASN E 207 17.06 16.19 36.02
N SER E 208 18.10 16.98 35.79
CA SER E 208 18.41 18.07 36.71
C SER E 208 17.25 19.04 36.83
N ILE E 209 16.73 19.49 35.69
CA ILE E 209 15.65 20.47 35.71
C ILE E 209 14.44 19.88 36.42
N GLY E 210 14.05 18.66 36.04
CA GLY E 210 12.87 18.05 36.62
C GLY E 210 13.00 17.83 38.11
N MET E 211 14.16 17.38 38.56
CA MET E 211 14.27 16.99 39.97
C MET E 211 14.46 18.21 40.87
N LEU E 212 15.22 19.21 40.41
CA LEU E 212 15.36 20.44 41.18
C LEU E 212 14.06 21.24 41.21
N ALA E 213 13.29 21.22 40.12
CA ALA E 213 12.00 21.91 40.11
C ALA E 213 11.07 21.31 41.16
N ALA E 214 11.07 19.99 41.27
CA ALA E 214 10.26 19.31 42.28
C ALA E 214 10.80 19.48 43.68
N GLY E 215 11.96 20.16 43.84
CA GLY E 215 12.52 20.42 45.15
C GLY E 215 13.49 19.37 45.67
N ASN E 216 14.05 18.55 44.80
CA ASN E 216 15.03 17.55 45.20
C ASN E 216 16.45 18.03 44.92
N SER E 217 17.41 17.27 45.42
CA SER E 217 18.78 17.26 44.95
C SER E 217 19.01 15.94 44.21
N VAL E 218 20.04 15.90 43.37
CA VAL E 218 20.28 14.71 42.54
C VAL E 218 21.75 14.32 42.62
N VAL E 219 21.99 13.04 42.91
CA VAL E 219 23.30 12.42 42.80
C VAL E 219 23.35 11.64 41.49
N PHE E 220 24.24 12.02 40.59
CA PHE E 220 24.36 11.38 39.29
C PHE E 220 25.41 10.29 39.31
N SER E 221 25.05 9.13 38.80
CA SER E 221 26.00 8.06 38.59
C SER E 221 26.16 7.86 37.09
N PRO E 222 27.02 8.64 36.43
CA PRO E 222 27.05 8.66 34.96
C PRO E 222 27.76 7.45 34.38
N HIS E 223 27.59 7.28 33.07
CA HIS E 223 28.14 6.14 32.38
C HIS E 223 29.65 6.29 32.24
N PRO E 224 30.44 5.26 32.56
CA PRO E 224 31.91 5.42 32.51
C PRO E 224 32.44 5.80 31.13
N ARG E 225 31.70 5.50 30.06
CA ARG E 225 32.13 5.89 28.74
C ARG E 225 31.81 7.36 28.42
N ALA E 226 30.76 7.92 29.01
CA ALA E 226 30.48 9.34 28.89
C ALA E 226 30.98 10.11 30.11
N ARG E 227 32.01 9.59 30.77
CA ARG E 227 32.35 10.08 32.10
C ARG E 227 32.81 11.53 32.07
N GLN E 228 33.74 11.87 31.19
CA GLN E 228 34.28 13.22 31.27
C GLN E 228 33.30 14.26 30.76
N VAL E 229 32.47 13.93 29.78
CA VAL E 229 31.50 14.92 29.30
C VAL E 229 30.41 15.13 30.35
N SER E 230 30.14 14.11 31.16
CA SER E 230 29.13 14.25 32.19
C SER E 230 29.63 15.11 33.35
N LEU E 231 30.83 14.79 33.87
CA LEU E 231 31.40 15.59 34.94
C LEU E 231 31.48 17.06 34.55
N LEU E 232 31.93 17.33 33.32
CA LEU E 232 32.03 18.73 32.89
C LEU E 232 30.68 19.42 32.95
N LEU E 233 29.60 18.73 32.56
CA LEU E 233 28.27 19.32 32.66
C LEU E 233 27.89 19.58 34.11
N VAL E 234 28.12 18.59 34.98
CA VAL E 234 27.86 18.76 36.40
C VAL E 234 28.58 20.00 36.94
N ARG E 235 29.87 20.13 36.63
CA ARG E 235 30.64 21.26 37.16
C ARG E 235 30.09 22.57 36.63
N LEU E 236 29.83 22.63 35.33
CA LEU E 236 29.26 23.86 34.78
C LEU E 236 27.94 24.21 35.44
N ILE E 237 27.14 23.20 35.80
CA ILE E 237 25.86 23.49 36.44
C ILE E 237 26.07 24.02 37.85
N ASN E 238 27.07 23.47 38.57
CA ASN E 238 27.36 23.97 39.91
C ASN E 238 27.83 25.41 39.88
N GLN E 239 28.71 25.74 38.93
CA GLN E 239 29.16 27.13 38.81
C GLN E 239 27.98 28.07 38.55
N LYS E 240 27.11 27.69 37.61
CA LYS E 240 25.93 28.50 37.32
C LYS E 240 25.04 28.64 38.55
N LEU E 241 24.79 27.53 39.26
CA LEU E 241 23.91 27.61 40.41
C LEU E 241 24.55 28.38 41.55
N ALA E 242 25.88 28.35 41.65
CA ALA E 242 26.57 29.13 42.67
C ALA E 242 26.39 30.62 42.42
N ALA E 243 26.48 31.05 41.17
CA ALA E 243 26.21 32.45 40.86
C ALA E 243 24.77 32.83 41.21
N LEU E 244 23.85 31.87 41.16
CA LEU E 244 22.44 32.14 41.40
C LEU E 244 22.05 32.06 42.87
N GLY E 245 23.01 31.76 43.76
CA GLY E 245 22.73 31.72 45.19
C GLY E 245 22.12 30.43 45.67
N ALA E 246 22.27 29.37 44.94
CA ALA E 246 21.69 28.09 45.31
C ALA E 246 22.53 27.40 46.36
N PRO E 247 21.92 26.56 47.21
CA PRO E 247 22.71 25.73 48.11
C PRO E 247 23.71 24.90 47.31
N GLU E 248 24.95 24.84 47.80
CA GLU E 248 25.94 23.98 47.19
C GLU E 248 25.44 22.54 47.15
N ASN E 249 25.80 21.82 46.08
CA ASN E 249 25.61 20.37 45.97
C ASN E 249 24.15 19.96 45.75
N LEU E 250 23.39 20.82 45.06
CA LEU E 250 22.08 20.41 44.56
C LEU E 250 22.19 19.37 43.46
N VAL E 251 23.29 19.38 42.69
CA VAL E 251 23.57 18.44 41.61
C VAL E 251 24.99 17.93 41.80
N VAL E 252 25.14 16.64 42.12
CA VAL E 252 26.44 16.08 42.45
C VAL E 252 26.67 14.78 41.69
N THR E 253 27.94 14.38 41.62
CA THR E 253 28.35 13.13 41.00
C THR E 253 29.67 12.69 41.63
N VAL E 254 30.14 11.51 41.21
CA VAL E 254 31.40 10.97 41.70
C VAL E 254 32.48 11.15 40.63
N GLU E 255 33.74 11.20 41.08
CA GLU E 255 34.83 11.55 40.17
C GLU E 255 35.10 10.41 39.17
N LYS E 256 35.24 9.19 39.67
CA LYS E 256 35.40 8.05 38.78
C LYS E 256 34.14 7.20 38.77
N PRO E 257 33.22 7.46 37.86
CA PRO E 257 32.03 6.62 37.71
C PRO E 257 32.32 5.13 37.59
N SER E 258 32.39 4.46 38.72
CA SER E 258 32.46 3.02 38.80
C SER E 258 31.05 2.47 38.92
N ILE E 259 30.92 1.15 38.84
CA ILE E 259 29.63 0.57 39.22
C ILE E 259 29.60 0.18 40.70
N GLU E 260 30.77 -0.07 41.32
CA GLU E 260 30.78 -0.19 42.78
C GLU E 260 30.23 1.08 43.43
N ASN E 261 30.50 2.25 42.82
CA ASN E 261 29.85 3.47 43.26
C ASN E 261 28.37 3.48 42.92
N THR E 262 27.99 2.85 41.81
CA THR E 262 26.59 2.79 41.42
C THR E 262 25.80 1.85 42.34
N ASN E 263 26.43 0.77 42.81
CA ASN E 263 25.78 -0.08 43.79
C ASN E 263 25.79 0.54 45.18
N ALA E 264 26.80 1.38 45.47
CA ALA E 264 26.77 2.15 46.71
C ALA E 264 25.60 3.12 46.70
N MET E 265 25.37 3.77 45.56
CA MET E 265 24.25 4.70 45.44
C MET E 265 22.92 3.99 45.66
N MET E 266 22.75 2.78 45.07
CA MET E 266 21.52 2.04 45.25
C MET E 266 21.34 1.56 46.67
N ALA E 267 22.42 1.47 47.44
CA ALA E 267 22.38 0.95 48.80
C ALA E 267 22.22 2.02 49.87
N HIS E 268 22.56 3.27 49.54
CA HIS E 268 22.69 4.30 50.57
C HIS E 268 21.33 4.59 51.20
N PRO E 269 21.23 4.65 52.53
CA PRO E 269 19.92 4.84 53.16
C PRO E 269 19.28 6.17 52.83
N LYS E 270 20.08 7.21 52.63
CA LYS E 270 19.52 8.54 52.43
C LYS E 270 19.10 8.81 50.99
N VAL E 271 19.32 7.87 50.08
CA VAL E 271 18.83 8.00 48.70
C VAL E 271 17.37 7.55 48.69
N ARG E 272 16.45 8.48 48.44
CA ARG E 272 15.04 8.18 48.57
C ARG E 272 14.43 7.67 47.27
N MET E 273 15.15 7.76 46.16
CA MET E 273 14.62 7.37 44.87
C MET E 273 15.75 7.12 43.89
N LEU E 274 15.60 6.07 43.09
CA LEU E 274 16.50 5.71 42.03
C LEU E 274 15.82 5.95 40.69
N VAL E 275 16.54 6.52 39.74
CA VAL E 275 16.05 6.74 38.38
C VAL E 275 17.09 6.20 37.43
N ALA E 276 16.77 5.07 36.79
CA ALA E 276 17.70 4.38 35.89
C ALA E 276 17.32 4.69 34.45
N THR E 277 18.20 5.37 33.74
CA THR E 277 18.07 5.55 32.31
C THR E 277 19.20 4.71 31.69
N GLY E 278 18.87 3.47 31.36
CA GLY E 278 19.86 2.58 30.81
C GLY E 278 19.23 1.33 30.23
N GLY E 279 20.04 0.27 30.17
CA GLY E 279 19.61 -0.99 29.63
C GLY E 279 18.82 -1.79 30.64
N PRO E 280 18.28 -2.93 30.17
CA PRO E 280 17.40 -3.71 31.04
C PRO E 280 18.08 -4.30 32.26
N ALA E 281 19.40 -4.50 32.24
CA ALA E 281 20.08 -5.06 33.39
C ALA E 281 20.11 -4.06 34.56
N ILE E 282 20.58 -2.83 34.30
CA ILE E 282 20.70 -1.82 35.35
C ILE E 282 19.31 -1.39 35.86
N VAL E 283 18.28 -1.51 35.00
CA VAL E 283 16.94 -1.12 35.41
C VAL E 283 16.32 -2.18 36.32
N LYS E 284 16.56 -3.46 36.05
CA LYS E 284 16.11 -4.46 37.01
C LYS E 284 16.85 -4.31 38.33
N ALA E 285 18.06 -3.74 38.31
CA ALA E 285 18.84 -3.60 39.54
C ALA E 285 18.24 -2.55 40.46
N VAL E 286 17.84 -1.39 39.92
CA VAL E 286 17.24 -0.37 40.78
C VAL E 286 15.84 -0.75 41.24
N LEU E 287 15.13 -1.60 40.48
CA LEU E 287 13.86 -2.15 40.92
C LEU E 287 14.01 -3.36 41.83
N SER E 288 15.25 -3.66 42.25
CA SER E 288 15.53 -4.75 43.19
C SER E 288 16.26 -4.26 44.43
N THR E 289 16.12 -2.98 44.77
CA THR E 289 16.86 -2.36 45.87
C THR E 289 16.00 -2.11 47.09
N GLY E 290 14.70 -2.34 47.02
CA GLY E 290 13.85 -1.98 48.13
C GLY E 290 13.43 -0.53 48.16
N LYS E 291 13.82 0.24 47.14
CA LYS E 291 13.50 1.66 47.08
C LYS E 291 12.52 1.94 45.94
N LYS E 292 11.91 3.12 45.99
CA LYS E 292 11.14 3.62 44.86
C LYS E 292 12.06 3.87 43.68
N ALA E 293 11.70 3.33 42.51
CA ALA E 293 12.58 3.42 41.35
C ALA E 293 11.78 3.68 40.09
N ILE E 294 12.35 4.50 39.20
CA ILE E 294 11.85 4.72 37.85
C ILE E 294 12.89 4.21 36.86
N GLY E 295 12.45 3.47 35.85
CA GLY E 295 13.41 2.88 34.93
C GLY E 295 13.08 3.03 33.47
N ALA E 296 14.07 3.33 32.64
CA ALA E 296 13.88 3.36 31.19
C ALA E 296 13.60 1.95 30.67
N GLY E 297 13.27 1.87 29.38
CA GLY E 297 12.90 0.60 28.80
C GLY E 297 13.54 0.37 27.44
N ALA E 298 13.58 -0.91 27.06
CA ALA E 298 14.05 -1.29 25.73
C ALA E 298 12.93 -1.11 24.71
N GLY E 299 13.29 -0.65 23.52
CA GLY E 299 12.32 -0.41 22.48
C GLY E 299 12.82 -0.79 21.11
N ASN E 300 11.99 -1.49 20.33
CA ASN E 300 12.31 -1.88 18.96
C ASN E 300 11.34 -1.21 18.00
N PRO E 301 11.38 0.12 17.88
CA PRO E 301 10.28 0.86 17.21
C PRO E 301 10.09 0.45 15.76
N PRO E 302 8.93 -0.09 15.41
CA PRO E 302 8.57 -0.23 14.00
C PRO E 302 7.92 1.04 13.47
N VAL E 303 8.13 1.28 12.18
CA VAL E 303 7.42 2.34 11.47
C VAL E 303 6.62 1.71 10.36
N VAL E 304 5.31 1.94 10.36
CA VAL E 304 4.36 1.39 9.39
C VAL E 304 4.03 2.48 8.39
N VAL E 305 4.02 2.11 7.11
CA VAL E 305 3.62 3.01 6.03
C VAL E 305 2.56 2.29 5.20
N ASP E 306 1.35 2.85 5.15
CA ASP E 306 0.30 2.28 4.33
C ASP E 306 0.08 3.14 3.09
N GLU E 307 -0.91 2.76 2.28
CA GLU E 307 -1.06 3.38 0.97
C GLU E 307 -1.68 4.76 1.03
N THR E 308 -2.07 5.23 2.20
CA THR E 308 -2.67 6.56 2.33
C THR E 308 -1.64 7.60 2.71
N ALA E 309 -0.44 7.17 3.08
CA ALA E 309 0.59 8.07 3.55
C ALA E 309 1.02 9.02 2.44
N ASN E 310 1.52 10.18 2.86
CA ASN E 310 2.38 11.00 2.00
C ASN E 310 3.73 10.30 1.93
N ILE E 311 4.01 9.64 0.81
CA ILE E 311 5.19 8.78 0.71
C ILE E 311 6.47 9.60 0.69
N GLU E 312 6.48 10.73 -0.03
CA GLU E 312 7.68 11.55 -0.08
C GLU E 312 8.02 12.13 1.28
N LYS E 313 7.00 12.48 2.07
CA LYS E 313 7.28 12.97 3.41
C LYS E 313 7.59 11.83 4.37
N ALA E 314 6.93 10.68 4.21
CA ALA E 314 7.28 9.52 5.03
C ALA E 314 8.76 9.15 4.85
N ALA E 315 9.24 9.14 3.59
CA ALA E 315 10.65 8.81 3.35
C ALA E 315 11.58 9.80 4.03
N CYS E 316 11.29 11.09 3.89
CA CYS E 316 12.11 12.09 4.57
C CYS E 316 12.04 11.92 6.09
N ASP E 317 10.84 11.71 6.63
CA ASP E 317 10.73 11.58 8.08
C ASP E 317 11.48 10.35 8.59
N ILE E 318 11.42 9.24 7.86
CA ILE E 318 11.98 7.97 8.34
C ILE E 318 13.51 8.00 8.33
N VAL E 319 14.10 8.58 7.29
CA VAL E 319 15.56 8.70 7.27
C VAL E 319 16.03 9.59 8.42
N ASN E 320 15.50 10.81 8.50
CA ASN E 320 15.89 11.72 9.58
C ASN E 320 15.77 11.04 10.94
N GLY E 321 14.69 10.26 11.14
CA GLY E 321 14.48 9.66 12.45
C GLY E 321 15.36 8.45 12.70
N CYS E 322 15.55 7.61 11.68
CA CYS E 322 16.46 6.47 11.84
C CYS E 322 17.90 6.95 12.06
N SER E 323 18.35 7.90 11.25
CA SER E 323 19.72 8.39 11.31
C SER E 323 19.93 9.42 12.43
N PHE E 324 18.87 9.87 13.09
CA PHE E 324 19.01 10.82 14.18
C PHE E 324 19.98 10.28 15.20
N ASP E 325 21.08 11.00 15.41
CA ASP E 325 22.15 10.57 16.29
C ASP E 325 22.54 9.11 16.00
N ASN E 326 22.59 8.77 14.71
CA ASN E 326 22.97 7.44 14.23
C ASN E 326 22.21 6.33 14.96
N ASN E 327 20.90 6.53 15.10
CA ASN E 327 20.00 5.53 15.66
C ASN E 327 20.27 5.28 17.15
N LEU E 328 20.90 6.25 17.81
CA LEU E 328 21.13 6.13 19.26
C LEU E 328 19.87 6.22 20.09
N PRO E 329 18.95 7.18 19.89
CA PRO E 329 17.87 7.38 20.86
C PRO E 329 16.92 6.20 20.93
N CYS E 330 16.25 6.10 22.08
CA CYS E 330 15.38 4.96 22.32
C CYS E 330 14.11 4.98 21.47
N VAL E 331 13.85 6.06 20.73
CA VAL E 331 12.65 6.15 19.90
C VAL E 331 12.95 6.01 18.41
N ALA E 332 14.22 5.86 18.02
CA ALA E 332 14.59 5.86 16.60
C ALA E 332 14.02 4.64 15.88
N GLU E 333 13.61 4.87 14.63
CA GLU E 333 13.08 3.81 13.78
C GLU E 333 14.09 2.68 13.63
N LYS E 334 13.65 1.45 13.87
CA LYS E 334 14.48 0.26 13.74
C LYS E 334 14.10 -0.62 12.55
N GLU E 335 12.82 -0.74 12.23
CA GLU E 335 12.36 -1.54 11.10
C GLU E 335 11.23 -0.80 10.40
N ILE E 336 11.15 -0.98 9.08
CA ILE E 336 10.05 -0.48 8.28
C ILE E 336 9.13 -1.63 7.92
N ILE E 337 7.84 -1.43 8.07
CA ILE E 337 6.82 -2.37 7.63
C ILE E 337 5.93 -1.61 6.66
N ALA E 338 6.01 -1.96 5.39
CA ALA E 338 5.39 -1.19 4.32
C ALA E 338 4.42 -2.07 3.55
N VAL E 339 3.25 -1.53 3.24
CA VAL E 339 2.29 -2.26 2.41
C VAL E 339 2.81 -2.28 0.97
N ALA E 340 2.61 -3.43 0.30
CA ALA E 340 3.16 -3.64 -1.03
C ALA E 340 2.85 -2.51 -2.00
N GLN E 341 1.66 -1.91 -1.88
CA GLN E 341 1.23 -0.92 -2.87
C GLN E 341 2.24 0.21 -3.01
N ILE E 342 2.84 0.66 -1.92
CA ILE E 342 3.73 1.83 -1.94
C ILE E 342 5.17 1.47 -1.58
N ALA E 343 5.47 0.21 -1.26
CA ALA E 343 6.82 -0.16 -0.83
C ALA E 343 7.91 0.34 -1.78
N ASP E 344 7.71 0.18 -3.09
CA ASP E 344 8.75 0.57 -4.04
C ASP E 344 8.91 2.08 -4.12
N TYR E 345 7.80 2.80 -4.33
CA TYR E 345 7.88 4.25 -4.32
C TYR E 345 8.48 4.78 -3.02
N LEU E 346 8.21 4.10 -1.90
CA LEU E 346 8.82 4.52 -0.65
C LEU E 346 10.34 4.31 -0.68
N ILE E 347 10.77 3.11 -1.09
CA ILE E 347 12.20 2.84 -1.26
C ILE E 347 12.83 3.86 -2.20
N PHE E 348 12.12 4.18 -3.27
CA PHE E 348 12.62 5.18 -4.21
C PHE E 348 12.87 6.52 -3.51
N ASN E 349 11.90 6.97 -2.70
CA ASN E 349 12.07 8.25 -2.02
C ASN E 349 13.01 8.15 -0.82
N LEU E 350 13.11 6.99 -0.18
CA LEU E 350 14.14 6.78 0.83
C LEU E 350 15.53 7.02 0.24
N LYS E 351 15.79 6.45 -0.94
CA LYS E 351 17.09 6.63 -1.58
C LYS E 351 17.33 8.10 -1.95
N LYS E 352 16.29 8.82 -2.36
CA LYS E 352 16.45 10.25 -2.59
C LYS E 352 16.79 11.02 -1.33
N ASN E 353 16.53 10.47 -0.14
CA ASN E 353 16.78 11.16 1.11
C ASN E 353 18.03 10.65 1.80
N GLY E 354 18.84 9.83 1.12
CA GLY E 354 20.10 9.38 1.65
C GLY E 354 20.14 7.93 2.06
N ALA E 355 19.15 7.13 1.71
CA ALA E 355 19.25 5.69 1.94
C ALA E 355 20.19 5.10 0.89
N TYR E 356 21.02 4.15 1.34
CA TYR E 356 21.85 3.33 0.46
C TYR E 356 21.24 1.94 0.48
N GLU E 357 20.70 1.50 -0.65
CA GLU E 357 19.98 0.24 -0.71
C GLU E 357 20.96 -0.89 -1.00
N ILE E 358 20.97 -1.90 -0.14
CA ILE E 358 21.71 -3.14 -0.36
C ILE E 358 20.73 -4.16 -0.94
N LYS E 359 21.04 -4.69 -2.12
CA LYS E 359 20.25 -5.75 -2.74
C LYS E 359 21.01 -7.06 -2.92
N ASP E 360 22.34 -7.02 -3.00
CA ASP E 360 23.14 -8.23 -3.16
C ASP E 360 23.22 -8.98 -1.83
N PRO E 361 22.79 -10.24 -1.77
CA PRO E 361 22.80 -10.96 -0.48
C PRO E 361 24.19 -11.20 0.08
N ALA E 362 25.24 -11.15 -0.75
CA ALA E 362 26.59 -11.34 -0.22
C ALA E 362 27.05 -10.10 0.53
N VAL E 363 26.86 -8.91 -0.05
CA VAL E 363 27.13 -7.66 0.65
C VAL E 363 26.32 -7.58 1.95
N LEU E 364 25.04 -7.96 1.89
CA LEU E 364 24.21 -7.93 3.08
C LEU E 364 24.75 -8.87 4.16
N GLN E 365 25.33 -10.00 3.74
CA GLN E 365 25.93 -10.92 4.70
C GLN E 365 27.19 -10.32 5.32
N GLN E 366 27.97 -9.56 4.55
CA GLN E 366 29.14 -8.89 5.11
C GLN E 366 28.72 -7.96 6.24
N LEU E 367 27.66 -7.17 6.01
CA LEU E 367 27.18 -6.25 7.04
C LEU E 367 26.72 -7.02 8.27
N GLN E 368 26.02 -8.14 8.07
CA GLN E 368 25.56 -8.94 9.20
C GLN E 368 26.72 -9.39 10.08
N ASP E 369 27.76 -9.96 9.47
CA ASP E 369 28.91 -10.41 10.23
C ASP E 369 29.57 -9.27 11.00
N LEU E 370 29.61 -8.06 10.40
CA LEU E 370 30.27 -6.93 11.03
C LEU E 370 29.50 -6.42 12.25
N VAL E 371 28.17 -6.30 12.14
CA VAL E 371 27.37 -5.63 13.16
C VAL E 371 26.71 -6.61 14.13
N LEU E 372 26.97 -7.90 13.99
CA LEU E 372 26.42 -8.88 14.91
C LEU E 372 27.54 -9.66 15.58
N THR E 373 27.29 -10.06 16.82
CA THR E 373 28.19 -10.90 17.58
C THR E 373 27.93 -12.37 17.24
N ALA E 374 28.70 -13.27 17.88
CA ALA E 374 28.41 -14.69 17.74
C ALA E 374 27.04 -15.05 18.32
N LYS E 375 26.69 -14.44 19.44
CA LYS E 375 25.35 -14.57 20.01
C LYS E 375 24.27 -14.10 19.04
N GLY E 376 24.63 -13.25 18.08
CA GLY E 376 23.68 -12.68 17.15
C GLY E 376 23.19 -11.30 17.53
N GLY E 377 23.53 -10.82 18.73
CA GLY E 377 23.12 -9.51 19.18
C GLY E 377 23.99 -8.40 18.62
N PRO E 378 23.63 -7.17 18.97
CA PRO E 378 24.37 -6.01 18.45
C PRO E 378 25.82 -6.01 18.87
N GLN E 379 26.67 -5.48 17.97
CA GLN E 379 28.13 -5.52 18.05
C GLN E 379 28.60 -4.14 18.49
N THR E 380 29.02 -4.01 19.75
CA THR E 380 29.04 -2.70 20.39
C THR E 380 29.99 -1.71 19.71
N LYS E 381 31.01 -2.18 18.96
CA LYS E 381 31.86 -1.21 18.25
C LYS E 381 31.06 -0.45 17.19
N CYS E 382 29.94 -1.00 16.75
CA CYS E 382 29.15 -0.43 15.66
C CYS E 382 27.97 0.42 16.15
N VAL E 383 27.65 0.39 17.43
CA VAL E 383 26.52 1.17 17.93
C VAL E 383 26.77 2.66 17.72
N GLY E 384 25.87 3.30 16.98
CA GLY E 384 25.92 4.74 16.79
C GLY E 384 26.88 5.24 15.75
N LYS E 385 27.50 4.34 14.99
CA LYS E 385 28.40 4.76 13.91
C LYS E 385 27.58 5.14 12.68
N SER E 386 28.09 6.11 11.93
CA SER E 386 27.37 6.59 10.75
C SER E 386 27.24 5.49 9.72
N ALA E 387 26.31 5.70 8.78
CA ALA E 387 26.15 4.76 7.68
C ALA E 387 27.38 4.76 6.77
N VAL E 388 27.92 5.95 6.47
CA VAL E 388 29.21 6.06 5.77
C VAL E 388 30.23 5.12 6.39
N TRP E 389 30.43 5.24 7.70
CA TRP E 389 31.47 4.49 8.39
C TRP E 389 31.20 2.98 8.33
N LEU E 390 29.97 2.57 8.60
CA LEU E 390 29.62 1.14 8.54
C LEU E 390 29.89 0.58 7.15
N LEU E 391 29.55 1.34 6.11
CA LEU E 391 29.76 0.89 4.75
C LEU E 391 31.25 0.79 4.41
N SER E 392 32.06 1.71 4.94
CA SER E 392 33.49 1.60 4.68
C SER E 392 34.06 0.32 5.28
N GLN E 393 33.53 -0.13 6.41
CA GLN E 393 34.01 -1.37 7.02
C GLN E 393 33.69 -2.60 6.20
N ILE E 394 32.93 -2.48 5.12
CA ILE E 394 32.69 -3.60 4.21
C ILE E 394 33.12 -3.26 2.80
N GLY E 395 34.04 -2.29 2.68
CA GLY E 395 34.59 -1.94 1.39
C GLY E 395 33.58 -1.27 0.48
N ILE E 396 32.79 -0.36 1.02
CA ILE E 396 31.90 0.48 0.23
C ILE E 396 32.15 1.92 0.64
N SER E 397 32.53 2.76 -0.31
CA SER E 397 32.82 4.16 -0.05
C SER E 397 31.70 5.02 -0.61
N VAL E 398 31.14 5.89 0.22
CA VAL E 398 30.08 6.81 -0.20
C VAL E 398 30.30 8.15 0.51
N ASP E 399 29.72 9.20 -0.08
CA ASP E 399 29.89 10.54 0.48
C ASP E 399 29.00 10.72 1.73
N ALA E 400 29.00 11.92 2.28
CA ALA E 400 28.30 12.18 3.54
C ALA E 400 26.80 12.40 3.36
N SER E 401 26.26 12.29 2.14
CA SER E 401 24.82 12.40 1.96
C SER E 401 24.10 11.11 2.33
N ILE E 402 24.81 9.99 2.33
CA ILE E 402 24.23 8.71 2.71
C ILE E 402 24.09 8.65 4.22
N LYS E 403 22.84 8.59 4.70
CA LYS E 403 22.52 8.65 6.13
C LYS E 403 22.07 7.32 6.73
N ILE E 404 21.44 6.43 5.96
CA ILE E 404 21.05 5.12 6.46
C ILE E 404 21.36 4.08 5.39
N ILE E 405 21.44 2.83 5.85
CA ILE E 405 21.63 1.65 5.01
C ILE E 405 20.31 0.91 4.97
N LEU E 406 19.78 0.71 3.76
CA LEU E 406 18.46 0.16 3.55
C LEU E 406 18.56 -1.21 2.91
N MET E 407 17.74 -2.14 3.38
CA MET E 407 17.63 -3.43 2.70
C MET E 407 16.26 -4.04 2.95
N GLU E 408 15.68 -4.62 1.90
CA GLU E 408 14.41 -5.33 2.00
C GLU E 408 14.67 -6.80 2.31
N VAL E 409 14.11 -7.28 3.41
CA VAL E 409 14.41 -8.60 3.97
C VAL E 409 13.12 -9.22 4.53
N PRO E 410 13.11 -10.51 4.85
CA PRO E 410 11.96 -11.10 5.56
C PRO E 410 11.99 -10.77 7.05
N ARG E 411 10.83 -10.99 7.69
CA ARG E 411 10.64 -10.56 9.08
C ARG E 411 11.56 -11.26 10.07
N GLU E 412 11.97 -12.51 9.78
CA GLU E 412 12.85 -13.24 10.68
C GLU E 412 14.28 -12.74 10.67
N HIS E 413 14.63 -11.84 9.76
CA HIS E 413 16.01 -11.38 9.65
C HIS E 413 16.46 -10.75 10.97
N PRO E 414 17.71 -11.00 11.39
CA PRO E 414 18.18 -10.43 12.66
C PRO E 414 17.98 -8.94 12.77
N PHE E 415 18.20 -8.19 11.67
CA PHE E 415 18.09 -6.74 11.73
C PHE E 415 16.69 -6.30 12.12
N VAL E 416 15.66 -7.09 11.76
CA VAL E 416 14.31 -6.81 12.21
C VAL E 416 14.15 -7.16 13.68
N GLN E 417 14.69 -8.31 14.09
CA GLN E 417 14.47 -8.79 15.46
C GLN E 417 15.32 -8.05 16.47
N GLU E 418 16.55 -7.69 16.12
CA GLU E 418 17.48 -7.05 17.05
C GLU E 418 17.32 -5.54 17.04
N GLU E 419 17.54 -4.93 18.19
CA GLU E 419 17.63 -3.47 18.32
C GLU E 419 19.10 -3.10 18.15
N LEU E 420 19.51 -2.86 16.89
CA LEU E 420 20.92 -2.68 16.58
C LEU E 420 21.48 -1.35 17.06
N MET E 421 20.63 -0.32 17.13
CA MET E 421 21.07 1.03 17.46
C MET E 421 22.13 1.52 16.46
N MET E 422 21.87 1.27 15.18
CA MET E 422 22.71 1.71 14.07
C MET E 422 21.80 2.20 12.95
N PRO E 423 22.27 3.12 12.11
CA PRO E 423 21.44 3.58 10.98
C PRO E 423 21.28 2.51 9.91
N ILE E 424 20.90 1.31 10.36
CA ILE E 424 20.59 0.17 9.51
C ILE E 424 19.09 -0.08 9.64
N LEU E 425 18.38 -0.02 8.53
CA LEU E 425 16.91 -0.04 8.54
C LEU E 425 16.37 -1.10 7.59
N PRO E 426 16.08 -2.29 8.11
CA PRO E 426 15.40 -3.29 7.28
C PRO E 426 13.97 -2.86 6.93
N LEU E 427 13.47 -3.43 5.84
CA LEU E 427 12.12 -3.16 5.37
C LEU E 427 11.45 -4.48 5.06
N VAL E 428 10.35 -4.76 5.77
CA VAL E 428 9.53 -5.94 5.52
C VAL E 428 8.32 -5.51 4.70
N ARG E 429 8.06 -6.22 3.60
CA ARG E 429 6.92 -5.93 2.74
C ARG E 429 5.75 -6.84 3.13
N VAL E 430 4.58 -6.23 3.33
CA VAL E 430 3.36 -6.97 3.66
C VAL E 430 2.28 -6.53 2.68
N GLU E 431 1.19 -7.30 2.65
CA GLU E 431 0.13 -7.07 1.66
C GLU E 431 -0.79 -5.93 2.08
N THR E 432 -1.24 -5.92 3.33
CA THR E 432 -2.26 -4.99 3.78
C THR E 432 -1.81 -4.24 5.02
N VAL E 433 -2.50 -3.11 5.29
CA VAL E 433 -2.21 -2.34 6.49
C VAL E 433 -2.51 -3.17 7.74
N ASP E 434 -3.50 -4.05 7.68
CA ASP E 434 -3.80 -4.90 8.83
C ASP E 434 -2.66 -5.86 9.13
N ASP E 435 -2.06 -6.45 8.10
CA ASP E 435 -0.88 -7.27 8.34
C ASP E 435 0.27 -6.42 8.84
N ALA E 436 0.42 -5.21 8.32
CA ALA E 436 1.47 -4.31 8.79
C ALA E 436 1.30 -3.99 10.27
N ILE E 437 0.07 -3.75 10.70
CA ILE E 437 -0.19 -3.49 12.12
C ILE E 437 0.07 -4.75 12.94
N ASP E 438 -0.38 -5.91 12.46
CA ASP E 438 -0.10 -7.18 13.16
C ASP E 438 1.40 -7.39 13.30
N LEU E 439 2.15 -7.27 12.20
CA LEU E 439 3.58 -7.50 12.28
C LEU E 439 4.25 -6.47 13.18
N ALA E 440 3.81 -5.22 13.11
CA ALA E 440 4.40 -4.18 13.96
C ALA E 440 4.25 -4.54 15.43
N ILE E 441 3.05 -4.97 15.83
CA ILE E 441 2.85 -5.47 17.20
C ILE E 441 3.81 -6.62 17.50
N GLU E 442 3.96 -7.55 16.56
CA GLU E 442 4.78 -8.73 16.80
C GLU E 442 6.25 -8.35 16.99
N VAL E 443 6.79 -7.50 16.11
CA VAL E 443 8.22 -7.20 16.17
C VAL E 443 8.56 -6.18 17.25
N GLU E 444 7.55 -5.58 17.88
CA GLU E 444 7.82 -4.71 19.01
C GLU E 444 8.08 -5.51 20.29
N HIS E 445 7.83 -6.82 20.26
CA HIS E 445 8.22 -7.75 21.33
C HIS E 445 7.59 -7.36 22.67
N ASP E 446 6.42 -6.73 22.63
CA ASP E 446 5.71 -6.29 23.84
C ASP E 446 6.59 -5.40 24.72
N ASN E 447 7.53 -4.67 24.12
CA ASN E 447 8.20 -3.59 24.83
C ASN E 447 7.23 -2.47 25.15
N ARG E 448 6.24 -2.26 24.26
CA ARG E 448 5.25 -1.21 24.42
C ARG E 448 5.92 0.16 24.61
N HIS E 449 7.00 0.38 23.87
CA HIS E 449 7.80 1.58 24.01
C HIS E 449 7.41 2.64 23.00
N THR E 450 7.88 2.49 21.76
CA THR E 450 7.62 3.45 20.70
C THR E 450 7.20 2.74 19.42
N ALA E 451 6.22 3.32 18.73
CA ALA E 451 5.88 2.90 17.39
C ALA E 451 5.50 4.13 16.58
N ILE E 452 5.65 4.02 15.25
CA ILE E 452 5.44 5.11 14.32
C ILE E 452 4.57 4.61 13.18
N MET E 453 3.76 5.50 12.62
CA MET E 453 2.86 5.14 11.52
C MET E 453 2.70 6.33 10.58
N HIS E 454 2.80 6.05 9.28
CA HIS E 454 2.53 7.04 8.24
C HIS E 454 1.26 6.61 7.54
N SER E 455 0.19 7.35 7.77
CA SER E 455 -1.13 7.03 7.26
C SER E 455 -2.01 8.25 7.47
N THR E 456 -2.77 8.61 6.44
CA THR E 456 -3.75 9.67 6.56
C THR E 456 -5.13 9.14 6.92
N ASP E 457 -5.26 7.83 7.08
CA ASP E 457 -6.56 7.21 7.35
C ASP E 457 -6.79 7.20 8.86
N VAL E 458 -7.72 8.05 9.31
CA VAL E 458 -7.89 8.27 10.73
C VAL E 458 -8.29 6.97 11.43
N ARG E 459 -8.90 6.04 10.70
CA ARG E 459 -9.27 4.75 11.26
C ARG E 459 -8.05 3.84 11.42
N LYS E 460 -7.17 3.83 10.43
CA LYS E 460 -5.99 2.99 10.52
C LYS E 460 -4.97 3.56 11.49
N LEU E 461 -4.88 4.89 11.57
CA LEU E 461 -4.05 5.55 12.59
C LEU E 461 -4.52 5.20 14.00
N THR E 462 -5.84 5.24 14.21
CA THR E 462 -6.42 4.89 15.51
C THR E 462 -6.17 3.43 15.85
N LYS E 463 -6.49 2.53 14.91
CA LYS E 463 -6.42 1.11 15.20
C LYS E 463 -5.02 0.68 15.59
N MET E 464 -4.00 1.16 14.87
CA MET E 464 -2.63 0.77 15.21
C MET E 464 -2.21 1.35 16.55
N ALA E 465 -2.42 2.67 16.72
CA ALA E 465 -2.07 3.30 17.99
C ALA E 465 -2.70 2.56 19.16
N LYS E 466 -4.00 2.25 19.06
CA LYS E 466 -4.70 1.65 20.19
C LYS E 466 -4.26 0.22 20.42
N LEU E 467 -3.98 -0.54 19.36
CA LEU E 467 -3.62 -1.93 19.54
C LEU E 467 -2.20 -2.10 20.06
N ILE E 468 -1.24 -1.35 19.51
CA ILE E 468 0.17 -1.57 19.86
C ILE E 468 0.53 -1.03 21.25
N GLN E 469 -0.28 -0.13 21.82
CA GLN E 469 -0.18 0.27 23.24
C GLN E 469 1.22 0.76 23.64
N THR E 470 1.89 1.51 22.76
CA THR E 470 3.24 1.95 23.09
C THR E 470 3.23 3.24 23.90
N THR E 471 4.26 3.42 24.72
CA THR E 471 4.37 4.61 25.55
C THR E 471 4.43 5.88 24.70
N ILE E 472 4.99 5.77 23.48
CA ILE E 472 5.03 6.86 22.51
C ILE E 472 4.45 6.34 21.21
N PHE E 473 3.61 7.14 20.55
CA PHE E 473 3.11 6.79 19.23
C PHE E 473 3.13 8.03 18.34
N VAL E 474 3.92 7.99 17.27
CA VAL E 474 4.11 9.12 16.39
C VAL E 474 3.42 8.84 15.07
N LYS E 475 2.62 9.80 14.61
CA LYS E 475 1.85 9.67 13.38
C LYS E 475 2.31 10.77 12.42
N ASN E 476 2.85 10.35 11.26
CA ASN E 476 3.12 11.23 10.14
C ASN E 476 4.21 12.24 10.43
N GLY E 477 5.20 11.81 11.20
CA GLY E 477 6.37 12.62 11.47
C GLY E 477 7.53 11.71 11.80
N PRO E 478 8.72 12.29 11.95
CA PRO E 478 9.86 11.52 12.44
C PRO E 478 9.63 11.11 13.88
N SER E 479 10.36 10.08 14.30
CA SER E 479 10.16 9.52 15.63
C SER E 479 10.41 10.57 16.72
N TYR E 480 11.41 11.42 16.53
CA TYR E 480 11.71 12.40 17.57
C TYR E 480 10.65 13.47 17.71
N ALA E 481 9.57 13.43 16.92
CA ALA E 481 8.42 14.28 17.22
C ALA E 481 7.75 13.82 18.50
N GLY E 482 7.90 12.54 18.85
CA GLY E 482 7.39 12.07 20.13
C GLY E 482 8.14 12.62 21.33
N LEU E 483 9.32 13.20 21.12
CA LEU E 483 10.07 13.85 22.18
C LEU E 483 10.00 15.38 22.10
N GLY E 484 9.06 15.93 21.34
CA GLY E 484 8.88 17.36 21.31
C GLY E 484 9.53 18.07 20.14
N ALA E 485 10.34 17.37 19.34
CA ALA E 485 11.00 17.95 18.16
C ALA E 485 10.05 17.80 16.97
N GLY E 486 9.27 18.85 16.70
CA GLY E 486 8.25 18.77 15.67
C GLY E 486 6.98 18.06 16.11
N GLY E 487 6.78 17.90 17.41
CA GLY E 487 5.51 17.40 17.92
C GLY E 487 5.11 18.19 19.15
N GLU E 488 3.81 18.27 19.39
CA GLU E 488 3.33 19.03 20.53
C GLU E 488 3.64 18.30 21.83
N GLY E 489 3.84 19.08 22.87
CA GLY E 489 4.12 18.55 24.19
C GLY E 489 5.55 18.85 24.61
N TYR E 490 5.88 18.35 25.79
CA TYR E 490 7.20 18.60 26.33
C TYR E 490 8.14 17.47 25.95
N SER E 491 9.42 17.68 26.20
CA SER E 491 10.45 16.70 25.89
C SER E 491 10.94 16.05 27.18
N THR E 492 11.54 14.86 27.01
CA THR E 492 12.31 14.21 28.06
C THR E 492 13.33 13.31 27.39
N PHE E 493 14.23 12.76 28.20
CA PHE E 493 15.14 11.72 27.74
C PHE E 493 15.19 10.57 28.73
N THR E 494 14.25 10.52 29.67
CA THR E 494 14.07 9.40 30.58
C THR E 494 12.63 8.96 30.35
N ILE E 495 12.46 7.98 29.48
CA ILE E 495 11.17 7.45 29.09
C ILE E 495 10.99 6.15 29.86
N ALA E 496 10.03 6.14 30.79
CA ALA E 496 9.86 5.00 31.66
C ALA E 496 9.36 3.80 30.88
N GLY E 497 9.97 2.64 31.11
CA GLY E 497 9.47 1.41 30.53
C GLY E 497 8.50 0.72 31.47
N PRO E 498 9.04 -0.11 32.37
CA PRO E 498 8.15 -0.90 33.24
C PRO E 498 7.50 -0.12 34.36
N THR E 499 8.01 1.03 34.77
CA THR E 499 7.40 1.75 35.89
C THR E 499 6.23 2.64 35.48
N GLY E 500 5.93 2.78 34.20
CA GLY E 500 4.66 3.32 33.75
C GLY E 500 4.51 4.83 33.71
N GLU E 501 5.56 5.61 34.02
CA GLU E 501 5.35 7.05 34.14
C GLU E 501 5.27 7.77 32.79
N GLY E 502 5.55 7.08 31.68
CA GLY E 502 5.55 7.75 30.39
C GLY E 502 6.79 8.60 30.25
N LEU E 503 6.63 9.79 29.67
CA LEU E 503 7.70 10.78 29.60
C LEU E 503 7.85 11.45 30.98
N THR E 504 8.95 11.16 31.67
CA THR E 504 9.12 11.72 33.01
C THR E 504 9.32 13.23 32.96
N SER E 505 8.79 13.91 33.98
CA SER E 505 8.99 15.33 34.17
C SER E 505 9.07 15.56 35.68
N ALA E 506 9.22 16.83 36.10
CA ALA E 506 9.21 17.18 37.52
C ALA E 506 8.15 16.40 38.31
N LYS E 507 6.90 16.37 37.80
CA LYS E 507 5.84 15.57 38.43
C LYS E 507 6.32 14.17 38.81
N SER E 508 7.07 13.53 37.91
CA SER E 508 7.52 12.17 38.17
C SER E 508 8.41 12.10 39.41
N PHE E 509 9.07 13.19 39.77
CA PHE E 509 10.04 13.20 40.86
C PHE E 509 9.49 13.86 42.12
N ALA E 510 8.17 13.83 42.30
CA ALA E 510 7.53 14.44 43.44
C ALA E 510 6.56 13.45 44.10
N ARG E 511 6.38 13.63 45.41
CA ARG E 511 5.36 12.90 46.18
C ARG E 511 4.08 13.70 46.20
N ARG E 512 2.96 13.03 45.93
N ARG E 512 2.94 13.02 46.00
CA ARG E 512 1.65 13.65 46.00
CA ARG E 512 1.63 13.65 45.96
C ARG E 512 1.22 13.79 47.45
C ARG E 512 1.06 13.77 47.37
N ARG E 513 0.83 15.00 47.84
CA ARG E 513 0.32 15.27 49.18
C ARG E 513 -1.09 15.84 49.12
N LYS E 514 -1.89 15.51 50.13
CA LYS E 514 -3.28 15.92 50.20
C LYS E 514 -3.52 16.69 51.49
N CYS E 515 -4.06 17.89 51.36
CA CYS E 515 -4.26 18.79 52.50
C CYS E 515 -5.74 19.12 52.59
N VAL E 516 -6.36 18.81 53.74
CA VAL E 516 -7.81 18.85 53.88
C VAL E 516 -8.18 19.89 54.93
N MET E 517 -8.70 21.03 54.47
CA MET E 517 -9.16 22.12 55.35
C MET E 517 -10.63 21.86 55.65
N VAL E 518 -10.89 21.10 56.73
CA VAL E 518 -12.24 20.63 57.00
C VAL E 518 -13.15 21.81 57.30
N GLU E 519 -14.16 22.00 56.45
CA GLU E 519 -15.24 22.96 56.67
C GLU E 519 -14.74 24.39 56.78
N ALA E 520 -13.79 24.76 55.91
CA ALA E 520 -13.45 26.16 55.74
C ALA E 520 -12.85 26.30 54.35
N LEU E 521 -12.65 27.54 53.93
CA LEU E 521 -12.06 27.85 52.63
C LEU E 521 -12.88 27.29 51.48
N ASN E 522 -14.16 27.05 51.71
CA ASN E 522 -15.12 26.73 50.67
C ASN E 522 -15.85 28.03 50.38
N ILE E 523 -15.21 28.88 49.58
CA ILE E 523 -15.64 30.27 49.48
C ILE E 523 -16.52 30.52 48.28
N ARG E 524 -16.86 29.46 47.54
CA ARG E 524 -17.83 29.57 46.45
C ARG E 524 -19.15 30.08 46.98
N LYS F 43 -3.32 34.54 74.67
CA LYS F 43 -3.56 33.12 74.39
C LYS F 43 -4.82 32.64 75.13
N SER F 44 -5.71 31.93 74.45
CA SER F 44 -6.97 31.60 75.12
C SER F 44 -6.89 30.23 75.77
N PRO F 45 -7.26 30.09 77.04
CA PRO F 45 -7.16 28.79 77.71
C PRO F 45 -8.32 27.85 77.43
N ASP F 46 -9.34 28.33 76.73
CA ASP F 46 -10.46 27.49 76.29
C ASP F 46 -10.67 27.58 74.78
N GLY F 47 -9.64 27.97 74.03
CA GLY F 47 -9.70 28.03 72.58
C GLY F 47 -10.59 29.15 72.06
N LYS F 48 -11.15 28.92 70.87
CA LYS F 48 -12.06 29.85 70.21
C LYS F 48 -13.35 29.10 69.94
N SER F 49 -14.37 29.34 70.77
CA SER F 49 -15.62 28.62 70.62
C SER F 49 -16.42 29.19 69.44
N ASN F 50 -17.39 28.39 68.99
CA ASN F 50 -18.10 28.63 67.73
C ASN F 50 -19.43 29.35 67.94
N SER F 51 -19.56 30.18 68.99
CA SER F 51 -20.87 30.77 69.31
C SER F 51 -21.32 31.82 68.29
N SER F 52 -20.40 32.40 67.52
CA SER F 52 -20.77 33.39 66.52
C SER F 52 -21.30 32.77 65.24
N ALA F 53 -21.07 31.47 65.00
CA ALA F 53 -21.68 30.83 63.85
C ALA F 53 -23.14 30.48 64.09
N ASP F 54 -23.62 30.61 65.33
CA ASP F 54 -25.01 30.34 65.66
C ASP F 54 -25.78 31.64 65.87
N ALA F 85 -50.20 27.71 50.74
CA ALA F 85 -50.10 26.67 49.72
C ALA F 85 -48.78 26.79 48.99
N VAL F 86 -48.19 25.64 48.63
CA VAL F 86 -46.90 25.67 47.94
C VAL F 86 -47.07 26.32 46.59
N SER F 87 -46.12 27.18 46.23
CA SER F 87 -46.14 27.79 44.92
C SER F 87 -45.90 26.75 43.85
N ASP F 88 -46.49 26.99 42.67
CA ASP F 88 -46.31 26.12 41.53
C ASP F 88 -45.36 26.73 40.50
N GLY F 89 -44.74 27.88 40.84
CA GLY F 89 -43.78 28.54 39.97
C GLY F 89 -44.36 29.48 38.93
N VAL F 90 -45.67 29.49 38.73
CA VAL F 90 -46.28 30.26 37.64
C VAL F 90 -47.00 31.47 38.23
N PHE F 91 -46.70 32.64 37.70
CA PHE F 91 -47.18 33.89 38.23
C PHE F 91 -47.97 34.65 37.18
N GLU F 92 -48.84 35.55 37.64
CA GLU F 92 -49.72 36.24 36.71
C GLU F 92 -49.03 37.41 36.05
N THR F 93 -48.02 38.00 36.71
CA THR F 93 -47.25 39.09 36.13
C THR F 93 -45.79 38.71 36.12
N MET F 94 -45.05 39.28 35.18
CA MET F 94 -43.62 38.97 35.11
C MET F 94 -42.90 39.55 36.32
N ASP F 95 -43.33 40.73 36.77
CA ASP F 95 -42.74 41.36 37.95
C ASP F 95 -42.86 40.47 39.17
N ALA F 96 -44.05 39.87 39.39
CA ALA F 96 -44.19 38.96 40.51
C ALA F 96 -43.27 37.74 40.34
N ALA F 97 -43.11 37.25 39.11
CA ALA F 97 -42.22 36.12 38.87
C ALA F 97 -40.79 36.49 39.23
N VAL F 98 -40.31 37.63 38.75
CA VAL F 98 -38.93 38.05 39.01
C VAL F 98 -38.73 38.25 40.50
N GLU F 99 -39.65 38.95 41.17
CA GLU F 99 -39.52 39.19 42.60
C GLU F 99 -39.54 37.89 43.39
N ALA F 100 -40.36 36.93 42.96
CA ALA F 100 -40.34 35.63 43.61
C ALA F 100 -39.02 34.91 43.38
N ALA F 101 -38.51 34.96 42.14
CA ALA F 101 -37.24 34.30 41.85
C ALA F 101 -36.08 34.95 42.59
N ALA F 102 -36.13 36.27 42.76
CA ALA F 102 -35.11 37.00 43.52
C ALA F 102 -35.08 36.56 44.97
N LEU F 103 -36.24 36.49 45.62
CA LEU F 103 -36.26 36.04 47.02
C LEU F 103 -35.75 34.62 47.12
N ALA F 104 -36.18 33.76 46.19
CA ALA F 104 -35.78 32.35 46.23
C ALA F 104 -34.28 32.18 46.04
N GLN F 105 -33.67 33.00 45.18
CA GLN F 105 -32.24 32.87 44.98
C GLN F 105 -31.47 33.32 46.23
N GLN F 106 -31.94 34.39 46.89
CA GLN F 106 -31.37 34.78 48.17
C GLN F 106 -31.40 33.62 49.16
N GLN F 107 -32.53 32.92 49.24
CA GLN F 107 -32.62 31.79 50.15
C GLN F 107 -31.74 30.65 49.68
N TYR F 108 -31.64 30.47 48.36
CA TYR F 108 -30.79 29.44 47.78
C TYR F 108 -29.35 29.59 48.26
N LEU F 109 -28.87 30.83 48.40
CA LEU F 109 -27.51 31.06 48.87
C LEU F 109 -27.25 30.42 50.23
N LEU F 110 -28.28 30.23 51.04
CA LEU F 110 -28.13 29.61 52.36
C LEU F 110 -28.17 28.09 52.31
N CYS F 111 -28.31 27.51 51.12
CA CYS F 111 -28.36 26.06 50.98
C CYS F 111 -26.98 25.54 50.64
N SER F 112 -26.78 24.25 50.91
CA SER F 112 -25.49 23.65 50.73
C SER F 112 -25.32 23.17 49.29
N MET F 113 -24.08 22.88 48.92
CA MET F 113 -23.84 22.21 47.65
C MET F 113 -24.62 20.91 47.56
N SER F 114 -24.76 20.20 48.69
CA SER F 114 -25.51 18.96 48.70
C SER F 114 -26.97 19.20 48.34
N ASP F 115 -27.54 20.31 48.82
CA ASP F 115 -28.90 20.67 48.44
C ASP F 115 -28.99 20.90 46.94
N ARG F 116 -28.07 21.69 46.38
CA ARG F 116 -28.03 21.88 44.94
C ARG F 116 -28.06 20.52 44.23
N ALA F 117 -27.20 19.61 44.66
CA ALA F 117 -27.14 18.29 44.04
C ALA F 117 -28.48 17.57 44.13
N ARG F 118 -29.18 17.68 45.26
CA ARG F 118 -30.50 17.05 45.36
C ARG F 118 -31.48 17.71 44.40
N PHE F 119 -31.45 19.04 44.31
CA PHE F 119 -32.39 19.72 43.43
C PHE F 119 -32.10 19.38 41.98
N VAL F 120 -30.82 19.37 41.59
CA VAL F 120 -30.45 18.99 40.24
C VAL F 120 -30.92 17.57 39.93
N GLN F 121 -30.69 16.65 40.86
CA GLN F 121 -31.18 15.29 40.67
C GLN F 121 -32.69 15.27 40.58
N GLY F 122 -33.37 16.16 41.32
CA GLY F 122 -34.82 16.23 41.24
C GLY F 122 -35.30 16.62 39.86
N ILE F 123 -34.60 17.55 39.20
CA ILE F 123 -34.99 17.95 37.86
C ILE F 123 -34.75 16.82 36.87
N ARG F 124 -33.69 16.03 37.10
CA ARG F 124 -33.47 14.86 36.25
C ARG F 124 -34.55 13.82 36.47
N ASP F 125 -34.97 13.60 37.72
CA ASP F 125 -35.99 12.59 37.98
C ASP F 125 -37.31 12.96 37.31
N VAL F 126 -37.64 14.26 37.26
CA VAL F 126 -38.89 14.69 36.64
C VAL F 126 -38.92 14.30 35.17
N ILE F 127 -37.89 14.70 34.41
CA ILE F 127 -37.92 14.44 32.97
C ILE F 127 -37.53 13.01 32.62
N LEU F 128 -36.78 12.31 33.46
CA LEU F 128 -36.44 10.92 33.14
C LEU F 128 -37.51 9.94 33.57
N ASN F 129 -38.40 10.33 34.48
CA ASN F 129 -39.55 9.51 34.79
C ASN F 129 -40.30 9.15 33.52
N GLN F 130 -40.62 7.86 33.37
CA GLN F 130 -41.10 7.35 32.08
C GLN F 130 -42.43 8.00 31.67
N ASP F 131 -43.38 8.10 32.61
CA ASP F 131 -44.65 8.76 32.30
C ASP F 131 -44.41 10.20 31.87
N THR F 132 -43.66 10.95 32.67
CA THR F 132 -43.41 12.34 32.35
C THR F 132 -42.60 12.49 31.07
N LEU F 133 -41.61 11.61 30.86
CA LEU F 133 -40.81 11.68 29.64
C LEU F 133 -41.68 11.55 28.40
N GLU F 134 -42.65 10.61 28.42
CA GLU F 134 -43.53 10.43 27.27
C GLU F 134 -44.51 11.59 27.15
N LYS F 135 -45.04 12.07 28.27
CA LYS F 135 -45.97 13.18 28.25
C LYS F 135 -45.34 14.42 27.61
N MET F 136 -44.13 14.78 28.06
CA MET F 136 -43.46 15.95 27.51
C MET F 136 -43.13 15.77 26.03
N SER F 137 -42.73 14.57 25.64
CA SER F 137 -42.44 14.36 24.22
C SER F 137 -43.71 14.45 23.38
N ARG F 138 -44.79 13.81 23.84
CA ARG F 138 -46.04 13.83 23.06
C ARG F 138 -46.66 15.21 23.05
N MET F 139 -46.60 15.88 24.19
CA MET F 139 -47.30 17.16 24.32
C MET F 139 -46.68 18.23 23.43
N ALA F 140 -45.34 18.28 23.36
CA ALA F 140 -44.71 19.28 22.49
C ALA F 140 -45.09 19.06 21.04
N VAL F 141 -45.22 17.80 20.60
CA VAL F 141 -45.61 17.57 19.20
C VAL F 141 -47.06 17.95 18.97
N GLU F 142 -47.95 17.61 19.90
CA GLU F 142 -49.37 17.95 19.73
C GLU F 142 -49.58 19.46 19.78
N GLU F 143 -48.85 20.16 20.64
CA GLU F 143 -49.09 21.59 20.79
C GLU F 143 -48.43 22.40 19.68
N THR F 144 -47.15 22.13 19.39
CA THR F 144 -46.45 22.90 18.37
C THR F 144 -46.72 22.40 16.95
N GLY F 145 -47.11 21.14 16.77
CA GLY F 145 -47.14 20.58 15.44
C GLY F 145 -45.78 20.32 14.81
N MET F 146 -44.68 20.60 15.50
CA MET F 146 -43.33 20.48 14.95
C MET F 146 -42.58 19.34 15.63
N GLY F 147 -41.92 18.50 14.82
CA GLY F 147 -41.13 17.40 15.34
C GLY F 147 -41.92 16.11 15.42
N ASN F 148 -41.30 15.10 16.03
CA ASN F 148 -41.96 13.82 16.21
C ASN F 148 -41.68 13.26 17.60
N TYR F 149 -42.59 12.40 18.05
CA TYR F 149 -42.61 11.95 19.44
C TYR F 149 -41.36 11.14 19.79
N GLU F 150 -40.94 10.22 18.92
CA GLU F 150 -39.84 9.34 19.24
C GLU F 150 -38.52 10.10 19.39
N HIS F 151 -38.32 11.15 18.62
CA HIS F 151 -37.02 11.82 18.69
C HIS F 151 -36.98 12.81 19.84
N LYS F 152 -38.12 13.42 20.17
CA LYS F 152 -38.19 14.20 21.40
C LYS F 152 -37.98 13.32 22.62
N LEU F 153 -38.49 12.09 22.57
CA LEU F 153 -38.20 11.12 23.62
C LEU F 153 -36.70 11.05 23.91
N ILE F 154 -35.90 10.99 22.83
CA ILE F 154 -34.45 10.86 22.98
C ILE F 154 -33.81 12.18 23.40
N LYS F 155 -34.34 13.31 22.91
CA LYS F 155 -33.74 14.61 23.24
C LYS F 155 -34.01 14.99 24.70
N ASN F 156 -35.24 14.81 25.18
CA ASN F 156 -35.51 15.04 26.59
C ASN F 156 -34.63 14.14 27.46
N ARG F 157 -34.47 12.88 27.07
CA ARG F 157 -33.59 11.98 27.82
C ARG F 157 -32.15 12.46 27.75
N LEU F 158 -31.75 13.06 26.63
CA LEU F 158 -30.39 13.54 26.52
C LEU F 158 -30.18 14.73 27.44
N ALA F 159 -31.15 15.64 27.48
CA ALA F 159 -31.09 16.75 28.40
C ALA F 159 -30.99 16.28 29.84
N GLY F 160 -31.88 15.37 30.25
CA GLY F 160 -31.93 14.94 31.63
C GLY F 160 -30.72 14.14 32.05
N GLU F 161 -30.13 13.37 31.13
CA GLU F 161 -29.01 12.51 31.50
C GLU F 161 -27.65 13.16 31.33
N LYS F 162 -27.43 13.95 30.29
CA LYS F 162 -26.07 14.41 29.98
C LYS F 162 -25.89 15.91 30.15
N THR F 163 -26.84 16.60 30.76
CA THR F 163 -26.59 17.98 31.18
C THR F 163 -25.69 17.97 32.42
N PRO F 164 -24.62 18.75 32.45
CA PRO F 164 -23.76 18.77 33.64
C PRO F 164 -24.48 19.31 34.86
N GLY F 165 -24.16 18.73 36.02
CA GLY F 165 -24.58 19.20 37.32
C GLY F 165 -23.49 19.96 38.04
N ILE F 166 -23.52 19.91 39.38
CA ILE F 166 -22.62 20.73 40.19
C ILE F 166 -21.16 20.35 40.00
N GLU F 167 -20.88 19.16 39.44
CA GLU F 167 -19.50 18.80 39.13
C GLU F 167 -18.90 19.71 38.06
N ASP F 168 -19.74 20.44 37.33
CA ASP F 168 -19.23 21.40 36.35
C ASP F 168 -18.49 22.54 37.03
N LEU F 169 -18.85 22.85 38.29
CA LEU F 169 -18.32 24.01 39.01
C LEU F 169 -16.98 23.66 39.66
N THR F 170 -15.99 23.45 38.81
CA THR F 170 -14.65 23.10 39.25
C THR F 170 -13.92 24.30 39.83
N THR F 171 -12.80 24.02 40.49
CA THR F 171 -12.02 25.01 41.20
C THR F 171 -10.59 25.02 40.67
N ASP F 172 -10.06 26.22 40.44
CA ASP F 172 -8.63 26.39 40.13
C ASP F 172 -7.89 26.82 41.38
N ALA F 173 -6.69 26.29 41.53
CA ALA F 173 -5.81 26.66 42.64
C ALA F 173 -4.41 26.87 42.09
N PHE F 174 -3.72 27.84 42.68
CA PHE F 174 -2.33 28.10 42.37
C PHE F 174 -1.66 28.49 43.67
N SER F 175 -0.61 27.77 44.03
CA SER F 175 0.10 28.02 45.27
C SER F 175 1.56 28.29 44.95
N GLY F 176 2.19 29.09 45.80
CA GLY F 176 3.54 29.51 45.56
C GLY F 176 4.00 30.39 46.68
N ASP F 177 5.01 31.20 46.38
CA ASP F 177 5.61 32.05 47.40
C ASP F 177 4.62 33.11 47.91
N ASN F 178 3.69 33.55 47.07
CA ASN F 178 2.70 34.53 47.51
C ASN F 178 1.47 33.89 48.14
N GLY F 179 1.50 32.60 48.43
CA GLY F 179 0.42 31.94 49.13
C GLY F 179 -0.41 31.08 48.20
N LEU F 180 -1.72 31.27 48.23
CA LEU F 180 -2.68 30.45 47.52
C LEU F 180 -3.69 31.34 46.84
N THR F 181 -4.10 30.96 45.64
CA THR F 181 -5.20 31.64 44.95
C THR F 181 -6.21 30.61 44.50
N LEU F 182 -7.46 30.80 44.90
CA LEU F 182 -8.56 29.95 44.52
C LEU F 182 -9.45 30.71 43.55
N VAL F 183 -9.95 30.02 42.53
CA VAL F 183 -10.84 30.59 41.54
C VAL F 183 -12.09 29.72 41.47
N GLU F 184 -13.25 30.33 41.73
CA GLU F 184 -14.50 29.62 41.86
C GLU F 184 -15.53 30.14 40.86
N TYR F 185 -16.51 29.28 40.55
CA TYR F 185 -17.71 29.68 39.84
C TYR F 185 -18.84 29.87 40.85
N SER F 186 -19.34 31.09 40.97
CA SER F 186 -20.37 31.47 41.94
C SER F 186 -21.62 31.99 41.24
N PRO F 187 -22.76 32.05 41.92
CA PRO F 187 -24.01 32.43 41.24
C PRO F 187 -24.04 33.88 40.76
N PHE F 188 -24.78 34.09 39.66
CA PHE F 188 -25.10 35.43 39.18
C PHE F 188 -26.24 36.07 39.96
N GLY F 189 -27.28 35.28 40.26
CA GLY F 189 -28.52 35.78 40.82
C GLY F 189 -29.75 35.24 40.10
N VAL F 190 -30.64 36.13 39.69
CA VAL F 190 -31.79 35.72 38.88
C VAL F 190 -31.39 35.78 37.41
N ILE F 191 -31.63 34.69 36.70
CA ILE F 191 -31.40 34.60 35.27
C ILE F 191 -32.74 34.58 34.56
N GLY F 192 -32.91 35.46 33.57
CA GLY F 192 -34.03 35.37 32.65
C GLY F 192 -33.69 34.51 31.44
N ALA F 193 -34.44 33.44 31.21
CA ALA F 193 -34.15 32.49 30.14
C ALA F 193 -35.31 32.42 29.15
N ILE F 194 -34.97 32.52 27.87
CA ILE F 194 -35.93 32.55 26.76
C ILE F 194 -35.77 31.26 25.98
N THR F 195 -36.85 30.51 25.83
CA THR F 195 -36.77 29.18 25.27
C THR F 195 -37.56 29.08 23.97
N PRO F 196 -37.13 28.23 23.04
CA PRO F 196 -37.77 28.16 21.73
C PRO F 196 -38.97 27.22 21.71
N THR F 197 -39.74 27.33 20.63
CA THR F 197 -40.84 26.42 20.37
C THR F 197 -40.37 25.10 19.75
N THR F 198 -39.13 25.04 19.26
CA THR F 198 -38.63 23.82 18.63
C THR F 198 -38.12 22.81 19.67
N ASN F 199 -37.51 23.28 20.74
CA ASN F 199 -37.04 22.41 21.83
C ASN F 199 -37.47 23.02 23.16
N PRO F 200 -38.78 23.05 23.44
CA PRO F 200 -39.22 23.77 24.65
C PRO F 200 -38.88 23.04 25.94
N THR F 201 -39.09 21.73 26.00
CA THR F 201 -38.80 21.04 27.26
C THR F 201 -37.30 20.77 27.42
N GLU F 202 -36.60 20.44 26.33
CA GLU F 202 -35.17 20.18 26.43
C GLU F 202 -34.43 21.41 26.94
N THR F 203 -34.74 22.58 26.40
CA THR F 203 -34.05 23.79 26.86
C THR F 203 -34.40 24.10 28.30
N ILE F 204 -35.67 23.96 28.68
CA ILE F 204 -36.05 24.21 30.07
C ILE F 204 -35.34 23.23 30.99
N VAL F 205 -35.31 21.95 30.62
CA VAL F 205 -34.63 20.97 31.48
C VAL F 205 -33.16 21.33 31.59
N CYS F 206 -32.57 21.76 30.49
CA CYS F 206 -31.13 21.93 30.41
C CYS F 206 -30.67 23.24 31.05
N ASN F 207 -31.41 24.35 30.84
CA ASN F 207 -31.10 25.59 31.55
C ASN F 207 -31.28 25.41 33.07
N SER F 208 -32.40 24.80 33.48
CA SER F 208 -32.71 24.68 34.91
C SER F 208 -31.60 23.94 35.67
N ILE F 209 -31.19 22.78 35.15
CA ILE F 209 -30.13 22.03 35.81
C ILE F 209 -28.86 22.88 35.90
N GLY F 210 -28.42 23.42 34.76
CA GLY F 210 -27.19 24.21 34.78
C GLY F 210 -27.31 25.41 35.69
N MET F 211 -28.39 26.17 35.56
CA MET F 211 -28.51 27.40 36.32
C MET F 211 -28.70 27.12 37.81
N LEU F 212 -29.49 26.12 38.15
CA LEU F 212 -29.65 25.80 39.57
C LEU F 212 -28.38 25.20 40.15
N ALA F 213 -27.63 24.42 39.36
CA ALA F 213 -26.34 23.90 39.86
C ALA F 213 -25.40 25.04 40.22
N ALA F 214 -25.37 26.09 39.39
CA ALA F 214 -24.57 27.28 39.66
C ALA F 214 -25.12 28.14 40.81
N GLY F 215 -26.24 27.78 41.43
CA GLY F 215 -26.75 28.55 42.54
C GLY F 215 -27.63 29.72 42.17
N ASN F 216 -28.15 29.73 40.94
CA ASN F 216 -29.06 30.77 40.49
C ASN F 216 -30.50 30.30 40.60
N SER F 217 -31.42 31.25 40.45
CA SER F 217 -32.80 30.99 40.13
C SER F 217 -33.03 31.46 38.69
N VAL F 218 -34.07 30.94 38.06
CA VAL F 218 -34.32 31.21 36.65
C VAL F 218 -35.79 31.58 36.43
N VAL F 219 -36.00 32.67 35.71
CA VAL F 219 -37.31 33.05 35.19
C VAL F 219 -37.36 32.63 33.73
N PHE F 220 -38.35 31.82 33.37
CA PHE F 220 -38.53 31.41 31.98
C PHE F 220 -39.58 32.28 31.29
N SER F 221 -39.23 32.76 30.10
CA SER F 221 -40.16 33.35 29.13
C SER F 221 -40.25 32.36 27.98
N PRO F 222 -41.15 31.38 28.05
CA PRO F 222 -41.25 30.41 26.95
C PRO F 222 -41.97 31.01 25.75
N HIS F 223 -41.80 30.35 24.62
CA HIS F 223 -42.53 30.72 23.42
C HIS F 223 -44.01 30.43 23.62
N PRO F 224 -44.90 31.33 23.19
CA PRO F 224 -46.34 31.06 23.37
C PRO F 224 -46.83 29.84 22.61
N ARG F 225 -46.21 29.50 21.49
CA ARG F 225 -46.62 28.30 20.75
C ARG F 225 -46.40 27.04 21.55
N ALA F 226 -45.49 27.06 22.54
CA ALA F 226 -45.26 25.95 23.45
C ALA F 226 -45.63 26.31 24.88
N ARG F 227 -46.59 27.22 25.04
CA ARG F 227 -47.01 27.68 26.38
C ARG F 227 -47.39 26.51 27.26
N GLN F 228 -48.23 25.63 26.74
CA GLN F 228 -48.88 24.60 27.55
C GLN F 228 -47.88 23.55 28.05
N VAL F 229 -47.00 23.07 27.18
CA VAL F 229 -46.02 22.08 27.62
C VAL F 229 -44.93 22.72 28.48
N SER F 230 -44.66 24.02 28.28
CA SER F 230 -43.66 24.69 29.10
C SER F 230 -44.21 24.94 30.51
N LEU F 231 -45.45 25.40 30.61
CA LEU F 231 -46.04 25.66 31.93
C LEU F 231 -46.17 24.38 32.74
N LEU F 232 -46.52 23.27 32.09
CA LEU F 232 -46.63 22.01 32.81
C LEU F 232 -45.28 21.58 33.37
N LEU F 233 -44.22 21.63 32.55
CA LEU F 233 -42.90 21.21 33.01
C LEU F 233 -42.45 22.06 34.19
N VAL F 234 -42.62 23.38 34.10
CA VAL F 234 -42.24 24.25 35.20
C VAL F 234 -43.02 23.89 36.46
N ARG F 235 -44.31 23.57 36.33
CA ARG F 235 -45.08 23.19 37.52
C ARG F 235 -44.60 21.86 38.09
N LEU F 236 -44.36 20.86 37.23
CA LEU F 236 -43.80 19.58 37.68
C LEU F 236 -42.43 19.74 38.35
N ILE F 237 -41.62 20.69 37.91
CA ILE F 237 -40.33 20.91 38.57
C ILE F 237 -40.55 21.53 39.96
N ASN F 238 -41.43 22.53 40.05
CA ASN F 238 -41.75 23.14 41.33
C ASN F 238 -42.36 22.14 42.29
N GLN F 239 -43.11 21.16 41.78
CA GLN F 239 -43.66 20.13 42.65
C GLN F 239 -42.55 19.25 43.21
N LYS F 240 -41.59 18.87 42.36
CA LYS F 240 -40.54 17.97 42.80
C LYS F 240 -39.56 18.68 43.75
N LEU F 241 -39.23 19.94 43.46
CA LEU F 241 -38.36 20.69 44.34
C LEU F 241 -39.00 20.93 45.72
N ALA F 242 -40.30 21.25 45.74
CA ALA F 242 -41.02 21.35 47.01
C ALA F 242 -40.92 20.05 47.81
N ALA F 243 -41.04 18.91 47.14
CA ALA F 243 -40.90 17.65 47.85
C ALA F 243 -39.47 17.44 48.37
N LEU F 244 -38.48 18.07 47.76
CA LEU F 244 -37.10 17.95 48.22
C LEU F 244 -36.72 19.04 49.22
N GLY F 245 -37.67 19.81 49.72
CA GLY F 245 -37.36 20.87 50.66
C GLY F 245 -36.63 22.05 50.04
N ALA F 246 -36.85 22.33 48.76
CA ALA F 246 -36.19 23.46 48.14
C ALA F 246 -36.88 24.75 48.53
N PRO F 247 -36.20 25.88 48.42
CA PRO F 247 -36.90 27.16 48.46
C PRO F 247 -37.88 27.23 47.30
N GLU F 248 -39.08 27.69 47.58
CA GLU F 248 -40.07 27.88 46.52
C GLU F 248 -39.56 28.88 45.48
N ASN F 249 -39.93 28.63 44.22
CA ASN F 249 -39.73 29.57 43.13
C ASN F 249 -38.27 29.67 42.71
N LEU F 250 -37.52 28.57 42.81
CA LEU F 250 -36.23 28.49 42.14
C LEU F 250 -36.40 28.53 40.62
N VAL F 251 -37.51 28.01 40.11
CA VAL F 251 -37.82 27.98 38.68
C VAL F 251 -39.23 28.50 38.52
N VAL F 252 -39.38 29.63 37.82
CA VAL F 252 -40.67 30.29 37.69
C VAL F 252 -40.88 30.66 36.23
N THR F 253 -42.15 30.83 35.86
CA THR F 253 -42.52 31.49 34.61
C THR F 253 -43.86 32.21 34.81
N VAL F 254 -44.46 32.68 33.70
CA VAL F 254 -45.69 33.47 33.75
C VAL F 254 -46.83 32.68 33.12
N GLU F 255 -48.05 33.02 33.55
CA GLU F 255 -49.24 32.29 33.11
C GLU F 255 -49.51 32.51 31.63
N LYS F 256 -49.14 33.67 31.09
CA LYS F 256 -49.40 34.01 29.68
C LYS F 256 -48.12 34.49 29.02
N PRO F 257 -47.30 33.57 28.50
CA PRO F 257 -46.05 33.97 27.84
C PRO F 257 -46.32 34.79 26.60
N SER F 258 -45.58 35.89 26.47
CA SER F 258 -45.77 36.81 25.35
C SER F 258 -44.49 37.60 25.17
N ILE F 259 -44.40 38.26 24.01
CA ILE F 259 -43.22 39.08 23.76
C ILE F 259 -43.13 40.23 24.75
N GLU F 260 -44.28 40.77 25.17
CA GLU F 260 -44.31 41.87 26.14
C GLU F 260 -43.77 41.42 27.50
N ASN F 261 -44.21 40.25 27.96
CA ASN F 261 -43.67 39.70 29.20
C ASN F 261 -42.18 39.39 29.08
N THR F 262 -41.77 38.88 27.91
CA THR F 262 -40.34 38.71 27.64
C THR F 262 -39.62 40.04 27.70
N ASN F 263 -40.15 41.07 27.02
CA ASN F 263 -39.52 42.40 27.09
C ASN F 263 -39.45 42.90 28.52
N ALA F 264 -40.54 42.74 29.28
CA ALA F 264 -40.52 43.11 30.69
C ALA F 264 -39.41 42.36 31.44
N MET F 265 -39.18 41.09 31.08
CA MET F 265 -38.12 40.31 31.72
C MET F 265 -36.75 40.89 31.41
N MET F 266 -36.52 41.28 30.16
CA MET F 266 -35.22 41.82 29.78
C MET F 266 -34.94 43.13 30.51
N ALA F 267 -35.99 43.87 30.84
CA ALA F 267 -35.84 45.19 31.43
C ALA F 267 -35.87 45.20 32.96
N HIS F 268 -36.28 44.09 33.58
CA HIS F 268 -36.45 44.10 35.04
C HIS F 268 -35.09 44.27 35.71
N PRO F 269 -34.95 45.20 36.65
CA PRO F 269 -33.64 45.44 37.27
C PRO F 269 -33.10 44.26 38.03
N LYS F 270 -33.95 43.38 38.54
CA LYS F 270 -33.47 42.28 39.36
C LYS F 270 -33.06 41.06 38.53
N VAL F 271 -33.17 41.11 37.22
CA VAL F 271 -32.67 40.03 36.38
C VAL F 271 -31.20 40.31 36.06
N ARG F 272 -30.31 39.48 36.60
CA ARG F 272 -28.89 39.76 36.48
C ARG F 272 -28.28 39.22 35.20
N MET F 273 -28.97 38.31 34.52
CA MET F 273 -28.44 37.70 33.31
C MET F 273 -29.59 37.20 32.45
N LEU F 274 -29.43 37.36 31.14
CA LEU F 274 -30.36 36.84 30.15
C LEU F 274 -29.67 35.78 29.31
N VAL F 275 -30.43 34.73 28.98
CA VAL F 275 -29.99 33.61 28.16
C VAL F 275 -31.07 33.42 27.10
N ALA F 276 -30.76 33.71 25.85
CA ALA F 276 -31.72 33.57 24.76
C ALA F 276 -31.35 32.37 23.89
N THR F 277 -32.27 31.43 23.80
CA THR F 277 -32.19 30.33 22.83
C THR F 277 -33.31 30.58 21.83
N GLY F 278 -32.96 31.12 20.67
CA GLY F 278 -33.92 31.40 19.62
C GLY F 278 -33.32 31.98 18.35
N GLY F 279 -34.08 32.82 17.66
CA GLY F 279 -33.66 33.38 16.39
C GLY F 279 -32.80 34.61 16.56
N PRO F 280 -32.27 35.10 15.44
CA PRO F 280 -31.33 36.23 15.52
C PRO F 280 -31.95 37.51 16.03
N ALA F 281 -33.27 37.66 15.96
CA ALA F 281 -33.89 38.89 16.44
C ALA F 281 -33.96 38.92 17.96
N ILE F 282 -34.44 37.83 18.57
CA ILE F 282 -34.50 37.76 20.03
C ILE F 282 -33.09 37.72 20.61
N VAL F 283 -32.13 37.14 19.90
CA VAL F 283 -30.76 37.15 20.39
C VAL F 283 -30.19 38.57 20.33
N LYS F 284 -30.45 39.29 19.23
CA LYS F 284 -30.10 40.70 19.19
C LYS F 284 -30.79 41.48 20.29
N ALA F 285 -32.05 41.12 20.62
CA ALA F 285 -32.77 41.86 21.65
C ALA F 285 -32.05 41.79 23.00
N VAL F 286 -31.72 40.58 23.46
CA VAL F 286 -31.12 40.44 24.79
C VAL F 286 -29.75 41.07 24.87
N LEU F 287 -29.03 41.18 23.76
CA LEU F 287 -27.76 41.88 23.74
C LEU F 287 -27.91 43.40 23.64
N SER F 288 -29.16 43.89 23.74
CA SER F 288 -29.46 45.32 23.67
C SER F 288 -30.20 45.80 24.92
N THR F 289 -29.93 45.19 26.05
CA THR F 289 -30.65 45.47 27.29
C THR F 289 -29.77 46.07 28.38
N GLY F 290 -28.48 46.24 28.15
CA GLY F 290 -27.60 46.67 29.22
C GLY F 290 -27.20 45.58 30.19
N LYS F 291 -27.60 44.33 29.94
CA LYS F 291 -27.32 43.22 30.84
C LYS F 291 -26.38 42.22 30.19
N LYS F 292 -25.78 41.40 31.05
CA LYS F 292 -25.04 40.23 30.58
C LYS F 292 -26.00 39.29 29.86
N ALA F 293 -25.65 38.91 28.64
CA ALA F 293 -26.55 38.08 27.84
C ALA F 293 -25.78 36.98 27.10
N ILE F 294 -26.40 35.81 27.05
CA ILE F 294 -25.94 34.70 26.23
C ILE F 294 -26.94 34.52 25.10
N GLY F 295 -26.46 34.60 23.86
CA GLY F 295 -27.33 34.42 22.72
C GLY F 295 -27.03 33.12 22.02
N ALA F 296 -28.04 32.27 21.89
CA ALA F 296 -27.88 30.99 21.20
C ALA F 296 -28.26 31.19 19.74
N GLY F 297 -27.27 31.57 18.92
CA GLY F 297 -27.50 31.90 17.53
C GLY F 297 -27.74 30.69 16.65
N ALA F 298 -28.13 30.96 15.41
CA ALA F 298 -28.53 29.94 14.46
C ALA F 298 -27.43 29.67 13.45
N GLY F 299 -27.58 28.57 12.74
CA GLY F 299 -26.58 28.23 11.75
C GLY F 299 -27.12 27.24 10.75
N ASN F 300 -26.69 27.38 9.50
CA ASN F 300 -27.11 26.59 8.35
C ASN F 300 -26.12 25.44 8.12
N PRO F 301 -26.26 24.30 8.80
CA PRO F 301 -25.17 23.31 8.87
C PRO F 301 -24.97 22.55 7.58
N PRO F 302 -23.85 22.76 6.90
CA PRO F 302 -23.50 21.93 5.74
C PRO F 302 -22.81 20.65 6.16
N VAL F 303 -22.87 19.64 5.29
CA VAL F 303 -22.21 18.35 5.53
C VAL F 303 -21.44 17.97 4.27
N VAL F 304 -20.10 17.96 4.38
CA VAL F 304 -19.23 17.66 3.25
C VAL F 304 -18.94 16.17 3.23
N VAL F 305 -18.98 15.58 2.05
CA VAL F 305 -18.61 14.19 1.85
C VAL F 305 -17.58 14.16 0.75
N ASP F 306 -16.39 13.60 1.03
CA ASP F 306 -15.35 13.49 0.03
C ASP F 306 -15.09 12.03 -0.34
N GLU F 307 -14.13 11.87 -1.26
CA GLU F 307 -13.88 10.57 -1.89
C GLU F 307 -13.40 9.53 -0.89
N THR F 308 -12.82 9.95 0.24
CA THR F 308 -12.24 9.03 1.19
C THR F 308 -13.23 8.56 2.25
N ALA F 309 -14.49 8.93 2.16
CA ALA F 309 -15.42 8.63 3.23
C ALA F 309 -15.98 7.22 3.11
N ASN F 310 -16.32 6.65 4.27
CA ASN F 310 -17.26 5.54 4.29
C ASN F 310 -18.61 6.08 3.81
N ILE F 311 -18.91 5.84 2.53
CA ILE F 311 -20.11 6.42 1.91
C ILE F 311 -21.36 5.77 2.47
N GLU F 312 -21.30 4.46 2.72
CA GLU F 312 -22.46 3.77 3.27
C GLU F 312 -22.79 4.31 4.65
N LYS F 313 -21.79 4.38 5.52
CA LYS F 313 -22.00 4.96 6.84
C LYS F 313 -22.41 6.42 6.74
N ALA F 314 -21.77 7.17 5.84
CA ALA F 314 -22.15 8.57 5.66
C ALA F 314 -23.62 8.69 5.30
N ALA F 315 -24.13 7.77 4.47
CA ALA F 315 -25.52 7.86 4.04
C ALA F 315 -26.46 7.65 5.22
N CYS F 316 -26.22 6.60 6.00
CA CYS F 316 -27.00 6.33 7.19
C CYS F 316 -26.93 7.49 8.21
N ASP F 317 -25.73 8.03 8.44
CA ASP F 317 -25.58 9.14 9.39
C ASP F 317 -26.32 10.39 8.92
N ILE F 318 -26.21 10.72 7.63
CA ILE F 318 -26.80 11.96 7.13
C ILE F 318 -28.32 11.90 7.17
N VAL F 319 -28.90 10.75 6.86
CA VAL F 319 -30.36 10.62 6.91
C VAL F 319 -30.84 10.71 8.36
N ASN F 320 -30.18 10.01 9.28
CA ASN F 320 -30.56 10.11 10.68
C ASN F 320 -30.36 11.52 11.21
N GLY F 321 -29.27 12.18 10.82
CA GLY F 321 -29.04 13.53 11.32
C GLY F 321 -30.05 14.53 10.78
N CYS F 322 -30.32 14.46 9.47
CA CYS F 322 -31.22 15.43 8.84
C CYS F 322 -32.64 15.30 9.37
N SER F 323 -33.10 14.07 9.60
CA SER F 323 -34.47 13.76 9.95
C SER F 323 -34.69 13.74 11.46
N PHE F 324 -33.65 13.96 12.26
CA PHE F 324 -33.78 13.94 13.71
C PHE F 324 -34.70 15.05 14.17
N ASP F 325 -35.81 14.67 14.81
CA ASP F 325 -36.85 15.61 15.19
C ASP F 325 -37.27 16.45 13.99
N ASN F 326 -37.33 15.80 12.83
CA ASN F 326 -37.77 16.42 11.58
C ASN F 326 -36.98 17.69 11.28
N ASN F 327 -35.66 17.63 11.48
CA ASN F 327 -34.74 18.72 11.11
C ASN F 327 -34.91 19.96 11.98
N LEU F 328 -35.41 19.80 13.19
CA LEU F 328 -35.59 20.94 14.09
C LEU F 328 -34.29 21.39 14.73
N PRO F 329 -33.42 20.47 15.23
CA PRO F 329 -32.23 20.92 15.98
C PRO F 329 -31.40 22.01 15.31
N CYS F 330 -30.64 22.75 16.11
CA CYS F 330 -29.67 23.68 15.58
C CYS F 330 -28.53 22.99 14.86
N VAL F 331 -28.39 21.67 15.02
CA VAL F 331 -27.25 20.98 14.45
C VAL F 331 -27.58 20.23 13.17
N ALA F 332 -28.87 19.93 12.93
CA ALA F 332 -29.26 19.04 11.84
C ALA F 332 -28.72 19.51 10.50
N GLU F 333 -28.13 18.57 9.77
CA GLU F 333 -27.68 18.82 8.41
C GLU F 333 -28.77 19.50 7.60
N LYS F 334 -28.40 20.58 6.91
CA LYS F 334 -29.35 21.26 6.05
C LYS F 334 -28.98 21.27 4.56
N GLU F 335 -27.75 20.89 4.21
CA GLU F 335 -27.39 20.71 2.80
C GLU F 335 -26.14 19.84 2.72
N ILE F 336 -26.14 18.90 1.75
CA ILE F 336 -24.99 18.05 1.44
C ILE F 336 -24.17 18.72 0.36
N ILE F 337 -22.85 18.73 0.52
CA ILE F 337 -21.91 19.23 -0.49
C ILE F 337 -20.93 18.10 -0.78
N ALA F 338 -21.11 17.43 -1.91
CA ALA F 338 -20.43 16.17 -2.17
C ALA F 338 -19.43 16.30 -3.31
N VAL F 339 -18.38 15.49 -3.24
CA VAL F 339 -17.39 15.42 -4.30
C VAL F 339 -17.94 14.56 -5.43
N ALA F 340 -17.81 15.06 -6.66
CA ALA F 340 -18.44 14.41 -7.82
C ALA F 340 -18.19 12.91 -7.87
N GLN F 341 -16.94 12.47 -7.72
CA GLN F 341 -16.63 11.07 -7.99
C GLN F 341 -17.32 10.10 -7.02
N ILE F 342 -17.92 10.59 -5.93
CA ILE F 342 -18.72 9.73 -5.05
C ILE F 342 -20.18 10.16 -4.94
N ALA F 343 -20.56 11.30 -5.53
CA ALA F 343 -21.90 11.85 -5.33
C ALA F 343 -22.99 10.83 -5.68
N ASP F 344 -22.89 10.19 -6.84
CA ASP F 344 -23.95 9.29 -7.28
C ASP F 344 -24.03 8.05 -6.40
N TYR F 345 -22.89 7.55 -5.95
CA TYR F 345 -22.92 6.42 -5.03
C TYR F 345 -23.48 6.83 -3.66
N LEU F 346 -23.22 8.08 -3.26
CA LEU F 346 -23.82 8.58 -2.03
C LEU F 346 -25.33 8.69 -2.16
N ILE F 347 -25.81 9.29 -3.26
CA ILE F 347 -27.25 9.40 -3.51
C ILE F 347 -27.89 8.03 -3.51
N PHE F 348 -27.26 7.04 -4.16
CA PHE F 348 -27.78 5.67 -4.12
C PHE F 348 -27.93 5.18 -2.69
N ASN F 349 -26.93 5.40 -1.85
CA ASN F 349 -26.99 4.88 -0.48
C ASN F 349 -27.96 5.68 0.39
N LEU F 350 -28.14 6.97 0.10
CA LEU F 350 -29.14 7.73 0.84
C LEU F 350 -30.52 7.12 0.64
N LYS F 351 -30.90 6.88 -0.61
CA LYS F 351 -32.22 6.32 -0.90
C LYS F 351 -32.42 4.96 -0.23
N LYS F 352 -31.36 4.15 -0.10
CA LYS F 352 -31.54 2.86 0.55
C LYS F 352 -31.70 2.99 2.06
N ASN F 353 -31.32 4.15 2.62
CA ASN F 353 -31.48 4.46 4.03
C ASN F 353 -32.66 5.39 4.30
N GLY F 354 -33.50 5.65 3.30
CA GLY F 354 -34.76 6.31 3.55
C GLY F 354 -34.92 7.67 2.92
N ALA F 355 -34.07 8.00 1.97
CA ALA F 355 -34.19 9.27 1.27
C ALA F 355 -35.11 9.11 0.07
N TYR F 356 -36.06 10.03 -0.06
CA TYR F 356 -36.90 10.10 -1.24
C TYR F 356 -36.37 11.19 -2.13
N GLU F 357 -36.07 10.84 -3.37
CA GLU F 357 -35.24 11.63 -4.26
C GLU F 357 -36.11 12.25 -5.33
N ILE F 358 -36.07 13.57 -5.44
CA ILE F 358 -36.91 14.33 -6.35
C ILE F 358 -36.04 14.85 -7.48
N LYS F 359 -36.35 14.44 -8.72
CA LYS F 359 -35.59 14.77 -9.92
C LYS F 359 -36.36 15.60 -10.92
N ASP F 360 -37.64 15.34 -11.09
CA ASP F 360 -38.46 16.14 -11.96
C ASP F 360 -38.43 17.58 -11.44
N PRO F 361 -37.93 18.53 -12.23
CA PRO F 361 -37.78 19.90 -11.69
C PRO F 361 -39.10 20.60 -11.40
N ALA F 362 -40.24 20.04 -11.80
CA ALA F 362 -41.51 20.62 -11.42
C ALA F 362 -42.07 20.04 -10.13
N VAL F 363 -41.84 18.75 -9.86
CA VAL F 363 -42.13 18.21 -8.53
C VAL F 363 -41.39 19.02 -7.48
N LEU F 364 -40.14 19.41 -7.77
CA LEU F 364 -39.42 20.29 -6.87
C LEU F 364 -40.08 21.66 -6.76
N GLN F 365 -40.70 22.15 -7.85
CA GLN F 365 -41.38 23.44 -7.77
C GLN F 365 -42.65 23.34 -6.95
N GLN F 366 -43.37 22.21 -7.05
CA GLN F 366 -44.47 21.94 -6.13
C GLN F 366 -44.00 22.08 -4.69
N LEU F 367 -42.96 21.30 -4.34
CA LEU F 367 -42.42 21.34 -2.98
C LEU F 367 -41.79 22.69 -2.67
N GLN F 368 -41.28 23.40 -3.68
CA GLN F 368 -40.65 24.69 -3.41
C GLN F 368 -41.68 25.73 -2.97
N ASP F 369 -42.80 25.83 -3.69
CA ASP F 369 -43.80 26.80 -3.29
C ASP F 369 -44.57 26.36 -2.06
N LEU F 370 -44.64 25.04 -1.81
CA LEU F 370 -45.27 24.53 -0.59
C LEU F 370 -44.54 25.00 0.66
N VAL F 371 -43.21 25.05 0.64
CA VAL F 371 -42.45 25.21 1.87
C VAL F 371 -41.72 26.54 1.95
N LEU F 372 -41.81 27.40 0.94
CA LEU F 372 -41.20 28.73 0.98
C LEU F 372 -42.23 29.84 0.83
N THR F 373 -42.04 30.92 1.58
CA THR F 373 -42.93 32.07 1.48
C THR F 373 -42.72 32.77 0.14
N ALA F 374 -43.58 33.75 -0.13
CA ALA F 374 -43.35 34.63 -1.27
C ALA F 374 -42.12 35.49 -1.04
N LYS F 375 -41.81 35.82 0.21
CA LYS F 375 -40.57 36.52 0.51
C LYS F 375 -39.35 35.65 0.24
N GLY F 376 -39.49 34.34 0.34
CA GLY F 376 -38.38 33.42 0.18
C GLY F 376 -37.99 32.65 1.42
N GLY F 377 -38.52 33.02 2.59
CA GLY F 377 -38.25 32.29 3.81
C GLY F 377 -39.04 31.00 3.89
N PRO F 378 -38.78 30.23 4.95
CA PRO F 378 -39.54 28.98 5.17
C PRO F 378 -40.94 29.26 5.72
N GLN F 379 -41.95 28.63 5.10
CA GLN F 379 -43.29 28.68 5.64
C GLN F 379 -43.36 27.90 6.93
N THR F 380 -43.75 28.56 8.02
CA THR F 380 -43.71 27.90 9.32
C THR F 380 -44.75 26.78 9.43
N LYS F 381 -45.77 26.76 8.56
CA LYS F 381 -46.74 25.68 8.60
C LYS F 381 -46.11 24.33 8.24
N CYS F 382 -44.99 24.34 7.53
CA CYS F 382 -44.28 23.10 7.19
C CYS F 382 -43.12 22.82 8.11
N VAL F 383 -42.60 23.84 8.82
CA VAL F 383 -41.43 23.65 9.66
C VAL F 383 -41.62 22.47 10.59
N GLY F 384 -40.66 21.56 10.61
CA GLY F 384 -40.67 20.43 11.51
C GLY F 384 -41.61 19.32 11.15
N LYS F 385 -42.27 19.40 10.00
CA LYS F 385 -43.15 18.32 9.58
C LYS F 385 -42.36 17.17 8.99
N SER F 386 -42.90 15.96 9.08
CA SER F 386 -42.16 14.80 8.63
C SER F 386 -42.13 14.76 7.11
N ALA F 387 -41.10 14.09 6.59
CA ALA F 387 -40.96 13.86 5.15
C ALA F 387 -42.21 13.23 4.57
N VAL F 388 -42.78 12.26 5.28
CA VAL F 388 -44.08 11.70 4.90
C VAL F 388 -45.09 12.81 4.67
N TRP F 389 -45.17 13.75 5.62
CA TRP F 389 -46.19 14.78 5.58
C TRP F 389 -45.97 15.76 4.43
N LEU F 390 -44.72 16.18 4.20
CA LEU F 390 -44.47 17.14 3.12
C LEU F 390 -44.77 16.53 1.76
N LEU F 391 -44.38 15.27 1.54
CA LEU F 391 -44.70 14.62 0.28
C LEU F 391 -46.20 14.44 0.12
N SER F 392 -46.91 14.21 1.22
CA SER F 392 -48.36 14.03 1.15
C SER F 392 -49.05 15.29 0.63
N GLN F 393 -48.45 16.46 0.89
CA GLN F 393 -49.02 17.74 0.48
C GLN F 393 -48.70 18.09 -0.97
N ILE F 394 -48.07 17.20 -1.71
CA ILE F 394 -47.84 17.41 -3.13
C ILE F 394 -48.26 16.17 -3.92
N GLY F 395 -49.13 15.37 -3.33
CA GLY F 395 -49.76 14.27 -4.03
C GLY F 395 -49.04 12.94 -4.00
N ILE F 396 -47.89 12.88 -3.35
CA ILE F 396 -47.05 11.69 -3.33
C ILE F 396 -47.19 11.02 -1.97
N SER F 397 -47.54 9.74 -1.98
CA SER F 397 -47.77 8.97 -0.76
C SER F 397 -46.67 7.93 -0.61
N VAL F 398 -45.90 8.03 0.47
CA VAL F 398 -44.85 7.07 0.78
C VAL F 398 -45.07 6.58 2.20
N ASP F 399 -44.39 5.50 2.57
CA ASP F 399 -44.59 4.93 3.88
C ASP F 399 -43.55 5.46 4.89
N ALA F 400 -43.61 4.94 6.11
CA ALA F 400 -42.76 5.41 7.21
C ALA F 400 -41.28 5.13 6.98
N SER F 401 -40.93 4.40 5.92
CA SER F 401 -39.51 4.18 5.61
C SER F 401 -38.83 5.45 5.12
N ILE F 402 -39.57 6.35 4.49
CA ILE F 402 -39.01 7.60 4.01
C ILE F 402 -38.84 8.56 5.20
N LYS F 403 -37.67 9.18 5.29
CA LYS F 403 -37.31 10.04 6.41
C LYS F 403 -36.89 11.44 5.95
N ILE F 404 -36.35 11.55 4.74
CA ILE F 404 -35.97 12.85 4.19
C ILE F 404 -36.39 12.94 2.73
N ILE F 405 -36.36 14.18 2.22
CA ILE F 405 -36.61 14.49 0.81
C ILE F 405 -35.29 15.01 0.25
N LEU F 406 -34.81 14.36 -0.81
CA LEU F 406 -33.48 14.61 -1.36
C LEU F 406 -33.59 15.13 -2.79
N MET F 407 -32.78 16.13 -3.12
CA MET F 407 -32.79 16.66 -4.48
C MET F 407 -31.42 17.27 -4.77
N GLU F 408 -31.00 17.16 -6.03
CA GLU F 408 -29.72 17.69 -6.49
C GLU F 408 -29.99 19.03 -7.18
N VAL F 409 -29.31 20.07 -6.74
CA VAL F 409 -29.63 21.43 -7.16
C VAL F 409 -28.35 22.25 -7.22
N PRO F 410 -28.34 23.42 -7.88
CA PRO F 410 -27.18 24.30 -7.80
C PRO F 410 -27.07 24.94 -6.42
N ARG F 411 -25.92 25.58 -6.19
CA ARG F 411 -25.63 26.20 -4.90
C ARG F 411 -26.44 27.47 -4.65
N GLU F 412 -27.00 28.08 -5.68
CA GLU F 412 -27.80 29.28 -5.45
C GLU F 412 -29.24 28.95 -5.06
N HIS F 413 -29.61 27.68 -5.11
CA HIS F 413 -30.99 27.29 -4.89
C HIS F 413 -31.45 27.74 -3.50
N PRO F 414 -32.71 28.19 -3.36
CA PRO F 414 -33.18 28.65 -2.04
C PRO F 414 -33.13 27.56 -0.98
N PHE F 415 -33.24 26.28 -1.37
CA PHE F 415 -33.17 25.20 -0.39
C PHE F 415 -31.82 25.14 0.32
N VAL F 416 -30.75 25.62 -0.32
CA VAL F 416 -29.43 25.63 0.34
C VAL F 416 -29.14 26.97 0.99
N GLN F 417 -29.55 28.07 0.36
CA GLN F 417 -29.28 29.39 0.92
C GLN F 417 -30.13 29.67 2.15
N GLU F 418 -31.28 29.04 2.28
CA GLU F 418 -32.16 29.24 3.42
C GLU F 418 -31.98 28.13 4.45
N GLU F 419 -32.42 28.42 5.66
CA GLU F 419 -32.48 27.45 6.76
C GLU F 419 -33.94 27.02 6.90
N LEU F 420 -34.28 25.90 6.26
CA LEU F 420 -35.67 25.45 6.18
C LEU F 420 -36.18 24.85 7.48
N MET F 421 -35.31 24.17 8.23
CA MET F 421 -35.72 23.35 9.36
C MET F 421 -36.82 22.38 8.93
N MET F 422 -36.57 21.66 7.84
CA MET F 422 -37.45 20.64 7.30
C MET F 422 -36.59 19.48 6.81
N PRO F 423 -37.14 18.24 6.78
CA PRO F 423 -36.33 17.08 6.38
C PRO F 423 -36.13 17.06 4.88
N ILE F 424 -35.67 18.19 4.37
CA ILE F 424 -35.48 18.45 2.95
C ILE F 424 -33.99 18.75 2.77
N LEU F 425 -33.30 17.89 2.03
CA LEU F 425 -31.83 17.90 2.00
C LEU F 425 -31.37 18.05 0.57
N PRO F 426 -31.08 19.28 0.13
CA PRO F 426 -30.44 19.47 -1.18
C PRO F 426 -29.02 18.96 -1.19
N LEU F 427 -28.58 18.50 -2.36
CA LEU F 427 -27.21 18.08 -2.58
C LEU F 427 -26.62 18.93 -3.69
N VAL F 428 -25.49 19.54 -3.41
CA VAL F 428 -24.73 20.28 -4.40
C VAL F 428 -23.49 19.46 -4.75
N ARG F 429 -23.18 19.37 -6.04
CA ARG F 429 -22.06 18.58 -6.51
C ARG F 429 -20.91 19.52 -6.86
N VAL F 430 -19.74 19.24 -6.31
CA VAL F 430 -18.53 19.99 -6.64
C VAL F 430 -17.45 19.00 -7.06
N GLU F 431 -16.37 19.53 -7.63
CA GLU F 431 -15.38 18.67 -8.27
C GLU F 431 -14.42 18.07 -7.24
N THR F 432 -13.82 18.91 -6.39
CA THR F 432 -12.79 18.47 -5.46
C THR F 432 -13.20 18.75 -4.01
N VAL F 433 -12.51 18.08 -3.09
CA VAL F 433 -12.77 18.30 -1.66
C VAL F 433 -12.47 19.74 -1.27
N ASP F 434 -11.48 20.38 -1.90
CA ASP F 434 -11.22 21.79 -1.63
C ASP F 434 -12.37 22.67 -2.10
N ASP F 435 -13.05 22.29 -3.19
CA ASP F 435 -14.25 23.01 -3.60
C ASP F 435 -15.37 22.79 -2.61
N ALA F 436 -15.52 21.56 -2.10
CA ALA F 436 -16.52 21.28 -1.08
C ALA F 436 -16.28 22.12 0.18
N ILE F 437 -15.02 22.14 0.67
CA ILE F 437 -14.71 22.92 1.86
C ILE F 437 -15.08 24.38 1.65
N ASP F 438 -14.59 24.96 0.55
CA ASP F 438 -14.84 26.37 0.25
C ASP F 438 -16.33 26.67 0.14
N LEU F 439 -17.10 25.75 -0.44
CA LEU F 439 -18.52 26.01 -0.58
C LEU F 439 -19.24 25.88 0.76
N ALA F 440 -18.86 24.89 1.58
CA ALA F 440 -19.42 24.76 2.91
C ALA F 440 -19.23 26.05 3.71
N ILE F 441 -18.03 26.63 3.65
CA ILE F 441 -17.77 27.89 4.34
C ILE F 441 -18.74 28.96 3.85
N GLU F 442 -18.97 29.00 2.54
CA GLU F 442 -19.79 30.05 1.95
C GLU F 442 -21.26 29.86 2.31
N VAL F 443 -21.78 28.64 2.16
CA VAL F 443 -23.20 28.40 2.44
C VAL F 443 -23.52 28.49 3.93
N GLU F 444 -22.49 28.41 4.79
CA GLU F 444 -22.70 28.54 6.22
C GLU F 444 -22.99 29.98 6.65
N HIS F 445 -22.69 30.96 5.79
CA HIS F 445 -23.05 32.36 5.99
C HIS F 445 -22.37 32.97 7.21
N ASP F 446 -21.21 32.44 7.63
CA ASP F 446 -20.45 33.01 8.75
C ASP F 446 -21.21 32.97 10.07
N ASN F 447 -22.28 32.16 10.18
CA ASN F 447 -22.85 31.87 11.50
C ASN F 447 -21.82 31.24 12.43
N ARG F 448 -20.91 30.44 11.86
CA ARG F 448 -19.85 29.75 12.62
C ARG F 448 -20.44 28.85 13.69
N HIS F 449 -21.52 28.15 13.33
CA HIS F 449 -22.33 27.37 14.26
C HIS F 449 -21.98 25.89 14.21
N THR F 450 -22.52 25.17 13.24
CA THR F 450 -22.30 23.73 13.14
C THR F 450 -21.96 23.33 11.71
N ALA F 451 -20.95 22.49 11.55
CA ALA F 451 -20.67 21.87 10.27
C ALA F 451 -20.25 20.42 10.48
N ILE F 452 -20.47 19.60 9.46
CA ILE F 452 -20.21 18.17 9.49
C ILE F 452 -19.31 17.82 8.31
N MET F 453 -18.47 16.80 8.47
CA MET F 453 -17.68 16.32 7.35
C MET F 453 -17.55 14.81 7.43
N HIS F 454 -17.75 14.12 6.31
CA HIS F 454 -17.45 12.68 6.21
C HIS F 454 -16.19 12.50 5.38
N SER F 455 -15.11 12.07 6.03
CA SER F 455 -13.83 11.88 5.37
C SER F 455 -12.92 11.11 6.31
N THR F 456 -12.12 10.22 5.75
CA THR F 456 -11.14 9.47 6.52
C THR F 456 -9.76 10.10 6.46
N ASP F 457 -9.60 11.16 5.66
CA ASP F 457 -8.32 11.83 5.48
C ASP F 457 -8.11 12.87 6.57
N VAL F 458 -7.23 12.56 7.51
CA VAL F 458 -6.99 13.38 8.69
C VAL F 458 -6.61 14.82 8.35
N ARG F 459 -6.07 15.08 7.15
CA ARG F 459 -5.74 16.48 6.80
C ARG F 459 -6.89 17.24 6.18
N LYS F 460 -7.80 16.54 5.47
CA LYS F 460 -9.00 17.20 4.98
C LYS F 460 -9.93 17.52 6.15
N LEU F 461 -10.07 16.58 7.08
CA LEU F 461 -10.80 16.83 8.31
C LEU F 461 -10.23 18.05 9.04
N THR F 462 -8.91 18.06 9.23
CA THR F 462 -8.24 19.16 9.89
C THR F 462 -8.47 20.47 9.16
N LYS F 463 -8.32 20.46 7.83
CA LYS F 463 -8.45 21.68 7.05
C LYS F 463 -9.86 22.26 7.16
N MET F 464 -10.89 21.43 6.99
CA MET F 464 -12.26 21.93 7.06
C MET F 464 -12.61 22.40 8.47
N ALA F 465 -12.25 21.62 9.48
CA ALA F 465 -12.56 22.02 10.85
C ALA F 465 -11.87 23.32 11.21
N LYS F 466 -10.60 23.46 10.83
CA LYS F 466 -9.87 24.68 11.13
C LYS F 466 -10.43 25.89 10.38
N LEU F 467 -10.68 25.73 9.07
CA LEU F 467 -11.09 26.87 8.25
C LEU F 467 -12.55 27.28 8.50
N ILE F 468 -13.43 26.34 8.80
CA ILE F 468 -14.83 26.76 8.95
C ILE F 468 -15.12 27.35 10.32
N GLN F 469 -14.33 27.04 11.36
CA GLN F 469 -14.39 27.73 12.65
C GLN F 469 -15.80 27.69 13.27
N THR F 470 -16.47 26.55 13.20
CA THR F 470 -17.80 26.46 13.77
C THR F 470 -17.73 26.10 15.25
N THR F 471 -18.81 26.42 15.97
CA THR F 471 -18.88 26.09 17.39
C THR F 471 -18.91 24.59 17.61
N ILE F 472 -19.53 23.87 16.69
CA ILE F 472 -19.57 22.41 16.70
C ILE F 472 -19.10 21.92 15.34
N PHE F 473 -18.28 20.88 15.34
CA PHE F 473 -17.85 20.24 14.11
C PHE F 473 -17.86 18.74 14.32
N VAL F 474 -18.71 18.03 13.60
CA VAL F 474 -18.81 16.58 13.69
C VAL F 474 -18.08 15.95 12.51
N LYS F 475 -17.34 14.88 12.78
CA LYS F 475 -16.60 14.15 11.77
C LYS F 475 -17.07 12.70 11.79
N ASN F 476 -17.57 12.23 10.64
CA ASN F 476 -17.95 10.83 10.44
C ASN F 476 -19.06 10.36 11.38
N GLY F 477 -20.04 11.23 11.61
CA GLY F 477 -21.15 10.89 12.48
C GLY F 477 -22.34 11.76 12.17
N PRO F 478 -23.53 11.37 12.64
CA PRO F 478 -24.69 12.27 12.52
C PRO F 478 -24.40 13.57 13.24
N SER F 479 -25.07 14.63 12.81
CA SER F 479 -24.92 15.93 13.45
C SER F 479 -25.11 15.85 14.96
N TYR F 480 -26.13 15.11 15.42
CA TYR F 480 -26.42 15.10 16.85
C TYR F 480 -25.32 14.45 17.69
N ALA F 481 -24.30 13.84 17.07
CA ALA F 481 -23.12 13.47 17.85
C ALA F 481 -22.43 14.68 18.46
N GLY F 482 -22.66 15.88 17.93
CA GLY F 482 -22.14 17.11 18.50
C GLY F 482 -22.87 17.57 19.75
N LEU F 483 -23.95 16.89 20.13
CA LEU F 483 -24.69 17.17 21.35
C LEU F 483 -24.58 16.02 22.35
N GLY F 484 -23.66 15.10 22.12
CA GLY F 484 -23.45 14.04 23.08
C GLY F 484 -24.24 12.78 22.83
N ALA F 485 -25.00 12.72 21.75
CA ALA F 485 -25.69 11.50 21.36
C ALA F 485 -24.83 10.82 20.31
N GLY F 486 -23.94 9.94 20.77
CA GLY F 486 -23.03 9.25 19.88
C GLY F 486 -21.65 9.89 19.75
N GLY F 487 -21.36 10.91 20.52
CA GLY F 487 -20.02 11.50 20.55
C GLY F 487 -19.69 11.96 21.95
N GLU F 488 -18.39 12.00 22.24
CA GLU F 488 -17.93 12.33 23.57
C GLU F 488 -18.31 13.77 23.94
N GLY F 489 -18.53 13.99 25.23
CA GLY F 489 -18.87 15.29 25.76
C GLY F 489 -20.28 15.34 26.31
N TYR F 490 -20.57 16.40 27.06
CA TYR F 490 -21.89 16.56 27.64
C TYR F 490 -22.86 17.17 26.63
N SER F 491 -24.13 17.22 27.00
CA SER F 491 -25.16 17.73 26.10
C SER F 491 -25.59 19.13 26.52
N THR F 492 -26.17 19.83 25.56
CA THR F 492 -26.86 21.09 25.85
C THR F 492 -27.84 21.35 24.73
N PHE F 493 -28.77 22.26 24.99
CA PHE F 493 -29.64 22.74 23.93
C PHE F 493 -29.58 24.25 23.80
N THR F 494 -28.63 24.89 24.47
CA THR F 494 -28.38 26.32 24.33
C THR F 494 -26.94 26.47 23.87
N ILE F 495 -26.75 26.48 22.56
CA ILE F 495 -25.45 26.58 21.92
C ILE F 495 -25.24 28.04 21.53
N ALA F 496 -24.22 28.67 22.11
CA ALA F 496 -24.08 30.11 21.96
C ALA F 496 -23.45 30.44 20.61
N GLY F 497 -24.09 31.36 19.90
CA GLY F 497 -23.57 31.84 18.64
C GLY F 497 -22.70 33.06 18.85
N PRO F 498 -23.34 34.22 18.94
CA PRO F 498 -22.57 35.48 19.00
C PRO F 498 -21.74 35.62 20.26
N THR F 499 -22.19 35.09 21.41
CA THR F 499 -21.53 35.40 22.67
C THR F 499 -20.38 34.46 23.00
N GLY F 500 -20.17 33.40 22.21
CA GLY F 500 -18.93 32.65 22.25
C GLY F 500 -18.77 31.63 23.36
N GLU F 501 -19.78 31.37 24.18
CA GLU F 501 -19.59 30.40 25.26
C GLU F 501 -19.52 28.96 24.76
N GLY F 502 -19.96 28.70 23.54
CA GLY F 502 -19.99 27.33 23.04
C GLY F 502 -21.22 26.60 23.52
N LEU F 503 -21.03 25.36 23.99
CA LEU F 503 -22.11 24.56 24.56
C LEU F 503 -22.26 24.95 26.03
N THR F 504 -23.31 25.73 26.33
CA THR F 504 -23.47 26.26 27.68
C THR F 504 -23.68 25.14 28.69
N SER F 505 -23.18 25.36 29.90
CA SER F 505 -23.43 24.47 31.03
C SER F 505 -23.38 25.34 32.29
N ALA F 506 -23.45 24.68 33.45
CA ALA F 506 -23.52 25.43 34.72
C ALA F 506 -22.43 26.50 34.82
N LYS F 507 -21.21 26.21 34.33
CA LYS F 507 -20.11 27.19 34.29
C LYS F 507 -20.52 28.47 33.57
N SER F 508 -21.17 28.33 32.42
CA SER F 508 -21.64 29.48 31.66
C SER F 508 -22.57 30.39 32.47
N PHE F 509 -23.23 29.87 33.52
CA PHE F 509 -24.17 30.67 34.29
C PHE F 509 -23.62 31.04 35.66
N ALA F 510 -22.31 31.24 35.75
CA ALA F 510 -21.67 31.59 37.01
C ALA F 510 -20.73 32.77 36.81
N ARG F 511 -20.50 33.50 37.91
CA ARG F 511 -19.48 34.54 37.98
C ARG F 511 -18.18 33.90 38.43
N ARG F 512 -17.07 34.35 37.86
CA ARG F 512 -15.75 33.82 38.22
C ARG F 512 -15.15 34.68 39.33
N ARG F 513 -14.91 34.07 40.48
CA ARG F 513 -14.41 34.80 41.65
C ARG F 513 -13.01 34.30 41.98
N LYS F 514 -12.18 35.23 42.49
CA LYS F 514 -10.77 34.96 42.79
C LYS F 514 -10.52 35.30 44.25
N CYS F 515 -10.09 34.32 45.03
CA CYS F 515 -9.82 34.51 46.45
C CYS F 515 -8.33 34.29 46.69
N VAL F 516 -7.67 35.27 47.30
CA VAL F 516 -6.20 35.31 47.37
C VAL F 516 -5.76 35.24 48.83
N MET F 517 -5.33 34.06 49.28
CA MET F 517 -4.71 33.91 50.62
C MET F 517 -3.24 34.29 50.53
N VAL F 518 -2.91 35.52 50.94
CA VAL F 518 -1.57 36.06 50.76
C VAL F 518 -0.61 35.41 51.74
N GLU F 519 0.41 34.74 51.22
CA GLU F 519 1.48 34.15 52.02
C GLU F 519 0.94 33.23 53.11
N ALA F 520 -0.09 32.46 52.77
CA ALA F 520 -0.52 31.33 53.60
C ALA F 520 -1.06 30.24 52.69
N LEU F 521 -1.21 29.03 53.26
CA LEU F 521 -1.79 27.88 52.56
C LEU F 521 -0.99 27.50 51.32
N ASN F 522 0.31 27.77 51.34
CA ASN F 522 1.22 27.29 50.30
C ASN F 522 2.00 26.14 50.93
N ILE F 523 1.34 24.99 50.96
CA ILE F 523 1.78 23.86 51.75
C ILE F 523 2.60 22.85 50.95
N ARG F 524 2.93 23.19 49.70
CA ARG F 524 3.83 22.35 48.90
C ARG F 524 5.23 22.30 49.51
N VAL G 86 -18.44 -21.99 35.07
CA VAL G 86 -17.84 -20.66 35.17
C VAL G 86 -16.94 -20.56 36.40
N SER G 87 -15.73 -20.03 36.19
CA SER G 87 -14.76 -19.88 37.27
C SER G 87 -15.29 -18.96 38.38
N ASP G 88 -14.88 -19.26 39.60
CA ASP G 88 -15.23 -18.46 40.76
C ASP G 88 -14.12 -17.52 41.18
N GLY G 89 -12.99 -17.56 40.49
CA GLY G 89 -11.87 -16.70 40.79
C GLY G 89 -10.84 -17.32 41.70
N VAL G 90 -11.19 -18.35 42.46
CA VAL G 90 -10.28 -18.97 43.42
C VAL G 90 -9.56 -20.14 42.76
N PHE G 91 -8.23 -20.12 42.84
CA PHE G 91 -7.36 -21.16 42.32
C PHE G 91 -6.57 -21.76 43.47
N GLU G 92 -6.15 -23.03 43.33
CA GLU G 92 -5.41 -23.65 44.43
C GLU G 92 -3.94 -23.30 44.36
N THR G 93 -3.43 -23.14 43.16
CA THR G 93 -2.07 -22.72 42.93
C THR G 93 -2.04 -21.20 42.65
N MET G 94 -0.92 -20.57 43.00
CA MET G 94 -0.74 -19.17 42.56
C MET G 94 -0.44 -19.12 41.07
N ASP G 95 0.31 -20.09 40.56
CA ASP G 95 0.68 -20.08 39.14
C ASP G 95 -0.56 -20.13 38.24
N ALA G 96 -1.54 -20.98 38.53
CA ALA G 96 -2.71 -20.99 37.66
C ALA G 96 -3.55 -19.72 37.80
N ALA G 97 -3.46 -19.04 38.96
CA ALA G 97 -4.23 -17.81 39.10
C ALA G 97 -3.59 -16.68 38.30
N VAL G 98 -2.26 -16.56 38.34
CA VAL G 98 -1.59 -15.55 37.55
C VAL G 98 -1.79 -15.82 36.06
N GLU G 99 -1.66 -17.08 35.64
CA GLU G 99 -1.91 -17.41 34.23
C GLU G 99 -3.37 -17.15 33.87
N ALA G 100 -4.29 -17.34 34.81
CA ALA G 100 -5.68 -17.08 34.51
C ALA G 100 -5.94 -15.58 34.36
N ALA G 101 -5.28 -14.76 35.19
CA ALA G 101 -5.47 -13.31 35.11
C ALA G 101 -4.84 -12.74 33.86
N ALA G 102 -3.73 -13.34 33.39
CA ALA G 102 -3.11 -12.89 32.15
C ALA G 102 -4.08 -13.06 30.98
N LEU G 103 -4.67 -14.25 30.85
CA LEU G 103 -5.62 -14.48 29.77
C LEU G 103 -6.81 -13.55 29.86
N ALA G 104 -7.31 -13.34 31.09
CA ALA G 104 -8.47 -12.49 31.30
C ALA G 104 -8.19 -11.06 30.90
N GLN G 105 -7.01 -10.55 31.25
CA GLN G 105 -6.70 -9.17 30.92
C GLN G 105 -6.50 -8.99 29.42
N GLN G 106 -5.95 -10.00 28.73
CA GLN G 106 -5.87 -9.93 27.27
C GLN G 106 -7.24 -9.90 26.63
N GLN G 107 -8.18 -10.69 27.16
CA GLN G 107 -9.56 -10.59 26.70
C GLN G 107 -10.14 -9.21 27.05
N TYR G 108 -9.77 -8.70 28.24
CA TYR G 108 -10.32 -7.44 28.72
C TYR G 108 -10.05 -6.30 27.73
N LEU G 109 -8.85 -6.29 27.14
CA LEU G 109 -8.47 -5.20 26.24
C LEU G 109 -9.45 -4.99 25.10
N LEU G 110 -10.20 -6.04 24.73
CA LEU G 110 -11.19 -5.95 23.67
C LEU G 110 -12.53 -5.41 24.15
N CYS G 111 -12.72 -5.24 25.44
CA CYS G 111 -13.96 -4.68 25.93
C CYS G 111 -13.95 -3.15 25.85
N SER G 112 -15.14 -2.58 25.82
CA SER G 112 -15.30 -1.14 25.65
C SER G 112 -15.11 -0.42 26.99
N MET G 113 -15.05 0.92 26.94
CA MET G 113 -15.10 1.68 28.20
C MET G 113 -16.44 1.52 28.88
N SER G 114 -17.51 1.36 28.10
CA SER G 114 -18.80 1.05 28.70
C SER G 114 -18.76 -0.29 29.44
N ASP G 115 -18.04 -1.28 28.89
CA ASP G 115 -17.95 -2.58 29.56
C ASP G 115 -17.29 -2.42 30.93
N ARG G 116 -16.18 -1.68 30.97
CA ARG G 116 -15.50 -1.40 32.24
C ARG G 116 -16.46 -0.75 33.22
N ALA G 117 -17.24 0.24 32.75
CA ALA G 117 -18.15 0.95 33.64
C ALA G 117 -19.16 -0.01 34.28
N ARG G 118 -19.68 -0.95 33.51
CA ARG G 118 -20.61 -1.93 34.08
C ARG G 118 -19.90 -2.83 35.10
N PHE G 119 -18.67 -3.25 34.81
CA PHE G 119 -17.97 -4.10 35.77
C PHE G 119 -17.66 -3.35 37.05
N VAL G 120 -17.27 -2.08 36.93
CA VAL G 120 -16.99 -1.26 38.11
C VAL G 120 -18.25 -1.06 38.94
N GLN G 121 -19.38 -0.76 38.26
CA GLN G 121 -20.64 -0.61 38.96
C GLN G 121 -21.10 -1.94 39.55
N GLY G 122 -20.66 -3.05 38.97
CA GLY G 122 -20.96 -4.34 39.56
C GLY G 122 -20.29 -4.51 40.92
N ILE G 123 -18.98 -4.27 40.98
CA ILE G 123 -18.27 -4.41 42.23
C ILE G 123 -18.86 -3.49 43.29
N ARG G 124 -19.23 -2.27 42.92
CA ARG G 124 -19.95 -1.41 43.86
C ARG G 124 -21.20 -2.09 44.39
N ASP G 125 -22.01 -2.65 43.47
CA ASP G 125 -23.28 -3.24 43.85
C ASP G 125 -23.09 -4.39 44.84
N VAL G 126 -22.06 -5.20 44.62
CA VAL G 126 -21.78 -6.31 45.54
C VAL G 126 -21.59 -5.79 46.97
N ILE G 127 -20.71 -4.81 47.16
CA ILE G 127 -20.36 -4.37 48.50
C ILE G 127 -21.39 -3.40 49.09
N LEU G 128 -22.14 -2.70 48.25
CA LEU G 128 -23.19 -1.82 48.75
C LEU G 128 -24.51 -2.53 48.95
N ASN G 129 -24.61 -3.80 48.54
CA ASN G 129 -25.75 -4.64 48.88
C ASN G 129 -25.76 -4.88 50.38
N GLN G 130 -26.91 -4.60 51.01
CA GLN G 130 -26.94 -4.57 52.47
C GLN G 130 -26.52 -5.90 53.08
N ASP G 131 -27.06 -7.01 52.57
CA ASP G 131 -26.75 -8.30 53.16
C ASP G 131 -25.27 -8.64 53.02
N THR G 132 -24.67 -8.28 51.89
CA THR G 132 -23.24 -8.47 51.71
C THR G 132 -22.45 -7.47 52.55
N LEU G 133 -22.94 -6.23 52.65
CA LEU G 133 -22.27 -5.22 53.44
C LEU G 133 -22.12 -5.68 54.89
N GLU G 134 -23.22 -6.14 55.49
CA GLU G 134 -23.17 -6.59 56.88
C GLU G 134 -22.30 -7.84 57.02
N LYS G 135 -22.37 -8.74 56.04
CA LYS G 135 -21.67 -10.02 56.18
C LYS G 135 -20.16 -9.81 56.12
N MET G 136 -19.68 -9.06 55.12
CA MET G 136 -18.26 -8.73 55.04
C MET G 136 -17.78 -7.95 56.25
N SER G 137 -18.65 -7.14 56.84
CA SER G 137 -18.28 -6.40 58.04
C SER G 137 -18.17 -7.32 59.25
N ARG G 138 -19.21 -8.14 59.49
CA ARG G 138 -19.17 -9.11 60.58
C ARG G 138 -18.02 -10.09 60.40
N MET G 139 -17.85 -10.63 59.19
CA MET G 139 -16.84 -11.66 58.98
C MET G 139 -15.43 -11.15 59.22
N ALA G 140 -15.18 -9.89 58.87
CA ALA G 140 -13.85 -9.33 59.04
C ALA G 140 -13.49 -9.22 60.52
N VAL G 141 -14.42 -8.71 61.33
CA VAL G 141 -14.17 -8.58 62.76
C VAL G 141 -13.92 -9.95 63.38
N GLU G 142 -14.76 -10.93 63.04
CA GLU G 142 -14.70 -12.22 63.72
C GLU G 142 -13.49 -13.04 63.30
N GLU G 143 -13.13 -12.99 62.02
CA GLU G 143 -12.01 -13.80 61.59
C GLU G 143 -10.68 -13.20 62.02
N THR G 144 -10.57 -11.88 62.04
CA THR G 144 -9.34 -11.21 62.42
C THR G 144 -9.27 -10.87 63.90
N GLY G 145 -10.42 -10.76 64.57
CA GLY G 145 -10.39 -10.23 65.92
C GLY G 145 -10.01 -8.77 66.00
N MET G 146 -10.10 -8.04 64.89
CA MET G 146 -9.66 -6.66 64.78
C MET G 146 -10.77 -5.80 64.20
N GLY G 147 -10.95 -4.60 64.76
CA GLY G 147 -11.98 -3.69 64.31
C GLY G 147 -13.30 -3.99 64.97
N ASN G 148 -14.29 -3.15 64.67
CA ASN G 148 -15.64 -3.32 65.17
C ASN G 148 -16.63 -3.20 64.01
N TYR G 149 -17.79 -3.82 64.21
CA TYR G 149 -18.70 -4.10 63.10
C TYR G 149 -19.31 -2.82 62.53
N GLU G 150 -19.73 -1.90 63.39
CA GLU G 150 -20.46 -0.74 62.90
C GLU G 150 -19.58 0.18 62.08
N HIS G 151 -18.28 0.19 62.34
CA HIS G 151 -17.37 1.07 61.62
C HIS G 151 -16.86 0.43 60.33
N LYS G 152 -16.77 -0.90 60.29
CA LYS G 152 -16.45 -1.54 59.03
C LYS G 152 -17.58 -1.41 58.03
N LEU G 153 -18.83 -1.30 58.48
CA LEU G 153 -19.91 -0.97 57.56
C LEU G 153 -19.63 0.34 56.85
N ILE G 154 -19.27 1.36 57.63
CA ILE G 154 -18.94 2.66 57.06
C ILE G 154 -17.75 2.55 56.11
N LYS G 155 -16.72 1.79 56.50
CA LYS G 155 -15.51 1.71 55.68
C LYS G 155 -15.74 0.94 54.38
N ASN G 156 -16.54 -0.14 54.43
CA ASN G 156 -16.86 -0.85 53.19
C ASN G 156 -17.76 -0.01 52.28
N ARG G 157 -18.73 0.69 52.87
CA ARG G 157 -19.56 1.59 52.07
C ARG G 157 -18.74 2.73 51.48
N LEU G 158 -17.71 3.17 52.21
CA LEU G 158 -16.84 4.20 51.67
C LEU G 158 -16.03 3.67 50.50
N ALA G 159 -15.60 2.42 50.58
CA ALA G 159 -14.79 1.85 49.51
C ALA G 159 -15.60 1.66 48.24
N GLY G 160 -16.89 1.35 48.36
CA GLY G 160 -17.71 1.11 47.20
C GLY G 160 -18.38 2.36 46.65
N GLU G 161 -18.52 3.39 47.46
CA GLU G 161 -19.19 4.60 47.00
C GLU G 161 -18.24 5.67 46.49
N LYS G 162 -17.02 5.75 47.02
CA LYS G 162 -16.14 6.87 46.72
C LYS G 162 -14.79 6.46 46.13
N THR G 163 -14.61 5.19 45.78
CA THR G 163 -13.47 4.83 44.95
C THR G 163 -13.74 5.32 43.52
N PRO G 164 -12.84 6.09 42.92
CA PRO G 164 -13.08 6.58 41.56
C PRO G 164 -13.17 5.45 40.54
N GLY G 165 -13.97 5.65 39.51
CA GLY G 165 -14.15 4.70 38.42
C GLY G 165 -13.40 5.11 37.18
N ILE G 166 -13.97 4.80 36.01
CA ILE G 166 -13.30 5.13 34.75
C ILE G 166 -13.24 6.63 34.50
N GLU G 167 -13.99 7.44 35.26
CA GLU G 167 -13.88 8.90 35.14
C GLU G 167 -12.56 9.41 35.69
N ASP G 168 -11.85 8.59 36.48
CA ASP G 168 -10.52 8.94 36.94
C ASP G 168 -9.51 8.98 35.80
N LEU G 169 -9.79 8.31 34.68
CA LEU G 169 -8.88 8.17 33.56
C LEU G 169 -9.07 9.35 32.60
N THR G 170 -8.57 10.50 33.01
CA THR G 170 -8.72 11.71 32.22
C THR G 170 -7.74 11.69 31.04
N THR G 171 -7.91 12.66 30.13
CA THR G 171 -7.12 12.77 28.91
C THR G 171 -6.51 14.15 28.80
N ASP G 172 -5.22 14.20 28.44
CA ASP G 172 -4.53 15.46 28.22
C ASP G 172 -4.42 15.72 26.71
N ALA G 173 -4.55 16.99 26.33
CA ALA G 173 -4.47 17.39 24.93
C ALA G 173 -3.64 18.64 24.80
N PHE G 174 -2.82 18.68 23.75
CA PHE G 174 -2.05 19.86 23.40
C PHE G 174 -2.08 20.01 21.89
N SER G 175 -2.41 21.20 21.41
CA SER G 175 -2.41 21.47 19.98
C SER G 175 -1.72 22.79 19.68
N GLY G 176 -0.97 22.80 18.60
CA GLY G 176 -0.32 23.99 18.10
C GLY G 176 0.14 23.75 16.65
N ASP G 177 1.28 24.34 16.29
CA ASP G 177 1.74 24.28 14.91
C ASP G 177 2.21 22.89 14.51
N ASN G 178 2.54 22.06 15.47
CA ASN G 178 3.02 20.71 15.18
C ASN G 178 1.92 19.67 15.20
N GLY G 179 0.66 20.09 15.34
CA GLY G 179 -0.44 19.14 15.32
C GLY G 179 -1.11 18.96 16.66
N LEU G 180 -1.39 17.72 17.04
CA LEU G 180 -2.09 17.39 18.26
C LEU G 180 -1.31 16.34 19.02
N THR G 181 -1.35 16.43 20.35
CA THR G 181 -0.77 15.38 21.19
C THR G 181 -1.75 15.03 22.30
N LEU G 182 -1.96 13.73 22.48
CA LEU G 182 -2.89 13.19 23.47
C LEU G 182 -2.13 12.33 24.46
N VAL G 183 -2.56 12.36 25.71
CA VAL G 183 -1.96 11.58 26.78
C VAL G 183 -3.09 10.85 27.50
N GLU G 184 -3.02 9.52 27.49
CA GLU G 184 -4.05 8.66 28.04
C GLU G 184 -3.47 7.78 29.14
N TYR G 185 -4.36 7.30 30.00
CA TYR G 185 -4.02 6.33 31.04
C TYR G 185 -4.44 4.94 30.55
N SER G 186 -3.47 4.07 30.30
CA SER G 186 -3.75 2.76 29.70
C SER G 186 -3.37 1.62 30.64
N PRO G 187 -3.87 0.40 30.39
CA PRO G 187 -3.64 -0.72 31.32
C PRO G 187 -2.16 -1.08 31.47
N PHE G 188 -1.81 -1.58 32.66
CA PHE G 188 -0.53 -2.27 32.87
C PHE G 188 -0.57 -3.71 32.36
N GLY G 189 -1.61 -4.45 32.75
CA GLY G 189 -1.66 -5.88 32.51
C GLY G 189 -2.18 -6.62 33.72
N VAL G 190 -1.35 -7.49 34.29
CA VAL G 190 -1.70 -8.23 35.49
C VAL G 190 -1.07 -7.52 36.68
N ILE G 191 -1.91 -7.16 37.65
CA ILE G 191 -1.47 -6.54 38.89
C ILE G 191 -1.61 -7.56 40.02
N GLY G 192 -0.54 -7.78 40.75
CA GLY G 192 -0.56 -8.59 41.94
C GLY G 192 -0.63 -7.67 43.14
N ALA G 193 -1.67 -7.84 43.95
CA ALA G 193 -2.00 -6.92 45.03
C ALA G 193 -2.14 -7.67 46.35
N ILE G 194 -1.39 -7.22 47.36
CA ILE G 194 -1.37 -7.85 48.67
C ILE G 194 -2.20 -7.00 49.62
N THR G 195 -3.09 -7.65 50.37
CA THR G 195 -4.06 -6.92 51.17
C THR G 195 -3.88 -7.20 52.66
N PRO G 196 -4.16 -6.20 53.51
CA PRO G 196 -3.81 -6.31 54.92
C PRO G 196 -4.86 -7.03 55.75
N THR G 197 -4.41 -7.51 56.92
CA THR G 197 -5.33 -8.16 57.84
C THR G 197 -6.30 -7.16 58.46
N THR G 198 -5.94 -5.87 58.49
CA THR G 198 -6.75 -4.86 59.16
C THR G 198 -7.91 -4.39 58.28
N ASN G 199 -7.66 -4.17 57.00
CA ASN G 199 -8.69 -3.69 56.07
C ASN G 199 -8.80 -4.66 54.89
N PRO G 200 -9.21 -5.90 55.14
CA PRO G 200 -9.10 -6.92 54.08
C PRO G 200 -10.12 -6.74 52.97
N THR G 201 -11.34 -6.30 53.28
CA THR G 201 -12.38 -6.18 52.26
C THR G 201 -12.39 -4.79 51.62
N GLU G 202 -12.14 -3.75 52.41
CA GLU G 202 -12.01 -2.41 51.84
C GLU G 202 -10.90 -2.35 50.81
N THR G 203 -9.79 -3.07 51.05
CA THR G 203 -8.67 -3.04 50.12
C THR G 203 -8.99 -3.79 48.84
N ILE G 204 -9.75 -4.89 48.94
CA ILE G 204 -10.12 -5.63 47.74
C ILE G 204 -11.10 -4.83 46.89
N VAL G 205 -12.12 -4.25 47.52
CA VAL G 205 -13.09 -3.47 46.76
C VAL G 205 -12.39 -2.29 46.09
N CYS G 206 -11.47 -1.64 46.80
CA CYS G 206 -10.92 -0.39 46.32
C CYS G 206 -9.81 -0.62 45.28
N ASN G 207 -9.00 -1.67 45.46
CA ASN G 207 -8.06 -2.05 44.41
C ASN G 207 -8.79 -2.55 43.15
N SER G 208 -9.81 -3.40 43.33
CA SER G 208 -10.51 -3.98 42.19
C SER G 208 -11.15 -2.91 41.33
N ILE G 209 -11.90 -1.99 41.93
CA ILE G 209 -12.50 -0.91 41.17
C ILE G 209 -11.41 -0.14 40.41
N GLY G 210 -10.38 0.31 41.12
CA GLY G 210 -9.35 1.11 40.49
C GLY G 210 -8.61 0.36 39.41
N MET G 211 -8.27 -0.89 39.68
CA MET G 211 -7.45 -1.64 38.72
C MET G 211 -8.27 -2.06 37.50
N LEU G 212 -9.51 -2.49 37.70
CA LEU G 212 -10.35 -2.86 36.57
C LEU G 212 -10.82 -1.64 35.79
N ALA G 213 -10.98 -0.49 36.45
CA ALA G 213 -11.37 0.69 35.69
C ALA G 213 -10.27 1.10 34.73
N ALA G 214 -9.02 0.80 35.10
CA ALA G 214 -7.88 1.10 34.25
C ALA G 214 -7.58 0.00 33.25
N GLY G 215 -8.42 -1.03 33.18
CA GLY G 215 -8.25 -2.11 32.22
C GLY G 215 -7.29 -3.20 32.61
N ASN G 216 -7.04 -3.42 33.91
CA ASN G 216 -6.18 -4.50 34.38
C ASN G 216 -7.00 -5.66 34.92
N SER G 217 -6.33 -6.80 35.08
CA SER G 217 -6.79 -7.86 35.96
C SER G 217 -5.93 -7.86 37.21
N VAL G 218 -6.45 -8.43 38.29
CA VAL G 218 -5.78 -8.35 39.58
C VAL G 218 -5.71 -9.74 40.23
N VAL G 219 -4.52 -10.12 40.67
CA VAL G 219 -4.32 -11.29 41.50
C VAL G 219 -4.19 -10.83 42.94
N PHE G 220 -5.06 -11.30 43.81
CA PHE G 220 -5.00 -10.95 45.22
C PHE G 220 -4.28 -12.06 45.99
N SER G 221 -3.37 -11.66 46.87
CA SER G 221 -2.74 -12.57 47.82
C SER G 221 -3.09 -12.05 49.21
N PRO G 222 -4.23 -12.45 49.76
CA PRO G 222 -4.72 -11.85 51.01
C PRO G 222 -3.96 -12.41 52.20
N HIS G 223 -4.28 -11.88 53.35
CA HIS G 223 -3.65 -12.34 54.57
C HIS G 223 -4.29 -13.64 55.03
N PRO G 224 -3.50 -14.63 55.42
CA PRO G 224 -4.06 -15.88 55.96
C PRO G 224 -5.05 -15.65 57.09
N ARG G 225 -4.85 -14.64 57.93
CA ARG G 225 -5.82 -14.37 58.98
C ARG G 225 -7.12 -13.82 58.45
N ALA G 226 -7.14 -13.33 57.23
CA ALA G 226 -8.36 -12.80 56.63
C ALA G 226 -8.76 -13.66 55.43
N ARG G 227 -8.45 -14.95 55.50
CA ARG G 227 -8.54 -15.81 54.34
C ARG G 227 -9.98 -16.06 53.92
N GLN G 228 -10.86 -16.37 54.88
CA GLN G 228 -12.22 -16.74 54.53
C GLN G 228 -12.98 -15.57 53.92
N VAL G 229 -12.89 -14.38 54.52
CA VAL G 229 -13.66 -13.24 54.04
C VAL G 229 -13.08 -12.73 52.72
N SER G 230 -11.76 -12.83 52.55
CA SER G 230 -11.16 -12.42 51.28
C SER G 230 -11.60 -13.32 50.14
N LEU G 231 -11.56 -14.64 50.36
CA LEU G 231 -11.98 -15.59 49.33
C LEU G 231 -13.46 -15.45 49.00
N LEU G 232 -14.31 -15.24 50.01
CA LEU G 232 -15.74 -15.09 49.72
C LEU G 232 -15.97 -13.88 48.84
N LEU G 233 -15.33 -12.75 49.17
CA LEU G 233 -15.55 -11.52 48.42
C LEU G 233 -15.09 -11.66 46.97
N VAL G 234 -13.94 -12.28 46.74
CA VAL G 234 -13.50 -12.52 45.37
C VAL G 234 -14.52 -13.38 44.64
N ARG G 235 -15.11 -14.36 45.33
CA ARG G 235 -16.12 -15.21 44.71
C ARG G 235 -17.37 -14.41 44.36
N LEU G 236 -17.89 -13.62 45.31
CA LEU G 236 -19.07 -12.80 45.03
C LEU G 236 -18.82 -11.83 43.88
N ILE G 237 -17.56 -11.49 43.62
CA ILE G 237 -17.24 -10.54 42.56
C ILE G 237 -17.15 -11.25 41.22
N ASN G 238 -16.59 -12.45 41.19
CA ASN G 238 -16.54 -13.21 39.95
C ASN G 238 -17.94 -13.63 39.51
N GLN G 239 -18.80 -13.99 40.47
CA GLN G 239 -20.18 -14.28 40.13
C GLN G 239 -20.88 -13.06 39.58
N LYS G 240 -20.62 -11.88 40.16
CA LYS G 240 -21.26 -10.66 39.65
C LYS G 240 -20.71 -10.27 38.30
N LEU G 241 -19.39 -10.39 38.10
CA LEU G 241 -18.81 -10.05 36.81
C LEU G 241 -19.29 -11.03 35.74
N ALA G 242 -19.39 -12.31 36.08
CA ALA G 242 -19.89 -13.28 35.12
C ALA G 242 -21.30 -12.95 34.69
N ALA G 243 -22.16 -12.59 35.64
CA ALA G 243 -23.52 -12.15 35.33
C ALA G 243 -23.55 -10.92 34.44
N LEU G 244 -22.45 -10.18 34.33
CA LEU G 244 -22.40 -8.95 33.54
C LEU G 244 -21.74 -9.13 32.17
N GLY G 245 -21.29 -10.33 31.84
CA GLY G 245 -20.61 -10.59 30.59
C GLY G 245 -19.13 -10.29 30.56
N ALA G 246 -18.51 -10.11 31.73
CA ALA G 246 -17.09 -9.86 31.76
C ALA G 246 -16.32 -11.14 31.49
N PRO G 247 -15.15 -11.05 30.84
CA PRO G 247 -14.26 -12.22 30.77
C PRO G 247 -13.96 -12.73 32.17
N GLU G 248 -13.95 -14.05 32.32
CA GLU G 248 -13.77 -14.62 33.65
C GLU G 248 -12.36 -14.35 34.16
N ASN G 249 -12.24 -14.30 35.50
CA ASN G 249 -10.97 -14.20 36.20
C ASN G 249 -10.31 -12.83 36.08
N LEU G 250 -11.09 -11.76 35.99
CA LEU G 250 -10.52 -10.42 36.12
C LEU G 250 -10.03 -10.16 37.54
N VAL G 251 -10.63 -10.81 38.52
CA VAL G 251 -10.23 -10.73 39.92
C VAL G 251 -10.06 -12.17 40.43
N VAL G 252 -8.84 -12.53 40.81
CA VAL G 252 -8.55 -13.89 41.27
C VAL G 252 -7.71 -13.87 42.54
N THR G 253 -7.75 -14.99 43.26
CA THR G 253 -6.90 -15.22 44.43
C THR G 253 -6.64 -16.72 44.54
N VAL G 254 -5.98 -17.13 45.62
CA VAL G 254 -5.65 -18.54 45.83
C VAL G 254 -6.50 -19.09 46.96
N GLU G 255 -6.65 -20.43 46.96
CA GLU G 255 -7.52 -21.10 47.92
C GLU G 255 -6.94 -21.07 49.33
N LYS G 256 -5.62 -21.17 49.46
CA LYS G 256 -4.95 -21.15 50.75
C LYS G 256 -3.88 -20.07 50.73
N PRO G 257 -4.24 -18.82 51.06
CA PRO G 257 -3.26 -17.74 51.15
C PRO G 257 -2.12 -18.05 52.11
N SER G 258 -0.93 -17.59 51.76
CA SER G 258 0.26 -17.88 52.54
C SER G 258 1.37 -16.93 52.11
N ILE G 259 2.41 -16.85 52.94
CA ILE G 259 3.60 -16.10 52.56
C ILE G 259 4.31 -16.75 51.36
N GLU G 260 4.13 -18.06 51.15
CA GLU G 260 4.74 -18.72 50.00
C GLU G 260 4.02 -18.39 48.69
N ASN G 261 2.70 -18.22 48.74
CA ASN G 261 1.99 -17.78 47.56
C ASN G 261 2.35 -16.34 47.20
N THR G 262 2.42 -15.48 48.22
CA THR G 262 2.86 -14.10 48.00
C THR G 262 4.23 -14.05 47.35
N ASN G 263 5.20 -14.79 47.90
CA ASN G 263 6.52 -14.84 47.29
C ASN G 263 6.44 -15.39 45.87
N ALA G 264 5.50 -16.31 45.62
CA ALA G 264 5.31 -16.83 44.28
C ALA G 264 4.71 -15.76 43.35
N MET G 265 3.83 -14.93 43.89
CA MET G 265 3.24 -13.87 43.08
C MET G 265 4.25 -12.78 42.76
N MET G 266 4.99 -12.33 43.77
CA MET G 266 6.04 -11.32 43.56
C MET G 266 7.02 -11.73 42.49
N ALA G 267 7.22 -13.04 42.29
CA ALA G 267 8.26 -13.52 41.39
C ALA G 267 7.73 -14.00 40.04
N HIS G 268 6.41 -14.10 39.87
CA HIS G 268 5.85 -14.57 38.60
C HIS G 268 6.14 -13.56 37.49
N PRO G 269 6.72 -13.99 36.37
CA PRO G 269 7.06 -13.04 35.31
C PRO G 269 5.86 -12.35 34.68
N LYS G 270 4.66 -12.93 34.79
CA LYS G 270 3.49 -12.33 34.16
C LYS G 270 2.78 -11.33 35.06
N VAL G 271 3.31 -11.07 36.26
CA VAL G 271 2.81 -9.99 37.10
C VAL G 271 3.57 -8.73 36.72
N ARG G 272 2.83 -7.71 36.25
CA ARG G 272 3.45 -6.47 35.77
C ARG G 272 3.68 -5.44 36.85
N MET G 273 2.95 -5.53 37.96
CA MET G 273 3.02 -4.51 39.00
C MET G 273 2.55 -5.14 40.31
N LEU G 274 3.24 -4.80 41.39
CA LEU G 274 2.87 -5.25 42.72
C LEU G 274 2.33 -4.07 43.51
N VAL G 275 1.21 -4.27 44.19
CA VAL G 275 0.60 -3.26 45.03
C VAL G 275 0.53 -3.86 46.42
N ALA G 276 1.28 -3.28 47.36
CA ALA G 276 1.42 -3.84 48.70
C ALA G 276 0.83 -2.86 49.71
N THR G 277 -0.21 -3.31 50.42
CA THR G 277 -0.87 -2.56 51.48
C THR G 277 -0.63 -3.30 52.78
N GLY G 278 0.36 -2.87 53.56
CA GLY G 278 0.68 -3.56 54.78
C GLY G 278 1.90 -2.95 55.46
N GLY G 279 2.53 -3.76 56.31
CA GLY G 279 3.63 -3.31 57.11
C GLY G 279 4.87 -3.00 56.29
N PRO G 280 5.85 -2.34 56.92
CA PRO G 280 7.06 -1.93 56.17
C PRO G 280 7.91 -3.09 55.65
N ALA G 281 7.75 -4.31 56.18
CA ALA G 281 8.56 -5.41 55.69
C ALA G 281 8.07 -5.91 54.34
N ILE G 282 6.76 -6.00 54.16
CA ILE G 282 6.24 -6.44 52.87
C ILE G 282 6.41 -5.34 51.83
N VAL G 283 6.41 -4.08 52.25
CA VAL G 283 6.69 -2.98 51.33
C VAL G 283 8.11 -3.08 50.80
N LYS G 284 9.09 -3.29 51.69
CA LYS G 284 10.45 -3.48 51.22
C LYS G 284 10.56 -4.71 50.32
N ALA G 285 9.69 -5.71 50.53
CA ALA G 285 9.77 -6.92 49.73
C ALA G 285 9.38 -6.66 48.28
N VAL G 286 8.23 -6.04 48.05
CA VAL G 286 7.76 -5.82 46.69
C VAL G 286 8.66 -4.86 45.93
N LEU G 287 9.34 -3.95 46.64
CA LEU G 287 10.30 -3.03 46.04
C LEU G 287 11.66 -3.68 45.79
N SER G 288 11.73 -5.00 45.94
CA SER G 288 12.97 -5.75 45.74
C SER G 288 12.81 -6.84 44.69
N THR G 289 11.69 -6.89 43.99
CA THR G 289 11.33 -7.99 43.11
C THR G 289 11.67 -7.75 41.64
N GLY G 290 12.34 -6.64 41.32
CA GLY G 290 12.56 -6.27 39.93
C GLY G 290 11.36 -5.76 39.17
N LYS G 291 10.19 -5.64 39.80
CA LYS G 291 9.01 -5.12 39.13
C LYS G 291 8.69 -3.71 39.65
N LYS G 292 7.80 -3.02 38.95
CA LYS G 292 7.22 -1.83 39.54
C LYS G 292 6.33 -2.22 40.71
N ALA G 293 6.42 -1.46 41.79
CA ALA G 293 5.61 -1.74 42.96
C ALA G 293 5.10 -0.45 43.58
N ILE G 294 3.84 -0.48 44.04
CA ILE G 294 3.29 0.54 44.91
C ILE G 294 3.28 -0.01 46.34
N GLY G 295 3.87 0.74 47.27
CA GLY G 295 3.97 0.33 48.65
C GLY G 295 3.34 1.31 49.61
N ALA G 296 2.42 0.82 50.45
CA ALA G 296 1.62 1.64 51.34
C ALA G 296 2.22 1.57 52.75
N GLY G 297 3.09 2.53 53.06
CA GLY G 297 3.87 2.51 54.28
C GLY G 297 3.06 2.79 55.55
N ALA G 298 3.79 2.84 56.65
CA ALA G 298 3.23 2.97 58.00
C ALA G 298 3.32 4.41 58.48
N GLY G 299 2.52 4.72 59.49
CA GLY G 299 2.50 6.07 60.01
C GLY G 299 2.16 6.06 61.49
N ASN G 300 2.71 7.05 62.19
CA ASN G 300 2.45 7.29 63.62
C ASN G 300 1.80 8.66 63.74
N PRO G 301 0.53 8.79 63.37
CA PRO G 301 -0.04 10.12 63.10
C PRO G 301 -0.29 10.91 64.38
N PRO G 302 0.36 12.05 64.53
CA PRO G 302 0.08 12.93 65.67
C PRO G 302 -1.02 13.93 65.34
N VAL G 303 -1.69 14.40 66.39
CA VAL G 303 -2.69 15.45 66.24
C VAL G 303 -2.31 16.59 67.18
N VAL G 304 -1.95 17.72 66.61
CA VAL G 304 -1.60 18.93 67.35
C VAL G 304 -2.86 19.74 67.64
N VAL G 305 -2.95 20.33 68.83
CA VAL G 305 -4.06 21.22 69.19
C VAL G 305 -3.47 22.46 69.84
N ASP G 306 -3.69 23.64 69.24
CA ASP G 306 -3.18 24.88 69.82
C ASP G 306 -4.33 25.73 70.35
N GLU G 307 -3.97 26.86 70.97
CA GLU G 307 -4.92 27.64 71.74
C GLU G 307 -5.94 28.37 70.88
N THR G 308 -5.81 28.31 69.56
CA THR G 308 -6.79 28.92 68.68
C THR G 308 -7.80 27.93 68.15
N ALA G 309 -7.67 26.64 68.47
CA ALA G 309 -8.60 25.64 67.97
C ALA G 309 -9.95 25.79 68.64
N ASN G 310 -10.99 25.35 67.93
CA ASN G 310 -12.27 25.06 68.57
C ASN G 310 -12.07 23.80 69.41
N ILE G 311 -11.91 23.97 70.72
CA ILE G 311 -11.50 22.86 71.57
C ILE G 311 -12.60 21.82 71.70
N GLU G 312 -13.85 22.27 71.85
CA GLU G 312 -14.96 21.33 71.99
C GLU G 312 -15.12 20.47 70.73
N LYS G 313 -15.11 21.11 69.57
CA LYS G 313 -15.14 20.34 68.33
C LYS G 313 -13.88 19.49 68.16
N ALA G 314 -12.72 20.01 68.57
CA ALA G 314 -11.49 19.23 68.43
C ALA G 314 -11.57 17.92 69.21
N ALA G 315 -12.07 17.98 70.45
CA ALA G 315 -12.15 16.77 71.28
C ALA G 315 -13.08 15.74 70.67
N CYS G 316 -14.20 16.20 70.11
CA CYS G 316 -15.12 15.28 69.48
C CYS G 316 -14.50 14.65 68.23
N ASP G 317 -13.82 15.46 67.41
CA ASP G 317 -13.16 14.92 66.22
C ASP G 317 -12.04 13.97 66.59
N ILE G 318 -11.27 14.29 67.65
CA ILE G 318 -10.13 13.46 68.02
C ILE G 318 -10.59 12.08 68.50
N VAL G 319 -11.65 12.05 69.30
CA VAL G 319 -12.20 10.79 69.79
C VAL G 319 -12.76 9.97 68.64
N ASN G 320 -13.61 10.59 67.82
CA ASN G 320 -14.21 9.88 66.69
C ASN G 320 -13.14 9.35 65.76
N GLY G 321 -12.12 10.16 65.48
CA GLY G 321 -11.03 9.70 64.64
C GLY G 321 -10.24 8.57 65.27
N CYS G 322 -9.90 8.70 66.55
CA CYS G 322 -9.04 7.72 67.20
C CYS G 322 -9.78 6.39 67.41
N SER G 323 -11.05 6.45 67.81
CA SER G 323 -11.84 5.23 68.04
C SER G 323 -12.45 4.64 66.75
N PHE G 324 -12.08 5.14 65.57
CA PHE G 324 -12.71 4.69 64.34
C PHE G 324 -12.12 3.34 63.93
N ASP G 325 -12.98 2.33 63.83
CA ASP G 325 -12.56 0.94 63.61
C ASP G 325 -11.48 0.55 64.61
N ASN G 326 -11.62 1.02 65.85
CA ASN G 326 -10.75 0.66 66.97
C ASN G 326 -9.28 0.99 66.66
N ASN G 327 -9.07 2.08 65.92
CA ASN G 327 -7.78 2.66 65.59
C ASN G 327 -7.06 1.93 64.46
N LEU G 328 -7.76 1.08 63.70
CA LEU G 328 -7.09 0.35 62.63
C LEU G 328 -6.75 1.17 61.38
N PRO G 329 -7.58 2.15 60.96
CA PRO G 329 -7.20 2.96 59.79
C PRO G 329 -5.84 3.60 59.95
N CYS G 330 -5.06 3.59 58.87
CA CYS G 330 -3.69 4.08 58.94
C CYS G 330 -3.60 5.59 59.12
N VAL G 331 -4.74 6.31 59.02
CA VAL G 331 -4.72 7.73 59.30
C VAL G 331 -5.08 8.04 60.74
N ALA G 332 -5.46 7.04 61.53
CA ALA G 332 -6.05 7.28 62.85
C ALA G 332 -5.05 7.92 63.82
N GLU G 333 -5.57 8.87 64.59
CA GLU G 333 -4.76 9.60 65.57
C GLU G 333 -4.18 8.63 66.60
N LYS G 334 -2.87 8.72 66.82
CA LYS G 334 -2.21 7.86 67.79
C LYS G 334 -1.60 8.62 68.95
N GLU G 335 -1.47 9.95 68.87
CA GLU G 335 -0.95 10.73 69.99
C GLU G 335 -1.39 12.18 69.82
N ILE G 336 -1.77 12.80 70.93
CA ILE G 336 -2.10 14.22 70.97
C ILE G 336 -0.85 14.99 71.38
N ILE G 337 -0.62 16.12 70.75
CA ILE G 337 0.39 17.08 71.18
C ILE G 337 -0.33 18.40 71.39
N ALA G 338 -0.53 18.78 72.65
CA ALA G 338 -1.40 19.88 72.99
C ALA G 338 -0.60 21.04 73.59
N VAL G 339 -0.91 22.25 73.13
CA VAL G 339 -0.42 23.44 73.81
C VAL G 339 -0.94 23.45 75.25
N ALA G 340 -0.02 23.67 76.20
CA ALA G 340 -0.36 23.55 77.62
C ALA G 340 -1.53 24.42 78.00
N GLN G 341 -1.61 25.63 77.42
CA GLN G 341 -2.66 26.59 77.73
C GLN G 341 -4.06 26.00 77.62
N ILE G 342 -4.28 25.10 76.66
CA ILE G 342 -5.59 24.50 76.42
C ILE G 342 -5.63 23.03 76.82
N ALA G 343 -4.54 22.49 77.36
CA ALA G 343 -4.46 21.05 77.53
C ALA G 343 -5.54 20.54 78.46
N ASP G 344 -5.69 21.16 79.64
CA ASP G 344 -6.66 20.70 80.62
C ASP G 344 -8.09 20.83 80.08
N TYR G 345 -8.43 21.98 79.50
CA TYR G 345 -9.78 22.12 78.96
C TYR G 345 -10.03 21.11 77.85
N LEU G 346 -9.02 20.85 77.02
CA LEU G 346 -9.16 19.81 76.00
C LEU G 346 -9.40 18.46 76.64
N ILE G 347 -8.64 18.12 77.69
CA ILE G 347 -8.84 16.85 78.39
C ILE G 347 -10.26 16.75 78.94
N PHE G 348 -10.77 17.86 79.51
CA PHE G 348 -12.15 17.85 80.00
C PHE G 348 -13.12 17.49 78.88
N ASN G 349 -12.94 18.08 77.70
CA ASN G 349 -13.86 17.79 76.60
C ASN G 349 -13.66 16.39 76.03
N LEU G 350 -12.41 15.92 75.97
CA LEU G 350 -12.17 14.53 75.55
C LEU G 350 -12.93 13.55 76.43
N LYS G 351 -12.95 13.79 77.75
CA LYS G 351 -13.70 12.92 78.64
C LYS G 351 -15.21 13.08 78.45
N LYS G 352 -15.68 14.28 78.11
CA LYS G 352 -17.10 14.46 77.82
C LYS G 352 -17.56 13.63 76.62
N ASN G 353 -16.67 13.40 75.64
CA ASN G 353 -17.02 12.69 74.42
C ASN G 353 -16.56 11.24 74.41
N GLY G 354 -16.38 10.65 75.59
CA GLY G 354 -16.15 9.23 75.69
C GLY G 354 -14.70 8.79 75.85
N ALA G 355 -13.83 9.63 76.39
CA ALA G 355 -12.47 9.22 76.71
C ALA G 355 -12.37 8.87 78.18
N TYR G 356 -11.84 7.69 78.47
CA TYR G 356 -11.51 7.30 79.84
C TYR G 356 -10.06 7.69 80.12
N GLU G 357 -9.85 8.50 81.16
CA GLU G 357 -8.54 9.05 81.48
C GLU G 357 -7.90 8.27 82.63
N ILE G 358 -6.68 7.81 82.42
CA ILE G 358 -5.89 7.13 83.44
C ILE G 358 -4.90 8.14 84.01
N LYS G 359 -5.07 8.47 85.28
CA LYS G 359 -4.09 9.26 86.00
C LYS G 359 -3.20 8.42 86.90
N ASP G 360 -3.72 7.28 87.38
CA ASP G 360 -3.02 6.37 88.28
C ASP G 360 -1.81 5.78 87.57
N PRO G 361 -0.59 6.07 88.00
CA PRO G 361 0.59 5.46 87.36
C PRO G 361 0.63 3.95 87.51
N ALA G 362 -0.07 3.39 88.49
CA ALA G 362 -0.19 1.94 88.60
C ALA G 362 -1.06 1.38 87.49
N VAL G 363 -2.31 1.85 87.41
CA VAL G 363 -3.23 1.39 86.36
C VAL G 363 -2.66 1.68 84.99
N LEU G 364 -1.85 2.73 84.86
CA LEU G 364 -1.25 3.04 83.56
C LEU G 364 -0.31 1.94 83.11
N GLN G 365 0.47 1.35 84.03
CA GLN G 365 1.36 0.30 83.57
C GLN G 365 0.73 -1.09 83.61
N GLN G 366 -0.35 -1.29 84.37
CA GLN G 366 -1.18 -2.46 84.14
C GLN G 366 -1.67 -2.49 82.69
N LEU G 367 -2.02 -1.32 82.14
CA LEU G 367 -2.38 -1.23 80.74
C LEU G 367 -1.15 -1.30 79.84
N GLN G 368 -0.03 -0.75 80.32
CA GLN G 368 1.20 -0.76 79.52
C GLN G 368 1.70 -2.18 79.34
N ASP G 369 1.59 -3.01 80.38
CA ASP G 369 2.04 -4.39 80.28
C ASP G 369 1.08 -5.24 79.47
N LEU G 370 -0.23 -4.92 79.54
CA LEU G 370 -1.22 -5.70 78.81
C LEU G 370 -1.09 -5.53 77.29
N VAL G 371 -0.68 -4.35 76.83
CA VAL G 371 -0.75 -4.03 75.41
C VAL G 371 0.61 -3.95 74.74
N LEU G 372 1.70 -3.93 75.49
CA LEU G 372 3.03 -3.91 74.92
C LEU G 372 3.67 -5.28 75.08
N THR G 373 4.41 -5.70 74.05
CA THR G 373 5.16 -6.95 74.08
C THR G 373 6.37 -6.77 75.01
N ALA G 374 7.24 -7.76 75.03
CA ALA G 374 8.49 -7.63 75.80
C ALA G 374 9.46 -6.69 75.08
N LYS G 375 9.36 -6.60 73.76
CA LYS G 375 10.19 -5.68 72.99
C LYS G 375 9.91 -4.23 73.39
N GLY G 376 8.65 -3.82 73.29
CA GLY G 376 8.26 -2.43 73.43
C GLY G 376 7.27 -2.07 72.34
N GLY G 377 7.03 -3.02 71.44
CA GLY G 377 6.09 -2.84 70.35
C GLY G 377 4.71 -3.33 70.72
N PRO G 378 3.77 -3.22 69.78
CA PRO G 378 2.38 -3.56 70.09
C PRO G 378 2.16 -5.06 70.18
N GLN G 379 1.26 -5.42 71.07
CA GLN G 379 0.89 -6.80 71.27
C GLN G 379 -0.33 -7.09 70.40
N THR G 380 -0.17 -8.01 69.45
CA THR G 380 -1.15 -8.15 68.39
C THR G 380 -2.50 -8.66 68.90
N LYS G 381 -2.52 -9.38 70.02
CA LYS G 381 -3.80 -9.82 70.56
C LYS G 381 -4.63 -8.64 71.08
N CYS G 382 -4.03 -7.46 71.22
CA CYS G 382 -4.74 -6.25 71.61
C CYS G 382 -5.01 -5.31 70.44
N VAL G 383 -4.33 -5.49 69.30
CA VAL G 383 -4.52 -4.62 68.15
C VAL G 383 -5.97 -4.67 67.68
N GLY G 384 -6.56 -3.49 67.48
CA GLY G 384 -7.90 -3.38 66.95
C GLY G 384 -9.01 -3.66 67.92
N LYS G 385 -8.70 -3.85 69.20
CA LYS G 385 -9.72 -4.13 70.20
C LYS G 385 -10.27 -2.83 70.76
N SER G 386 -11.56 -2.82 71.05
CA SER G 386 -12.21 -1.63 71.58
C SER G 386 -11.60 -1.23 72.93
N ALA G 387 -11.97 -0.02 73.38
CA ALA G 387 -11.47 0.45 74.66
C ALA G 387 -12.17 -0.23 75.82
N VAL G 388 -13.48 -0.51 75.65
CA VAL G 388 -14.22 -1.27 76.67
C VAL G 388 -13.54 -2.59 76.93
N TRP G 389 -13.04 -3.23 75.87
CA TRP G 389 -12.41 -4.54 76.00
C TRP G 389 -11.05 -4.44 76.66
N LEU G 390 -10.25 -3.44 76.27
CA LEU G 390 -8.90 -3.32 76.83
C LEU G 390 -8.94 -2.95 78.30
N LEU G 391 -9.92 -2.14 78.71
CA LEU G 391 -10.06 -1.82 80.12
C LEU G 391 -10.56 -3.03 80.91
N SER G 392 -11.37 -3.89 80.27
CA SER G 392 -11.88 -5.07 80.96
C SER G 392 -10.82 -6.12 81.21
N GLN G 393 -9.62 -5.97 80.64
CA GLN G 393 -8.52 -6.88 80.93
C GLN G 393 -7.69 -6.43 82.12
N ILE G 394 -7.67 -5.13 82.43
CA ILE G 394 -6.97 -4.62 83.60
C ILE G 394 -8.00 -4.36 84.70
N GLY G 395 -9.08 -5.13 84.68
CA GLY G 395 -10.10 -5.10 85.72
C GLY G 395 -10.80 -3.77 85.87
N ILE G 396 -11.34 -3.23 84.77
CA ILE G 396 -12.07 -1.98 84.80
C ILE G 396 -13.29 -2.14 83.90
N SER G 397 -14.47 -1.94 84.45
CA SER G 397 -15.72 -2.16 83.73
C SER G 397 -16.34 -0.81 83.38
N VAL G 398 -16.31 -0.45 82.09
CA VAL G 398 -16.98 0.74 81.60
C VAL G 398 -18.04 0.30 80.61
N ASP G 399 -18.95 1.21 80.30
CA ASP G 399 -20.05 0.93 79.38
C ASP G 399 -19.64 1.30 77.96
N ALA G 400 -20.60 1.29 77.03
CA ALA G 400 -20.30 1.47 75.61
C ALA G 400 -20.05 2.92 75.21
N SER G 401 -20.19 3.87 76.13
CA SER G 401 -19.90 5.26 75.81
C SER G 401 -18.42 5.59 75.85
N ILE G 402 -17.59 4.72 76.44
CA ILE G 402 -16.15 4.93 76.46
C ILE G 402 -15.55 4.44 75.14
N LYS G 403 -14.91 5.34 74.42
CA LYS G 403 -14.41 5.09 73.07
C LYS G 403 -12.89 4.99 72.99
N ILE G 404 -12.15 5.78 73.76
CA ILE G 404 -10.70 5.72 73.75
C ILE G 404 -10.21 5.67 75.19
N ILE G 405 -8.92 5.36 75.32
CA ILE G 405 -8.24 5.41 76.61
C ILE G 405 -7.21 6.52 76.55
N LEU G 406 -7.31 7.47 77.46
CA LEU G 406 -6.52 8.69 77.43
C LEU G 406 -5.55 8.74 78.60
N MET G 407 -4.31 9.13 78.34
CA MET G 407 -3.35 9.34 79.40
C MET G 407 -2.38 10.44 79.01
N GLU G 408 -2.02 11.28 79.97
CA GLU G 408 -1.01 12.30 79.76
C GLU G 408 0.34 11.74 80.18
N VAL G 409 1.30 11.73 79.26
CA VAL G 409 2.59 11.06 79.44
C VAL G 409 3.68 11.95 78.88
N PRO G 410 4.94 11.67 79.22
CA PRO G 410 6.05 12.35 78.55
C PRO G 410 6.24 11.82 77.13
N ARG G 411 7.02 12.56 76.35
CA ARG G 411 7.13 12.27 74.91
C ARG G 411 7.87 10.98 74.62
N GLU G 412 8.71 10.49 75.55
CA GLU G 412 9.42 9.24 75.33
C GLU G 412 8.58 8.01 75.66
N HIS G 413 7.39 8.19 76.22
CA HIS G 413 6.58 7.06 76.62
C HIS G 413 6.33 6.13 75.43
N PRO G 414 6.29 4.81 75.65
CA PRO G 414 6.08 3.89 74.52
C PRO G 414 4.80 4.12 73.74
N PHE G 415 3.70 4.49 74.39
CA PHE G 415 2.47 4.75 73.63
C PHE G 415 2.70 5.85 72.60
N VAL G 416 3.46 6.87 72.96
CA VAL G 416 3.76 7.94 72.02
C VAL G 416 4.65 7.41 70.90
N GLN G 417 5.77 6.79 71.27
CA GLN G 417 6.78 6.40 70.28
C GLN G 417 6.30 5.27 69.37
N GLU G 418 5.47 4.37 69.88
CA GLU G 418 5.06 3.19 69.10
C GLU G 418 3.70 3.42 68.46
N GLU G 419 3.57 2.99 67.21
CA GLU G 419 2.30 2.98 66.50
C GLU G 419 1.51 1.77 66.96
N LEU G 420 0.56 1.98 67.88
CA LEU G 420 -0.11 0.88 68.54
C LEU G 420 -1.26 0.29 67.72
N MET G 421 -1.94 1.11 66.92
CA MET G 421 -3.17 0.69 66.23
C MET G 421 -4.20 0.18 67.23
N MET G 422 -4.39 0.94 68.31
CA MET G 422 -5.32 0.62 69.37
C MET G 422 -5.93 1.92 69.87
N PRO G 423 -7.22 1.93 70.26
CA PRO G 423 -7.85 3.16 70.76
C PRO G 423 -7.27 3.60 72.09
N ILE G 424 -5.95 3.75 72.14
CA ILE G 424 -5.22 4.23 73.30
C ILE G 424 -4.48 5.49 72.87
N LEU G 425 -4.80 6.61 73.49
CA LEU G 425 -4.34 7.90 72.98
C LEU G 425 -3.51 8.63 74.03
N PRO G 426 -2.20 8.61 73.93
CA PRO G 426 -1.38 9.44 74.83
C PRO G 426 -1.47 10.91 74.44
N LEU G 427 -1.42 11.77 75.44
CA LEU G 427 -1.32 13.20 75.25
C LEU G 427 0.02 13.65 75.80
N VAL G 428 0.74 14.44 75.01
CA VAL G 428 1.96 15.10 75.44
C VAL G 428 1.69 16.60 75.48
N ARG G 429 2.09 17.23 76.57
CA ARG G 429 1.82 18.64 76.80
C ARG G 429 3.11 19.41 76.52
N VAL G 430 3.01 20.47 75.72
CA VAL G 430 4.15 21.29 75.34
C VAL G 430 3.73 22.76 75.45
N GLU G 431 4.73 23.64 75.44
CA GLU G 431 4.51 25.05 75.77
C GLU G 431 3.84 25.81 74.63
N THR G 432 4.47 25.87 73.47
CA THR G 432 3.96 26.66 72.37
C THR G 432 3.53 25.79 71.20
N VAL G 433 2.81 26.42 70.28
CA VAL G 433 2.40 25.74 69.06
C VAL G 433 3.63 25.38 68.21
N ASP G 434 4.70 26.18 68.27
CA ASP G 434 5.88 25.82 67.51
C ASP G 434 6.60 24.62 68.13
N ASP G 435 6.52 24.45 69.45
CA ASP G 435 7.01 23.23 70.06
C ASP G 435 6.14 22.03 69.69
N ALA G 436 4.83 22.25 69.59
CA ALA G 436 3.92 21.18 69.19
C ALA G 436 4.21 20.72 67.77
N ILE G 437 4.42 21.66 66.86
CA ILE G 437 4.81 21.36 65.49
C ILE G 437 6.15 20.62 65.45
N ASP G 438 7.15 21.11 66.21
CA ASP G 438 8.45 20.44 66.24
C ASP G 438 8.34 19.00 66.73
N LEU G 439 7.53 18.77 67.76
CA LEU G 439 7.40 17.43 68.31
C LEU G 439 6.62 16.53 67.38
N ALA G 440 5.65 17.07 66.65
CA ALA G 440 4.84 16.22 65.77
C ALA G 440 5.67 15.71 64.61
N ILE G 441 6.50 16.60 64.05
CA ILE G 441 7.49 16.20 63.08
C ILE G 441 8.37 15.08 63.64
N GLU G 442 8.96 15.32 64.82
CA GLU G 442 9.81 14.33 65.47
C GLU G 442 9.08 12.99 65.62
N VAL G 443 7.95 12.98 66.32
CA VAL G 443 7.32 11.68 66.60
C VAL G 443 6.68 11.08 65.37
N GLU G 444 6.50 11.86 64.30
CA GLU G 444 6.02 11.25 63.07
C GLU G 444 7.05 10.32 62.42
N HIS G 445 8.31 10.37 62.88
CA HIS G 445 9.34 9.39 62.54
C HIS G 445 9.76 9.42 61.08
N ASP G 446 9.58 10.53 60.38
CA ASP G 446 9.89 10.64 58.94
C ASP G 446 9.06 9.66 58.10
N ASN G 447 7.96 9.11 58.65
CA ASN G 447 7.07 8.30 57.80
C ASN G 447 6.42 9.16 56.73
N ARG G 448 6.28 10.46 57.00
CA ARG G 448 5.62 11.42 56.11
C ARG G 448 4.27 10.90 55.63
N HIS G 449 3.56 10.22 56.53
CA HIS G 449 2.31 9.57 56.18
C HIS G 449 1.09 10.44 56.49
N THR G 450 0.75 10.64 57.76
CA THR G 450 -0.46 11.37 58.15
C THR G 450 -0.21 12.21 59.40
N ALA G 451 -0.72 13.45 59.39
CA ALA G 451 -0.76 14.29 60.58
C ALA G 451 -2.05 15.10 60.57
N ILE G 452 -2.47 15.51 61.77
CA ILE G 452 -3.71 16.27 61.97
C ILE G 452 -3.37 17.48 62.85
N MET G 453 -4.12 18.57 62.64
CA MET G 453 -3.92 19.78 63.43
C MET G 453 -5.26 20.47 63.63
N HIS G 454 -5.53 20.86 64.88
CA HIS G 454 -6.68 21.67 65.24
C HIS G 454 -6.18 23.05 65.64
N SER G 455 -6.67 24.07 64.94
CA SER G 455 -6.10 25.41 64.97
C SER G 455 -6.90 26.24 63.99
N THR G 456 -7.21 27.48 64.33
CA THR G 456 -7.84 28.39 63.38
C THR G 456 -6.83 29.35 62.77
N ASP G 457 -5.59 29.28 63.20
CA ASP G 457 -4.55 30.22 62.78
C ASP G 457 -4.00 29.77 61.43
N VAL G 458 -4.33 30.50 60.37
CA VAL G 458 -3.95 30.09 59.03
C VAL G 458 -2.43 30.03 58.87
N ARG G 459 -1.69 30.81 59.67
CA ARG G 459 -0.23 30.79 59.59
C ARG G 459 0.33 29.50 60.19
N LYS G 460 -0.23 29.04 61.31
CA LYS G 460 0.24 27.84 61.96
C LYS G 460 -0.29 26.58 61.30
N LEU G 461 -1.53 26.61 60.78
CA LEU G 461 -1.98 25.54 59.89
C LEU G 461 -1.00 25.36 58.74
N THR G 462 -0.64 26.45 58.07
CA THR G 462 0.31 26.40 56.96
C THR G 462 1.66 25.88 57.41
N LYS G 463 2.17 26.40 58.54
CA LYS G 463 3.52 26.06 58.95
C LYS G 463 3.66 24.57 59.21
N MET G 464 2.76 24.01 60.03
CA MET G 464 2.81 22.58 60.30
C MET G 464 2.65 21.78 59.02
N ALA G 465 1.69 22.16 58.18
CA ALA G 465 1.42 21.42 56.96
C ALA G 465 2.62 21.43 56.04
N LYS G 466 3.23 22.60 55.86
CA LYS G 466 4.37 22.71 54.96
C LYS G 466 5.59 21.97 55.49
N LEU G 467 5.78 21.96 56.81
CA LEU G 467 7.03 21.41 57.34
C LEU G 467 6.97 19.90 57.45
N ILE G 468 5.80 19.32 57.76
CA ILE G 468 5.75 17.91 58.10
C ILE G 468 5.64 17.04 56.86
N GLN G 469 5.26 17.61 55.72
CA GLN G 469 5.37 16.94 54.42
C GLN G 469 4.69 15.55 54.42
N THR G 470 3.55 15.44 55.09
CA THR G 470 2.85 14.17 55.11
C THR G 470 2.03 13.97 53.83
N THR G 471 1.71 12.71 53.55
CA THR G 471 0.85 12.40 52.41
C THR G 471 -0.57 12.87 52.65
N ILE G 472 -1.02 12.79 53.89
CA ILE G 472 -2.35 13.24 54.28
C ILE G 472 -2.18 14.23 55.42
N PHE G 473 -2.80 15.40 55.30
CA PHE G 473 -2.81 16.38 56.37
C PHE G 473 -4.24 16.87 56.53
N VAL G 474 -4.75 16.80 57.76
CA VAL G 474 -6.15 17.10 58.05
C VAL G 474 -6.20 18.24 59.05
N LYS G 475 -6.99 19.26 58.74
CA LYS G 475 -7.07 20.48 59.53
C LYS G 475 -8.50 20.60 60.07
N ASN G 476 -8.63 20.63 61.40
CA ASN G 476 -9.91 20.88 62.10
C ASN G 476 -10.96 19.85 61.71
N GLY G 477 -10.60 18.57 61.83
CA GLY G 477 -11.52 17.49 61.56
C GLY G 477 -10.96 16.18 62.05
N PRO G 478 -11.78 15.13 62.03
CA PRO G 478 -11.27 13.79 62.33
C PRO G 478 -10.35 13.31 61.23
N SER G 479 -9.51 12.32 61.57
CA SER G 479 -8.52 11.83 60.62
C SER G 479 -9.17 11.24 59.36
N TYR G 480 -10.31 10.56 59.51
CA TYR G 480 -10.95 9.96 58.35
C TYR G 480 -11.52 10.99 57.37
N ALA G 481 -11.47 12.28 57.71
CA ALA G 481 -11.85 13.28 56.70
C ALA G 481 -10.83 13.34 55.58
N GLY G 482 -9.62 12.81 55.79
CA GLY G 482 -8.60 12.65 54.77
C GLY G 482 -8.79 11.46 53.84
N LEU G 483 -9.86 10.69 54.03
CA LEU G 483 -10.20 9.58 53.16
C LEU G 483 -11.54 9.81 52.47
N GLY G 484 -12.00 11.06 52.42
CA GLY G 484 -13.27 11.38 51.80
C GLY G 484 -14.50 11.24 52.67
N ALA G 485 -14.33 10.93 53.96
CA ALA G 485 -15.43 10.80 54.91
C ALA G 485 -15.45 12.05 55.80
N GLY G 486 -16.11 13.09 55.32
CA GLY G 486 -16.16 14.36 56.01
C GLY G 486 -15.12 15.36 55.55
N GLY G 487 -14.40 15.07 54.47
CA GLY G 487 -13.57 16.06 53.82
C GLY G 487 -13.67 15.87 52.32
N GLU G 488 -13.31 16.92 51.58
CA GLU G 488 -13.42 16.87 50.13
C GLU G 488 -12.37 15.92 49.55
N GLY G 489 -12.74 15.23 48.45
CA GLY G 489 -11.88 14.27 47.78
C GLY G 489 -12.52 12.91 47.68
N TYR G 490 -11.77 11.96 47.15
CA TYR G 490 -12.21 10.59 46.96
C TYR G 490 -11.56 9.69 48.01
N SER G 491 -12.05 8.47 48.10
CA SER G 491 -11.53 7.54 49.10
C SER G 491 -10.56 6.53 48.47
N THR G 492 -9.68 6.00 49.31
CA THR G 492 -8.88 4.83 48.99
C THR G 492 -8.46 4.19 50.29
N PHE G 493 -8.02 2.94 50.20
CA PHE G 493 -7.48 2.21 51.34
C PHE G 493 -6.08 1.69 51.04
N THR G 494 -5.39 2.36 50.12
CA THR G 494 -4.00 2.04 49.79
C THR G 494 -3.32 3.39 49.61
N ILE G 495 -2.68 3.86 50.69
CA ILE G 495 -2.08 5.18 50.76
C ILE G 495 -0.58 4.98 50.61
N ALA G 496 0.00 5.49 49.53
CA ALA G 496 1.40 5.22 49.25
C ALA G 496 2.25 6.27 49.94
N GLY G 497 3.11 5.80 50.84
CA GLY G 497 4.11 6.66 51.42
C GLY G 497 5.39 6.59 50.61
N PRO G 498 6.06 5.44 50.68
CA PRO G 498 7.37 5.29 50.02
C PRO G 498 7.38 5.66 48.54
N THR G 499 6.40 5.20 47.77
CA THR G 499 6.47 5.34 46.33
C THR G 499 5.79 6.59 45.80
N GLY G 500 5.13 7.36 46.66
CA GLY G 500 4.71 8.71 46.31
C GLY G 500 3.44 8.85 45.51
N GLU G 501 2.62 7.80 45.38
CA GLU G 501 1.39 7.93 44.61
C GLU G 501 0.29 8.66 45.35
N GLY G 502 0.46 8.91 46.65
CA GLY G 502 -0.61 9.51 47.42
C GLY G 502 -1.73 8.51 47.62
N LEU G 503 -2.96 9.01 47.53
CA LEU G 503 -4.18 8.21 47.62
C LEU G 503 -4.41 7.52 46.28
N THR G 504 -4.02 6.26 46.18
CA THR G 504 -4.06 5.56 44.90
C THR G 504 -5.48 5.46 44.38
N SER G 505 -5.62 5.50 43.06
CA SER G 505 -6.89 5.32 42.38
C SER G 505 -6.60 4.72 41.01
N ALA G 506 -7.64 4.63 40.17
CA ALA G 506 -7.49 4.00 38.86
C ALA G 506 -6.28 4.56 38.10
N LYS G 507 -6.07 5.88 38.16
CA LYS G 507 -4.89 6.50 37.56
C LYS G 507 -3.60 5.82 38.00
N SER G 508 -3.48 5.48 39.28
CA SER G 508 -2.22 4.95 39.79
C SER G 508 -1.89 3.59 39.20
N PHE G 509 -2.87 2.89 38.64
CA PHE G 509 -2.66 1.56 38.08
C PHE G 509 -2.71 1.58 36.55
N ALA G 510 -2.33 2.70 35.95
CA ALA G 510 -2.34 2.85 34.51
C ALA G 510 -0.98 3.35 34.06
N ARG G 511 -0.61 3.01 32.81
CA ARG G 511 0.57 3.55 32.14
C ARG G 511 0.18 4.77 31.32
N ARG G 512 1.03 5.80 31.35
CA ARG G 512 0.81 6.98 30.52
C ARG G 512 1.31 6.72 29.10
N ARG G 513 0.45 6.97 28.12
CA ARG G 513 0.82 6.86 26.72
C ARG G 513 0.62 8.20 26.01
N LYS G 514 1.62 8.60 25.23
CA LYS G 514 1.61 9.83 24.46
C LYS G 514 1.40 9.50 22.98
N CYS G 515 0.43 10.15 22.35
CA CYS G 515 0.06 9.89 20.97
C CYS G 515 0.17 11.20 20.19
N VAL G 516 1.02 11.20 19.16
CA VAL G 516 1.45 12.45 18.52
C VAL G 516 0.95 12.47 17.08
N MET G 517 -0.05 13.30 16.81
CA MET G 517 -0.55 13.51 15.45
C MET G 517 0.21 14.69 14.86
N VAL G 518 1.25 14.40 14.09
CA VAL G 518 2.12 15.47 13.57
C VAL G 518 1.35 16.29 12.54
N GLU G 519 1.22 17.59 12.81
CA GLU G 519 0.75 18.57 11.82
C GLU G 519 -0.61 18.21 11.26
N ALA G 520 -1.48 17.67 12.12
CA ALA G 520 -2.90 17.56 11.80
C ALA G 520 -3.68 17.65 13.10
N LEU G 521 -5.00 17.83 12.98
CA LEU G 521 -5.91 17.88 14.13
C LEU G 521 -5.53 18.99 15.10
N ASN G 522 -4.95 20.06 14.58
CA ASN G 522 -4.81 21.30 15.34
C ASN G 522 -5.85 22.26 14.76
N ILE G 523 -7.04 22.25 15.36
CA ILE G 523 -8.23 22.87 14.77
C ILE G 523 -8.54 24.21 15.41
N ARG G 524 -7.65 24.74 16.24
CA ARG G 524 -7.86 26.05 16.81
C ARG G 524 -7.86 27.08 15.68
N ALA H 84 3.88 53.46 -0.53
CA ALA H 84 3.98 52.15 0.09
C ALA H 84 4.45 52.27 1.53
N ALA H 85 3.67 53.00 2.34
CA ALA H 85 4.04 53.33 3.71
C ALA H 85 3.31 52.40 4.67
N VAL H 86 4.07 51.63 5.45
CA VAL H 86 3.47 50.76 6.45
C VAL H 86 2.66 51.58 7.44
N SER H 87 1.49 51.05 7.83
CA SER H 87 0.57 51.79 8.67
C SER H 87 1.11 51.91 10.09
N ASP H 88 0.85 53.05 10.71
CA ASP H 88 1.17 53.25 12.11
C ASP H 88 0.00 52.89 13.02
N GLY H 89 -1.09 52.40 12.46
CA GLY H 89 -2.23 51.96 13.23
C GLY H 89 -3.22 53.06 13.58
N VAL H 90 -2.83 54.32 13.50
CA VAL H 90 -3.74 55.42 13.79
C VAL H 90 -4.44 55.82 12.49
N PHE H 91 -5.76 55.89 12.55
CA PHE H 91 -6.62 56.27 11.44
C PHE H 91 -7.41 57.51 11.82
N GLU H 92 -7.92 58.21 10.81
CA GLU H 92 -8.63 59.46 11.07
C GLU H 92 -10.14 59.30 11.19
N THR H 93 -10.68 58.18 10.72
CA THR H 93 -12.06 57.83 11.01
C THR H 93 -12.11 56.49 11.71
N MET H 94 -13.05 56.36 12.66
CA MET H 94 -13.27 55.08 13.29
C MET H 94 -13.62 54.03 12.25
N ASP H 95 -14.39 54.42 11.24
CA ASP H 95 -14.84 53.49 10.23
C ASP H 95 -13.69 52.85 9.45
N ALA H 96 -12.58 53.59 9.25
CA ALA H 96 -11.44 53.01 8.54
C ALA H 96 -10.58 52.16 9.44
N ALA H 97 -10.53 52.48 10.73
CA ALA H 97 -9.79 51.63 11.67
C ALA H 97 -10.40 50.24 11.75
N VAL H 98 -11.74 50.16 11.73
CA VAL H 98 -12.41 48.86 11.81
C VAL H 98 -12.15 48.06 10.54
N GLU H 99 -12.34 48.69 9.37
CA GLU H 99 -12.12 47.98 8.11
C GLU H 99 -10.68 47.49 7.98
N ALA H 100 -9.71 48.31 8.41
CA ALA H 100 -8.32 47.85 8.39
C ALA H 100 -8.12 46.70 9.36
N ALA H 101 -8.72 46.80 10.57
CA ALA H 101 -8.54 45.72 11.55
C ALA H 101 -9.28 44.46 11.12
N ALA H 102 -10.39 44.62 10.41
CA ALA H 102 -11.06 43.47 9.81
C ALA H 102 -10.15 42.75 8.84
N LEU H 103 -9.58 43.48 7.87
CA LEU H 103 -8.67 42.86 6.92
C LEU H 103 -7.47 42.26 7.64
N ALA H 104 -6.99 42.95 8.67
CA ALA H 104 -5.82 42.46 9.39
C ALA H 104 -6.11 41.10 10.04
N GLN H 105 -7.23 41.00 10.75
CA GLN H 105 -7.52 39.76 11.46
C GLN H 105 -7.76 38.61 10.48
N GLN H 106 -8.21 38.93 9.26
CA GLN H 106 -8.36 37.90 8.22
C GLN H 106 -7.02 37.30 7.81
N GLN H 107 -6.01 38.15 7.54
CA GLN H 107 -4.70 37.57 7.24
C GLN H 107 -4.04 37.03 8.49
N TYR H 108 -4.43 37.55 9.66
CA TYR H 108 -3.90 37.01 10.92
C TYR H 108 -4.29 35.55 11.09
N LEU H 109 -5.49 35.17 10.64
CA LEU H 109 -5.94 33.78 10.70
C LEU H 109 -4.99 32.81 10.02
N LEU H 110 -4.14 33.30 9.10
CA LEU H 110 -3.19 32.47 8.38
C LEU H 110 -1.82 32.40 9.05
N CYS H 111 -1.58 33.20 10.09
CA CYS H 111 -0.32 33.09 10.81
C CYS H 111 -0.37 31.92 11.79
N SER H 112 0.82 31.44 12.14
CA SER H 112 0.94 30.30 13.02
C SER H 112 0.83 30.74 14.48
N MET H 113 0.67 29.76 15.36
CA MET H 113 0.71 30.06 16.79
C MET H 113 2.08 30.62 17.16
N SER H 114 3.13 30.09 16.52
CA SER H 114 4.47 30.65 16.69
C SER H 114 4.47 32.15 16.34
N ASP H 115 3.85 32.53 15.23
CA ASP H 115 3.70 33.94 14.90
C ASP H 115 3.03 34.70 16.04
N ARG H 116 1.88 34.21 16.52
CA ARG H 116 1.20 34.83 17.64
C ARG H 116 2.13 35.00 18.83
N ALA H 117 2.92 33.96 19.14
CA ALA H 117 3.84 34.04 20.28
C ALA H 117 4.91 35.10 20.05
N ARG H 118 5.40 35.24 18.81
CA ARG H 118 6.37 36.30 18.55
C ARG H 118 5.74 37.68 18.67
N PHE H 119 4.50 37.83 18.20
CA PHE H 119 3.87 39.15 18.29
C PHE H 119 3.57 39.50 19.75
N VAL H 120 3.25 38.50 20.56
CA VAL H 120 2.96 38.76 21.96
C VAL H 120 4.24 39.19 22.68
N GLN H 121 5.34 38.49 22.43
CA GLN H 121 6.62 38.90 23.01
C GLN H 121 7.00 40.30 22.54
N GLY H 122 6.61 40.68 21.32
CA GLY H 122 6.90 42.03 20.86
C GLY H 122 6.23 43.08 21.71
N ILE H 123 4.95 42.89 22.04
CA ILE H 123 4.24 43.85 22.87
C ILE H 123 4.83 43.89 24.27
N ARG H 124 5.22 42.73 24.80
CA ARG H 124 5.95 42.73 26.06
C ARG H 124 7.25 43.54 25.93
N ASP H 125 7.99 43.34 24.84
CA ASP H 125 9.25 44.03 24.67
C ASP H 125 9.05 45.54 24.55
N VAL H 126 7.94 45.98 23.94
CA VAL H 126 7.69 47.42 23.84
C VAL H 126 7.54 48.03 25.23
N ILE H 127 6.60 47.53 26.02
CA ILE H 127 6.30 48.16 27.31
C ILE H 127 7.38 47.89 28.35
N LEU H 128 8.17 46.82 28.19
CA LEU H 128 9.24 46.51 29.14
C LEU H 128 10.58 47.10 28.75
N ASN H 129 10.67 47.71 27.57
CA ASN H 129 11.84 48.54 27.24
C ASN H 129 11.91 49.71 28.21
N GLN H 130 13.06 49.86 28.88
CA GLN H 130 13.13 50.74 30.05
C GLN H 130 12.79 52.18 29.69
N ASP H 131 13.26 52.66 28.53
CA ASP H 131 12.95 54.04 28.13
C ASP H 131 11.47 54.20 27.83
N THR H 132 10.91 53.29 27.04
CA THR H 132 9.48 53.33 26.77
C THR H 132 8.68 53.19 28.06
N LEU H 133 9.13 52.31 28.95
CA LEU H 133 8.47 52.16 30.25
C LEU H 133 8.44 53.49 31.00
N GLU H 134 9.61 54.09 31.22
CA GLU H 134 9.68 55.37 31.92
C GLU H 134 8.87 56.43 31.17
N LYS H 135 9.03 56.48 29.85
CA LYS H 135 8.33 57.47 29.04
C LYS H 135 6.82 57.28 29.15
N MET H 136 6.35 56.04 29.02
CA MET H 136 4.92 55.77 29.01
C MET H 136 4.29 56.08 30.37
N SER H 137 5.00 55.77 31.45
CA SER H 137 4.49 56.07 32.79
C SER H 137 4.41 57.57 33.02
N ARG H 138 5.51 58.28 32.74
CA ARG H 138 5.58 59.70 33.04
C ARG H 138 4.57 60.49 32.20
N MET H 139 4.42 60.14 30.92
CA MET H 139 3.52 60.88 30.05
C MET H 139 2.07 60.73 30.49
N ALA H 140 1.71 59.59 31.09
CA ALA H 140 0.34 59.39 31.55
C ALA H 140 0.02 60.25 32.76
N VAL H 141 0.97 60.40 33.69
CA VAL H 141 0.79 61.34 34.79
C VAL H 141 0.65 62.76 34.24
N GLU H 142 1.61 63.17 33.41
CA GLU H 142 1.63 64.53 32.86
C GLU H 142 0.31 64.87 32.16
N GLU H 143 -0.21 63.93 31.39
CA GLU H 143 -1.37 64.18 30.56
C GLU H 143 -2.70 64.10 31.32
N THR H 144 -2.84 63.12 32.22
CA THR H 144 -4.08 62.97 32.95
C THR H 144 -4.07 63.73 34.28
N GLY H 145 -2.89 64.07 34.80
CA GLY H 145 -2.80 64.73 36.07
C GLY H 145 -3.22 63.84 37.22
N MET H 146 -3.34 62.54 36.97
CA MET H 146 -3.73 61.57 37.96
C MET H 146 -2.66 60.49 38.10
N GLY H 147 -2.54 59.96 39.30
CA GLY H 147 -1.55 58.94 39.58
C GLY H 147 -0.17 59.52 39.74
N ASN H 148 0.78 58.64 40.05
CA ASN H 148 2.17 59.01 40.20
C ASN H 148 3.05 58.14 39.32
N TYR H 149 4.28 58.61 39.15
CA TYR H 149 5.19 58.01 38.17
C TYR H 149 5.73 56.67 38.67
N GLU H 150 6.24 56.62 39.90
CA GLU H 150 6.91 55.42 40.37
C GLU H 150 5.96 54.22 40.39
N HIS H 151 4.65 54.44 40.54
CA HIS H 151 3.74 53.31 40.64
C HIS H 151 3.27 52.83 39.28
N LYS H 152 3.20 53.72 38.29
CA LYS H 152 2.81 53.29 36.96
C LYS H 152 3.93 52.53 36.24
N LEU H 153 5.19 52.73 36.63
CA LEU H 153 6.25 51.85 36.14
C LEU H 153 5.97 50.42 36.58
N ILE H 154 5.62 50.23 37.85
CA ILE H 154 5.30 48.91 38.35
C ILE H 154 4.09 48.35 37.63
N LYS H 155 3.05 49.18 37.45
CA LYS H 155 1.81 48.71 36.83
C LYS H 155 2.02 48.38 35.36
N ASN H 156 2.69 49.27 34.62
CA ASN H 156 2.97 48.97 33.22
C ASN H 156 3.82 47.72 33.10
N ARG H 157 4.78 47.54 34.01
CA ARG H 157 5.58 46.32 34.01
C ARG H 157 4.74 45.11 34.36
N LEU H 158 3.86 45.25 35.36
CA LEU H 158 2.96 44.16 35.71
C LEU H 158 2.15 43.69 34.50
N ALA H 159 1.70 44.64 33.67
CA ALA H 159 0.93 44.25 32.48
C ALA H 159 1.81 43.52 31.47
N GLY H 160 3.02 44.02 31.24
CA GLY H 160 3.87 43.40 30.24
C GLY H 160 4.37 42.04 30.66
N GLU H 161 4.55 41.83 31.95
CA GLU H 161 5.20 40.60 32.41
C GLU H 161 4.18 39.54 32.79
N LYS H 162 3.08 39.91 33.42
CA LYS H 162 2.18 38.91 33.98
C LYS H 162 0.85 38.82 33.26
N THR H 163 0.72 39.41 32.07
CA THR H 163 -0.45 39.12 31.25
C THR H 163 -0.26 37.78 30.54
N PRO H 164 -1.24 36.88 30.59
CA PRO H 164 -1.09 35.59 29.91
C PRO H 164 -1.00 35.75 28.40
N GLY H 165 -0.17 34.93 27.78
CA GLY H 165 -0.01 34.83 26.34
C GLY H 165 -0.77 33.65 25.76
N ILE H 166 -0.19 33.06 24.69
CA ILE H 166 -0.90 31.96 24.03
C ILE H 166 -0.97 30.72 24.90
N GLU H 167 -0.16 30.63 25.96
CA GLU H 167 -0.28 29.48 26.85
C GLU H 167 -1.63 29.46 27.56
N ASP H 168 -2.32 30.60 27.60
CA ASP H 168 -3.66 30.66 28.18
C ASP H 168 -4.68 29.83 27.40
N LEU H 169 -4.41 29.58 26.11
CA LEU H 169 -5.39 28.94 25.24
C LEU H 169 -5.22 27.41 25.28
N THR H 170 -5.61 26.86 26.41
CA THR H 170 -5.48 25.43 26.64
C THR H 170 -6.50 24.64 25.81
N THR H 171 -6.35 23.31 25.84
CA THR H 171 -7.21 22.42 25.06
C THR H 171 -7.76 21.32 25.94
N ASP H 172 -9.05 21.05 25.84
CA ASP H 172 -9.68 19.95 26.55
C ASP H 172 -9.91 18.78 25.61
N ALA H 173 -9.71 17.56 26.13
CA ALA H 173 -9.97 16.35 25.39
C ALA H 173 -10.79 15.37 26.22
N PHE H 174 -11.64 14.60 25.55
CA PHE H 174 -12.40 13.51 26.15
C PHE H 174 -12.45 12.38 25.15
N SER H 175 -12.03 11.19 25.56
CA SER H 175 -12.02 10.06 24.64
C SER H 175 -12.65 8.84 25.32
N GLY H 176 -13.31 8.04 24.49
CA GLY H 176 -14.01 6.85 24.92
C GLY H 176 -14.59 6.11 23.74
N ASP H 177 -15.64 5.32 23.99
CA ASP H 177 -16.20 4.47 22.94
C ASP H 177 -16.76 5.28 21.79
N ASN H 178 -17.04 6.57 21.98
CA ASN H 178 -17.60 7.39 20.90
C ASN H 178 -16.54 8.19 20.18
N GLY H 179 -15.27 7.96 20.46
CA GLY H 179 -14.23 8.64 19.74
C GLY H 179 -13.54 9.66 20.61
N LEU H 180 -13.25 10.81 20.03
CA LEU H 180 -12.52 11.86 20.69
C LEU H 180 -13.30 13.15 20.53
N THR H 181 -13.23 14.01 21.55
CA THR H 181 -13.78 15.35 21.47
C THR H 181 -12.74 16.34 21.94
N LEU H 182 -12.44 17.32 21.09
CA LEU H 182 -11.52 18.40 21.42
C LEU H 182 -12.31 19.69 21.62
N VAL H 183 -11.86 20.50 22.57
CA VAL H 183 -12.43 21.82 22.83
C VAL H 183 -11.31 22.85 22.79
N GLU H 184 -11.43 23.85 21.93
CA GLU H 184 -10.40 24.83 21.69
C GLU H 184 -10.95 26.25 21.87
N TYR H 185 -10.03 27.19 22.09
CA TYR H 185 -10.32 28.61 22.16
C TYR H 185 -9.88 29.27 20.86
N SER H 186 -10.84 29.72 20.06
CA SER H 186 -10.63 30.28 18.73
C SER H 186 -10.98 31.76 18.69
N PRO H 187 -10.56 32.49 17.66
CA PRO H 187 -10.76 33.95 17.68
C PRO H 187 -12.20 34.37 17.46
N PHE H 188 -12.54 35.52 18.03
CA PHE H 188 -13.80 36.21 17.73
C PHE H 188 -13.75 36.93 16.39
N GLY H 189 -12.66 37.67 16.16
CA GLY H 189 -12.57 38.54 15.00
C GLY H 189 -11.97 39.89 15.37
N VAL H 190 -12.68 40.97 15.08
CA VAL H 190 -12.24 42.32 15.45
C VAL H 190 -12.89 42.68 16.77
N ILE H 191 -12.09 43.09 17.75
CA ILE H 191 -12.59 43.45 19.07
C ILE H 191 -12.42 44.95 19.26
N GLY H 192 -13.47 45.60 19.76
CA GLY H 192 -13.43 47.01 20.08
C GLY H 192 -13.26 47.18 21.57
N ALA H 193 -12.15 47.79 21.96
CA ALA H 193 -11.77 47.91 23.36
C ALA H 193 -11.82 49.38 23.77
N ILE H 194 -12.61 49.68 24.80
CA ILE H 194 -12.70 51.02 25.35
C ILE H 194 -11.80 51.05 26.58
N THR H 195 -10.79 51.93 26.57
CA THR H 195 -9.78 51.94 27.62
C THR H 195 -9.91 53.17 28.49
N PRO H 196 -9.51 53.10 29.76
CA PRO H 196 -9.78 54.20 30.70
C PRO H 196 -8.65 55.21 30.80
N THR H 197 -8.92 56.28 31.55
CA THR H 197 -7.93 57.31 31.78
C THR H 197 -7.11 57.08 33.04
N THR H 198 -7.60 56.24 33.95
CA THR H 198 -6.84 55.90 35.14
C THR H 198 -5.68 54.96 34.81
N ASN H 199 -5.88 54.03 33.88
CA ASN H 199 -4.86 53.05 33.48
C ASN H 199 -4.76 52.99 31.96
N PRO H 200 -4.48 54.13 31.31
CA PRO H 200 -4.56 54.17 29.84
C PRO H 200 -3.62 53.21 29.13
N THR H 201 -2.38 53.08 29.56
CA THR H 201 -1.45 52.22 28.84
C THR H 201 -1.43 50.79 29.37
N GLU H 202 -1.73 50.58 30.65
CA GLU H 202 -1.74 49.22 31.17
C GLU H 202 -2.88 48.42 30.55
N THR H 203 -4.02 49.07 30.32
CA THR H 203 -5.13 48.40 29.66
C THR H 203 -4.81 48.10 28.20
N ILE H 204 -4.09 49.01 27.54
CA ILE H 204 -3.76 48.79 26.13
C ILE H 204 -2.79 47.62 26.00
N VAL H 205 -1.77 47.58 26.87
CA VAL H 205 -0.84 46.45 26.82
C VAL H 205 -1.56 45.16 27.18
N CYS H 206 -2.37 45.18 28.23
CA CYS H 206 -3.08 44.00 28.69
C CYS H 206 -4.05 43.46 27.63
N ASN H 207 -4.91 44.35 27.08
CA ASN H 207 -5.88 43.92 26.07
C ASN H 207 -5.18 43.38 24.82
N SER H 208 -4.18 44.12 24.32
CA SER H 208 -3.49 43.70 23.10
C SER H 208 -2.92 42.30 23.24
N ILE H 209 -2.12 42.08 24.28
CA ILE H 209 -1.50 40.77 24.48
C ILE H 209 -2.56 39.68 24.48
N GLY H 210 -3.63 39.88 25.25
CA GLY H 210 -4.66 38.86 25.35
C GLY H 210 -5.40 38.67 24.04
N MET H 211 -5.87 39.77 23.45
CA MET H 211 -6.68 39.69 22.24
C MET H 211 -5.90 39.11 21.07
N LEU H 212 -4.65 39.56 20.89
CA LEU H 212 -3.86 39.04 19.78
C LEU H 212 -3.44 37.60 20.02
N ALA H 213 -3.15 37.24 21.28
CA ALA H 213 -2.85 35.83 21.56
C ALA H 213 -4.01 34.95 21.14
N ALA H 214 -5.24 35.37 21.41
CA ALA H 214 -6.43 34.60 21.02
C ALA H 214 -6.69 34.67 19.53
N GLY H 215 -5.88 35.37 18.75
CA GLY H 215 -6.05 35.41 17.31
C GLY H 215 -6.92 36.53 16.77
N ASN H 216 -7.18 37.56 17.56
CA ASN H 216 -8.01 38.66 17.13
C ASN H 216 -7.15 39.85 16.71
N SER H 217 -7.80 40.80 16.06
CA SER H 217 -7.31 42.17 15.98
C SER H 217 -8.16 43.05 16.88
N VAL H 218 -7.59 44.18 17.30
CA VAL H 218 -8.23 45.04 18.28
C VAL H 218 -8.27 46.47 17.74
N VAL H 219 -9.44 47.10 17.83
CA VAL H 219 -9.62 48.53 17.60
C VAL H 219 -9.71 49.21 18.96
N PHE H 220 -8.84 50.18 19.20
CA PHE H 220 -8.81 50.89 20.48
C PHE H 220 -9.50 52.25 20.35
N SER H 221 -10.55 52.44 21.15
CA SER H 221 -11.14 53.76 21.32
C SER H 221 -10.67 54.34 22.65
N PRO H 222 -9.57 55.09 22.67
CA PRO H 222 -8.99 55.53 23.94
C PRO H 222 -9.81 56.64 24.58
N HIS H 223 -9.44 56.95 25.81
CA HIS H 223 -10.04 58.07 26.51
C HIS H 223 -9.48 59.39 25.97
N PRO H 224 -10.33 60.39 25.75
CA PRO H 224 -9.80 61.69 25.25
C PRO H 224 -8.75 62.29 26.16
N ARG H 225 -8.90 62.15 27.48
CA ARG H 225 -7.95 62.68 28.45
C ARG H 225 -6.61 61.95 28.45
N ALA H 226 -6.45 60.88 27.67
CA ALA H 226 -5.19 60.15 27.58
C ALA H 226 -4.84 59.87 26.12
N ARG H 227 -5.35 60.71 25.23
CA ARG H 227 -5.18 60.52 23.79
C ARG H 227 -3.72 60.47 23.39
N GLN H 228 -2.91 61.42 23.88
CA GLN H 228 -1.54 61.51 23.42
C GLN H 228 -0.76 60.24 23.74
N VAL H 229 -0.85 59.77 24.98
CA VAL H 229 -0.02 58.64 25.39
C VAL H 229 -0.56 57.34 24.80
N SER H 230 -1.89 57.23 24.65
CA SER H 230 -2.49 56.03 24.08
C SER H 230 -2.05 55.83 22.63
N LEU H 231 -2.09 56.90 21.84
CA LEU H 231 -1.73 56.79 20.43
C LEU H 231 -0.25 56.44 20.25
N LEU H 232 0.62 57.03 21.08
CA LEU H 232 2.04 56.70 20.96
C LEU H 232 2.29 55.22 21.20
N LEU H 233 1.62 54.64 22.21
CA LEU H 233 1.76 53.21 22.45
C LEU H 233 1.31 52.39 21.24
N VAL H 234 0.16 52.75 20.66
CA VAL H 234 -0.31 52.02 19.47
C VAL H 234 0.72 52.12 18.35
N ARG H 235 1.26 53.33 18.12
CA ARG H 235 2.27 53.51 17.08
C ARG H 235 3.50 52.66 17.36
N LEU H 236 3.98 52.68 18.61
CA LEU H 236 5.14 51.87 18.96
C LEU H 236 4.87 50.39 18.78
N ILE H 237 3.68 49.93 19.14
CA ILE H 237 3.32 48.52 18.97
C ILE H 237 3.24 48.18 17.49
N ASN H 238 2.55 49.02 16.71
CA ASN H 238 2.50 48.82 15.27
C ASN H 238 3.89 48.75 14.68
N GLN H 239 4.78 49.62 15.13
CA GLN H 239 6.15 49.60 14.65
C GLN H 239 6.82 48.27 14.97
N LYS H 240 6.69 47.82 16.23
CA LYS H 240 7.30 46.55 16.62
C LYS H 240 6.71 45.38 15.84
N LEU H 241 5.39 45.38 15.64
CA LEU H 241 4.79 44.27 14.92
C LEU H 241 5.25 44.25 13.47
N ALA H 242 5.34 45.43 12.85
CA ALA H 242 5.85 45.50 11.48
C ALA H 242 7.25 44.92 11.40
N ALA H 243 8.08 45.18 12.41
CA ALA H 243 9.42 44.61 12.45
C ALA H 243 9.41 43.10 12.60
N LEU H 244 8.33 42.52 13.16
CA LEU H 244 8.24 41.09 13.39
C LEU H 244 7.50 40.34 12.29
N GLY H 245 6.99 41.04 11.28
CA GLY H 245 6.35 40.39 10.17
C GLY H 245 4.85 40.28 10.28
N ALA H 246 4.26 40.89 11.30
CA ALA H 246 2.85 40.74 11.53
C ALA H 246 2.06 41.42 10.41
N PRO H 247 0.82 40.99 10.18
CA PRO H 247 -0.07 41.79 9.34
C PRO H 247 -0.20 43.19 9.92
N GLU H 248 -0.27 44.17 9.03
CA GLU H 248 -0.48 45.54 9.48
C GLU H 248 -1.84 45.65 10.12
N ASN H 249 -1.94 46.52 11.13
CA ASN H 249 -3.23 46.93 11.71
C ASN H 249 -3.88 45.84 12.57
N LEU H 250 -3.09 45.01 13.24
CA LEU H 250 -3.67 44.17 14.28
C LEU H 250 -4.11 44.99 15.48
N VAL H 251 -3.39 46.07 15.78
CA VAL H 251 -3.75 47.03 16.82
C VAL H 251 -3.90 48.39 16.17
N VAL H 252 -5.11 48.96 16.22
CA VAL H 252 -5.38 50.24 15.58
C VAL H 252 -6.12 51.14 16.56
N THR H 253 -6.15 52.43 16.22
CA THR H 253 -6.90 53.42 16.98
C THR H 253 -7.21 54.59 16.06
N VAL H 254 -7.90 55.60 16.61
CA VAL H 254 -8.26 56.81 15.88
C VAL H 254 -7.43 57.99 16.38
N GLU H 255 -7.19 58.96 15.50
CA GLU H 255 -6.31 60.08 15.83
C GLU H 255 -6.97 61.06 16.78
N LYS H 256 -8.30 61.20 16.72
CA LYS H 256 -9.01 62.00 17.72
C LYS H 256 -9.95 61.07 18.46
N PRO H 257 -9.51 60.51 19.60
CA PRO H 257 -10.45 59.94 20.55
C PRO H 257 -11.65 60.85 20.82
N SER H 258 -12.84 60.34 20.58
CA SER H 258 -14.05 61.01 21.00
C SER H 258 -15.11 59.96 21.32
N ILE H 259 -16.09 60.38 22.12
CA ILE H 259 -17.27 59.55 22.31
C ILE H 259 -17.94 59.28 20.98
N GLU H 260 -17.85 60.22 20.03
CA GLU H 260 -18.43 60.01 18.72
C GLU H 260 -17.85 58.76 18.05
N ASN H 261 -16.52 58.65 18.04
CA ASN H 261 -15.89 57.45 17.51
C ASN H 261 -16.18 56.23 18.37
N THR H 262 -16.36 56.42 19.67
CA THR H 262 -16.72 55.31 20.54
C THR H 262 -18.07 54.74 20.15
N ASN H 263 -19.06 55.60 19.90
CA ASN H 263 -20.36 55.11 19.47
C ASN H 263 -20.29 54.53 18.06
N ALA H 264 -19.42 55.10 17.21
CA ALA H 264 -19.21 54.52 15.88
C ALA H 264 -18.67 53.10 15.98
N MET H 265 -17.73 52.87 16.91
CA MET H 265 -17.17 51.54 17.10
C MET H 265 -18.24 50.54 17.59
N MET H 266 -19.09 50.97 18.51
CA MET H 266 -20.10 50.08 19.04
C MET H 266 -21.14 49.70 17.99
N ALA H 267 -21.32 50.54 16.99
CA ALA H 267 -22.34 50.30 15.98
C ALA H 267 -21.80 49.60 14.75
N HIS H 268 -20.50 49.60 14.56
CA HIS H 268 -19.94 49.10 13.31
C HIS H 268 -20.18 47.60 13.18
N PRO H 269 -20.76 47.14 12.06
CA PRO H 269 -21.17 45.72 11.99
C PRO H 269 -20.02 44.73 12.03
N LYS H 270 -18.79 45.14 11.74
CA LYS H 270 -17.66 44.21 11.70
C LYS H 270 -16.94 44.06 13.04
N VAL H 271 -17.34 44.81 14.07
CA VAL H 271 -16.80 44.62 15.42
C VAL H 271 -17.55 43.46 16.06
N ARG H 272 -16.85 42.33 16.24
CA ARG H 272 -17.49 41.12 16.73
C ARG H 272 -17.73 41.13 18.23
N MET H 273 -16.99 41.95 18.97
CA MET H 273 -17.09 41.97 20.41
C MET H 273 -16.62 43.32 20.92
N LEU H 274 -17.24 43.77 22.01
CA LEU H 274 -16.85 44.99 22.69
C LEU H 274 -16.29 44.66 24.07
N VAL H 275 -15.24 45.37 24.46
CA VAL H 275 -14.63 45.22 25.77
C VAL H 275 -14.49 46.62 26.35
N ALA H 276 -15.30 46.93 27.34
CA ALA H 276 -15.32 48.25 27.97
C ALA H 276 -14.71 48.17 29.36
N THR H 277 -13.54 48.79 29.53
CA THR H 277 -12.98 49.04 30.86
C THR H 277 -13.24 50.51 31.19
N GLY H 278 -14.21 50.76 32.07
CA GLY H 278 -14.51 52.13 32.47
C GLY H 278 -15.59 52.18 33.52
N GLY H 279 -16.29 53.31 33.57
CA GLY H 279 -17.35 53.51 34.54
C GLY H 279 -18.61 52.75 34.15
N PRO H 280 -19.61 52.75 35.04
CA PRO H 280 -20.81 51.94 34.78
C PRO H 280 -21.66 52.44 33.62
N ALA H 281 -21.58 53.72 33.27
CA ALA H 281 -22.38 54.22 32.16
C ALA H 281 -21.88 53.70 30.83
N ILE H 282 -20.55 53.65 30.65
CA ILE H 282 -20.01 53.15 29.38
C ILE H 282 -20.14 51.63 29.33
N VAL H 283 -20.02 50.94 30.45
CA VAL H 283 -20.31 49.50 30.46
C VAL H 283 -21.76 49.25 30.09
N LYS H 284 -22.68 50.03 30.68
CA LYS H 284 -24.08 49.89 30.31
C LYS H 284 -24.29 50.17 28.82
N ALA H 285 -23.41 50.97 28.21
CA ALA H 285 -23.55 51.27 26.78
C ALA H 285 -23.18 50.06 25.92
N VAL H 286 -21.99 49.48 26.13
CA VAL H 286 -21.56 48.35 25.30
C VAL H 286 -22.49 47.16 25.46
N LEU H 287 -23.18 47.05 26.61
CA LEU H 287 -24.19 46.01 26.80
C LEU H 287 -25.53 46.39 26.21
N SER H 288 -25.60 47.44 25.39
CA SER H 288 -26.84 47.90 24.77
C SER H 288 -26.74 47.94 23.24
N THR H 289 -25.65 47.41 22.67
CA THR H 289 -25.35 47.55 21.25
C THR H 289 -25.75 46.33 20.42
N GLY H 290 -26.38 45.32 21.03
CA GLY H 290 -26.70 44.12 20.31
C GLY H 290 -25.50 43.24 20.02
N LYS H 291 -24.40 43.40 20.76
CA LYS H 291 -23.17 42.65 20.52
C LYS H 291 -22.68 42.02 21.83
N LYS H 292 -21.92 40.94 21.70
CA LYS H 292 -21.16 40.43 22.82
C LYS H 292 -20.29 41.54 23.40
N ALA H 293 -20.33 41.66 24.72
CA ALA H 293 -19.60 42.72 25.41
C ALA H 293 -19.11 42.21 26.76
N ILE H 294 -17.86 42.53 27.07
CA ILE H 294 -17.33 42.35 28.41
C ILE H 294 -17.31 43.73 29.08
N GLY H 295 -17.78 43.80 30.32
CA GLY H 295 -17.80 45.08 31.00
C GLY H 295 -16.98 45.10 32.28
N ALA H 296 -16.17 46.14 32.48
CA ALA H 296 -15.52 46.38 33.76
C ALA H 296 -16.55 46.66 34.84
N GLY H 297 -16.11 46.57 36.09
CA GLY H 297 -16.97 46.79 37.24
C GLY H 297 -16.45 47.90 38.12
N ALA H 298 -17.38 48.59 38.76
CA ALA H 298 -17.08 49.52 39.84
C ALA H 298 -17.22 48.82 41.18
N GLY H 299 -16.65 49.45 42.21
CA GLY H 299 -16.79 48.90 43.54
C GLY H 299 -16.10 49.73 44.61
N ASN H 300 -16.72 49.80 45.78
CA ASN H 300 -16.24 50.54 46.93
C ASN H 300 -15.52 49.59 47.89
N PRO H 301 -14.28 49.17 47.61
CA PRO H 301 -13.70 48.02 48.34
C PRO H 301 -13.45 48.32 49.80
N PRO H 302 -14.11 47.61 50.72
CA PRO H 302 -13.83 47.78 52.14
C PRO H 302 -12.69 46.88 52.60
N VAL H 303 -12.08 47.24 53.72
CA VAL H 303 -11.02 46.45 54.33
C VAL H 303 -11.35 46.20 55.79
N VAL H 304 -11.70 44.96 56.12
CA VAL H 304 -11.93 44.53 57.48
C VAL H 304 -10.59 44.19 58.14
N VAL H 305 -10.34 44.76 59.31
CA VAL H 305 -9.25 44.33 60.17
C VAL H 305 -9.87 43.84 61.48
N ASP H 306 -9.50 42.64 61.91
CA ASP H 306 -10.07 42.05 63.10
C ASP H 306 -8.97 41.80 64.14
N GLU H 307 -9.39 41.29 65.31
CA GLU H 307 -8.48 41.23 66.45
C GLU H 307 -7.41 40.16 66.30
N THR H 308 -7.58 39.20 65.40
CA THR H 308 -6.60 38.16 65.16
C THR H 308 -5.60 38.54 64.08
N ALA H 309 -5.68 39.74 63.53
CA ALA H 309 -4.82 40.13 62.42
C ALA H 309 -3.43 40.52 62.92
N ASN H 310 -2.44 40.30 62.06
CA ASN H 310 -1.11 40.90 62.25
C ASN H 310 -1.25 42.40 61.98
N ILE H 311 -1.40 43.18 63.04
CA ILE H 311 -1.77 44.59 62.90
C ILE H 311 -0.65 45.40 62.26
N GLU H 312 0.60 45.07 62.57
CA GLU H 312 1.73 45.80 61.99
C GLU H 312 1.80 45.60 60.48
N LYS H 313 1.62 44.36 60.01
CA LYS H 313 1.60 44.11 58.58
C LYS H 313 0.33 44.66 57.93
N ALA H 314 -0.81 44.49 58.61
CA ALA H 314 -2.06 45.03 58.10
C ALA H 314 -1.94 46.52 57.80
N ALA H 315 -1.39 47.28 58.75
CA ALA H 315 -1.32 48.72 58.57
C ALA H 315 -0.38 49.07 57.43
N CYS H 316 0.69 48.32 57.26
CA CYS H 316 1.56 48.54 56.12
C CYS H 316 0.86 48.15 54.82
N ASP H 317 0.20 46.99 54.79
CA ASP H 317 -0.48 46.56 53.57
C ASP H 317 -1.57 47.55 53.17
N ILE H 318 -2.28 48.09 54.16
CA ILE H 318 -3.41 48.97 53.87
C ILE H 318 -2.93 50.29 53.27
N VAL H 319 -1.85 50.84 53.81
CA VAL H 319 -1.36 52.12 53.31
C VAL H 319 -0.84 51.94 51.89
N ASN H 320 0.00 50.93 51.67
CA ASN H 320 0.51 50.66 50.33
C ASN H 320 -0.63 50.41 49.35
N GLY H 321 -1.63 49.63 49.76
CA GLY H 321 -2.75 49.39 48.87
C GLY H 321 -3.54 50.65 48.58
N CYS H 322 -3.79 51.46 49.60
CA CYS H 322 -4.61 52.65 49.43
C CYS H 322 -3.92 53.67 48.55
N SER H 323 -2.66 53.96 48.86
CA SER H 323 -1.90 54.99 48.15
C SER H 323 -1.41 54.53 46.80
N PHE H 324 -1.64 53.28 46.44
CA PHE H 324 -1.11 52.74 45.19
C PHE H 324 -1.69 53.48 43.99
N ASP H 325 -0.81 54.08 43.19
CA ASP H 325 -1.17 55.02 42.13
C ASP H 325 -2.25 55.98 42.60
N ASN H 326 -2.13 56.47 43.84
CA ASN H 326 -3.02 57.48 44.40
C ASN H 326 -4.49 57.04 44.35
N ASN H 327 -4.73 55.75 44.61
CA ASN H 327 -6.06 55.17 44.75
C ASN H 327 -6.80 55.06 43.41
N LEU H 328 -6.05 55.02 42.30
CA LEU H 328 -6.69 54.91 40.99
C LEU H 328 -7.32 53.54 40.72
N PRO H 329 -6.65 52.40 40.96
CA PRO H 329 -7.19 51.11 40.48
C PRO H 329 -8.55 50.74 41.09
N CYS H 330 -9.32 49.91 40.38
CA CYS H 330 -10.59 49.46 40.95
C CYS H 330 -10.41 48.61 42.22
N VAL H 331 -9.20 48.17 42.55
CA VAL H 331 -9.08 47.29 43.71
C VAL H 331 -8.65 48.02 44.98
N ALA H 332 -8.34 49.32 44.87
CA ALA H 332 -7.70 50.05 45.97
C ALA H 332 -8.61 50.15 47.18
N GLU H 333 -7.99 49.98 48.35
CA GLU H 333 -8.69 50.13 49.63
C GLU H 333 -9.37 51.48 49.70
N LYS H 334 -10.65 51.49 50.08
CA LYS H 334 -11.38 52.75 50.15
C LYS H 334 -12.10 53.03 51.46
N GLU H 335 -12.23 52.05 52.35
CA GLU H 335 -12.62 52.35 53.73
C GLU H 335 -12.18 51.20 54.62
N ILE H 336 -11.79 51.52 55.86
CA ILE H 336 -11.40 50.51 56.84
C ILE H 336 -12.55 50.29 57.80
N ILE H 337 -12.90 49.03 58.03
CA ILE H 337 -13.86 48.65 59.04
C ILE H 337 -13.10 47.84 60.07
N ALA H 338 -12.76 48.48 61.19
CA ALA H 338 -11.86 47.90 62.17
C ALA H 338 -12.64 47.47 63.41
N VAL H 339 -12.24 46.33 63.98
CA VAL H 339 -12.79 45.88 65.25
C VAL H 339 -12.26 46.77 66.37
N ALA H 340 -13.17 47.23 67.24
CA ALA H 340 -12.82 48.21 68.28
C ALA H 340 -11.58 47.79 69.07
N GLN H 341 -11.53 46.52 69.47
CA GLN H 341 -10.42 46.01 70.28
C GLN H 341 -9.03 46.37 69.75
N ILE H 342 -8.86 46.47 68.41
CA ILE H 342 -7.55 46.74 67.85
C ILE H 342 -7.51 48.00 66.99
N ALA H 343 -8.58 48.80 66.99
CA ALA H 343 -8.65 49.95 66.10
C ALA H 343 -7.57 50.98 66.42
N ASP H 344 -7.38 51.30 67.71
CA ASP H 344 -6.39 52.31 68.08
C ASP H 344 -4.98 51.84 67.76
N TYR H 345 -4.66 50.59 68.10
CA TYR H 345 -3.36 50.04 67.73
C TYR H 345 -3.18 50.02 66.22
N LEU H 346 -4.27 49.77 65.48
CA LEU H 346 -4.19 49.84 64.02
C LEU H 346 -3.89 51.26 63.56
N ILE H 347 -4.67 52.23 64.05
CA ILE H 347 -4.42 53.63 63.70
C ILE H 347 -2.98 54.02 64.01
N PHE H 348 -2.49 53.64 65.20
CA PHE H 348 -1.09 53.87 65.54
C PHE H 348 -0.16 53.37 64.44
N ASN H 349 -0.29 52.09 64.06
CA ASN H 349 0.59 51.55 63.03
C ASN H 349 0.32 52.17 61.68
N LEU H 350 -0.94 52.54 61.40
CA LEU H 350 -1.22 53.29 60.18
C LEU H 350 -0.40 54.58 60.13
N LYS H 351 -0.41 55.33 61.24
CA LYS H 351 0.35 56.59 61.30
C LYS H 351 1.82 56.36 61.01
N LYS H 352 2.38 55.25 61.52
CA LYS H 352 3.80 55.00 61.29
C LYS H 352 4.12 54.74 59.82
N ASN H 353 3.18 54.20 59.05
CA ASN H 353 3.46 53.82 57.67
C ASN H 353 3.09 54.91 56.67
N GLY H 354 2.88 56.14 57.12
CA GLY H 354 2.64 57.25 56.23
C GLY H 354 1.23 57.78 56.19
N ALA H 355 0.41 57.47 57.19
CA ALA H 355 -0.95 57.98 57.25
C ALA H 355 -1.00 59.25 58.08
N TYR H 356 -1.59 60.31 57.52
CA TYR H 356 -1.84 61.55 58.25
C TYR H 356 -3.26 61.48 58.78
N GLU H 357 -3.40 61.43 60.10
CA GLU H 357 -4.70 61.34 60.73
C GLU H 357 -5.27 62.73 60.93
N ILE H 358 -6.51 62.92 60.48
CA ILE H 358 -7.27 64.13 60.78
C ILE H 358 -8.19 63.80 61.95
N LYS H 359 -8.06 64.56 63.03
CA LYS H 359 -8.92 64.43 64.19
C LYS H 359 -9.80 65.63 64.44
N ASP H 360 -9.41 66.81 63.94
CA ASP H 360 -10.14 68.03 64.23
C ASP H 360 -11.30 68.20 63.26
N PRO H 361 -12.57 68.21 63.72
CA PRO H 361 -13.70 68.25 62.78
C PRO H 361 -13.67 69.42 61.81
N ALA H 362 -13.00 70.51 62.17
CA ALA H 362 -12.91 71.66 61.26
C ALA H 362 -12.05 71.33 60.05
N VAL H 363 -10.85 70.79 60.29
CA VAL H 363 -9.98 70.39 59.19
C VAL H 363 -10.64 69.29 58.38
N LEU H 364 -11.43 68.44 59.04
CA LEU H 364 -12.11 67.36 58.32
C LEU H 364 -13.13 67.93 57.34
N GLN H 365 -14.01 68.83 57.80
CA GLN H 365 -14.98 69.42 56.89
C GLN H 365 -14.29 70.26 55.82
N GLN H 366 -13.19 70.91 56.17
CA GLN H 366 -12.43 71.70 55.21
C GLN H 366 -11.88 70.84 54.07
N LEU H 367 -11.71 69.55 54.30
CA LEU H 367 -11.29 68.62 53.24
C LEU H 367 -12.46 67.97 52.52
N GLN H 368 -13.63 67.86 53.16
CA GLN H 368 -14.82 67.45 52.41
C GLN H 368 -15.09 68.44 51.29
N ASP H 369 -15.10 69.74 51.61
CA ASP H 369 -15.44 70.74 50.62
C ASP H 369 -14.41 70.82 49.50
N LEU H 370 -13.19 70.35 49.76
CA LEU H 370 -12.15 70.28 48.74
C LEU H 370 -12.37 69.14 47.74
N VAL H 371 -12.67 67.95 48.26
CA VAL H 371 -12.69 66.75 47.43
C VAL H 371 -14.10 66.35 47.00
N LEU H 372 -15.14 67.02 47.50
CA LEU H 372 -16.50 66.77 47.06
C LEU H 372 -17.03 67.97 46.28
N THR H 373 -17.99 67.71 45.39
CA THR H 373 -18.70 68.77 44.70
C THR H 373 -19.92 69.16 45.52
N ALA H 374 -20.66 70.15 45.02
CA ALA H 374 -21.82 70.67 45.74
C ALA H 374 -22.97 69.66 45.77
N LYS H 375 -22.89 68.58 45.01
CA LYS H 375 -23.91 67.53 45.02
C LYS H 375 -23.44 66.27 45.72
N GLY H 376 -22.25 66.29 46.32
CA GLY H 376 -21.74 65.18 47.09
C GLY H 376 -20.83 64.24 46.35
N GLY H 377 -20.76 64.31 45.02
CA GLY H 377 -19.87 63.47 44.25
C GLY H 377 -18.43 63.88 44.40
N PRO H 378 -17.50 62.99 44.04
CA PRO H 378 -16.08 63.32 44.15
C PRO H 378 -15.67 64.38 43.14
N GLN H 379 -14.93 65.38 43.62
CA GLN H 379 -14.42 66.43 42.74
C GLN H 379 -13.38 65.85 41.79
N THR H 380 -13.57 66.06 40.49
CA THR H 380 -12.73 65.39 39.50
C THR H 380 -11.29 65.87 39.55
N LYS H 381 -11.05 67.12 39.97
CA LYS H 381 -9.68 67.62 39.95
C LYS H 381 -8.86 67.14 41.15
N CYS H 382 -9.50 66.57 42.18
CA CYS H 382 -8.79 65.92 43.27
C CYS H 382 -8.54 64.44 43.01
N VAL H 383 -9.18 63.86 42.00
CA VAL H 383 -9.08 62.44 41.73
C VAL H 383 -7.65 62.10 41.29
N GLY H 384 -7.10 61.05 41.89
CA GLY H 384 -5.77 60.58 41.54
C GLY H 384 -4.62 61.41 42.07
N LYS H 385 -4.88 62.41 42.91
CA LYS H 385 -3.83 63.28 43.41
C LYS H 385 -3.18 62.68 44.65
N SER H 386 -1.89 62.98 44.84
CA SER H 386 -1.16 62.47 45.99
C SER H 386 -1.74 63.05 47.28
N ALA H 387 -1.52 62.33 48.39
CA ALA H 387 -2.00 62.83 49.67
C ALA H 387 -1.33 64.15 50.03
N VAL H 388 -0.05 64.31 49.67
CA VAL H 388 0.65 65.58 49.88
C VAL H 388 -0.03 66.71 49.11
N TRP H 389 -0.57 66.41 47.93
CA TRP H 389 -1.19 67.46 47.12
C TRP H 389 -2.52 67.88 47.70
N LEU H 390 -3.30 66.94 48.24
CA LEU H 390 -4.60 67.27 48.80
C LEU H 390 -4.46 68.06 50.10
N LEU H 391 -3.41 67.75 50.88
CA LEU H 391 -3.17 68.50 52.12
C LEU H 391 -2.64 69.90 51.84
N SER H 392 -1.97 70.08 50.69
CA SER H 392 -1.55 71.42 50.30
C SER H 392 -2.74 72.33 50.05
N GLN H 393 -3.85 71.77 49.57
CA GLN H 393 -5.04 72.57 49.29
C GLN H 393 -5.83 72.92 50.54
N ILE H 394 -5.43 72.44 51.71
CA ILE H 394 -6.04 72.88 52.95
C ILE H 394 -5.01 73.51 53.88
N GLY H 395 -3.86 73.91 53.34
CA GLY H 395 -2.86 74.60 54.13
C GLY H 395 -2.15 73.72 55.15
N ILE H 396 -1.95 72.45 54.83
CA ILE H 396 -1.19 71.54 55.69
C ILE H 396 -0.03 71.01 54.88
N SER H 397 1.19 71.37 55.27
CA SER H 397 2.39 71.05 54.53
C SER H 397 3.06 69.84 55.17
N VAL H 398 3.29 68.78 54.38
CA VAL H 398 3.91 67.56 54.85
C VAL H 398 4.87 67.04 53.78
N ASP H 399 5.85 66.26 54.22
CA ASP H 399 6.88 65.76 53.32
C ASP H 399 6.39 64.50 52.62
N ALA H 400 7.31 63.79 51.96
CA ALA H 400 6.98 62.65 51.12
C ALA H 400 6.67 61.38 51.91
N SER H 401 6.95 61.36 53.22
CA SER H 401 6.62 60.17 54.00
C SER H 401 5.11 59.95 54.10
N ILE H 402 4.31 61.00 53.91
CA ILE H 402 2.87 60.90 54.03
C ILE H 402 2.28 60.37 52.73
N LYS H 403 1.49 59.29 52.82
CA LYS H 403 0.94 58.62 51.64
C LYS H 403 -0.58 58.57 51.61
N ILE H 404 -1.26 58.58 52.75
CA ILE H 404 -2.71 58.60 52.80
C ILE H 404 -3.14 59.56 53.90
N ILE H 405 -4.38 60.03 53.79
CA ILE H 405 -5.02 60.85 54.81
C ILE H 405 -6.07 59.98 55.49
N LEU H 406 -6.00 59.91 56.81
CA LEU H 406 -6.77 58.96 57.60
C LEU H 406 -7.72 59.69 58.53
N MET H 407 -8.94 59.20 58.65
CA MET H 407 -9.89 59.80 59.59
C MET H 407 -10.89 58.74 60.05
N GLU H 408 -11.31 58.88 61.31
CA GLU H 408 -12.33 58.03 61.90
C GLU H 408 -13.66 58.78 61.85
N VAL H 409 -14.67 58.15 61.26
CA VAL H 409 -15.96 58.76 60.99
C VAL H 409 -17.03 57.68 61.15
N PRO H 410 -18.32 58.03 61.24
CA PRO H 410 -19.36 57.01 61.22
C PRO H 410 -19.53 56.43 59.82
N ARG H 411 -20.31 55.36 59.75
CA ARG H 411 -20.52 54.68 58.47
C ARG H 411 -21.32 55.53 57.49
N GLU H 412 -22.06 56.52 57.96
CA GLU H 412 -22.88 57.38 57.11
C GLU H 412 -22.08 58.49 56.43
N HIS H 413 -20.79 58.61 56.73
CA HIS H 413 -20.00 59.71 56.21
C HIS H 413 -19.89 59.62 54.68
N PRO H 414 -19.77 60.77 54.01
CA PRO H 414 -19.58 60.74 52.54
C PRO H 414 -18.38 59.90 52.10
N PHE H 415 -17.23 60.05 52.75
CA PHE H 415 -16.03 59.33 52.31
C PHE H 415 -16.19 57.81 52.38
N VAL H 416 -17.15 57.31 53.17
CA VAL H 416 -17.41 55.88 53.21
C VAL H 416 -18.30 55.46 52.06
N GLN H 417 -19.46 56.12 51.92
CA GLN H 417 -20.47 55.71 50.96
C GLN H 417 -20.00 55.93 49.53
N GLU H 418 -19.54 57.14 49.22
CA GLU H 418 -19.06 57.41 47.87
C GLU H 418 -17.68 56.80 47.66
N GLU H 419 -17.26 56.75 46.40
CA GLU H 419 -15.98 56.17 46.00
C GLU H 419 -15.07 57.28 45.49
N LEU H 420 -14.15 57.74 46.35
CA LEU H 420 -13.40 58.96 46.09
C LEU H 420 -12.29 58.78 45.04
N MET H 421 -11.64 57.61 44.99
CA MET H 421 -10.45 57.42 44.15
C MET H 421 -9.36 58.43 44.50
N MET H 422 -9.16 58.62 45.79
CA MET H 422 -8.14 59.45 46.41
C MET H 422 -7.60 58.66 47.62
N PRO H 423 -6.32 58.88 47.99
CA PRO H 423 -5.77 58.24 49.20
C PRO H 423 -6.33 58.86 50.47
N ILE H 424 -7.64 59.04 50.51
CA ILE H 424 -8.38 59.42 51.70
C ILE H 424 -9.05 58.16 52.21
N LEU H 425 -8.76 57.78 53.45
CA LEU H 425 -9.18 56.50 53.98
C LEU H 425 -9.99 56.68 55.25
N PRO H 426 -11.31 56.66 55.19
CA PRO H 426 -12.10 56.66 56.43
C PRO H 426 -11.98 55.34 57.16
N LEU H 427 -12.10 55.40 58.49
CA LEU H 427 -12.08 54.21 59.33
C LEU H 427 -13.35 54.19 60.16
N VAL H 428 -14.25 53.26 59.88
CA VAL H 428 -15.41 53.04 60.73
C VAL H 428 -15.08 51.97 61.76
N ARG H 429 -15.40 52.25 63.02
CA ARG H 429 -15.13 51.35 64.13
C ARG H 429 -16.39 50.54 64.43
N VAL H 430 -16.23 49.21 64.54
CA VAL H 430 -17.31 48.32 64.92
C VAL H 430 -16.81 47.45 66.07
N GLU H 431 -17.74 46.75 66.72
CA GLU H 431 -17.41 46.10 67.97
C GLU H 431 -16.90 44.68 67.76
N THR H 432 -17.58 43.89 66.92
CA THR H 432 -17.22 42.49 66.70
C THR H 432 -16.87 42.26 65.24
N VAL H 433 -16.10 41.19 65.01
CA VAL H 433 -15.68 40.88 63.64
C VAL H 433 -16.86 40.58 62.76
N ASP H 434 -17.92 39.97 63.33
CA ASP H 434 -19.10 39.70 62.54
C ASP H 434 -19.84 40.98 62.18
N ASP H 435 -19.75 42.01 63.03
CA ASP H 435 -20.29 43.31 62.67
C ASP H 435 -19.49 43.92 61.53
N ALA H 436 -18.16 43.80 61.60
CA ALA H 436 -17.31 44.29 60.52
C ALA H 436 -17.71 43.68 59.19
N ILE H 437 -18.06 42.39 59.20
CA ILE H 437 -18.42 41.71 57.97
C ILE H 437 -19.74 42.24 57.42
N ASP H 438 -20.75 42.35 58.29
CA ASP H 438 -22.04 42.90 57.85
C ASP H 438 -21.88 44.29 57.29
N LEU H 439 -21.10 45.13 57.96
CA LEU H 439 -20.90 46.49 57.46
C LEU H 439 -20.11 46.48 56.17
N ALA H 440 -19.20 45.53 56.00
CA ALA H 440 -18.43 45.47 54.76
C ALA H 440 -19.30 45.06 53.59
N ILE H 441 -20.22 44.11 53.81
CA ILE H 441 -21.16 43.71 52.77
C ILE H 441 -22.06 44.88 52.39
N GLU H 442 -22.62 45.55 53.40
CA GLU H 442 -23.51 46.68 53.16
C GLU H 442 -22.80 47.80 52.40
N VAL H 443 -21.63 48.21 52.88
CA VAL H 443 -20.91 49.34 52.31
C VAL H 443 -20.39 49.03 50.90
N GLU H 444 -20.11 47.77 50.61
CA GLU H 444 -19.71 47.41 49.25
C GLU H 444 -20.84 47.59 48.24
N HIS H 445 -22.07 47.76 48.71
CA HIS H 445 -23.20 48.23 47.90
C HIS H 445 -23.62 47.22 46.84
N ASP H 446 -23.36 45.94 47.09
CA ASP H 446 -23.71 44.88 46.16
C ASP H 446 -23.04 45.10 44.80
N ASN H 447 -21.84 45.67 44.80
CA ASN H 447 -21.04 45.72 43.59
C ASN H 447 -20.35 44.39 43.31
N ARG H 448 -20.06 43.62 44.37
CA ARG H 448 -19.41 42.32 44.25
C ARG H 448 -18.11 42.39 43.45
N HIS H 449 -17.45 43.54 43.50
CA HIS H 449 -16.18 43.73 42.82
C HIS H 449 -14.99 43.25 43.67
N THR H 450 -14.58 44.02 44.68
CA THR H 450 -13.39 43.71 45.46
C THR H 450 -13.62 44.01 46.94
N ALA H 451 -13.04 43.16 47.80
CA ALA H 451 -13.02 43.40 49.23
C ALA H 451 -11.77 42.75 49.81
N ILE H 452 -11.36 43.22 50.99
CA ILE H 452 -10.11 42.81 51.62
C ILE H 452 -10.37 42.50 53.09
N MET H 453 -9.63 41.53 53.62
CA MET H 453 -9.74 41.18 55.04
C MET H 453 -8.37 40.85 55.63
N HIS H 454 -8.05 41.48 56.76
CA HIS H 454 -6.87 41.14 57.52
C HIS H 454 -7.33 40.42 58.78
N SER H 455 -6.92 39.15 58.90
CA SER H 455 -7.38 38.24 59.94
C SER H 455 -6.70 36.91 59.75
N THR H 456 -6.26 36.27 60.84
CA THR H 456 -5.62 34.96 60.77
C THR H 456 -6.59 33.83 61.10
N ASP H 457 -7.85 34.15 61.37
CA ASP H 457 -8.85 33.16 61.73
C ASP H 457 -9.45 32.58 60.46
N VAL H 458 -9.16 31.30 60.18
CA VAL H 458 -9.62 30.70 58.92
C VAL H 458 -11.14 30.72 58.83
N ARG H 459 -11.84 30.68 59.97
CA ARG H 459 -13.30 30.71 59.95
C ARG H 459 -13.83 32.08 59.53
N LYS H 460 -13.16 33.15 59.94
CA LYS H 460 -13.68 34.47 59.57
C LYS H 460 -13.26 34.87 58.17
N LEU H 461 -12.05 34.49 57.76
CA LEU H 461 -11.65 34.62 56.36
C LEU H 461 -12.66 33.94 55.45
N THR H 462 -12.99 32.68 55.75
CA THR H 462 -13.97 31.96 54.93
C THR H 462 -15.31 32.68 54.93
N LYS H 463 -15.78 33.09 56.12
CA LYS H 463 -17.12 33.66 56.23
C LYS H 463 -17.25 34.93 55.40
N MET H 464 -16.31 35.87 55.56
CA MET H 464 -16.43 37.11 54.83
C MET H 464 -16.28 36.89 53.34
N ALA H 465 -15.40 35.97 52.94
CA ALA H 465 -15.19 35.73 51.52
C ALA H 465 -16.42 35.09 50.90
N LYS H 466 -17.03 34.13 51.58
CA LYS H 466 -18.18 33.44 51.03
C LYS H 466 -19.39 34.38 50.92
N LEU H 467 -19.57 35.27 51.90
CA LEU H 467 -20.79 36.07 51.93
C LEU H 467 -20.69 37.29 51.02
N ILE H 468 -19.52 37.92 50.93
CA ILE H 468 -19.44 39.17 50.18
C ILE H 468 -19.36 38.94 48.68
N GLN H 469 -19.03 37.71 48.25
CA GLN H 469 -19.23 37.26 46.87
C GLN H 469 -18.61 38.22 45.84
N THR H 470 -17.42 38.72 46.14
CA THR H 470 -16.74 39.68 45.27
C THR H 470 -15.93 38.96 44.21
N THR H 471 -15.70 39.66 43.10
CA THR H 471 -14.91 39.10 42.02
C THR H 471 -13.47 38.88 42.45
N ILE H 472 -12.97 39.74 43.34
CA ILE H 472 -11.64 39.63 43.90
C ILE H 472 -11.77 39.73 45.41
N PHE H 473 -11.09 38.83 46.12
CA PHE H 473 -11.00 38.89 47.57
C PHE H 473 -9.57 38.63 47.97
N VAL H 474 -9.01 39.52 48.79
CA VAL H 474 -7.62 39.44 49.22
C VAL H 474 -7.59 39.29 50.75
N LYS H 475 -6.82 38.32 51.21
CA LYS H 475 -6.69 38.02 52.63
C LYS H 475 -5.26 38.34 53.06
N ASN H 476 -5.13 39.24 54.04
CA ASN H 476 -3.85 39.54 54.68
C ASN H 476 -2.81 40.00 53.68
N GLY H 477 -3.18 40.97 52.86
CA GLY H 477 -2.27 41.49 51.87
C GLY H 477 -2.75 42.82 51.33
N PRO H 478 -1.87 43.53 50.63
CA PRO H 478 -2.31 44.73 49.92
C PRO H 478 -3.32 44.37 48.85
N SER H 479 -4.20 45.32 48.54
CA SER H 479 -5.27 45.05 47.59
C SER H 479 -4.73 44.61 46.23
N TYR H 480 -3.57 45.16 45.83
CA TYR H 480 -3.01 44.83 44.51
C TYR H 480 -2.42 43.43 44.46
N ALA H 481 -2.38 42.71 45.60
CA ALA H 481 -2.06 41.29 45.56
C ALA H 481 -3.10 40.49 44.79
N GLY H 482 -4.29 41.05 44.61
CA GLY H 482 -5.35 40.46 43.83
C GLY H 482 -5.15 40.58 42.35
N LEU H 483 -4.09 41.27 41.95
CA LEU H 483 -3.78 41.47 40.53
C LEU H 483 -2.44 40.87 40.16
N GLY H 484 -1.99 39.85 40.90
CA GLY H 484 -0.73 39.21 40.64
C GLY H 484 0.49 39.96 41.12
N ALA H 485 0.32 41.11 41.76
CA ALA H 485 1.43 41.86 42.34
C ALA H 485 1.43 41.52 43.82
N GLY H 486 2.17 40.48 44.19
CA GLY H 486 2.19 39.99 45.56
C GLY H 486 1.23 38.86 45.83
N GLY H 487 0.59 38.31 44.81
CA GLY H 487 -0.31 37.20 44.98
C GLY H 487 -0.23 36.30 43.76
N GLU H 488 -0.43 35.01 43.99
CA GLU H 488 -0.42 34.04 42.90
C GLU H 488 -1.53 34.35 41.90
N GLY H 489 -1.28 33.96 40.66
CA GLY H 489 -2.19 34.22 39.56
C GLY H 489 -1.62 35.23 38.58
N TYR H 490 -2.30 35.34 37.46
CA TYR H 490 -1.88 36.29 36.45
C TYR H 490 -2.43 37.68 36.75
N SER H 491 -2.03 38.64 35.92
CA SER H 491 -2.48 40.01 36.06
C SER H 491 -3.42 40.39 34.93
N THR H 492 -4.25 41.38 35.20
CA THR H 492 -5.09 42.00 34.20
C THR H 492 -5.43 43.41 34.64
N PHE H 493 -5.88 44.21 33.69
CA PHE H 493 -6.44 45.51 34.02
C PHE H 493 -7.85 45.66 33.46
N THR H 494 -8.45 44.57 33.02
CA THR H 494 -9.87 44.50 32.66
C THR H 494 -10.51 43.45 33.56
N ILE H 495 -11.05 43.92 34.69
CA ILE H 495 -11.70 43.09 35.69
C ILE H 495 -13.19 43.18 35.44
N ALA H 496 -13.78 42.07 34.99
CA ALA H 496 -15.17 42.10 34.59
C ALA H 496 -16.05 42.24 35.82
N GLY H 497 -16.99 43.19 35.75
CA GLY H 497 -17.97 43.36 36.80
C GLY H 497 -19.26 42.62 36.47
N PRO H 498 -20.15 43.29 35.74
CA PRO H 498 -21.45 42.70 35.43
C PRO H 498 -21.41 41.47 34.52
N THR H 499 -20.39 41.31 33.67
CA THR H 499 -20.46 40.20 32.71
C THR H 499 -19.78 38.92 33.20
N GLY H 500 -19.11 38.95 34.35
CA GLY H 500 -18.82 37.73 35.07
C GLY H 500 -17.54 36.99 34.69
N GLU H 501 -16.76 37.48 33.73
CA GLU H 501 -15.56 36.77 33.30
C GLU H 501 -14.46 36.79 34.34
N GLY H 502 -14.56 37.63 35.37
CA GLY H 502 -13.50 37.75 36.34
C GLY H 502 -12.34 38.53 35.77
N LEU H 503 -11.11 38.13 36.09
CA LEU H 503 -9.93 38.78 35.53
C LEU H 503 -9.71 38.29 34.10
N THR H 504 -9.96 39.16 33.13
CA THR H 504 -9.87 38.78 31.74
C THR H 504 -8.45 38.36 31.37
N SER H 505 -8.38 37.39 30.46
CA SER H 505 -7.14 36.96 29.85
C SER H 505 -7.45 36.56 28.41
N ALA H 506 -6.43 36.09 27.69
CA ALA H 506 -6.61 35.67 26.31
C ALA H 506 -7.91 34.89 26.10
N LYS H 507 -8.14 33.82 26.87
CA LYS H 507 -9.29 32.96 26.59
C LYS H 507 -10.62 33.68 26.79
N SER H 508 -10.68 34.71 27.65
CA SER H 508 -11.86 35.56 27.69
C SER H 508 -12.16 36.21 26.33
N PHE H 509 -11.20 36.22 25.42
CA PHE H 509 -11.36 36.91 24.15
C PHE H 509 -11.50 35.93 23.00
N ALA H 510 -11.84 34.69 23.31
CA ALA H 510 -11.92 33.58 22.37
C ALA H 510 -13.32 32.97 22.37
N ARG H 511 -13.63 32.26 21.29
CA ARG H 511 -14.86 31.49 21.14
C ARG H 511 -14.58 30.02 21.41
N ARG H 512 -15.38 29.41 22.28
N ARG H 512 -15.36 29.40 22.29
CA ARG H 512 -15.21 27.99 22.59
CA ARG H 512 -15.19 27.99 22.59
C ARG H 512 -15.75 27.16 21.44
C ARG H 512 -15.75 27.16 21.44
N ARG H 513 -14.91 26.27 20.90
CA ARG H 513 -15.29 25.40 19.80
C ARG H 513 -15.05 23.95 20.18
N LYS H 514 -15.89 23.08 19.65
CA LYS H 514 -15.92 21.67 20.00
C LYS H 514 -15.75 20.88 18.72
N CYS H 515 -14.80 19.95 18.71
CA CYS H 515 -14.53 19.14 17.54
C CYS H 515 -14.73 17.68 17.92
N VAL H 516 -15.61 16.99 17.20
CA VAL H 516 -16.08 15.66 17.56
C VAL H 516 -15.65 14.70 16.46
N MET H 517 -14.67 13.87 16.77
CA MET H 517 -14.22 12.80 15.87
C MET H 517 -14.92 11.54 16.33
N VAL H 518 -15.98 11.15 15.63
CA VAL H 518 -16.83 10.05 16.08
C VAL H 518 -16.13 8.73 15.82
N GLU H 519 -15.97 7.93 16.88
CA GLU H 519 -15.46 6.56 16.78
C GLU H 519 -14.11 6.50 16.09
N ALA H 520 -13.22 7.42 16.44
CA ALA H 520 -11.83 7.33 16.04
C ALA H 520 -11.01 8.18 17.00
N LEU H 521 -9.69 7.98 16.97
CA LEU H 521 -8.76 8.71 17.82
C LEU H 521 -9.04 8.51 19.31
N ASN H 522 -9.66 7.39 19.66
CA ASN H 522 -9.79 6.99 21.06
C ASN H 522 -8.77 5.89 21.29
N ILE H 523 -7.53 6.31 21.56
CA ILE H 523 -6.38 5.41 21.51
C ILE H 523 -5.99 4.90 22.88
N ARG H 524 -6.81 5.17 23.90
CA ARG H 524 -6.57 4.60 25.21
C ARG H 524 -6.68 3.08 25.11
O14 1VU I . -19.93 11.92 -30.71
P2 1VU I . -19.96 12.25 -29.23
O15 1VU I . -21.31 11.85 -28.64
O16 1VU I . -19.75 13.75 -29.02
O13 1VU I . -18.76 11.45 -28.50
C23 1VU I . -19.00 10.32 -27.78
C22 1VU I . -17.74 9.49 -27.66
O12 1VU I . -16.97 9.54 -28.91
C16 1VU I . -17.07 10.06 -26.65
N2 1VU I . -16.25 9.14 -25.94
C21 1VU I . -15.02 9.50 -25.43
N6 1VU I . -14.32 10.68 -25.48
C20 1VU I . -13.10 10.80 -24.90
N5 1VU I . -12.54 9.72 -24.26
C19 1VU I . -13.23 8.55 -24.22
N4 1VU I . -12.56 7.45 -23.51
C18 1VU I . -14.47 8.43 -24.79
N3 1VU I . -15.37 7.39 -24.89
C17 1VU I . -16.45 7.82 -25.59
O11 1VU I . -18.16 10.70 -25.67
C15 1VU I . -19.31 10.71 -26.29
C14 1VU I . -20.27 9.70 -25.66
O10 1VU I . -19.54 8.49 -25.41
P1 1VU I . -20.28 7.23 -24.82
O8 1VU I . -19.23 6.17 -24.48
O9 1VU I . -21.20 6.63 -25.87
O7 1VU I . -21.09 7.68 -23.47
P 1VU I . -22.36 6.90 -22.82
O5 1VU I . -22.90 7.69 -21.64
O6 1VU I . -23.49 6.76 -23.86
O4 1VU I . -21.89 5.41 -22.32
C13 1VU I . -21.49 4.44 -23.28
C10 1VU I . -22.29 3.07 -22.99
C11 1VU I . -21.55 2.30 -21.91
C12 1VU I . -23.67 3.40 -22.50
C9 1VU I . -22.42 2.22 -24.25
O3 1VU I . -23.57 2.57 -24.91
C8 1VU I . -21.22 2.35 -25.23
O2 1VU I . -21.24 3.20 -26.10
N1 1VU I . -20.10 1.47 -25.16
C7 1VU I . -19.00 1.62 -26.12
C6 1VU I . -17.65 1.35 -25.45
C5 1VU I . -17.38 -0.14 -25.51
O1 1VU I . -17.90 -0.80 -26.38
N 1VU I . -16.51 -0.76 -24.52
C4 1VU I . -16.27 -2.17 -24.55
C3 1VU I . -15.02 -2.59 -25.37
S 1VU I . -14.01 -3.63 -24.34
C2 1VU I . -14.48 -5.35 -24.47
O 1VU I . -14.68 -5.86 -25.57
C1 1VU I . -14.59 -6.20 -23.21
C 1VU I . -14.82 -7.63 -23.61
N1A COA J . 18.71 -56.23 -42.84
C2A COA J . 19.17 -57.35 -42.22
N3A COA J . 18.40 -57.99 -41.30
C4A COA J . 17.15 -57.52 -41.00
C5A COA J . 16.69 -56.41 -41.63
C6A COA J . 17.47 -55.77 -42.55
N6A COA J . 17.02 -54.57 -43.25
N7A COA J . 15.41 -56.15 -41.15
C8A COA J . 15.10 -57.10 -40.24
N9A COA J . 16.17 -57.96 -40.13
C1B COA J . 16.34 -59.11 -39.32
C2B COA J . 15.65 -58.98 -38.18
O2B COA J . 16.51 -58.48 -37.10
C3B COA J . 15.13 -60.37 -37.90
O3B COA J . 16.09 -61.13 -37.29
P3B COA J . 15.61 -62.30 -36.31
O7A COA J . 15.45 -61.73 -34.91
O8A COA J . 14.29 -62.88 -36.78
O9A COA J . 16.67 -63.39 -36.28
C4B COA J . 14.84 -60.94 -39.32
O4B COA J . 15.74 -60.38 -40.10
C5B COA J . 13.43 -60.56 -39.75
O5B COA J . 13.32 -60.80 -41.16
P1A COA J . 12.37 -61.97 -41.69
O1A COA J . 12.64 -63.24 -40.90
O2A COA J . 12.67 -62.23 -43.16
O3A COA J . 10.82 -61.52 -41.50
P2A COA J . 9.57 -62.05 -42.40
O4A COA J . 10.02 -63.07 -43.43
O5A COA J . 8.52 -62.69 -41.47
O6A COA J . 8.91 -60.76 -43.14
CBP COA J . 7.56 -59.04 -42.02
CCP COA J . 9.02 -59.50 -42.52
CDP COA J . 7.21 -57.69 -42.63
CEP COA J . 6.53 -60.06 -42.45
CAP COA J . 7.56 -58.94 -40.50
OAP COA J . 8.19 -60.03 -39.96
C9P COA J . 8.30 -57.67 -40.01
O9P COA J . 9.51 -57.67 -39.94
N8P COA J . 7.53 -56.52 -39.64
C7P COA J . 8.19 -55.28 -39.19
C6P COA J . 8.54 -54.46 -40.42
C5P COA J . 7.68 -53.21 -40.48
O5P COA J . 6.51 -53.27 -40.20
N4P COA J . 8.25 -51.92 -40.88
C3P COA J . 7.41 -50.76 -40.93
C2P COA J . 7.12 -50.43 -42.42
S1P COA J . 7.27 -48.68 -42.72
O14 1VU K . -0.04 12.21 -54.71
P2 1VU K . -0.28 13.36 -55.67
O15 1VU K . -0.79 14.59 -54.91
O16 1VU K . 1.02 13.69 -56.39
O13 1VU K . -1.42 12.96 -56.76
C23 1VU K . -1.47 11.69 -57.24
C22 1VU K . -2.36 10.81 -56.39
O12 1VU K . -3.13 11.55 -55.37
C16 1VU K . -3.18 10.19 -57.23
N2 1VU K . -2.76 8.86 -57.42
C21 1VU K . -3.58 7.96 -58.05
N6 1VU K . -4.83 8.08 -58.60
C20 1VU K . -5.42 7.02 -59.18
N5 1VU K . -4.78 5.81 -59.21
C19 1VU K . -3.55 5.69 -58.66
N4 1VU K . -2.91 4.38 -58.73
C18 1VU K . -2.94 6.77 -58.08
N3 1VU K . -1.71 6.93 -57.47
C17 1VU K . -1.60 8.22 -57.05
O11 1VU K . -3.19 10.97 -58.62
C15 1VU K . -2.11 11.70 -58.69
C14 1VU K . -1.20 11.04 -59.70
O10 1VU K . -0.08 11.87 -60.00
P1 1VU K . 1.38 11.39 -59.57
O8 1VU K . 1.96 12.40 -58.58
O9 1VU K . 1.39 10.02 -58.90
O7 1VU K . 2.29 11.34 -60.90
P 1VU K . 3.66 12.21 -61.01
O5 1VU K . 3.37 13.67 -60.75
O6 1VU K . 4.27 12.04 -62.40
O4 1VU K . 4.71 11.66 -59.88
C13 1VU K . 5.96 11.15 -60.33
C10 1VU K . 6.26 9.77 -59.57
C11 1VU K . 6.20 8.62 -60.57
C12 1VU K . 7.65 9.84 -59.00
C9 1VU K . 5.23 9.56 -58.46
O3 1VU K . 4.11 8.96 -58.98
C8 1VU K . 5.83 8.72 -57.30
O2 1VU K . 6.18 9.26 -56.28
N1 1VU K . 5.97 7.29 -57.43
C7 1VU K . 6.56 6.50 -56.34
C6 1VU K . 5.54 6.31 -55.22
C5 1VU K . 5.81 4.99 -54.54
O1 1VU K . 6.04 4.96 -53.35
N 1VU K . 5.78 3.77 -55.34
C4 1VU K . 6.01 2.48 -54.74
C3 1VU K . 6.60 1.49 -55.77
S 1VU K . 6.34 -0.21 -55.31
C2 1VU K . 7.27 -0.58 -53.82
O 1VU K . 6.95 0.02 -52.78
C1 1VU K . 8.38 -1.60 -53.77
C 1VU K . 9.49 -1.20 -54.70
O14 1VU L . 34.07 -46.28 -15.52
P2 1VU L . 34.40 -46.37 -14.04
O15 1VU L . 34.53 -47.83 -13.61
O16 1VU L . 35.69 -45.62 -13.76
O13 1VU L . 33.21 -45.73 -13.20
C23 1VU L . 33.19 -44.39 -13.01
C22 1VU L . 31.96 -43.83 -13.66
O12 1VU L . 31.71 -44.59 -14.91
C16 1VU L . 30.99 -44.08 -12.77
N2 1VU L . 30.06 -43.02 -12.65
C21 1VU L . 28.89 -43.22 -11.97
N6 1VU L . 28.37 -44.33 -11.35
C20 1VU L . 27.15 -44.25 -10.74
N5 1VU L . 26.44 -43.10 -10.75
C19 1VU L . 26.97 -42.00 -11.36
N4 1VU L . 26.17 -40.76 -11.34
C18 1VU L . 28.19 -42.06 -11.98
N3 1VU L . 28.94 -41.12 -12.65
C17 1VU L . 30.09 -41.72 -13.06
O11 1VU L . 31.68 -44.25 -11.33
C15 1VU L . 32.98 -44.10 -11.49
C14 1VU L . 33.36 -42.68 -11.11
O10 1VU L . 34.79 -42.50 -11.16
P1 1VU L . 35.36 -41.00 -11.14
O8 1VU L . 35.12 -40.37 -9.77
O9 1VU L . 36.86 -41.03 -11.39
O7 1VU L . 34.60 -40.17 -12.31
P 1VU L . 34.33 -40.67 -13.84
O5 1VU L . 34.98 -42.02 -14.11
O6 1VU L . 32.83 -40.79 -14.10
O4 1VU L . 34.92 -39.54 -14.84
C13 1VU L . 34.24 -38.29 -14.79
C10 1VU L . 35.24 -37.13 -14.31
C11 1VU L . 36.70 -37.52 -14.60
C12 1VU L . 35.10 -36.94 -12.83
C9 1VU L . 34.89 -35.85 -15.05
O3 1VU L . 36.00 -35.04 -15.07
C8 1VU L . 34.43 -36.11 -16.51
O2 1VU L . 35.12 -36.71 -17.29
N1 1VU L . 33.14 -35.60 -16.95
C7 1VU L . 32.30 -34.86 -16.00
C6 1VU L . 30.83 -35.00 -16.37
C5 1VU L . 30.32 -33.66 -16.86
O1 1VU L . 30.76 -32.64 -16.38
N 1VU L . 29.29 -33.59 -17.89
C4 1VU L . 28.80 -32.33 -18.38
C3 1VU L . 27.82 -31.74 -17.35
S 1VU L . 28.31 -30.09 -16.88
C2 1VU L . 28.34 -28.97 -18.26
O 1VU L . 28.43 -29.37 -19.43
C1 1VU L . 28.27 -27.49 -17.98
C 1VU L . 28.72 -26.75 -19.20
O14 1VU M . 27.68 -5.64 32.88
P2 1VU M . 28.38 -4.93 34.03
O15 1VU M . 28.56 -5.89 35.19
O16 1VU M . 29.76 -4.47 33.57
O13 1VU M . 27.47 -3.67 34.47
C23 1VU M . 26.70 -3.07 33.50
C22 1VU M . 25.89 -1.88 33.97
O12 1VU M . 25.17 -2.18 35.22
C16 1VU M . 26.81 -0.89 34.08
N2 1VU M . 26.27 0.38 33.78
C21 1VU M . 26.64 1.50 34.51
N6 1VU M . 27.51 1.67 35.56
C20 1VU M . 27.69 2.90 36.12
N5 1VU M . 27.02 3.97 35.61
C19 1VU M . 26.16 3.81 34.57
N4 1VU M . 25.49 5.03 34.10
C18 1VU M . 25.97 2.56 34.00
N3 1VU M . 25.19 2.12 32.97
C17 1VU M . 25.37 0.78 32.83
O11 1VU M . 27.96 -1.24 33.03
C15 1VU M . 27.62 -2.37 32.46
C14 1VU M . 26.74 -2.10 31.27
O10 1VU M . 27.30 -1.03 30.50
P1 1VU M . 26.72 -0.94 29.03
O8 1VU M . 25.51 -1.84 28.95
O9 1VU M . 26.27 0.49 28.73
O7 1VU M . 27.88 -1.44 28.01
P 1VU M . 28.60 -0.52 26.87
O5 1VU M . 28.76 0.88 27.39
O6 1VU M . 29.99 -1.09 26.52
O4 1VU M . 27.66 -0.51 25.53
C13 1VU M . 26.97 0.68 25.18
C10 1VU M . 25.50 0.32 24.65
C11 1VU M . 24.86 1.61 24.13
C12 1VU M . 25.62 -0.70 23.53
C9 1VU M . 24.68 -0.26 25.79
O3 1VU M . 24.97 0.45 26.92
C8 1VU M . 23.17 -0.11 25.54
O2 1VU M . 22.62 -0.67 24.63
N1 1VU M . 22.42 0.72 26.43
C7 1VU M . 20.98 0.90 26.24
C6 1VU M . 20.74 2.39 26.04
C5 1VU M . 19.53 2.79 26.85
O1 1VU M . 18.67 1.97 27.10
N 1VU M . 19.39 4.16 27.31
C4 1VU M . 18.22 4.49 28.09
C3 1VU M . 17.16 5.27 27.30
S 1VU M . 17.86 6.47 26.19
C2 1VU M . 16.57 7.59 25.63
O 1VU M . 15.58 7.80 26.34
C1 1VU M . 16.67 8.26 24.28
C 1VU M . 15.32 8.65 23.76
O14 1VU N . -39.59 38.26 14.92
P2 1VU N . -40.62 39.00 15.75
O15 1VU N . -40.28 40.48 15.82
O16 1VU N . -42.00 38.77 15.16
O13 1VU N . -40.59 38.42 17.25
C23 1VU N . -40.29 37.11 17.43
C22 1VU N . -39.52 36.94 18.72
O12 1VU N . -38.84 38.19 19.08
C16 1VU N . -40.45 36.60 19.64
N2 1VU N . -40.03 35.46 20.35
C21 1VU N . -40.49 35.26 21.63
N6 1VU N . -41.35 36.00 22.40
C20 1VU N . -41.65 35.58 23.67
N5 1VU N . -41.10 34.43 24.15
C19 1VU N . -40.26 33.70 23.37
N4 1VU N . -39.70 32.49 23.95
C18 1VU N . -39.94 34.12 22.10
N3 1VU N . -39.13 33.59 21.11
C17 1VU N . -39.18 34.42 20.04
O11 1VU N . -41.85 36.31 18.91
C15 1VU N . -41.59 36.25 17.63
C14 1VU N . -41.32 34.81 17.26
O10 1VU N . -40.04 34.72 16.61
P1 1VU N . -39.56 33.29 16.09
O8 1VU N . -38.45 32.76 16.99
O9 1VU N . -38.98 33.41 14.69
O7 1VU N . -40.89 32.33 16.10
P 1VU N . -42.16 32.36 15.06
O5 1VU N . -42.28 33.72 14.40
O6 1VU N . -43.47 32.08 15.80
O4 1VU N . -41.95 31.21 13.91
C13 1VU N . -41.79 29.84 14.30
C10 1VU N . -40.34 29.31 13.84
C11 1VU N . -40.19 27.83 14.15
C12 1VU N . -40.20 29.53 12.34
C9 1VU N . -39.30 30.11 14.62
O3 1VU N . -39.71 30.23 15.92
C8 1VU N . -37.89 29.47 14.63
O2 1VU N . -37.24 29.41 13.62
N1 1VU N . -37.36 28.94 15.87
C7 1VU N . -36.01 28.33 15.87
C6 1VU N . -35.01 29.33 16.44
C5 1VU N . -33.82 28.59 17.04
O1 1VU N . -32.75 28.60 16.46
N 1VU N . -33.98 27.88 18.31
C4 1VU N . -32.90 27.17 18.94
C3 1VU N . -33.24 25.67 19.06
S 1VU N . -32.52 24.94 20.53
C2 1VU N . -31.18 23.80 20.18
O 1VU N . -30.01 24.19 20.21
C1 1VU N . -31.41 22.34 19.84
C 1VU N . -30.18 21.80 19.14
O14 1VU O . 6.49 -10.08 60.40
P2 1VU O . 6.94 -9.23 59.24
O15 1VU O . 8.45 -9.08 59.29
O16 1VU O . 6.29 -7.85 59.32
O13 1VU O . 6.52 -9.93 57.84
C23 1VU O . 5.29 -9.64 57.31
C22 1VU O . 5.05 -10.31 55.96
O12 1VU O . 6.25 -11.04 55.55
C16 1VU O . 4.00 -11.13 56.10
N2 1VU O . 2.85 -10.67 55.40
C21 1VU O . 2.06 -11.52 54.66
N6 1VU O . 2.12 -12.87 54.42
C20 1VU O . 1.19 -13.48 53.63
N5 1VU O . 0.18 -12.74 53.07
C19 1VU O . 0.12 -11.40 53.30
N4 1VU O . -0.98 -10.67 52.67
C18 1VU O . 1.06 -10.79 54.10
N3 1VU O . 1.23 -9.47 54.47
C17 1VU O . 2.33 -9.41 55.26
O11 1VU O . 3.67 -11.27 57.66
C15 1VU O . 4.16 -10.19 58.24
C14 1VU O . 3.10 -9.11 58.39
O10 1VU O . 2.69 -9.01 59.75
P1 1VU O . 1.52 -9.96 60.30
O8 1VU O . 1.71 -11.33 59.69
O9 1VU O . 0.17 -9.41 59.82
O7 1VU O . 1.64 -10.00 61.93
P 1VU O . 0.56 -9.53 63.04
O5 1VU O . -0.83 -9.50 62.48
O6 1VU O . 0.61 -10.50 64.22
O4 1VU O . 0.67 -7.99 63.59
C13 1VU O . -0.63 -7.41 63.46
C10 1VU O . -0.60 -6.15 62.48
C11 1VU O . 0.31 -5.24 63.27
C12 1VU O . -1.99 -5.56 62.31
C9 1VU O . -0.02 -6.54 61.12
O3 1VU O . -1.00 -6.52 60.16
C8 1VU O . 1.18 -5.61 60.75
O2 1VU O . 2.30 -6.02 60.99
N1 1VU O . 1.05 -4.31 60.13
C7 1VU O . -0.21 -3.66 59.76
C6 1VU O . -0.19 -3.34 58.27
C5 1VU O . -1.09 -2.16 57.95
O1 1VU O . -0.74 -1.05 58.27
N 1VU O . -2.38 -2.36 57.28
C4 1VU O . -3.24 -1.23 56.99
C3 1VU O . -3.09 -0.68 55.57
S 1VU O . -4.54 0.31 55.19
C2 1VU O . -4.10 1.88 54.43
O 1VU O . -3.16 1.98 53.64
C1 1VU O . -4.94 3.11 54.75
C 1VU O . -5.86 2.86 55.90
O14 1VU P . -20.71 58.07 30.69
P2 1VU P . -20.31 59.46 31.15
O15 1VU P . -19.63 59.39 32.51
O16 1VU P . -21.56 60.32 31.24
O13 1VU P . -19.28 60.08 30.08
C23 1VU P . -17.97 59.81 30.23
C22 1VU P . -17.58 58.57 29.43
O12 1VU P . -18.76 58.04 28.73
C16 1VU P . -16.67 58.98 28.54
N2 1VU P . -15.66 58.01 28.38
C21 1VU P . -15.14 57.75 27.14
N6 1VU P . -15.41 58.26 25.89
C20 1VU P . -14.74 57.80 24.80
N5 1VU P . -13.77 56.84 24.95
C19 1VU P . -13.48 56.34 26.18
N4 1VU P . -12.43 55.32 26.26
C18 1VU P . -14.18 56.80 27.29
N3 1VU P . -14.10 56.47 28.63
C17 1VU P . -15.02 57.23 29.29
O11 1VU P . -16.07 60.34 29.11
C15 1VU P . -17.10 60.97 29.64
C14 1VU P . -16.70 61.93 30.75
O10 1VU P . -15.27 62.11 30.82
P1 1VU P . -14.58 61.89 32.24
O8 1VU P . -14.71 63.15 33.08
O9 1VU P . -13.10 61.58 32.08
O7 1VU P . -15.32 60.64 32.98
P 1VU P . -14.79 59.11 32.95
O5 1VU P . -13.87 58.92 31.77
O6 1VU P . -15.97 58.14 32.86
O4 1VU P . -13.93 58.83 34.31
C13 1VU P . -13.75 59.91 35.22
C10 1VU P . -12.70 59.51 36.37
C11 1VU P . -11.52 58.77 35.76
C12 1VU P . -12.17 60.78 37.00
C9 1VU P . -13.38 58.65 37.42
O3 1VU P . -14.37 59.38 38.03
C8 1VU P . -13.96 57.33 36.83
O2 1VU P . -15.13 57.26 36.50
N1 1VU P . -13.12 56.18 36.66
C7 1VU P . -13.66 54.93 36.10
C6 1VU P . -12.65 54.31 35.14
C5 1VU P . -12.17 52.98 35.68
O1 1VU P . -12.97 52.14 36.03
N 1VU P . -10.75 52.69 35.78
C4 1VU P . -10.23 51.43 36.30
C3 1VU P . -9.78 50.41 35.20
S 1VU P . -8.18 49.66 35.42
C2 1VU P . -8.16 48.55 36.71
O 1VU P . -9.13 47.98 36.94
C1 1VU P . -6.96 48.26 37.47
C 1VU P . -7.48 47.69 38.75
#